data_9G2C
#
_entry.id   9G2C
#
_cell.length_a   1.00
_cell.length_b   1.00
_cell.length_c   1.00
_cell.angle_alpha   90.00
_cell.angle_beta   90.00
_cell.angle_gamma   90.00
#
_symmetry.space_group_name_H-M   'P 1'
#
loop_
_entity.id
_entity.type
_entity.pdbx_description
1 polymer 'DNA-directed RNA polymerase I subunit RPA190'
2 polymer 'DNA-directed RNA polymerase I subunit RPA135'
3 polymer 'DNA-directed RNA polymerases I and III subunit RPAC1'
4 polymer 'DNA-directed RNA polymerases I, II, and III subunit RPABC1'
5 polymer 'DNA-directed RNA polymerases I, II, and III subunit RPABC2'
6 polymer 'DNA-directed RNA polymerase I subunit RPA43'
7 polymer 'DNA-directed RNA polymerases I, II, and III subunit RPABC3'
8 polymer 'DNA-directed RNA polymerase I subunit RPA12'
9 polymer 'DNA-directed RNA polymerases I, II, and III subunit RPABC5'
10 polymer 'DNA-directed RNA polymerases I and III subunit RPAC2'
11 polymer 'DNA-directed RNA polymerases I, II, and III subunit RPABC4'
12 polymer 'DNA-directed RNA polymerase I subunit RPA49'
13 polymer 'DNA-directed RNA polymerase I subunit RPA34'
14 polymer RNA
15 polymer 'Non-template DNA'
16 polymer 'Template DNA'
17 non-polymer 'ZINC ION'
#
loop_
_entity_poly.entity_id
_entity_poly.type
_entity_poly.pdbx_seq_one_letter_code
_entity_poly.pdbx_strand_id
1 'polypeptide(L)'
;MDISKPVGSEITSVDFGILTAKEIRNLSAKQITNPTVLDNLGHPVSGGLYDLALGAFLRNLCSTCGLDEKFCPGHQGHIE
LPVPCYNPLFFNQLYIYLRASCLFCHHFRLKSVEVHRYACKLRLLQYGLIDESYKLDEITLGSLNSSMYTDDEAIEDNED
EMDGEGSKQSKDISSTLLNELKSKRSEYVDMAIAKALSDGRTTERGSFTATVNDERKKLVHEFHKKLLSRGKCDNCGMFS
PKFRKDGFTKIFETALNEKQITNNRVKGFIRQDMIKKQKQAKKLDGSNEASANDEESFDVGRNPTTRPKTGSTYILSTEV
KNILDTVFRKEQCVLQYVFHSRPNLSRKLVKADSFFMDVLVVPPTRFRLPSKLGEEVHENSQNQLLSKVLTTSLLIRDLN
DDLSKLQKDKVSLEDRRVIFSRLMNAFVTIQNDVNAFIDSTKAQGRTSGKVPIPGVKQALEKKEGLFRKHMMGKRVNYAA
RSVISPDPNIETNEIGVPPVFAVKLTYPEPVTAYNIAELRQAVINGPDKWPGATQIQNEDGSLVSLIGMSVEQRKALANQ
LLTPSSNVSTHTLNKKVYRHIKNRDVVLMNRQPTLHKASMMGHKVRVLPNEKTLRLHYANTGAYNADFDGDEMNMHFPQN
ENARAEALNLANTDSQYLTPTSGSPVRGLIQDHISAGVWLTSKDSFFTREQYQQYIYGCIRPEDGHTTRSKIVTLPPTIF
KPYPLWTGKQIITTVLLNVTPPDMPGINLISKNKIKNEYWGKGSLENEVLFKDGALLCGILDKSQYGASKYGIVHSLHEV
YGPEVAAKVLSVLGRLFTNYITATAFTCGMDDLRLTAEGNKWRTDILKTSVDTGREAAAEVTNLDKDTPADDPELLKRLQ
EILRDNNKSGILDAVTSSKVNAITSQVVSKCVPDGTMKKFPCNSMQAMALSGAKGSNVNVSQIMCLLGQQALEGRRVPVM
VSGKTLPSFKPYETDAMAGGYVKGRFYSGIKPQEYYFHCMAGREGLIDTAVKTSRSGYLQRCLTKQLEGVHVSYDNSIRD
ADGTLVQFMYGGDAIDITKESHMTQFEFCLDNYYALLKKYNPSALIEHLDVESALKYSKKTLKYRKKHSKEPHYKQSVKY
DPVLAKYNPAKYLGSVSENFQDKLESFLDKNSKLFKSSDGVNEKKFRALMQLKYMRSLINPGEAVGIIASQSVGEPSTQM
TLNTFHFAGHGAANVTLGIPRLREIVMTASAAIKTPQMTLPIWNDVSDEQADTFCKSISKVLLSEVIDKVIVTETTGTSN
TAGGNAARSYVIHMRFFDNNEYSEEYDVSKEELQNVISNQFIHLLEAAIVKEIKKQKRTTGPDIGVAVPRLQTDVANSSS
NSKRLEEDNDEEQSHKKTKQAVSYDEPDEDEIETMREAEKSSDEEGIDSDKESDSDSEDEDVDMNEQINKSIVEANNNMN
KVQRDRQSAIISHHRFITKYNFDDESGKWCEFKLELAADTEKLLMVNIVEEICRKSIIRQIPHIDRCVHPEPENGKRVLV
TEGVNFQAMWDQEAFIDVDGITSNDVAAVLKTYGVEAARNTIVNEINNVFSRYAISVSFRHLDLIADMMTRQGTYLAFNR
QGMETSTSSFMKMSYETTCQFLTKAVLDNEREQLDSPSARIVVGKLNNVGTGSFDVLAKVPNAA
;
A
2 'polypeptide(L)'
;MSKVIKPPGQARTADFRTLERESRFINPPKDKSAFPLLQEAVQPHIGSFNALTEGPDGGLLNLGVKDIGEKVIFDGKPLN
SEDEISNSGYLGNKLSVSVEQVSIAKPMSNDGVSSAVERKVYPSESRQRLTSYRGKLLLKLKWSVNNGEENLFEVRDCGG
LPVMLQSNRCHLNKMSPYELVQHKEESDEIGGYFIVNGIEKLIRMLIVQRRNHPMAIIRPSFANRGASYSHYGIQIRSVR
PDQTSQTNVLHYLNDGQVTFRFSWRKNEYLVPVVMILKALCHTSDREIFDGIIGNDVKDSFLTDRLELLLRGFKKRYPHL
QNRTQVLQYLGDKFRVVFQASPDQSDLEVGQEVLDRIVLVHLGKDGSQDKFRMLLFMIRKLYSLVAGECSPDNPDATQHQ
EVLLGGFLYGMILKEKIDEYLQNIIAQVRMDINRGMAINFKDKRYMSRVLMRVNENIGSKMQYFLSTGNLVSQSGLDLQQ
VSGYTVVAEKINFYRFISHFRMVHRGSFFAQLKTTTVRKLLPESWGFLCPVHTPDGSPCGLLNHFAHKCRISTQQSDVSR
IPSILYSLGVAPASHTFAAGPSLCCVQIDGKIIGWVSHEQGKIIADTLRYWKVEGKTPGLPIDLEIGYVPPSTRGQYPGL
YLFGGHSRMLRPVRYLPLDKEDIVGPFEQVYMNIAVTPQEIQNNVHTHVEFTPTNILSILANLTPFSDFNQSPRNMYQCQ
MGKQTMGTPGVALCHRSDNKLYRLQTGQTPIVKANLYDDYGMDNFPNGFNAVVAVISYTGYDMDDAMIINKSADERGFGY
GTMYKTEKVDLALNRNRGDPITQHFGFGNDEWPKEWLEKLDEDGLPYIGTYVEEGDPICAYFDDTLNKTKIKTYHSSEPA
YIEEVNLIGDESNKFQELQTVSIKYRIRRTPQIGDKFSSRHGQKGVCSRKWPTIDMPFSETGIQPDIIINPHAFPSRMTI
GMFVESLAGKAGALHGIAQDSTPWIFNEDDTPADYFGEQLAKAGYNYHGNEPMYSGATGEELRADIYVGVVYYQRLRHMV
NDKFQVRSTGPVNSLTMQPVKGRKRHGGIRVGEMERDALIGHGTSFLLQDRLLNSSDYTQASVCRECGSILTTQQSVPRI
GSISTVCCRRCSMRFEDAKKLLTKSEDGEKIFIDDSQIWEDGQGNKFVGGNETTTVAIPFVLKYLDSELSAMGIRLRYNV
EPK
;
B
3 'polypeptide(L)'
;MSNIVGIEYNRVTNTTSTDFPGFSKDAENEWNVEKFKKDFEVNISSLDAREANFDLINIDTSIANAFRRIMISEVPSVAA
EYVYFFNNTSVIQDEVLAHRIGLVPLKVDPDMLTWVDSNLPDDEKFTDENTIVLSLNVKCTRNPDAPKGSTDPKELYNNA
HVYARDLKFEPQGRQSTTFADCPVVPADPDILLAKLRPGQEISLKAHCILGIGGDHAKFSPVSTASYRLLPQINILQPIK
GESARRFQKCFPPGVIGIDEGSDEAYVKDARKDTVSREVLRYEEFADKVKLGRVRNHFIFNVESAGAMTPEEIFFKSVRI
LKNKAEYLKNCPITQ
;
C
4 'polypeptide(L)'
;MDQENERNISRLWRAFRTVKEMVKDRGYFITQEEVELPLEDFKAKYCDSMGRPQRKMMSFQANPTEESISKFPDMGSLWV
EFCDEPSVGVKTMKTFVIHIQEKNFQTGIFVYQNNITPSAMKLVPSIPPATIETFNEAALVVNITHHELVPKHIRLSSDE
KRELLKRYRLKESQLPRIQRADPVALYLGLKRGEVVKIIRKSETSGRYASYRICM
;
E
5 'polypeptide(L)'
;MSDYEEAFNDGNENFEDFDVEHFSDEETYEEKPQFKDGETTDANGKTIVTGGNGPEDFQQHEQIRRKTLKEKAIPKDQRA
TTPYMTKYERARILGTRALQISMNAPVFVDLEGETDPLRIAMKELAEKKIPLVIRRYLPDGSFEDWSVEELIVDL
;
F
6 'polypeptide(L)'
;MSQVKRANENRETARFIKKHKKQVTNPIDEKNGTSNCIVRVPIALYVSLAPMYLENPLQGVMKQHLNPLVMKYNNKVGGV
VLGYEGLKILDADPLSKEDTSEKLIKITPDTPFGFTWCHVNLYVWQPQVGDVLEGYIFIQSASHIGLLIHDAFNASIKKN
NIPVDWTFVHNDVEEDADVINTDENNGNNNNEDNKDSNGGSNSLGKFSFGNRSLGHWVDSNGEPIDGKLRFTVRNVHTTG
RVVSVDGTLISDADEEGNGYNSSRSQAESLPIVSNKKIVFDDEVSIENKESHKELDLPEVKEDNGSEIVYEENTSESNDG
ESSDSD
;
G
7 'polypeptide(L)'
;MSNTLFDDIFQVSEVDPGRYNKVCRIEAASTTQDQCKLTLDINVELFPVAAQDSLTVTIASSLNLEDTPANDSSATRSWR
PPQAGDRSLADDYDYVMYGTAYKFEEVSKDLIAVYYSFGGLLMRLEGNYRNLNNLKQENAYLLIRR
;
H
8 'polypeptide(L)'
;MSVVGSLIFCLDCGDLLENPNAVLGSNVECSQCKAIYPKSQFSNLKVVTTTADDAFPSSLRAKKSVVKTSLKKNELKDGA
TIKEKCPQCGNEEMNYHTLQLRSADEGATVFYTCTSCGYKFRTNN
;
I
9 'polypeptide(L)' MIVPVRCFSCGKVVGDKWESYLNLLQEDELDEGTALSRLGLKRYCCRRMILTHVDLIEKFLRYNPLEKRD J
10 'polypeptide(L)'
;MTEDIEQKKTATEVTPQEPKHIQEEEEQDVDMTGDEEQEEEPDREKIKLLTQATSEDGTSASFQIVEEDHTLGNALRYVI
MKNPDVEFCGYSIPHPSENLLNIRIQTYGETTAVDALQKGLKDLMDLCDVVESKFTEKIKSM
;
K
11 'polypeptide(L)' MSREGFQIPTNLDAAAAGTSQARTATLKYICAECSSKLSLSRTDAVRCKDCGHRILLKARTKRLVQFEAR L
12 'polypeptide(L)'
;MSVKRSVSEIEIESVQDQPSVAVGSFFKGFRAPSDTTFDLYKKKKSEKDEFVLHGENERLEYEGYTDSSSQASNQYVVGL
FNPEKKSIQLYKAPVLVSKVVSKSSKNLRGPKIKSKSDTRPSALRNALGEAFGTKKAKKAIADLERNRIDSDKLTDSAID
IVDSVRTASKDLPTRAQLDEITSNDRPTPLANIDATDVEQIYPIESIIPKKELQFIRVSSILKEADKEKKLELFPYQNNS
KYVAKKLDSLTQPSQMTKLQLLYYLSLLLGVYENRRVNNKTKLLERLNSPPEILVDGILSRFTVIKPGQFGRSKDRSYFI
DPQNEDKILCYILAIIMHLDNFIVEITPLAHELNLKPSKVVSLFRVLGAIVKGATVAQAEAFGIPKSTAASYKIATMKVP
FKLPEMTRRGRGPRR
;
M
13 'polypeptide(L)'
;MSKLSKDYVSDSDSDDEVISNEFSIPDGFKKCKHLKNFPLNGDNKKKAKQQQVWLIKFPSNVDISKLKSLPVDFESSTTM
TIDKHDYKIMDDTDIESSLTQDNLSNMTLLVPSESKESLKIASTAKDNAPLQFDKVFSVSETAKIPAIDYSKVRVPRKDV
PKVEGLKLEHFATGYDAEDFHVAEEVKENKKEPKKRSHHDDEEESSEKKKKKKEKREKREKKDKKDKKKKHRD
;
N
14 'polyribonucleotide' AUAAAUCGAGAG R
15 'polydeoxyribonucleotide'
;(DG)(DA)(DT)(DT)(DT)(DC)(DA)(DT)(DA)(DC)(DG)(DC)(DC)(DA)(DT)(DT)(DC)(DC)(DT)(DT)
(DC)(DT)(DC)(DT)(DC)(DT)(DG)(DC)(DT)(DT)(DA)(DT)(DC)(DG)(DG)(DT)(DA)(DG)
;
S
16 'polydeoxyribonucleotide'
;(DC)(DT)(DA)(DC)(DC)(DG)(DA)(DT)(DA)(DA)(DG)(DC)(DA)(DG)(DA)(DT)(3DR)(DC)(DT)
(DC)(DT)(DC)(DG)(DA)(DT)(DT)(DG)(DC)(DG)(DT)(DA)(DT)(DG)(DA)(DA)(DA)(DT)(DC)
;
T
#
# COMPACT_ATOMS: atom_id res chain seq x y z
N GLY A 128 -6.16 -48.14 25.89
CA GLY A 128 -5.78 -46.76 25.61
C GLY A 128 -4.29 -46.59 25.43
N LEU A 129 -3.61 -47.68 25.07
CA LEU A 129 -2.18 -47.68 24.80
C LEU A 129 -1.84 -48.11 23.39
N ILE A 130 -2.53 -49.12 22.87
CA ILE A 130 -2.35 -49.57 21.49
C ILE A 130 -3.70 -49.51 20.79
N ASP A 131 -3.75 -49.92 19.53
CA ASP A 131 -5.00 -49.95 18.79
C ASP A 131 -5.48 -51.40 18.69
N GLU A 132 -6.14 -51.85 19.75
CA GLU A 132 -6.78 -53.16 19.79
C GLU A 132 -8.30 -53.05 19.80
N SER A 133 -8.84 -51.93 19.32
CA SER A 133 -10.26 -51.64 19.48
C SER A 133 -11.13 -52.70 18.82
N TYR A 134 -10.81 -53.08 17.59
CA TYR A 134 -11.68 -53.98 16.85
C TYR A 134 -11.43 -55.44 17.19
N LYS A 135 -10.42 -55.75 17.99
CA LYS A 135 -10.19 -57.13 18.39
C LYS A 135 -11.21 -57.59 19.43
N LEU A 136 -11.50 -56.75 20.42
CA LEU A 136 -12.43 -57.11 21.48
C LEU A 136 -13.87 -56.73 21.17
N ASP A 137 -14.20 -56.56 19.88
CA ASP A 137 -15.59 -56.30 19.52
C ASP A 137 -16.50 -57.48 19.79
N GLU A 138 -15.95 -58.66 20.06
CA GLU A 138 -16.76 -59.84 20.35
C GLU A 138 -15.93 -60.79 21.22
N ILE A 139 -16.13 -60.73 22.54
CA ILE A 139 -15.39 -61.59 23.44
C ILE A 139 -16.33 -62.39 24.33
N THR A 140 -17.50 -61.83 24.63
CA THR A 140 -18.45 -62.47 25.53
C THR A 140 -19.16 -63.58 24.76
N LEU A 141 -18.70 -64.81 24.93
CA LEU A 141 -19.29 -65.96 24.25
C LEU A 141 -20.72 -66.19 24.69
N ARG A 185 -14.96 -60.18 28.24
CA ARG A 185 -14.56 -59.04 27.43
C ARG A 185 -13.27 -58.44 27.95
N SER A 186 -13.21 -58.23 29.26
CA SER A 186 -12.00 -57.70 29.90
C SER A 186 -10.88 -58.73 30.00
N GLU A 187 -11.15 -60.00 29.70
CA GLU A 187 -10.11 -61.02 29.82
C GLU A 187 -8.99 -60.80 28.82
N TYR A 188 -9.33 -60.40 27.59
CA TYR A 188 -8.33 -60.28 26.54
C TYR A 188 -7.31 -59.19 26.86
N VAL A 189 -7.76 -58.04 27.38
CA VAL A 189 -6.87 -56.91 27.59
C VAL A 189 -5.80 -57.22 28.61
N ASP A 190 -6.00 -58.23 29.45
CA ASP A 190 -4.97 -58.62 30.40
C ASP A 190 -3.72 -59.13 29.69
N MET A 191 -3.91 -59.84 28.58
CA MET A 191 -2.78 -60.39 27.83
C MET A 191 -1.97 -59.28 27.17
N ALA A 192 -2.66 -58.29 26.59
CA ALA A 192 -1.97 -57.30 25.77
C ALA A 192 -0.94 -56.51 26.56
N ILE A 193 -1.31 -56.10 27.78
CA ILE A 193 -0.42 -55.25 28.57
C ILE A 193 0.88 -55.96 28.89
N ALA A 194 0.80 -57.21 29.32
CA ALA A 194 2.01 -57.99 29.55
C ALA A 194 2.76 -58.20 28.24
N LYS A 195 2.03 -58.40 27.14
CA LYS A 195 2.66 -58.50 25.83
C LYS A 195 3.35 -57.19 25.45
N ALA A 196 2.77 -56.06 25.84
CA ALA A 196 3.35 -54.77 25.49
C ALA A 196 4.74 -54.63 26.09
N LEU A 197 4.91 -55.00 27.36
CA LEU A 197 6.23 -54.99 27.96
C LEU A 197 7.07 -56.21 27.55
N SER A 198 6.47 -57.17 26.88
CA SER A 198 7.18 -58.35 26.41
C SER A 198 7.84 -58.08 25.06
N ASN A 257 -44.19 -37.20 32.29
CA ASN A 257 -45.13 -37.45 31.20
C ASN A 257 -46.23 -38.40 31.64
N GLU A 258 -47.48 -37.92 31.56
CA GLU A 258 -48.62 -38.70 32.02
C GLU A 258 -48.70 -40.05 31.32
N LYS A 259 -48.30 -40.12 30.05
CA LYS A 259 -48.23 -41.40 29.37
C LYS A 259 -47.09 -42.26 29.90
N GLN A 260 -46.00 -41.62 30.32
CA GLN A 260 -44.79 -42.34 30.71
C GLN A 260 -44.63 -42.52 32.21
N ILE A 261 -45.22 -41.64 33.02
CA ILE A 261 -45.07 -41.77 34.48
C ILE A 261 -45.69 -43.06 34.98
N THR A 262 -46.55 -43.69 34.19
CA THR A 262 -47.08 -44.99 34.56
C THR A 262 -45.96 -46.02 34.64
N ASN A 263 -45.87 -46.71 35.77
CA ASN A 263 -44.83 -47.71 36.01
C ASN A 263 -43.44 -47.12 35.85
N ASN A 264 -43.27 -45.87 36.28
CA ASN A 264 -42.00 -45.16 36.16
C ASN A 264 -41.39 -44.86 37.53
N ARG A 265 -42.11 -44.16 38.39
CA ARG A 265 -41.63 -43.87 39.74
C ARG A 265 -42.13 -44.85 40.78
N VAL A 266 -43.30 -45.45 40.56
CA VAL A 266 -43.79 -46.50 41.45
C VAL A 266 -42.91 -47.74 41.37
N LYS A 267 -42.18 -47.92 40.26
CA LYS A 267 -41.34 -49.09 40.04
C LYS A 267 -42.17 -50.38 40.13
N GLY A 268 -43.11 -50.51 39.19
CA GLY A 268 -43.97 -51.67 39.13
C GLY A 268 -43.26 -52.88 38.58
N SER A 312 -39.24 -24.00 34.42
CA SER A 312 -39.92 -24.51 35.60
C SER A 312 -39.04 -24.37 36.84
N THR A 313 -38.74 -25.50 37.48
CA THR A 313 -37.93 -25.48 38.69
C THR A 313 -36.52 -25.00 38.37
N TYR A 314 -35.92 -24.27 39.30
CA TYR A 314 -34.56 -23.79 39.15
C TYR A 314 -33.59 -24.97 39.12
N ILE A 315 -32.42 -24.72 38.51
CA ILE A 315 -31.41 -25.77 38.38
C ILE A 315 -31.00 -26.29 39.75
N LEU A 316 -30.90 -25.39 40.74
CA LEU A 316 -30.47 -25.73 42.09
C LEU A 316 -29.07 -26.34 42.05
N SER A 317 -28.13 -25.48 41.65
CA SER A 317 -26.77 -25.94 41.35
C SER A 317 -26.12 -26.61 42.56
N THR A 318 -26.33 -26.06 43.76
CA THR A 318 -25.81 -26.73 44.95
C THR A 318 -26.44 -28.09 45.16
N GLU A 319 -27.63 -28.32 44.59
CA GLU A 319 -28.26 -29.63 44.59
C GLU A 319 -27.86 -30.47 43.38
N VAL A 320 -27.11 -29.91 42.45
CA VAL A 320 -26.61 -30.68 41.31
C VAL A 320 -25.26 -31.33 41.61
N LYS A 321 -24.42 -30.66 42.41
CA LYS A 321 -23.13 -31.24 42.77
C LYS A 321 -23.31 -32.55 43.52
N ASN A 322 -24.23 -32.59 44.47
CA ASN A 322 -24.48 -33.83 45.21
C ASN A 322 -25.12 -34.90 44.35
N ILE A 323 -25.80 -34.50 43.26
CA ILE A 323 -26.35 -35.49 42.34
C ILE A 323 -25.24 -36.33 41.72
N LEU A 324 -24.19 -35.66 41.24
CA LEU A 324 -23.11 -36.34 40.54
C LEU A 324 -21.95 -36.71 41.46
N ASP A 325 -22.01 -36.35 42.74
CA ASP A 325 -20.91 -36.67 43.65
C ASP A 325 -20.78 -38.18 43.85
N THR A 326 -21.89 -38.85 44.18
CA THR A 326 -21.85 -40.29 44.37
C THR A 326 -21.75 -41.03 43.04
N VAL A 327 -22.20 -40.43 41.93
CA VAL A 327 -22.03 -41.06 40.63
C VAL A 327 -20.55 -41.23 40.34
N PHE A 328 -19.76 -40.17 40.55
CA PHE A 328 -18.32 -40.27 40.40
C PHE A 328 -17.68 -41.14 41.47
N ARG A 329 -18.40 -41.42 42.56
CA ARG A 329 -17.81 -42.17 43.66
C ARG A 329 -17.62 -43.65 43.31
N LYS A 330 -18.49 -44.20 42.46
CA LYS A 330 -18.43 -45.62 42.14
C LYS A 330 -18.48 -45.94 40.65
N GLU A 331 -18.78 -44.96 39.78
CA GLU A 331 -18.76 -45.18 38.33
C GLU A 331 -17.43 -44.67 37.77
N GLN A 332 -16.37 -45.39 38.12
CA GLN A 332 -15.01 -45.03 37.71
C GLN A 332 -14.63 -45.78 36.43
N CYS A 333 -15.29 -45.40 35.35
CA CYS A 333 -15.02 -45.97 34.03
C CYS A 333 -15.17 -44.92 32.94
N ASN A 380 -8.48 -1.76 37.34
CA ASN A 380 -7.98 -3.08 37.69
C ASN A 380 -9.13 -4.06 37.78
N SER A 381 -9.52 -4.61 36.64
CA SER A 381 -10.73 -5.43 36.57
C SER A 381 -10.64 -6.66 37.47
N GLN A 382 -9.47 -7.29 37.52
CA GLN A 382 -9.33 -8.51 38.33
C GLN A 382 -9.56 -8.21 39.81
N ASN A 383 -8.89 -7.18 40.33
CA ASN A 383 -9.07 -6.84 41.74
C ASN A 383 -10.49 -6.37 42.01
N GLN A 384 -11.07 -5.63 41.05
CA GLN A 384 -12.47 -5.19 41.19
C GLN A 384 -13.41 -6.37 41.34
N LEU A 385 -13.26 -7.37 40.47
CA LEU A 385 -14.15 -8.52 40.51
C LEU A 385 -13.89 -9.39 41.73
N LEU A 386 -12.63 -9.49 42.17
CA LEU A 386 -12.37 -10.22 43.41
C LEU A 386 -13.01 -9.52 44.61
N SER A 387 -12.96 -8.18 44.62
CA SER A 387 -13.64 -7.45 45.68
C SER A 387 -15.14 -7.68 45.63
N LYS A 388 -15.72 -7.70 44.43
CA LYS A 388 -17.16 -7.99 44.32
C LYS A 388 -17.48 -9.38 44.83
N VAL A 389 -16.64 -10.37 44.52
CA VAL A 389 -16.87 -11.72 45.01
C VAL A 389 -16.80 -11.75 46.53
N LEU A 390 -15.80 -11.08 47.11
CA LEU A 390 -15.70 -11.04 48.57
C LEU A 390 -16.92 -10.38 49.19
N THR A 391 -17.40 -9.31 48.56
CA THR A 391 -18.59 -8.61 49.06
C THR A 391 -19.82 -9.50 49.03
N THR A 392 -20.04 -10.20 47.90
CA THR A 392 -21.20 -11.08 47.81
C THR A 392 -21.10 -12.23 48.78
N SER A 393 -19.88 -12.77 48.99
CA SER A 393 -19.70 -13.84 49.96
C SER A 393 -20.04 -13.37 51.36
N LEU A 394 -19.57 -12.18 51.74
CA LEU A 394 -19.89 -11.65 53.06
C LEU A 394 -21.38 -11.38 53.20
N LEU A 395 -22.01 -10.88 52.14
CA LEU A 395 -23.45 -10.64 52.16
C LEU A 395 -24.23 -11.93 52.36
N ILE A 396 -23.84 -12.99 51.63
CA ILE A 396 -24.48 -14.29 51.80
C ILE A 396 -24.28 -14.80 53.21
N ARG A 397 -23.06 -14.67 53.74
CA ARG A 397 -22.79 -15.14 55.10
C ARG A 397 -23.68 -14.43 56.11
N ASP A 398 -23.80 -13.11 55.99
CA ASP A 398 -24.67 -12.36 56.89
C ASP A 398 -26.14 -12.77 56.71
N LEU A 399 -26.57 -12.97 55.47
CA LEU A 399 -27.96 -13.31 55.22
C LEU A 399 -28.32 -14.65 55.84
N ASN A 400 -27.43 -15.64 55.73
CA ASN A 400 -27.68 -16.91 56.38
C ASN A 400 -27.33 -16.90 57.86
N ASP A 401 -26.62 -15.88 58.33
CA ASP A 401 -26.36 -15.77 59.77
C ASP A 401 -27.65 -15.58 60.55
N ASP A 402 -28.50 -14.67 60.09
CA ASP A 402 -29.76 -14.42 60.78
C ASP A 402 -30.74 -15.56 60.59
N LEU A 403 -30.89 -16.05 59.35
CA LEU A 403 -31.83 -17.13 59.09
C LEU A 403 -31.47 -18.40 59.84
N SER A 404 -30.22 -18.53 60.28
CA SER A 404 -29.84 -19.68 61.09
C SER A 404 -30.57 -19.70 62.42
N LYS A 405 -30.70 -18.53 63.06
CA LYS A 405 -31.29 -18.43 64.39
C LYS A 405 -32.62 -17.69 64.43
N LEU A 406 -32.80 -16.67 63.57
CA LEU A 406 -34.03 -15.90 63.59
C LEU A 406 -35.21 -16.72 63.11
N GLN A 407 -34.99 -17.67 62.20
CA GLN A 407 -36.07 -18.45 61.61
C GLN A 407 -36.41 -19.71 62.40
N LYS A 408 -36.13 -19.72 63.70
CA LYS A 408 -36.67 -20.79 64.55
C LYS A 408 -38.19 -20.75 64.55
N ASP A 409 -38.76 -19.56 64.63
CA ASP A 409 -40.19 -19.39 64.46
C ASP A 409 -40.60 -19.71 63.02
N LYS A 410 -41.72 -20.41 62.87
CA LYS A 410 -42.16 -20.89 61.57
C LYS A 410 -43.38 -20.17 61.02
N VAL A 411 -43.96 -19.22 61.76
CA VAL A 411 -45.16 -18.54 61.28
C VAL A 411 -44.88 -17.67 60.07
N SER A 412 -43.61 -17.38 59.77
CA SER A 412 -43.28 -16.62 58.58
C SER A 412 -43.71 -17.36 57.33
N LEU A 413 -43.29 -18.62 57.20
CA LEU A 413 -43.65 -19.49 56.08
C LEU A 413 -43.39 -18.79 54.74
N GLU A 414 -44.44 -18.21 54.15
CA GLU A 414 -44.27 -17.44 52.92
C GLU A 414 -43.40 -16.22 53.18
N ASP A 415 -43.52 -15.61 54.36
CA ASP A 415 -42.61 -14.55 54.74
C ASP A 415 -41.17 -15.05 54.79
N ARG A 416 -40.98 -16.24 55.36
CA ARG A 416 -39.66 -16.88 55.29
C ARG A 416 -39.29 -17.18 53.83
N ARG A 417 -40.28 -17.52 53.01
CA ARG A 417 -40.06 -17.78 51.60
C ARG A 417 -39.80 -16.51 50.79
N VAL A 418 -39.62 -15.37 51.45
CA VAL A 418 -39.17 -14.14 50.81
C VAL A 418 -37.70 -13.89 51.07
N ILE A 419 -37.28 -13.97 52.33
CA ILE A 419 -35.86 -13.88 52.65
C ILE A 419 -35.12 -15.10 52.10
N PHE A 420 -35.74 -16.28 52.18
CA PHE A 420 -35.18 -17.45 51.52
C PHE A 420 -35.11 -17.24 50.02
N SER A 421 -36.13 -16.60 49.44
CA SER A 421 -36.08 -16.25 48.04
C SER A 421 -34.91 -15.30 47.75
N ARG A 422 -34.69 -14.35 48.65
CA ARG A 422 -33.53 -13.46 48.50
C ARG A 422 -32.23 -14.23 48.74
N LEU A 423 -32.17 -15.04 49.80
CA LEU A 423 -30.94 -15.74 50.14
C LEU A 423 -30.51 -16.67 49.02
N MET A 424 -31.46 -17.44 48.47
CA MET A 424 -31.13 -18.30 47.34
C MET A 424 -30.69 -17.47 46.14
N ASN A 425 -31.44 -16.42 45.82
CA ASN A 425 -31.10 -15.59 44.68
C ASN A 425 -29.83 -14.78 44.89
N ALA A 426 -29.44 -14.52 46.14
CA ALA A 426 -28.27 -13.69 46.39
C ALA A 426 -26.99 -14.37 45.93
N PHE A 427 -26.85 -15.66 46.16
CA PHE A 427 -25.70 -16.40 45.64
C PHE A 427 -26.01 -17.10 44.31
N VAL A 428 -27.24 -16.99 43.82
CA VAL A 428 -27.53 -17.46 42.46
C VAL A 428 -26.82 -16.58 41.45
N THR A 429 -26.76 -15.27 41.70
CA THR A 429 -26.04 -14.36 40.83
C THR A 429 -24.54 -14.58 40.88
N ILE A 430 -24.04 -15.36 41.83
CA ILE A 430 -22.62 -15.70 41.84
C ILE A 430 -22.25 -16.47 40.57
N GLN A 431 -23.17 -17.28 40.04
CA GLN A 431 -22.96 -17.86 38.72
C GLN A 431 -22.80 -16.76 37.67
N ASN A 432 -23.63 -15.72 37.74
CA ASN A 432 -23.43 -14.57 36.87
C ASN A 432 -22.30 -13.67 37.36
N ASP A 433 -21.90 -13.79 38.63
CA ASP A 433 -20.71 -13.10 39.10
C ASP A 433 -19.48 -13.61 38.36
N VAL A 434 -19.14 -14.89 38.54
CA VAL A 434 -18.07 -15.44 37.72
C VAL A 434 -18.71 -16.01 36.47
N ASN A 435 -19.16 -15.11 35.60
CA ASN A 435 -19.39 -15.39 34.19
C ASN A 435 -18.93 -14.25 33.29
N ALA A 436 -18.88 -13.02 33.81
CA ALA A 436 -18.10 -11.94 33.23
C ALA A 436 -16.69 -11.89 33.79
N PHE A 437 -16.45 -12.59 34.90
CA PHE A 437 -15.10 -12.82 35.38
C PHE A 437 -14.28 -13.60 34.38
N ILE A 438 -14.94 -14.25 33.41
CA ILE A 438 -14.25 -15.00 32.37
C ILE A 438 -14.71 -14.56 30.99
N ASP A 439 -16.02 -14.60 30.74
CA ASP A 439 -16.57 -14.39 29.41
C ASP A 439 -17.29 -13.05 29.34
N SER A 440 -17.04 -12.31 28.26
CA SER A 440 -17.75 -11.07 28.01
C SER A 440 -19.11 -11.33 27.39
N LEU A 460 -4.80 -14.33 27.24
CA LEU A 460 -5.56 -15.53 26.98
C LEU A 460 -6.79 -15.20 26.15
N GLU A 461 -6.63 -14.30 25.20
CA GLU A 461 -7.74 -13.77 24.40
C GLU A 461 -7.52 -14.12 22.93
N LYS A 462 -8.40 -13.60 22.09
CA LYS A 462 -8.47 -13.98 20.67
C LYS A 462 -7.19 -13.64 19.91
N LYS A 463 -6.87 -12.35 19.80
CA LYS A 463 -5.72 -11.91 19.03
C LYS A 463 -4.75 -11.05 19.82
N GLU A 464 -5.20 -10.40 20.88
CA GLU A 464 -4.33 -9.65 21.77
C GLU A 464 -4.01 -10.42 23.05
N GLY A 465 -4.28 -11.72 23.06
CA GLY A 465 -4.14 -12.50 24.26
C GLY A 465 -2.70 -12.59 24.72
N LEU A 466 -2.54 -13.12 25.94
CA LEU A 466 -1.21 -13.20 26.55
C LEU A 466 -0.26 -14.02 25.69
N PHE A 467 -0.76 -15.03 24.98
CA PHE A 467 0.10 -15.82 24.11
C PHE A 467 0.72 -14.96 23.03
N ARG A 468 -0.10 -14.47 22.10
CA ARG A 468 0.37 -13.73 20.94
C ARG A 468 0.86 -12.34 21.27
N LYS A 469 1.05 -12.00 22.54
CA LYS A 469 1.52 -10.69 22.94
C LYS A 469 2.69 -10.72 23.91
N HIS A 470 2.84 -11.77 24.71
CA HIS A 470 3.96 -11.87 25.64
C HIS A 470 4.60 -13.25 25.69
N MET A 471 4.17 -14.19 24.85
CA MET A 471 4.76 -15.52 24.80
C MET A 471 5.26 -15.90 23.43
N MET A 472 4.52 -15.54 22.37
CA MET A 472 4.95 -15.73 20.99
C MET A 472 5.51 -14.43 20.40
N GLY A 473 6.22 -13.67 21.22
CA GLY A 473 6.81 -12.42 20.80
C GLY A 473 6.94 -11.45 21.96
N LYS A 474 8.09 -10.81 22.08
CA LYS A 474 8.38 -9.99 23.25
C LYS A 474 9.18 -8.76 22.84
N ARG A 475 9.09 -7.73 23.66
CA ARG A 475 10.06 -6.63 23.59
C ARG A 475 11.42 -7.14 24.06
N VAL A 476 12.48 -6.54 23.51
CA VAL A 476 13.82 -7.04 23.72
C VAL A 476 14.75 -5.92 24.16
N ASN A 477 15.84 -6.31 24.82
CA ASN A 477 16.90 -5.39 25.20
C ASN A 477 18.03 -5.45 24.18
N TYR A 478 18.93 -4.48 24.27
CA TYR A 478 20.09 -4.39 23.38
C TYR A 478 19.65 -4.45 21.93
N ALA A 479 18.64 -3.66 21.59
CA ALA A 479 18.12 -3.57 20.24
C ALA A 479 17.91 -2.12 19.87
N ALA A 480 17.82 -1.87 18.56
CA ALA A 480 17.67 -0.51 18.07
C ALA A 480 16.93 -0.53 16.75
N ARG A 481 16.40 0.64 16.39
CA ARG A 481 15.66 0.81 15.15
C ARG A 481 15.93 2.20 14.61
N SER A 482 16.04 2.30 13.28
CA SER A 482 16.30 3.58 12.62
C SER A 482 15.92 3.45 11.16
N VAL A 483 16.32 4.43 10.35
CA VAL A 483 16.10 4.40 8.93
C VAL A 483 17.41 4.08 8.23
N ILE A 484 17.33 3.73 6.94
CA ILE A 484 18.46 3.17 6.20
C ILE A 484 18.93 4.17 5.16
N SER A 485 20.24 4.41 5.14
CA SER A 485 20.88 5.23 4.11
C SER A 485 21.82 4.37 3.29
N PRO A 486 21.52 4.11 2.02
CA PRO A 486 22.39 3.25 1.22
C PRO A 486 23.80 3.82 1.11
N ASP A 487 24.78 2.92 1.03
CA ASP A 487 26.19 3.30 1.01
C ASP A 487 26.97 2.19 0.33
N PRO A 488 27.32 2.36 -0.96
CA PRO A 488 28.12 1.34 -1.63
C PRO A 488 29.51 1.16 -1.05
N ASN A 489 30.02 2.12 -0.27
CA ASN A 489 31.38 2.08 0.23
C ASN A 489 31.55 1.16 1.43
N ILE A 490 30.61 0.25 1.69
CA ILE A 490 30.76 -0.69 2.79
C ILE A 490 30.62 -2.11 2.24
N GLU A 491 31.26 -3.05 2.92
CA GLU A 491 31.20 -4.44 2.51
C GLU A 491 29.78 -4.98 2.67
N THR A 492 29.38 -5.85 1.73
CA THR A 492 28.00 -6.30 1.70
C THR A 492 27.61 -7.02 2.98
N ASN A 493 28.55 -7.68 3.64
CA ASN A 493 28.29 -8.35 4.91
C ASN A 493 28.50 -7.43 6.11
N GLU A 494 28.46 -6.12 5.90
CA GLU A 494 28.65 -5.16 6.98
C GLU A 494 27.48 -4.18 7.00
N ILE A 495 27.34 -3.47 8.12
CA ILE A 495 26.25 -2.53 8.33
C ILE A 495 26.81 -1.23 8.86
N GLY A 496 26.09 -0.14 8.62
CA GLY A 496 26.51 1.17 9.06
C GLY A 496 25.99 1.54 10.43
N VAL A 497 26.86 1.53 11.44
CA VAL A 497 26.48 1.79 12.82
C VAL A 497 26.89 3.21 13.19
N PRO A 498 25.95 4.11 13.46
CA PRO A 498 26.32 5.44 13.89
C PRO A 498 27.02 5.40 15.24
N PRO A 499 27.86 6.39 15.54
CA PRO A 499 28.58 6.38 16.83
C PRO A 499 27.66 6.53 18.03
N VAL A 500 26.45 7.07 17.85
CA VAL A 500 25.51 7.15 18.96
C VAL A 500 25.15 5.75 19.45
N PHE A 501 24.90 4.83 18.51
CA PHE A 501 24.65 3.45 18.91
C PHE A 501 25.89 2.84 19.56
N ALA A 502 27.08 3.19 19.06
CA ALA A 502 28.30 2.55 19.53
C ALA A 502 28.50 2.77 21.02
N VAL A 503 28.28 3.99 21.50
CA VAL A 503 28.36 4.23 22.93
C VAL A 503 27.14 3.73 23.68
N LYS A 504 26.08 3.34 22.97
CA LYS A 504 24.84 2.90 23.60
C LYS A 504 24.81 1.37 23.75
N LEU A 505 24.84 0.66 22.64
CA LEU A 505 24.82 -0.80 22.69
C LEU A 505 26.13 -1.32 23.25
N THR A 506 26.04 -2.19 24.25
CA THR A 506 27.22 -2.78 24.85
C THR A 506 27.10 -4.29 24.83
N TYR A 507 28.25 -4.95 24.96
CA TYR A 507 28.33 -6.40 24.94
C TYR A 507 29.01 -6.89 26.21
N PRO A 508 28.38 -7.73 27.00
CA PRO A 508 29.07 -8.32 28.15
C PRO A 508 30.12 -9.31 27.72
N GLU A 509 31.39 -8.98 27.90
CA GLU A 509 32.48 -9.86 27.49
C GLU A 509 33.42 -10.06 28.66
N PRO A 510 33.73 -11.29 29.03
CA PRO A 510 34.63 -11.53 30.16
C PRO A 510 36.07 -11.15 29.82
N VAL A 511 36.83 -10.88 30.87
CA VAL A 511 38.23 -10.50 30.72
C VAL A 511 39.09 -11.76 30.84
N THR A 512 39.84 -12.04 29.79
CA THR A 512 40.74 -13.19 29.76
C THR A 512 42.16 -12.71 30.04
N ALA A 513 43.12 -13.63 29.91
CA ALA A 513 44.53 -13.28 30.07
C ALA A 513 45.17 -12.83 28.77
N TYR A 514 44.46 -12.89 27.65
CA TYR A 514 45.02 -12.46 26.38
C TYR A 514 44.48 -11.13 25.89
N ASN A 515 43.27 -10.75 26.28
CA ASN A 515 42.67 -9.48 25.87
C ASN A 515 42.51 -8.52 27.03
N ILE A 516 43.43 -8.57 28.00
CA ILE A 516 43.35 -7.66 29.14
C ILE A 516 43.56 -6.22 28.69
N ALA A 517 44.60 -5.98 27.90
CA ALA A 517 44.90 -4.62 27.45
C ALA A 517 43.79 -4.09 26.55
N GLU A 518 43.30 -4.93 25.64
CA GLU A 518 42.26 -4.49 24.71
C GLU A 518 41.03 -3.99 25.46
N LEU A 519 40.79 -4.51 26.66
CA LEU A 519 39.75 -3.97 27.53
C LEU A 519 40.29 -3.04 28.60
N ARG A 520 41.58 -3.15 28.94
CA ARG A 520 42.16 -2.21 29.90
C ARG A 520 42.18 -0.79 29.36
N GLN A 521 42.12 -0.62 28.04
CA GLN A 521 41.93 0.71 27.48
C GLN A 521 40.47 1.00 27.14
N ALA A 522 39.65 -0.03 26.89
CA ALA A 522 38.24 0.19 26.68
C ALA A 522 37.57 0.74 27.93
N VAL A 523 38.02 0.28 29.10
CA VAL A 523 37.49 0.84 30.34
C VAL A 523 37.92 2.29 30.50
N ILE A 524 39.15 2.62 30.12
CA ILE A 524 39.62 4.00 30.20
C ILE A 524 38.80 4.89 29.29
N ASN A 525 38.51 4.42 28.07
CA ASN A 525 37.61 5.15 27.19
C ASN A 525 36.25 5.33 27.84
N GLY A 526 35.65 4.25 28.29
CA GLY A 526 34.34 4.28 28.91
C GLY A 526 33.27 4.73 27.94
N PRO A 527 32.17 5.26 28.47
CA PRO A 527 31.12 5.79 27.59
C PRO A 527 31.55 7.04 26.85
N ASP A 528 32.69 7.62 27.22
CA ASP A 528 33.15 8.86 26.60
C ASP A 528 33.39 8.67 25.11
N LYS A 529 34.40 7.86 24.75
CA LYS A 529 34.80 7.72 23.37
C LYS A 529 34.73 6.26 22.94
N TRP A 530 34.19 6.04 21.74
CA TRP A 530 34.17 4.70 21.18
C TRP A 530 35.56 4.30 20.72
N PRO A 531 35.96 3.04 20.91
CA PRO A 531 35.26 1.98 21.65
C PRO A 531 35.49 2.12 23.15
N GLY A 532 34.49 1.80 23.97
CA GLY A 532 34.61 1.98 25.40
C GLY A 532 33.88 0.95 26.22
N ALA A 533 33.70 1.21 27.52
CA ALA A 533 33.09 0.27 28.44
C ALA A 533 32.05 0.98 29.29
N THR A 534 30.79 0.58 29.14
CA THR A 534 29.72 1.22 29.91
C THR A 534 29.85 0.93 31.40
N GLN A 535 30.01 -0.34 31.76
CA GLN A 535 30.09 -0.73 33.16
C GLN A 535 30.75 -2.09 33.28
N ILE A 536 31.16 -2.42 34.49
CA ILE A 536 31.81 -3.68 34.78
C ILE A 536 30.80 -4.60 35.47
N GLN A 537 31.10 -5.90 35.46
CA GLN A 537 30.26 -6.93 36.05
C GLN A 537 31.05 -7.75 37.06
N ASN A 538 31.74 -7.05 37.96
CA ASN A 538 32.57 -7.69 38.97
C ASN A 538 31.82 -8.78 39.71
N GLU A 539 32.30 -10.01 39.57
CA GLU A 539 31.71 -11.22 40.20
C GLU A 539 30.26 -11.32 39.70
N ASP A 540 29.31 -11.65 40.57
CA ASP A 540 27.90 -11.71 40.21
C ASP A 540 27.24 -10.40 40.62
N GLY A 541 26.49 -9.82 39.71
CA GLY A 541 25.93 -8.50 39.96
C GLY A 541 27.04 -7.49 40.18
N SER A 542 26.85 -6.63 41.18
CA SER A 542 27.84 -5.63 41.55
C SER A 542 28.25 -4.80 40.35
N LEU A 543 27.26 -4.37 39.57
CA LEU A 543 27.50 -3.67 38.32
C LEU A 543 28.02 -2.27 38.64
N VAL A 544 29.33 -2.19 38.84
CA VAL A 544 29.98 -0.90 39.10
C VAL A 544 29.93 -0.09 37.80
N SER A 545 29.08 0.93 37.78
CA SER A 545 28.89 1.71 36.57
C SER A 545 30.08 2.64 36.33
N LEU A 546 30.22 3.07 35.08
CA LEU A 546 31.29 3.98 34.69
C LEU A 546 30.78 5.30 34.13
N ILE A 547 29.47 5.46 33.95
CA ILE A 547 28.95 6.73 33.44
C ILE A 547 29.23 7.85 34.42
N GLY A 548 28.95 7.62 35.71
CA GLY A 548 29.23 8.60 36.73
C GLY A 548 30.62 8.43 37.31
N MET A 549 31.62 8.31 36.44
CA MET A 549 32.99 8.07 36.87
C MET A 549 33.92 9.05 36.17
N SER A 550 34.97 9.44 36.89
CA SER A 550 36.01 10.26 36.31
C SER A 550 37.00 9.38 35.55
N VAL A 551 37.78 10.02 34.68
CA VAL A 551 38.86 9.31 34.01
C VAL A 551 39.88 8.83 35.03
N GLU A 552 40.22 9.69 35.99
CA GLU A 552 41.10 9.27 37.08
C GLU A 552 40.47 8.16 37.90
N GLN A 553 39.16 8.24 38.13
CA GLN A 553 38.48 7.16 38.86
C GLN A 553 38.62 5.84 38.14
N ARG A 554 38.40 5.84 36.82
CA ARG A 554 38.56 4.62 36.04
C ARG A 554 40.01 4.14 36.08
N LYS A 555 40.95 5.06 36.02
CA LYS A 555 42.34 4.71 36.23
C LYS A 555 42.55 4.24 37.66
N ALA A 556 43.54 3.35 37.85
CA ALA A 556 43.90 2.80 39.14
C ALA A 556 42.78 1.95 39.74
N LEU A 557 41.67 1.84 39.03
CA LEU A 557 40.57 0.97 39.43
C LEU A 557 40.29 -0.13 38.41
N ALA A 558 40.05 0.24 37.16
CA ALA A 558 39.81 -0.74 36.11
C ALA A 558 41.09 -1.22 35.46
N ASN A 559 42.26 -0.73 35.91
CA ASN A 559 43.52 -1.29 35.45
C ASN A 559 43.66 -2.73 35.88
N GLN A 560 43.27 -3.04 37.12
CA GLN A 560 43.37 -4.39 37.66
C GLN A 560 42.03 -5.12 37.46
N LEU A 561 41.79 -5.45 36.19
CA LEU A 561 40.62 -6.29 35.87
C LEU A 561 40.86 -7.73 36.28
N LEU A 562 42.07 -8.25 36.05
CA LEU A 562 42.43 -9.61 36.46
C LEU A 562 43.04 -9.54 37.86
N THR A 563 42.15 -9.39 38.84
CA THR A 563 42.60 -9.26 40.22
C THR A 563 43.17 -10.58 40.72
N PRO A 564 44.05 -10.53 41.72
CA PRO A 564 44.53 -11.77 42.35
C PRO A 564 43.39 -12.52 43.02
N SER A 565 43.70 -13.75 43.43
CA SER A 565 42.70 -14.63 44.03
C SER A 565 42.16 -14.03 45.32
N SER A 566 40.90 -13.62 45.31
CA SER A 566 40.27 -12.99 46.47
C SER A 566 39.56 -14.02 47.34
N ASN A 567 38.57 -14.71 46.78
CA ASN A 567 37.81 -15.70 47.52
C ASN A 567 37.56 -16.91 46.64
N VAL A 568 37.37 -18.06 47.29
CA VAL A 568 37.18 -19.32 46.59
C VAL A 568 35.71 -19.71 46.46
N SER A 569 34.79 -18.88 46.95
CA SER A 569 33.37 -19.20 46.85
C SER A 569 32.94 -19.30 45.40
N THR A 570 33.39 -18.36 44.57
CA THR A 570 33.19 -18.42 43.12
C THR A 570 34.57 -18.19 42.50
N HIS A 571 35.33 -19.26 42.37
CA HIS A 571 36.71 -19.19 41.92
C HIS A 571 36.86 -19.49 40.44
N THR A 572 35.76 -19.61 39.71
CA THR A 572 35.81 -19.89 38.28
C THR A 572 35.49 -18.66 37.44
N LEU A 573 34.34 -18.03 37.67
CA LEU A 573 33.98 -16.82 36.94
C LEU A 573 34.84 -15.67 37.44
N ASN A 574 35.91 -15.38 36.71
CA ASN A 574 36.87 -14.36 37.16
C ASN A 574 36.22 -12.98 37.21
N LYS A 575 35.83 -12.46 36.04
CA LYS A 575 35.24 -11.12 35.96
C LYS A 575 34.74 -10.90 34.54
N LYS A 576 33.83 -9.95 34.40
CA LYS A 576 33.23 -9.62 33.12
C LYS A 576 33.11 -8.10 33.01
N VAL A 577 33.37 -7.59 31.81
CA VAL A 577 33.30 -6.15 31.55
C VAL A 577 32.41 -5.93 30.33
N TYR A 578 31.37 -5.13 30.48
CA TYR A 578 30.59 -4.70 29.34
C TYR A 578 31.45 -3.76 28.48
N ARG A 579 31.41 -3.96 27.17
CA ARG A 579 32.19 -3.15 26.26
C ARG A 579 31.31 -2.64 25.12
N HIS A 580 31.70 -1.52 24.56
CA HIS A 580 30.97 -0.96 23.44
C HIS A 580 31.08 -1.89 22.22
N ILE A 581 30.09 -1.80 21.34
CA ILE A 581 30.08 -2.65 20.16
C ILE A 581 31.20 -2.24 19.23
N LYS A 582 32.03 -3.20 18.84
CA LYS A 582 33.15 -2.97 17.94
C LYS A 582 32.83 -3.51 16.56
N ASN A 583 33.76 -3.26 15.63
CA ASN A 583 33.52 -3.60 14.22
C ASN A 583 33.42 -5.11 14.03
N ARG A 584 34.21 -5.88 14.76
CA ARG A 584 34.27 -7.33 14.55
C ARG A 584 32.94 -8.01 14.84
N ASP A 585 32.06 -7.39 15.63
CA ASP A 585 30.84 -8.05 16.06
C ASP A 585 29.86 -8.16 14.89
N VAL A 586 28.74 -8.80 15.17
CA VAL A 586 27.69 -9.04 14.18
C VAL A 586 26.35 -8.71 14.83
N VAL A 587 25.44 -8.16 14.03
CA VAL A 587 24.11 -7.83 14.51
C VAL A 587 23.09 -8.34 13.51
N LEU A 588 21.86 -8.47 13.97
CA LEU A 588 20.75 -8.91 13.13
C LEU A 588 19.98 -7.70 12.62
N MET A 589 19.41 -7.85 11.43
CA MET A 589 18.62 -6.79 10.82
C MET A 589 17.30 -7.37 10.34
N ASN A 590 16.20 -6.75 10.75
CA ASN A 590 14.87 -7.20 10.40
C ASN A 590 14.05 -6.02 9.91
N ARG A 591 13.33 -6.21 8.82
CA ARG A 591 12.46 -5.19 8.24
C ARG A 591 11.06 -5.76 8.11
N GLN A 592 10.16 -5.32 8.97
CA GLN A 592 8.79 -5.78 8.91
C GLN A 592 8.12 -5.29 7.63
N PRO A 593 7.28 -6.11 7.00
CA PRO A 593 6.90 -7.47 7.39
C PRO A 593 7.98 -8.49 7.03
N THR A 594 8.21 -9.48 7.89
CA THR A 594 9.21 -10.52 7.62
C THR A 594 8.52 -11.65 6.86
N LEU A 595 8.28 -11.40 5.57
CA LEU A 595 7.52 -12.34 4.76
C LEU A 595 8.27 -13.66 4.57
N HIS A 596 9.58 -13.60 4.40
CA HIS A 596 10.40 -14.80 4.27
C HIS A 596 11.61 -14.70 5.18
N LYS A 597 12.24 -15.85 5.42
CA LYS A 597 13.38 -15.89 6.33
C LYS A 597 14.53 -15.02 5.84
N ALA A 598 14.62 -14.81 4.53
CA ALA A 598 15.67 -13.95 3.99
C ALA A 598 15.51 -12.51 4.44
N SER A 599 14.31 -12.11 4.86
CA SER A 599 14.10 -10.75 5.34
C SER A 599 14.87 -10.43 6.61
N MET A 600 15.40 -11.44 7.30
CA MET A 600 16.24 -11.24 8.46
C MET A 600 17.58 -11.93 8.23
N MET A 601 18.66 -11.19 8.43
CA MET A 601 20.00 -11.70 8.21
C MET A 601 20.93 -11.15 9.27
N GLY A 602 22.22 -11.39 9.11
CA GLY A 602 23.22 -10.82 9.99
C GLY A 602 24.25 -10.07 9.18
N HIS A 603 24.89 -9.10 9.84
CA HIS A 603 25.90 -8.27 9.19
C HIS A 603 26.96 -7.90 10.20
N LYS A 604 28.17 -7.65 9.69
CA LYS A 604 29.24 -7.20 10.56
C LYS A 604 29.09 -5.72 10.88
N VAL A 605 29.82 -5.29 11.88
CA VAL A 605 29.74 -3.92 12.38
C VAL A 605 30.77 -3.05 11.69
N ARG A 606 30.33 -1.86 11.26
CA ARG A 606 31.20 -0.87 10.65
C ARG A 606 30.89 0.46 11.32
N VAL A 607 31.63 0.80 12.37
CA VAL A 607 31.39 2.02 13.13
C VAL A 607 31.87 3.20 12.32
N LEU A 608 30.93 4.03 11.84
CA LEU A 608 31.26 5.20 11.06
C LEU A 608 31.16 6.44 11.94
N PRO A 609 32.25 7.12 12.25
CA PRO A 609 32.13 8.36 13.03
C PRO A 609 31.50 9.45 12.19
N ASN A 610 30.19 9.31 11.94
CA ASN A 610 29.49 10.15 10.99
C ASN A 610 28.08 10.39 11.53
N GLU A 611 27.20 10.88 10.67
CA GLU A 611 25.84 11.20 11.06
C GLU A 611 25.08 9.92 11.44
N LYS A 612 23.96 10.11 12.14
CA LYS A 612 23.24 9.01 12.78
C LYS A 612 22.17 8.46 11.84
N THR A 613 22.49 7.36 11.17
CA THR A 613 21.52 6.53 10.46
C THR A 613 22.22 5.22 10.11
N LEU A 614 21.42 4.20 9.82
CA LEU A 614 21.96 2.90 9.45
C LEU A 614 22.33 2.87 7.98
N ARG A 615 23.47 2.25 7.67
CA ARG A 615 23.98 2.18 6.31
C ARG A 615 24.12 0.72 5.90
N LEU A 616 23.53 0.36 4.76
CA LEU A 616 23.64 -0.97 4.20
C LEU A 616 23.98 -0.88 2.72
N HIS A 617 24.60 -1.94 2.21
CA HIS A 617 24.96 -1.97 0.80
C HIS A 617 23.72 -2.14 -0.07
N TYR A 618 23.83 -1.71 -1.32
CA TYR A 618 22.71 -1.78 -2.24
C TYR A 618 22.29 -3.20 -2.56
N ALA A 619 23.17 -4.19 -2.35
CA ALA A 619 22.81 -5.56 -2.66
C ALA A 619 21.67 -6.05 -1.79
N ASN A 620 21.67 -5.68 -0.50
CA ASN A 620 20.66 -6.14 0.44
C ASN A 620 19.28 -5.59 0.14
N THR A 621 19.17 -4.62 -0.76
CA THR A 621 17.86 -4.07 -1.10
C THR A 621 16.98 -5.14 -1.72
N GLY A 622 17.55 -5.98 -2.59
CA GLY A 622 16.75 -7.04 -3.19
C GLY A 622 16.20 -8.02 -2.18
N ALA A 623 16.95 -8.29 -1.10
CA ALA A 623 16.49 -9.22 -0.08
C ALA A 623 15.47 -8.55 0.85
N TYR A 624 15.85 -7.43 1.46
CA TYR A 624 14.95 -6.78 2.41
C TYR A 624 13.75 -6.12 1.75
N ASN A 625 13.72 -6.05 0.42
CA ASN A 625 12.65 -5.37 -0.31
C ASN A 625 12.49 -3.94 0.17
N ALA A 626 13.61 -3.23 0.24
CA ALA A 626 13.63 -1.84 0.68
C ALA A 626 13.79 -0.89 -0.49
N GLU A 632 13.25 2.11 6.80
CA GLU A 632 13.39 1.90 8.23
C GLU A 632 13.35 0.42 8.58
N MET A 633 14.15 0.03 9.57
CA MET A 633 14.22 -1.37 10.00
C MET A 633 14.90 -1.42 11.36
N ASN A 634 14.95 -2.62 11.93
CA ASN A 634 15.40 -2.84 13.30
C ASN A 634 16.75 -3.53 13.32
N MET A 635 17.44 -3.39 14.45
CA MET A 635 18.73 -4.03 14.68
C MET A 635 18.69 -4.82 15.98
N HIS A 636 19.24 -6.03 15.95
CA HIS A 636 19.31 -6.90 17.12
C HIS A 636 20.76 -7.26 17.39
N PHE A 637 21.19 -7.09 18.63
CA PHE A 637 22.59 -7.31 19.02
C PHE A 637 22.67 -8.34 20.14
N PRO A 638 22.96 -9.61 19.83
CA PRO A 638 23.02 -10.64 20.87
C PRO A 638 24.24 -10.49 21.76
N GLN A 639 24.20 -11.19 22.89
CA GLN A 639 25.28 -11.14 23.87
C GLN A 639 25.93 -12.48 24.15
N ASN A 640 25.54 -13.54 23.46
CA ASN A 640 26.08 -14.87 23.69
C ASN A 640 26.85 -15.34 22.45
N GLU A 641 28.00 -15.97 22.69
CA GLU A 641 28.85 -16.41 21.61
C GLU A 641 28.15 -17.44 20.72
N ASN A 642 27.24 -18.22 21.29
CA ASN A 642 26.47 -19.16 20.47
C ASN A 642 25.64 -18.43 19.44
N ALA A 643 24.95 -17.36 19.86
CA ALA A 643 24.18 -16.57 18.91
C ALA A 643 25.09 -15.86 17.93
N ARG A 644 26.26 -15.40 18.40
CA ARG A 644 27.23 -14.80 17.49
C ARG A 644 27.60 -15.77 16.38
N ALA A 645 27.92 -17.01 16.75
CA ALA A 645 28.30 -18.01 15.77
C ALA A 645 27.13 -18.33 14.84
N GLU A 646 25.91 -18.41 15.39
CA GLU A 646 24.76 -18.69 14.56
C GLU A 646 24.55 -17.62 13.52
N ALA A 647 24.68 -16.35 13.91
CA ALA A 647 24.51 -15.26 12.96
C ALA A 647 25.63 -15.24 11.93
N LEU A 648 26.88 -15.35 12.39
CA LEU A 648 28.03 -15.24 11.50
C LEU A 648 28.14 -16.40 10.52
N ASN A 649 27.55 -17.55 10.85
CA ASN A 649 27.74 -18.74 10.04
C ASN A 649 26.46 -19.30 9.44
N LEU A 650 25.32 -19.11 10.09
CA LEU A 650 24.05 -19.61 9.57
C LEU A 650 23.12 -18.50 9.12
N ALA A 651 23.12 -17.36 9.82
CA ALA A 651 22.27 -16.25 9.47
C ALA A 651 22.97 -15.16 8.67
N ASN A 652 24.27 -15.31 8.42
CA ASN A 652 24.99 -14.31 7.66
C ASN A 652 24.48 -14.25 6.22
N THR A 653 24.47 -13.03 5.67
CA THR A 653 23.88 -12.81 4.35
C THR A 653 24.59 -13.59 3.27
N ASP A 654 25.92 -13.75 3.38
CA ASP A 654 26.66 -14.47 2.36
C ASP A 654 26.18 -15.90 2.22
N SER A 655 25.89 -16.55 3.35
CA SER A 655 25.38 -17.92 3.31
C SER A 655 24.01 -18.01 2.66
N GLN A 656 23.33 -16.89 2.47
CA GLN A 656 21.98 -16.86 1.94
C GLN A 656 21.92 -16.17 0.58
N TYR A 657 22.88 -16.49 -0.29
CA TYR A 657 22.90 -15.89 -1.61
C TYR A 657 21.67 -16.29 -2.42
N LEU A 658 21.09 -17.45 -2.13
CA LEU A 658 19.95 -17.95 -2.87
C LEU A 658 18.70 -17.97 -1.98
N THR A 659 17.56 -18.16 -2.63
CA THR A 659 16.28 -18.19 -1.94
C THR A 659 15.64 -19.56 -2.11
N PRO A 660 15.12 -20.17 -1.05
CA PRO A 660 14.51 -21.50 -1.16
C PRO A 660 13.21 -21.52 -1.95
N THR A 661 12.70 -20.36 -2.36
CA THR A 661 11.45 -20.36 -3.14
C THR A 661 11.63 -21.11 -4.46
N SER A 662 12.66 -20.77 -5.22
CA SER A 662 12.94 -21.44 -6.47
C SER A 662 14.42 -21.68 -6.71
N GLY A 663 15.29 -21.34 -5.76
CA GLY A 663 16.72 -21.51 -5.94
C GLY A 663 17.40 -20.39 -6.68
N SER A 664 16.67 -19.38 -7.14
CA SER A 664 17.26 -18.28 -7.86
C SER A 664 17.97 -17.33 -6.89
N PRO A 665 18.95 -16.57 -7.36
CA PRO A 665 19.60 -15.58 -6.50
C PRO A 665 18.69 -14.38 -6.28
N VAL A 666 19.00 -13.62 -5.23
CA VAL A 666 18.18 -12.47 -4.86
C VAL A 666 19.07 -11.25 -4.63
N ARG A 667 20.38 -11.47 -4.50
CA ARG A 667 21.30 -10.43 -4.10
C ARG A 667 22.19 -10.02 -5.26
N GLY A 668 22.32 -8.71 -5.47
CA GLY A 668 23.19 -8.20 -6.51
C GLY A 668 22.99 -6.72 -6.68
N LEU A 669 23.83 -6.15 -7.54
CA LEU A 669 23.74 -4.73 -7.87
C LEU A 669 22.51 -4.47 -8.73
N ILE A 670 22.02 -3.23 -8.72
CA ILE A 670 20.66 -3.02 -9.19
C ILE A 670 20.52 -2.13 -10.41
N GLN A 671 20.76 -0.83 -10.28
CA GLN A 671 20.50 0.09 -11.40
C GLN A 671 21.71 0.92 -11.80
N ASP A 672 22.28 1.70 -10.88
CA ASP A 672 23.41 2.54 -11.23
C ASP A 672 24.60 1.68 -11.67
N HIS A 673 24.88 0.63 -10.91
CA HIS A 673 25.99 -0.23 -11.24
C HIS A 673 25.72 -1.03 -12.50
N ILE A 674 24.46 -1.32 -12.80
CA ILE A 674 24.15 -2.00 -14.06
C ILE A 674 24.46 -1.08 -15.23
N SER A 675 24.02 0.17 -15.16
CA SER A 675 24.34 1.11 -16.24
C SER A 675 25.84 1.32 -16.36
N ALA A 676 26.53 1.42 -15.21
CA ALA A 676 27.97 1.58 -15.23
C ALA A 676 28.66 0.40 -15.89
N GLY A 677 28.21 -0.81 -15.59
CA GLY A 677 28.78 -1.98 -16.23
C GLY A 677 28.55 -1.99 -17.73
N VAL A 678 27.33 -1.62 -18.14
CA VAL A 678 27.04 -1.59 -19.58
C VAL A 678 27.97 -0.62 -20.28
N TRP A 679 28.22 0.54 -19.67
CA TRP A 679 29.06 1.51 -20.34
C TRP A 679 30.54 1.11 -20.28
N LEU A 680 30.97 0.51 -19.17
CA LEU A 680 32.39 0.20 -19.01
C LEU A 680 32.80 -0.98 -19.87
N THR A 681 31.99 -2.04 -19.90
CA THR A 681 32.39 -3.25 -20.60
C THR A 681 32.21 -3.16 -22.11
N SER A 682 31.63 -2.08 -22.61
CA SER A 682 31.49 -1.92 -24.05
C SER A 682 32.85 -1.78 -24.71
N LYS A 683 32.91 -2.16 -25.99
CA LYS A 683 34.16 -2.10 -26.73
C LYS A 683 34.68 -0.68 -26.90
N ASP A 684 33.85 0.34 -26.66
CA ASP A 684 34.26 1.72 -26.82
C ASP A 684 35.03 2.25 -25.63
N SER A 685 35.53 1.38 -24.75
CA SER A 685 36.24 1.79 -23.54
C SER A 685 37.71 1.44 -23.68
N PHE A 686 38.56 2.40 -23.32
CA PHE A 686 40.00 2.19 -23.31
C PHE A 686 40.59 3.01 -22.17
N PHE A 687 41.60 2.45 -21.51
CA PHE A 687 42.14 3.07 -20.30
C PHE A 687 43.66 3.01 -20.35
N THR A 688 44.30 4.13 -20.04
CA THR A 688 45.75 4.16 -19.98
C THR A 688 46.23 3.39 -18.76
N ARG A 689 47.56 3.30 -18.63
CA ARG A 689 48.14 2.57 -17.51
C ARG A 689 47.71 3.18 -16.18
N GLU A 690 47.73 4.51 -16.10
CA GLU A 690 47.35 5.19 -14.87
C GLU A 690 45.91 4.89 -14.51
N GLN A 691 44.99 5.06 -15.46
CA GLN A 691 43.58 4.83 -15.18
C GLN A 691 43.32 3.38 -14.81
N TYR A 692 43.94 2.45 -15.54
CA TYR A 692 43.73 1.03 -15.27
C TYR A 692 44.21 0.66 -13.87
N GLN A 693 45.44 1.06 -13.52
CA GLN A 693 45.96 0.75 -12.21
C GLN A 693 45.13 1.39 -11.11
N GLN A 694 44.70 2.64 -11.33
CA GLN A 694 43.92 3.32 -10.31
C GLN A 694 42.58 2.64 -10.10
N TYR A 695 41.90 2.27 -11.19
CA TYR A 695 40.63 1.57 -11.05
C TYR A 695 40.82 0.25 -10.32
N ILE A 696 41.86 -0.50 -10.67
CA ILE A 696 42.06 -1.80 -10.04
C ILE A 696 42.32 -1.63 -8.55
N TYR A 697 43.18 -0.69 -8.18
CA TYR A 697 43.50 -0.53 -6.77
C TYR A 697 42.30 -0.05 -5.99
N GLY A 698 41.58 0.95 -6.50
CA GLY A 698 40.40 1.43 -5.81
C GLY A 698 39.34 0.36 -5.67
N CYS A 699 39.22 -0.52 -6.67
CA CYS A 699 38.22 -1.58 -6.60
C CYS A 699 38.63 -2.67 -5.62
N ILE A 700 39.93 -2.97 -5.54
CA ILE A 700 40.38 -4.13 -4.78
C ILE A 700 40.73 -3.77 -3.35
N ARG A 701 41.72 -2.90 -3.16
CA ARG A 701 42.27 -2.62 -1.83
C ARG A 701 42.69 -3.92 -1.14
N PRO A 702 43.77 -4.56 -1.59
CA PRO A 702 44.19 -5.82 -0.98
C PRO A 702 44.60 -5.71 0.46
N GLU A 703 45.00 -4.52 0.92
CA GLU A 703 45.40 -4.34 2.30
C GLU A 703 44.27 -4.66 3.27
N ASP A 704 43.02 -4.59 2.81
CA ASP A 704 41.87 -4.97 3.62
C ASP A 704 41.57 -6.46 3.53
N GLY A 705 42.54 -7.26 3.10
CA GLY A 705 42.34 -8.70 3.03
C GLY A 705 41.51 -9.17 1.87
N HIS A 706 41.29 -8.33 0.86
CA HIS A 706 40.52 -8.75 -0.30
C HIS A 706 41.22 -9.89 -1.03
N THR A 707 42.52 -9.78 -1.24
CA THR A 707 43.30 -10.79 -1.95
C THR A 707 44.49 -11.20 -1.08
N THR A 708 44.78 -12.50 -1.07
CA THR A 708 45.86 -13.04 -0.27
C THR A 708 47.20 -13.07 -1.01
N ARG A 709 47.24 -12.60 -2.26
CA ARG A 709 48.47 -12.62 -3.03
C ARG A 709 49.54 -11.72 -2.44
N SER A 710 49.16 -10.80 -1.54
CA SER A 710 50.08 -9.89 -0.86
C SER A 710 50.76 -8.92 -1.83
N LYS A 711 50.39 -8.98 -3.11
CA LYS A 711 50.89 -8.05 -4.11
C LYS A 711 49.97 -8.11 -5.30
N ILE A 712 49.42 -6.96 -5.70
CA ILE A 712 48.48 -6.94 -6.80
C ILE A 712 49.18 -7.35 -8.09
N VAL A 713 48.44 -8.04 -8.95
CA VAL A 713 48.95 -8.44 -10.26
C VAL A 713 48.09 -7.77 -11.32
N THR A 714 48.71 -7.43 -12.43
CA THR A 714 48.06 -6.74 -13.53
C THR A 714 48.11 -7.62 -14.77
N LEU A 715 47.68 -7.04 -15.89
CA LEU A 715 47.70 -7.74 -17.16
C LEU A 715 48.45 -6.92 -18.19
N PRO A 716 49.03 -7.57 -19.21
CA PRO A 716 49.64 -6.83 -20.30
C PRO A 716 48.61 -5.96 -21.01
N PRO A 717 49.00 -4.77 -21.44
CA PRO A 717 48.04 -3.91 -22.15
C PRO A 717 47.58 -4.57 -23.44
N THR A 718 46.29 -4.41 -23.73
CA THR A 718 45.77 -4.96 -24.97
C THR A 718 46.38 -4.29 -26.20
N ILE A 719 46.93 -3.10 -26.03
CA ILE A 719 47.58 -2.37 -27.12
C ILE A 719 48.90 -1.84 -26.62
N PHE A 720 49.97 -2.05 -27.40
CA PHE A 720 51.29 -1.54 -27.06
C PHE A 720 51.62 -0.27 -27.86
N LYS A 721 51.59 -0.35 -29.17
CA LYS A 721 51.85 0.83 -29.97
C LYS A 721 50.55 1.36 -30.57
N PRO A 722 50.37 2.68 -30.65
CA PRO A 722 51.33 3.75 -30.31
C PRO A 722 51.61 3.90 -28.82
N TYR A 723 50.63 3.74 -27.94
CA TYR A 723 50.90 3.83 -26.51
C TYR A 723 50.04 2.82 -25.76
N PRO A 724 50.48 2.38 -24.58
CA PRO A 724 49.76 1.30 -23.89
C PRO A 724 48.32 1.67 -23.59
N LEU A 725 47.44 0.67 -23.73
CA LEU A 725 46.03 0.84 -23.43
C LEU A 725 45.47 -0.48 -22.94
N TRP A 726 44.42 -0.40 -22.13
CA TRP A 726 43.69 -1.55 -21.62
C TRP A 726 42.26 -1.49 -22.11
N THR A 727 41.42 -2.38 -21.58
CA THR A 727 40.01 -2.37 -21.92
C THR A 727 39.20 -2.75 -20.70
N GLY A 728 37.95 -2.27 -20.64
CA GLY A 728 37.11 -2.54 -19.49
C GLY A 728 36.90 -4.02 -19.27
N LYS A 729 36.71 -4.78 -20.36
CA LYS A 729 36.64 -6.22 -20.21
C LYS A 729 37.92 -6.76 -19.59
N GLN A 730 39.06 -6.22 -19.98
CA GLN A 730 40.30 -6.60 -19.34
C GLN A 730 40.31 -6.18 -17.88
N ILE A 731 39.63 -5.09 -17.54
CA ILE A 731 39.52 -4.69 -16.14
C ILE A 731 38.74 -5.74 -15.35
N ILE A 732 37.62 -6.20 -15.91
CA ILE A 732 36.86 -7.26 -15.26
C ILE A 732 37.72 -8.51 -15.12
N THR A 733 38.48 -8.83 -16.17
CA THR A 733 39.31 -10.03 -16.15
C THR A 733 40.35 -9.96 -15.04
N THR A 734 41.03 -8.82 -14.90
CA THR A 734 42.02 -8.73 -13.83
C THR A 734 41.37 -8.66 -12.47
N VAL A 735 40.15 -8.12 -12.38
CA VAL A 735 39.40 -8.17 -11.13
C VAL A 735 39.19 -9.62 -10.71
N LEU A 736 38.69 -10.43 -11.63
CA LEU A 736 38.45 -11.84 -11.32
C LEU A 736 39.76 -12.55 -10.99
N LEU A 737 40.82 -12.24 -11.75
CA LEU A 737 42.11 -12.87 -11.50
C LEU A 737 42.62 -12.54 -10.10
N ASN A 738 42.37 -11.32 -9.63
CA ASN A 738 42.81 -10.96 -8.29
C ASN A 738 41.96 -11.62 -7.22
N VAL A 739 40.64 -11.66 -7.42
CA VAL A 739 39.78 -12.19 -6.36
C VAL A 739 39.78 -13.72 -6.32
N THR A 740 39.93 -14.37 -7.48
CA THR A 740 39.96 -15.82 -7.50
C THR A 740 41.15 -16.32 -6.70
N PRO A 741 40.97 -17.28 -5.80
CA PRO A 741 42.08 -17.77 -5.00
C PRO A 741 43.14 -18.38 -5.89
N PRO A 742 44.41 -18.26 -5.53
CA PRO A 742 45.47 -18.89 -6.31
C PRO A 742 45.38 -20.41 -6.22
N ASP A 743 46.22 -21.06 -7.02
CA ASP A 743 46.21 -22.53 -7.11
C ASP A 743 44.81 -23.03 -7.49
N MET A 744 44.22 -22.35 -8.47
CA MET A 744 42.87 -22.69 -8.89
C MET A 744 42.65 -22.19 -10.32
N PRO A 745 42.10 -23.02 -11.19
CA PRO A 745 41.84 -22.58 -12.56
C PRO A 745 40.76 -21.51 -12.62
N GLY A 746 40.77 -20.76 -13.72
CA GLY A 746 39.80 -19.72 -13.91
C GLY A 746 38.43 -20.25 -14.28
N ILE A 747 37.48 -19.33 -14.41
CA ILE A 747 36.10 -19.67 -14.71
C ILE A 747 35.90 -19.75 -16.21
N ASN A 748 35.32 -20.84 -16.67
CA ASN A 748 34.87 -20.98 -18.04
C ASN A 748 33.35 -20.91 -18.05
N LEU A 749 32.80 -20.10 -18.95
CA LEU A 749 31.37 -19.84 -18.90
C LEU A 749 30.89 -19.37 -20.26
N ILE A 750 29.66 -19.76 -20.60
CA ILE A 750 28.97 -19.25 -21.78
C ILE A 750 27.55 -18.90 -21.37
N SER A 751 27.10 -17.70 -21.75
CA SER A 751 25.74 -17.26 -21.46
C SER A 751 25.38 -16.13 -22.41
N LYS A 752 24.22 -15.53 -22.20
CA LYS A 752 23.75 -14.44 -23.02
C LYS A 752 23.20 -13.33 -22.13
N ASN A 753 23.38 -12.09 -22.57
CA ASN A 753 22.89 -10.92 -21.85
C ASN A 753 21.53 -10.51 -22.41
N LYS A 754 21.03 -9.37 -21.96
CA LYS A 754 19.70 -8.91 -22.31
C LYS A 754 19.67 -8.04 -23.55
N ILE A 755 20.81 -7.75 -24.15
CA ILE A 755 20.92 -6.79 -25.24
C ILE A 755 21.15 -7.54 -26.54
N LYS A 756 20.36 -7.21 -27.56
CA LYS A 756 20.52 -7.85 -28.85
C LYS A 756 21.78 -7.34 -29.55
N ASN A 757 22.33 -8.18 -30.42
CA ASN A 757 23.54 -7.81 -31.14
C ASN A 757 23.28 -6.63 -32.07
N GLU A 758 22.12 -6.60 -32.73
CA GLU A 758 21.85 -5.57 -33.72
C GLU A 758 21.87 -4.18 -33.11
N TYR A 759 21.74 -4.06 -31.79
CA TYR A 759 21.87 -2.77 -31.14
C TYR A 759 23.28 -2.23 -31.18
N TRP A 760 24.26 -3.05 -31.56
CA TRP A 760 25.63 -2.60 -31.73
C TRP A 760 26.05 -2.55 -33.19
N GLY A 761 25.09 -2.60 -34.11
CA GLY A 761 25.40 -2.59 -35.52
C GLY A 761 25.84 -3.96 -36.01
N LYS A 762 26.11 -4.01 -37.31
CA LYS A 762 26.49 -5.26 -37.95
C LYS A 762 27.83 -5.76 -37.42
N GLY A 763 28.01 -7.08 -37.47
CA GLY A 763 29.28 -7.68 -37.15
C GLY A 763 29.61 -7.76 -35.67
N SER A 764 28.64 -7.54 -34.79
CA SER A 764 28.87 -7.61 -33.36
C SER A 764 28.22 -8.87 -32.79
N LEU A 765 28.95 -9.55 -31.91
CA LEU A 765 28.47 -10.73 -31.23
C LEU A 765 28.41 -10.47 -29.72
N GLU A 766 27.99 -9.26 -29.35
CA GLU A 766 28.05 -8.84 -27.97
C GLU A 766 26.92 -9.40 -27.12
N ASN A 767 25.89 -10.00 -27.73
CA ASN A 767 24.81 -10.56 -26.95
C ASN A 767 25.28 -11.73 -26.08
N GLU A 768 26.35 -12.40 -26.51
CA GLU A 768 26.84 -13.60 -25.83
C GLU A 768 28.15 -13.29 -25.13
N VAL A 769 28.21 -13.56 -23.84
CA VAL A 769 29.47 -13.45 -23.11
C VAL A 769 30.17 -14.79 -23.20
N LEU A 770 31.52 -14.74 -23.18
CA LEU A 770 32.34 -15.94 -23.29
C LEU A 770 33.54 -15.78 -22.37
N PHE A 771 33.41 -16.25 -21.14
CA PHE A 771 34.55 -16.34 -20.26
C PHE A 771 35.43 -17.51 -20.68
N LYS A 772 36.70 -17.44 -20.29
CA LYS A 772 37.64 -18.52 -20.62
C LYS A 772 38.81 -18.42 -19.65
N ASP A 773 38.93 -19.41 -18.78
CA ASP A 773 40.02 -19.46 -17.80
C ASP A 773 40.08 -18.17 -17.00
N GLY A 774 38.93 -17.73 -16.53
CA GLY A 774 38.86 -16.51 -15.72
C GLY A 774 39.21 -15.26 -16.48
N ALA A 775 38.71 -15.13 -17.72
CA ALA A 775 38.99 -13.96 -18.53
C ALA A 775 37.82 -13.68 -19.44
N LEU A 776 37.28 -12.47 -19.39
CA LEU A 776 36.20 -12.09 -20.28
C LEU A 776 36.75 -11.85 -21.67
N LEU A 777 36.10 -12.41 -22.68
CA LEU A 777 36.58 -12.32 -24.04
C LEU A 777 35.55 -11.81 -25.03
N CYS A 778 34.26 -11.92 -24.75
CA CYS A 778 33.25 -11.47 -25.68
C CYS A 778 32.04 -10.98 -24.90
N GLY A 779 31.23 -10.16 -25.55
CA GLY A 779 30.01 -9.69 -24.93
C GLY A 779 30.28 -8.66 -23.83
N ILE A 780 29.19 -8.27 -23.17
CA ILE A 780 29.25 -7.30 -22.09
C ILE A 780 28.46 -7.81 -20.90
N LEU A 781 28.75 -7.24 -19.73
CA LEU A 781 27.98 -7.54 -18.55
C LEU A 781 26.61 -6.90 -18.66
N ASP A 782 25.71 -7.28 -17.74
CA ASP A 782 24.31 -6.93 -17.84
C ASP A 782 23.64 -7.29 -16.52
N LYS A 783 22.33 -7.03 -16.43
CA LYS A 783 21.57 -7.49 -15.29
C LYS A 783 21.57 -9.01 -15.21
N SER A 784 21.42 -9.68 -16.35
CA SER A 784 21.45 -11.13 -16.36
C SER A 784 22.78 -11.67 -15.88
N GLN A 785 23.88 -11.08 -16.34
CA GLN A 785 25.19 -11.57 -15.95
C GLN A 785 25.45 -11.35 -14.46
N TYR A 786 25.24 -10.13 -13.99
CA TYR A 786 25.46 -9.81 -12.59
C TYR A 786 24.30 -8.98 -12.06
N GLY A 787 24.05 -9.11 -10.77
CA GLY A 787 22.86 -8.56 -10.16
C GLY A 787 22.07 -9.66 -9.49
N ALA A 788 20.81 -9.84 -9.88
CA ALA A 788 19.98 -10.91 -9.36
C ALA A 788 19.38 -11.65 -10.56
N SER A 789 20.11 -12.65 -11.07
CA SER A 789 19.63 -13.43 -12.19
C SER A 789 20.30 -14.80 -12.16
N LYS A 790 19.57 -15.80 -12.64
CA LYS A 790 20.06 -17.17 -12.64
C LYS A 790 21.07 -17.39 -13.76
N TYR A 791 21.99 -18.32 -13.52
CA TYR A 791 23.01 -18.73 -14.48
C TYR A 791 23.92 -17.58 -14.89
N GLY A 792 23.96 -16.51 -14.11
CA GLY A 792 24.83 -15.41 -14.42
C GLY A 792 26.27 -15.71 -14.07
N ILE A 793 27.16 -14.79 -14.44
CA ILE A 793 28.57 -14.98 -14.13
C ILE A 793 28.79 -15.02 -12.63
N VAL A 794 28.14 -14.11 -11.90
CA VAL A 794 28.28 -14.10 -10.45
C VAL A 794 27.67 -15.37 -9.86
N HIS A 795 26.57 -15.84 -10.42
CA HIS A 795 25.97 -17.09 -9.96
C HIS A 795 26.93 -18.26 -10.13
N SER A 796 27.57 -18.34 -11.29
CA SER A 796 28.52 -19.43 -11.53
C SER A 796 29.74 -19.31 -10.64
N LEU A 797 30.19 -18.08 -10.40
CA LEU A 797 31.31 -17.88 -9.49
C LEU A 797 30.96 -18.35 -8.09
N HIS A 798 29.73 -18.07 -7.66
CA HIS A 798 29.25 -18.65 -6.41
C HIS A 798 29.34 -20.17 -6.46
N GLU A 799 28.75 -20.76 -7.50
CA GLU A 799 28.72 -22.22 -7.63
C GLU A 799 30.11 -22.82 -7.52
N VAL A 800 31.11 -22.13 -8.05
CA VAL A 800 32.46 -22.68 -8.10
C VAL A 800 33.22 -22.43 -6.81
N TYR A 801 33.28 -21.20 -6.33
CA TYR A 801 34.17 -20.85 -5.23
C TYR A 801 33.45 -20.68 -3.90
N GLY A 802 32.19 -21.12 -3.77
CA GLY A 802 31.48 -20.93 -2.54
C GLY A 802 30.73 -19.61 -2.55
N PRO A 803 30.04 -19.33 -1.45
CA PRO A 803 29.27 -18.07 -1.38
C PRO A 803 30.12 -16.89 -0.97
N GLU A 804 31.18 -17.15 -0.18
CA GLU A 804 32.02 -16.07 0.32
C GLU A 804 32.71 -15.34 -0.83
N VAL A 805 33.26 -16.09 -1.78
CA VAL A 805 33.95 -15.47 -2.90
C VAL A 805 32.97 -14.71 -3.78
N ALA A 806 31.76 -15.25 -3.96
CA ALA A 806 30.76 -14.53 -4.73
C ALA A 806 30.37 -13.22 -4.05
N ALA A 807 30.23 -13.24 -2.74
CA ALA A 807 29.91 -12.01 -2.01
C ALA A 807 31.03 -10.99 -2.15
N LYS A 808 32.28 -11.44 -2.04
CA LYS A 808 33.40 -10.52 -2.21
C LYS A 808 33.44 -9.96 -3.63
N VAL A 809 33.11 -10.79 -4.62
CA VAL A 809 33.07 -10.33 -6.00
C VAL A 809 31.98 -9.27 -6.18
N LEU A 810 30.81 -9.49 -5.59
CA LEU A 810 29.74 -8.49 -5.69
C LEU A 810 30.17 -7.19 -5.03
N SER A 811 30.81 -7.27 -3.86
CA SER A 811 31.29 -6.06 -3.20
C SER A 811 32.32 -5.34 -4.07
N VAL A 812 33.23 -6.10 -4.69
CA VAL A 812 34.25 -5.49 -5.52
C VAL A 812 33.64 -4.84 -6.75
N LEU A 813 32.63 -5.47 -7.34
CA LEU A 813 31.97 -4.86 -8.49
C LEU A 813 31.24 -3.58 -8.09
N GLY A 814 30.59 -3.59 -6.93
CA GLY A 814 29.95 -2.39 -6.45
C GLY A 814 30.94 -1.26 -6.23
N ARG A 815 32.08 -1.57 -5.64
CA ARG A 815 33.11 -0.54 -5.46
C ARG A 815 33.62 -0.05 -6.80
N LEU A 816 33.85 -0.96 -7.75
CA LEU A 816 34.43 -0.56 -9.03
C LEU A 816 33.48 0.35 -9.80
N PHE A 817 32.24 -0.07 -9.97
CA PHE A 817 31.32 0.74 -10.74
C PHE A 817 31.04 2.07 -10.08
N THR A 818 31.13 2.13 -8.75
CA THR A 818 31.00 3.42 -8.07
C THR A 818 32.16 4.34 -8.43
N ASN A 819 33.39 3.85 -8.31
CA ASN A 819 34.54 4.67 -8.66
C ASN A 819 34.54 5.01 -10.14
N TYR A 820 34.20 4.06 -10.99
CA TYR A 820 34.16 4.33 -12.42
C TYR A 820 33.10 5.37 -12.77
N ILE A 821 31.93 5.28 -12.15
CA ILE A 821 30.85 6.19 -12.52
C ILE A 821 31.18 7.61 -12.07
N THR A 822 31.98 7.76 -11.01
CA THR A 822 32.42 9.09 -10.63
C THR A 822 33.31 9.71 -11.70
N ALA A 823 34.20 8.91 -12.29
CA ALA A 823 35.09 9.43 -13.32
C ALA A 823 34.30 9.89 -14.54
N THR A 824 33.40 9.04 -15.04
CA THR A 824 32.51 9.41 -16.14
C THR A 824 31.09 9.14 -15.68
N ALA A 825 30.35 10.21 -15.38
CA ALA A 825 29.02 10.04 -14.83
C ALA A 825 28.04 9.60 -15.90
N PHE A 826 26.87 9.15 -15.43
CA PHE A 826 25.78 8.73 -16.30
C PHE A 826 24.60 9.65 -16.05
N THR A 827 23.95 10.08 -17.13
CA THR A 827 22.88 11.05 -17.00
C THR A 827 21.89 10.91 -18.15
N CYS A 828 20.63 11.18 -17.85
CA CYS A 828 19.55 11.16 -18.82
C CYS A 828 19.02 12.56 -19.01
N GLY A 829 18.73 12.93 -20.26
CA GLY A 829 18.30 14.27 -20.58
C GLY A 829 17.11 14.28 -21.52
N MET A 830 16.59 15.49 -21.74
CA MET A 830 15.44 15.65 -22.63
C MET A 830 15.77 15.23 -24.06
N ASP A 831 17.04 15.34 -24.45
CA ASP A 831 17.43 14.94 -25.79
C ASP A 831 17.19 13.46 -26.03
N ASP A 832 17.29 12.64 -24.98
CA ASP A 832 17.09 11.21 -25.13
C ASP A 832 15.67 10.90 -25.58
N LEU A 833 14.68 11.60 -25.03
CA LEU A 833 13.29 11.27 -25.29
C LEU A 833 12.85 11.68 -26.69
N ARG A 834 13.58 12.58 -27.34
CA ARG A 834 13.12 13.13 -28.60
C ARG A 834 13.18 12.07 -29.70
N LEU A 835 12.51 12.37 -30.82
CA LEU A 835 12.51 11.52 -31.99
C LEU A 835 12.98 12.31 -33.20
N THR A 836 13.39 11.59 -34.24
CA THR A 836 13.73 12.23 -35.49
C THR A 836 12.47 12.66 -36.23
N ALA A 837 12.66 13.53 -37.22
CA ALA A 837 11.53 14.01 -38.00
C ALA A 837 10.85 12.86 -38.75
N GLU A 838 11.65 11.96 -39.33
CA GLU A 838 11.07 10.82 -40.01
C GLU A 838 10.35 9.90 -39.02
N GLY A 839 10.88 9.77 -37.81
CA GLY A 839 10.20 8.96 -36.81
C GLY A 839 8.85 9.54 -36.42
N ASN A 840 8.79 10.85 -36.23
CA ASN A 840 7.50 11.48 -35.93
C ASN A 840 6.56 11.37 -37.11
N LYS A 841 7.08 11.47 -38.34
CA LYS A 841 6.23 11.28 -39.51
C LYS A 841 5.65 9.87 -39.54
N TRP A 842 6.49 8.86 -39.24
CA TRP A 842 5.98 7.50 -39.15
C TRP A 842 4.87 7.41 -38.12
N ARG A 843 5.11 7.95 -36.92
CA ARG A 843 4.14 7.84 -35.85
C ARG A 843 2.82 8.48 -36.24
N THR A 844 2.87 9.67 -36.82
CA THR A 844 1.65 10.34 -37.22
C THR A 844 0.94 9.59 -38.35
N ASP A 845 1.69 9.10 -39.33
CA ASP A 845 1.07 8.42 -40.46
C ASP A 845 0.45 7.10 -40.04
N ILE A 846 0.94 6.50 -38.96
CA ILE A 846 0.31 5.27 -38.49
C ILE A 846 -0.88 5.58 -37.60
N LEU A 847 -0.77 6.60 -36.75
CA LEU A 847 -1.89 6.96 -35.88
C LEU A 847 -3.09 7.42 -36.70
N LYS A 848 -2.86 8.17 -37.77
CA LYS A 848 -3.98 8.67 -38.56
C LYS A 848 -4.75 7.56 -39.25
N THR A 849 -4.20 6.35 -39.29
CA THR A 849 -4.96 5.21 -39.79
C THR A 849 -5.89 4.62 -38.73
N SER A 850 -5.80 5.10 -37.49
CA SER A 850 -6.64 4.60 -36.39
C SER A 850 -7.92 5.39 -36.22
N VAL A 851 -8.30 6.20 -37.23
CA VAL A 851 -9.51 6.99 -37.12
C VAL A 851 -10.74 6.09 -37.05
N ASP A 852 -10.78 5.05 -37.88
CA ASP A 852 -11.95 4.19 -37.97
C ASP A 852 -11.80 2.91 -37.17
N THR A 853 -10.82 2.83 -36.27
CA THR A 853 -10.65 1.62 -35.47
C THR A 853 -11.90 1.31 -34.67
N GLY A 854 -12.39 2.29 -33.91
CA GLY A 854 -13.58 2.08 -33.11
C GLY A 854 -14.82 1.85 -33.96
N ARG A 855 -14.91 2.55 -35.09
CA ARG A 855 -16.07 2.38 -35.96
C ARG A 855 -16.13 0.97 -36.52
N GLU A 856 -14.98 0.45 -36.96
CA GLU A 856 -14.94 -0.93 -37.46
C GLU A 856 -15.22 -1.93 -36.36
N ALA A 857 -14.69 -1.68 -35.16
CA ALA A 857 -14.99 -2.59 -34.05
C ALA A 857 -16.48 -2.64 -33.76
N ALA A 858 -17.13 -1.47 -33.74
CA ALA A 858 -18.56 -1.43 -33.53
C ALA A 858 -19.32 -2.13 -34.65
N ALA A 859 -18.91 -1.90 -35.89
CA ALA A 859 -19.59 -2.54 -37.01
C ALA A 859 -19.49 -4.06 -36.92
N GLU A 860 -18.33 -4.57 -36.52
CA GLU A 860 -18.17 -6.01 -36.39
C GLU A 860 -18.98 -6.56 -35.21
N VAL A 861 -18.98 -5.87 -34.08
CA VAL A 861 -19.70 -6.38 -32.92
C VAL A 861 -21.20 -6.36 -33.16
N THR A 862 -21.70 -5.35 -33.87
CA THR A 862 -23.12 -5.24 -34.13
C THR A 862 -23.57 -6.07 -35.33
N ASN A 863 -22.66 -6.77 -35.99
CA ASN A 863 -22.98 -7.58 -37.16
C ASN A 863 -23.64 -6.74 -38.26
N LEU A 864 -23.22 -5.49 -38.38
CA LEU A 864 -23.70 -4.61 -39.42
C LEU A 864 -22.76 -4.66 -40.62
N ASP A 865 -22.99 -3.80 -41.60
CA ASP A 865 -22.11 -3.72 -42.76
C ASP A 865 -20.73 -3.23 -42.33
N LYS A 866 -19.71 -3.66 -43.08
CA LYS A 866 -18.34 -3.27 -42.76
C LYS A 866 -18.17 -1.77 -42.88
N ASP A 867 -18.71 -1.16 -43.93
CA ASP A 867 -18.62 0.28 -44.15
C ASP A 867 -19.97 0.89 -43.79
N THR A 868 -20.13 1.22 -42.51
CA THR A 868 -21.36 1.78 -42.01
C THR A 868 -21.08 3.14 -41.37
N PRO A 869 -21.79 4.20 -41.76
CA PRO A 869 -21.56 5.51 -41.14
C PRO A 869 -21.83 5.45 -39.64
N ALA A 870 -21.04 6.21 -38.89
CA ALA A 870 -21.13 6.19 -37.44
C ALA A 870 -22.43 6.80 -36.92
N ASP A 871 -23.21 7.47 -37.78
CA ASP A 871 -24.45 8.09 -37.38
C ASP A 871 -25.67 7.26 -37.74
N ASP A 872 -25.49 6.01 -38.11
CA ASP A 872 -26.61 5.19 -38.54
C ASP A 872 -27.54 4.93 -37.35
N PRO A 873 -28.85 5.18 -37.51
CA PRO A 873 -29.76 4.89 -36.39
C PRO A 873 -29.76 3.43 -35.96
N GLU A 874 -29.60 2.51 -36.90
CA GLU A 874 -29.50 1.10 -36.53
C GLU A 874 -28.27 0.87 -35.65
N LEU A 875 -27.15 1.47 -36.04
CA LEU A 875 -25.93 1.34 -35.24
C LEU A 875 -26.12 1.93 -33.86
N LEU A 876 -26.78 3.08 -33.78
CA LEU A 876 -27.04 3.70 -32.49
C LEU A 876 -27.91 2.80 -31.62
N LYS A 877 -28.94 2.18 -32.20
CA LYS A 877 -29.79 1.28 -31.43
C LYS A 877 -29.01 0.08 -30.92
N ARG A 878 -28.19 -0.52 -31.79
CA ARG A 878 -27.40 -1.67 -31.37
C ARG A 878 -26.45 -1.29 -30.25
N LEU A 879 -25.81 -0.13 -30.37
CA LEU A 879 -24.89 0.32 -29.33
C LEU A 879 -25.63 0.60 -28.03
N GLN A 880 -26.86 1.11 -28.13
CA GLN A 880 -27.68 1.32 -26.93
C GLN A 880 -27.92 0.00 -26.23
N GLU A 881 -28.30 -1.04 -26.98
CA GLU A 881 -28.52 -2.34 -26.37
C GLU A 881 -27.24 -2.89 -25.75
N ILE A 882 -26.12 -2.72 -26.46
CA ILE A 882 -24.85 -3.23 -25.97
C ILE A 882 -24.46 -2.53 -24.67
N LEU A 883 -24.69 -1.23 -24.59
CA LEU A 883 -24.46 -0.51 -23.35
C LEU A 883 -25.38 -1.03 -22.24
N ARG A 884 -26.63 -1.33 -22.60
CA ARG A 884 -27.58 -1.79 -21.59
C ARG A 884 -27.14 -3.11 -20.98
N ASP A 885 -26.66 -4.05 -21.79
CA ASP A 885 -26.34 -5.38 -21.29
C ASP A 885 -24.83 -5.56 -21.12
N ASN A 886 -24.44 -6.03 -19.93
CA ASN A 886 -23.04 -6.04 -19.54
C ASN A 886 -22.21 -6.99 -20.37
N ASN A 887 -22.78 -8.13 -20.77
CA ASN A 887 -22.02 -9.10 -21.53
C ASN A 887 -21.62 -8.56 -22.89
N LYS A 888 -22.59 -7.99 -23.62
CA LYS A 888 -22.24 -7.38 -24.91
C LYS A 888 -21.34 -6.18 -24.73
N SER A 889 -21.50 -5.43 -23.64
CA SER A 889 -20.57 -4.33 -23.38
C SER A 889 -19.14 -4.86 -23.26
N GLY A 890 -18.96 -5.94 -22.50
CA GLY A 890 -17.64 -6.53 -22.37
C GLY A 890 -17.10 -7.05 -23.68
N ILE A 891 -17.96 -7.64 -24.50
CA ILE A 891 -17.54 -8.17 -25.79
C ILE A 891 -17.03 -7.04 -26.69
N LEU A 892 -17.79 -5.94 -26.75
CA LEU A 892 -17.36 -4.81 -27.57
C LEU A 892 -16.06 -4.22 -27.04
N ASP A 893 -15.93 -4.13 -25.72
CA ASP A 893 -14.69 -3.62 -25.15
C ASP A 893 -13.51 -4.50 -25.51
N ALA A 894 -13.69 -5.82 -25.45
CA ALA A 894 -12.60 -6.72 -25.80
C ALA A 894 -12.19 -6.55 -27.26
N VAL A 895 -13.17 -6.48 -28.17
CA VAL A 895 -12.84 -6.36 -29.59
C VAL A 895 -12.08 -5.07 -29.85
N THR A 896 -12.61 -3.94 -29.36
CA THR A 896 -11.97 -2.67 -29.62
C THR A 896 -10.60 -2.59 -28.96
N SER A 897 -10.46 -3.17 -27.77
CA SER A 897 -9.17 -3.21 -27.11
C SER A 897 -8.15 -3.99 -27.94
N SER A 898 -8.58 -5.12 -28.51
CA SER A 898 -7.68 -5.88 -29.38
C SER A 898 -7.20 -5.03 -30.55
N LYS A 899 -8.14 -4.37 -31.23
CA LYS A 899 -7.76 -3.59 -32.41
C LYS A 899 -6.80 -2.46 -32.04
N VAL A 900 -7.12 -1.73 -30.98
CA VAL A 900 -6.27 -0.59 -30.64
C VAL A 900 -4.91 -1.06 -30.11
N ASN A 901 -4.87 -2.21 -29.43
CA ASN A 901 -3.57 -2.73 -28.99
C ASN A 901 -2.73 -3.14 -30.19
N ALA A 902 -3.36 -3.69 -31.23
CA ALA A 902 -2.62 -4.00 -32.44
C ALA A 902 -2.04 -2.72 -33.05
N ILE A 903 -2.84 -1.65 -33.08
CA ILE A 903 -2.35 -0.39 -33.63
C ILE A 903 -1.17 0.14 -32.81
N THR A 904 -1.28 0.06 -31.48
CA THR A 904 -0.21 0.54 -30.61
C THR A 904 1.07 -0.25 -30.84
N SER A 905 0.94 -1.58 -30.95
CA SER A 905 2.13 -2.40 -31.22
C SER A 905 2.76 -2.03 -32.54
N GLN A 906 1.94 -1.79 -33.57
CA GLN A 906 2.48 -1.35 -34.85
C GLN A 906 3.28 -0.07 -34.70
N VAL A 907 2.72 0.92 -34.00
CA VAL A 907 3.41 2.19 -33.83
C VAL A 907 4.72 2.00 -33.11
N VAL A 908 4.71 1.23 -32.02
CA VAL A 908 5.92 1.07 -31.21
C VAL A 908 7.00 0.38 -32.03
N SER A 909 6.63 -0.70 -32.72
CA SER A 909 7.62 -1.45 -33.51
C SER A 909 8.19 -0.58 -34.62
N LYS A 910 7.35 0.20 -35.29
CA LYS A 910 7.84 1.04 -36.38
C LYS A 910 8.76 2.14 -35.86
N CYS A 911 8.44 2.73 -34.71
CA CYS A 911 9.18 3.90 -34.25
C CYS A 911 10.42 3.54 -33.45
N VAL A 912 10.25 2.87 -32.32
CA VAL A 912 11.39 2.55 -31.46
C VAL A 912 12.08 1.30 -32.01
N PRO A 913 13.41 1.30 -32.15
CA PRO A 913 14.35 2.38 -31.87
C PRO A 913 14.84 3.08 -33.13
N ASP A 914 14.08 3.06 -34.21
CA ASP A 914 14.50 3.67 -35.46
C ASP A 914 14.07 5.12 -35.59
N GLY A 915 13.49 5.70 -34.55
CA GLY A 915 13.05 7.07 -34.62
C GLY A 915 13.77 7.98 -33.63
N THR A 916 14.34 7.40 -32.59
CA THR A 916 15.03 8.19 -31.58
C THR A 916 16.21 8.91 -32.19
N MET A 917 16.36 10.20 -31.88
CA MET A 917 17.49 10.95 -32.40
C MET A 917 18.79 10.56 -31.73
N LYS A 918 18.73 10.00 -30.53
CA LYS A 918 19.91 9.50 -29.84
C LYS A 918 19.79 7.99 -29.72
N LYS A 919 20.81 7.28 -30.19
CA LYS A 919 20.76 5.83 -30.30
C LYS A 919 21.25 5.15 -29.04
N PHE A 920 21.13 3.82 -29.02
CA PHE A 920 21.21 3.06 -27.78
C PHE A 920 22.46 3.31 -26.95
N PRO A 921 23.68 3.24 -27.49
CA PRO A 921 24.84 3.39 -26.59
C PRO A 921 24.86 4.71 -25.86
N CYS A 922 24.39 5.78 -26.50
CA CYS A 922 24.37 7.10 -25.87
C CYS A 922 23.01 7.46 -25.30
N ASN A 923 21.92 6.92 -25.84
CA ASN A 923 20.59 7.19 -25.29
C ASN A 923 20.51 6.60 -23.89
N SER A 924 20.58 7.45 -22.88
CA SER A 924 20.57 6.97 -21.50
C SER A 924 19.26 6.27 -21.17
N MET A 925 18.14 6.83 -21.60
CA MET A 925 16.84 6.25 -21.28
C MET A 925 16.72 4.85 -21.86
N GLN A 926 16.97 4.72 -23.16
CA GLN A 926 16.87 3.42 -23.80
C GLN A 926 17.92 2.46 -23.27
N ALA A 927 19.07 2.97 -22.85
CA ALA A 927 20.11 2.12 -22.31
C ALA A 927 19.69 1.50 -21.00
N MET A 928 19.22 2.32 -20.06
CA MET A 928 18.76 1.76 -18.80
C MET A 928 17.45 1.03 -18.93
N ALA A 929 16.76 1.17 -20.06
CA ALA A 929 15.62 0.30 -20.33
C ALA A 929 16.07 -1.09 -20.77
N LEU A 930 16.87 -1.14 -21.84
CA LEU A 930 17.30 -2.43 -22.37
C LEU A 930 18.14 -3.20 -21.35
N SER A 931 19.06 -2.50 -20.68
CA SER A 931 19.88 -3.15 -19.67
C SER A 931 19.07 -3.62 -18.47
N GLY A 932 17.82 -3.18 -18.35
CA GLY A 932 17.00 -3.61 -17.24
C GLY A 932 17.33 -2.99 -15.92
N ALA A 933 18.14 -1.93 -15.90
CA ALA A 933 18.45 -1.26 -14.64
C ALA A 933 17.18 -0.70 -14.00
N LYS A 934 16.31 -0.11 -14.81
CA LYS A 934 15.03 0.38 -14.33
C LYS A 934 14.11 0.54 -15.53
N GLY A 935 12.82 0.58 -15.25
CA GLY A 935 11.86 0.81 -16.31
C GLY A 935 11.69 -0.39 -17.21
N SER A 936 11.01 -0.15 -18.32
CA SER A 936 10.70 -1.23 -19.24
C SER A 936 10.48 -0.65 -20.63
N ASN A 937 10.54 -1.55 -21.62
CA ASN A 937 10.22 -1.15 -22.98
C ASN A 937 8.82 -0.59 -23.07
N VAL A 938 7.90 -1.06 -22.22
CA VAL A 938 6.56 -0.48 -22.20
C VAL A 938 6.61 0.98 -21.76
N ASN A 939 7.40 1.27 -20.72
CA ASN A 939 7.53 2.64 -20.26
C ASN A 939 8.12 3.52 -21.35
N VAL A 940 9.17 3.04 -22.02
CA VAL A 940 9.75 3.84 -23.09
C VAL A 940 8.75 4.05 -24.21
N SER A 941 7.97 3.01 -24.53
CA SER A 941 6.98 3.13 -25.59
C SER A 941 5.93 4.18 -25.26
N GLN A 942 5.45 4.19 -24.02
CA GLN A 942 4.42 5.16 -23.68
C GLN A 942 4.99 6.55 -23.41
N ILE A 943 6.30 6.66 -23.20
CA ILE A 943 6.90 7.99 -23.09
C ILE A 943 7.12 8.59 -24.46
N MET A 944 7.68 7.81 -25.39
CA MET A 944 8.12 8.38 -26.66
C MET A 944 7.09 8.25 -27.76
N CYS A 945 6.28 7.19 -27.77
CA CYS A 945 5.40 6.93 -28.90
C CYS A 945 3.92 7.03 -28.52
N LEU A 946 3.47 6.27 -27.53
CA LEU A 946 2.03 6.14 -27.33
C LEU A 946 1.65 5.51 -25.99
N LEU A 947 0.75 6.15 -25.25
CA LEU A 947 0.16 5.50 -24.08
C LEU A 947 -0.67 4.30 -24.49
N GLY A 948 -1.43 4.43 -25.57
CA GLY A 948 -2.25 3.34 -26.06
C GLY A 948 -3.68 3.44 -25.53
N GLN A 949 -4.17 2.34 -24.97
CA GLN A 949 -5.53 2.26 -24.46
C GLN A 949 -5.48 2.05 -22.95
N GLN A 950 -6.29 2.82 -22.24
CA GLN A 950 -6.39 2.72 -20.78
C GLN A 950 -7.43 1.66 -20.46
N ALA A 951 -6.98 0.52 -19.95
CA ALA A 951 -7.89 -0.60 -19.66
C ALA A 951 -8.33 -0.51 -18.21
N LEU A 952 -9.62 -0.25 -18.00
CA LEU A 952 -10.23 -0.31 -16.68
C LEU A 952 -10.71 -1.73 -16.47
N GLU A 953 -9.98 -2.49 -15.65
CA GLU A 953 -10.22 -3.92 -15.43
C GLU A 953 -10.14 -4.59 -16.80
N GLY A 954 -11.17 -5.31 -17.25
CA GLY A 954 -11.15 -5.89 -18.57
C GLY A 954 -11.98 -5.08 -19.56
N ARG A 955 -12.26 -3.84 -19.20
CA ARG A 955 -13.19 -3.02 -19.96
C ARG A 955 -12.54 -1.71 -20.35
N ARG A 956 -13.02 -1.13 -21.46
CA ARG A 956 -12.46 0.11 -21.97
C ARG A 956 -12.60 1.23 -20.96
N VAL A 957 -13.83 1.67 -20.72
CA VAL A 957 -14.10 2.85 -19.89
C VAL A 957 -15.59 2.88 -19.52
N PRO A 958 -15.94 3.13 -18.26
CA PRO A 958 -17.35 3.20 -17.89
C PRO A 958 -18.07 4.30 -18.65
N VAL A 959 -19.33 4.06 -18.94
CA VAL A 959 -20.14 4.96 -19.76
C VAL A 959 -21.31 5.45 -18.93
N MET A 960 -21.64 6.73 -19.08
CA MET A 960 -22.83 7.27 -18.44
C MET A 960 -24.07 6.62 -19.02
N VAL A 961 -25.18 6.75 -18.29
CA VAL A 961 -26.41 6.07 -18.64
C VAL A 961 -26.98 6.53 -19.98
N SER A 962 -26.38 7.54 -20.60
CA SER A 962 -26.86 8.06 -21.86
C SER A 962 -25.98 7.65 -23.04
N GLY A 963 -25.08 6.69 -22.84
CA GLY A 963 -24.15 6.33 -23.90
C GLY A 963 -23.17 7.43 -24.23
N LYS A 964 -22.72 8.16 -23.22
CA LYS A 964 -21.85 9.32 -23.40
C LYS A 964 -20.66 9.13 -22.46
N THR A 965 -19.50 8.82 -23.03
CA THR A 965 -18.34 8.49 -22.20
C THR A 965 -17.91 9.68 -21.34
N LEU A 966 -17.89 10.87 -21.91
CA LEU A 966 -17.52 12.08 -21.20
C LEU A 966 -18.42 13.21 -21.67
N PRO A 967 -18.58 14.25 -20.85
CA PRO A 967 -19.38 15.40 -21.28
C PRO A 967 -18.86 16.07 -22.54
N SER A 968 -17.69 15.66 -23.03
CA SER A 968 -17.11 16.25 -24.23
C SER A 968 -17.29 15.39 -25.47
N PHE A 969 -18.12 14.35 -25.42
CA PHE A 969 -18.22 13.39 -26.50
C PHE A 969 -19.68 13.21 -26.93
N LYS A 970 -19.85 12.97 -28.22
CA LYS A 970 -21.17 12.68 -28.75
C LYS A 970 -21.71 11.41 -28.12
N PRO A 971 -23.01 11.32 -27.84
CA PRO A 971 -23.57 10.06 -27.34
C PRO A 971 -23.39 8.95 -28.35
N TYR A 972 -23.09 7.75 -27.85
CA TYR A 972 -22.83 6.58 -28.70
C TYR A 972 -21.73 6.86 -29.72
N GLU A 973 -20.67 7.53 -29.28
CA GLU A 973 -19.58 7.85 -30.19
C GLU A 973 -18.71 6.63 -30.43
N THR A 974 -18.29 6.45 -31.69
CA THR A 974 -17.54 5.28 -32.12
C THR A 974 -16.04 5.54 -32.20
N ASP A 975 -15.56 6.56 -31.48
CA ASP A 975 -14.14 6.89 -31.50
C ASP A 975 -13.42 6.09 -30.43
N ALA A 976 -12.27 5.51 -30.81
CA ALA A 976 -11.44 4.83 -29.84
C ALA A 976 -10.93 5.80 -28.78
N MET A 977 -10.55 7.01 -29.19
CA MET A 977 -10.11 8.02 -28.24
C MET A 977 -11.19 8.30 -27.20
N ALA A 978 -12.43 8.43 -27.66
CA ALA A 978 -13.54 8.57 -26.72
C ALA A 978 -13.67 7.35 -25.83
N GLY A 979 -13.27 6.18 -26.33
CA GLY A 979 -13.32 4.96 -25.56
C GLY A 979 -12.11 4.73 -24.69
N GLY A 980 -11.25 5.72 -24.51
CA GLY A 980 -10.08 5.58 -23.66
C GLY A 980 -8.77 5.35 -24.38
N TYR A 981 -8.76 5.43 -25.71
CA TYR A 981 -7.54 5.20 -26.47
C TYR A 981 -6.73 6.49 -26.48
N VAL A 982 -5.66 6.51 -25.69
CA VAL A 982 -4.82 7.71 -25.56
C VAL A 982 -3.87 7.77 -26.75
N LYS A 983 -4.12 8.69 -27.67
CA LYS A 983 -3.26 8.87 -28.83
C LYS A 983 -2.07 9.76 -28.54
N GLY A 984 -1.95 10.29 -27.32
CA GLY A 984 -0.86 11.17 -26.97
C GLY A 984 0.30 10.41 -26.36
N ARG A 985 1.28 11.16 -25.87
CA ARG A 985 2.47 10.59 -25.25
C ARG A 985 2.92 11.50 -24.12
N PHE A 986 3.66 10.90 -23.19
CA PHE A 986 4.15 11.67 -22.04
C PHE A 986 5.12 12.75 -22.45
N TYR A 987 5.64 12.72 -23.68
CA TYR A 987 6.59 13.72 -24.13
C TYR A 987 5.91 14.98 -24.65
N SER A 988 4.84 14.83 -25.43
CA SER A 988 4.16 15.97 -26.04
C SER A 988 2.87 16.34 -25.31
N GLY A 989 2.59 15.75 -24.17
CA GLY A 989 1.40 16.06 -23.42
C GLY A 989 0.17 15.36 -23.96
N ILE A 990 -0.90 15.42 -23.17
CA ILE A 990 -2.13 14.72 -23.49
C ILE A 990 -3.31 15.67 -23.36
N LYS A 991 -4.33 15.43 -24.19
CA LYS A 991 -5.53 16.23 -24.17
C LYS A 991 -6.29 16.00 -22.87
N PRO A 992 -7.18 16.92 -22.49
CA PRO A 992 -7.87 16.79 -21.20
C PRO A 992 -8.64 15.49 -21.04
N GLN A 993 -9.31 15.02 -22.11
CA GLN A 993 -10.04 13.77 -22.00
C GLN A 993 -9.10 12.61 -21.74
N GLU A 994 -7.96 12.60 -22.44
CA GLU A 994 -6.97 11.56 -22.20
C GLU A 994 -6.44 11.64 -20.77
N TYR A 995 -6.26 12.85 -20.26
CA TYR A 995 -5.80 13.00 -18.89
C TYR A 995 -6.82 12.43 -17.92
N TYR A 996 -8.11 12.68 -18.17
CA TYR A 996 -9.15 12.16 -17.31
C TYR A 996 -9.15 10.63 -17.32
N PHE A 997 -9.05 10.04 -18.51
CA PHE A 997 -9.03 8.57 -18.59
C PHE A 997 -7.81 8.01 -17.90
N HIS A 998 -6.65 8.63 -18.09
CA HIS A 998 -5.44 8.15 -17.45
C HIS A 998 -5.55 8.27 -15.93
N CYS A 999 -6.19 9.33 -15.45
CA CYS A 999 -6.43 9.45 -14.03
C CYS A 999 -7.31 8.32 -13.53
N MET A 1000 -8.33 7.96 -14.31
CA MET A 1000 -9.19 6.85 -13.91
C MET A 1000 -8.39 5.55 -13.82
N ALA A 1001 -7.55 5.29 -14.82
CA ALA A 1001 -6.77 4.06 -14.81
C ALA A 1001 -5.79 4.04 -13.64
N GLY A 1002 -5.12 5.16 -13.38
CA GLY A 1002 -4.23 5.22 -12.24
C GLY A 1002 -4.96 5.03 -10.92
N ARG A 1003 -6.16 5.59 -10.82
CA ARG A 1003 -6.96 5.38 -9.61
C ARG A 1003 -7.31 3.92 -9.43
N GLU A 1004 -7.70 3.24 -10.51
CA GLU A 1004 -8.01 1.82 -10.42
C GLU A 1004 -6.80 1.03 -9.96
N GLY A 1005 -5.62 1.32 -10.54
CA GLY A 1005 -4.41 0.64 -10.11
C GLY A 1005 -4.08 0.89 -8.66
N LEU A 1006 -4.21 2.15 -8.22
CA LEU A 1006 -3.90 2.47 -6.83
C LEU A 1006 -4.87 1.77 -5.88
N ILE A 1007 -6.14 1.69 -6.27
CA ILE A 1007 -7.13 0.98 -5.44
C ILE A 1007 -6.74 -0.48 -5.29
N ASP A 1008 -6.38 -1.12 -6.41
CA ASP A 1008 -6.01 -2.52 -6.35
C ASP A 1008 -4.78 -2.73 -5.48
N THR A 1009 -3.77 -1.87 -5.65
CA THR A 1009 -2.55 -2.01 -4.84
C THR A 1009 -2.83 -1.80 -3.37
N ALA A 1010 -3.66 -0.81 -3.03
CA ALA A 1010 -4.00 -0.56 -1.64
C ALA A 1010 -4.74 -1.74 -1.03
N VAL A 1011 -5.66 -2.34 -1.79
CA VAL A 1011 -6.40 -3.50 -1.29
C VAL A 1011 -5.46 -4.68 -1.06
N LYS A 1012 -4.55 -4.92 -2.00
CA LYS A 1012 -3.69 -6.10 -1.93
C LYS A 1012 -2.41 -5.86 -1.14
N THR A 1013 -2.21 -4.67 -0.57
CA THR A 1013 -1.02 -4.41 0.24
C THR A 1013 -0.91 -5.41 1.39
N SER A 1014 -2.01 -5.65 2.10
CA SER A 1014 -2.04 -6.51 3.27
C SER A 1014 -3.14 -7.56 3.12
N ARG A 1015 -3.15 -8.22 1.96
CA ARG A 1015 -4.26 -9.11 1.61
C ARG A 1015 -4.41 -10.25 2.61
N SER A 1016 -3.32 -10.99 2.85
CA SER A 1016 -3.40 -12.14 3.76
C SER A 1016 -2.01 -12.47 4.26
N GLY A 1017 -1.79 -12.29 5.57
CA GLY A 1017 -0.65 -12.87 6.25
C GLY A 1017 -1.14 -13.99 7.16
N TYR A 1018 -2.46 -14.10 7.26
CA TYR A 1018 -3.05 -15.15 8.08
C TYR A 1018 -2.74 -16.53 7.51
N LEU A 1019 -2.73 -16.64 6.18
CA LEU A 1019 -2.36 -17.91 5.55
C LEU A 1019 -0.97 -18.34 5.99
N GLN A 1020 0.00 -17.43 5.89
CA GLN A 1020 1.37 -17.77 6.27
C GLN A 1020 1.48 -18.06 7.76
N ARG A 1021 0.78 -17.28 8.60
CA ARG A 1021 0.89 -17.52 10.03
C ARG A 1021 0.30 -18.88 10.40
N CYS A 1022 -0.80 -19.27 9.76
CA CYS A 1022 -1.37 -20.59 10.04
C CYS A 1022 -0.45 -21.71 9.57
N LEU A 1023 0.11 -21.56 8.36
CA LEU A 1023 1.02 -22.60 7.87
C LEU A 1023 2.24 -22.74 8.77
N THR A 1024 2.82 -21.62 9.20
CA THR A 1024 4.02 -21.71 10.04
C THR A 1024 3.69 -22.20 11.44
N LYS A 1025 2.50 -21.87 11.97
CA LYS A 1025 2.14 -22.42 13.26
C LYS A 1025 1.89 -23.92 13.18
N GLN A 1026 1.35 -24.40 12.06
CA GLN A 1026 1.17 -25.84 11.90
C GLN A 1026 2.50 -26.55 11.73
N LEU A 1027 3.42 -25.96 10.97
CA LEU A 1027 4.68 -26.61 10.62
C LEU A 1027 5.85 -26.09 11.44
N GLU A 1028 5.60 -25.51 12.61
CA GLU A 1028 6.67 -24.94 13.41
C GLU A 1028 7.65 -25.99 13.92
N GLY A 1029 7.28 -27.26 13.88
CA GLY A 1029 8.11 -28.29 14.49
C GLY A 1029 8.70 -29.30 13.53
N VAL A 1030 8.06 -29.46 12.36
CA VAL A 1030 8.55 -30.45 11.39
C VAL A 1030 9.97 -30.08 10.98
N HIS A 1031 10.87 -31.05 11.07
CA HIS A 1031 12.26 -30.79 10.70
C HIS A 1031 12.87 -32.08 10.17
N VAL A 1032 13.97 -31.93 9.44
CA VAL A 1032 14.62 -33.07 8.81
C VAL A 1032 15.38 -33.84 9.86
N SER A 1033 15.07 -35.13 9.98
CA SER A 1033 15.72 -36.02 10.92
C SER A 1033 17.14 -36.33 10.48
N TYR A 1034 17.91 -36.97 11.35
CA TYR A 1034 19.19 -37.51 10.93
C TYR A 1034 18.98 -38.58 9.86
N ASP A 1035 17.97 -39.40 10.03
CA ASP A 1035 17.51 -40.21 8.91
C ASP A 1035 16.87 -39.31 7.87
N ASN A 1036 16.78 -39.83 6.65
CA ASN A 1036 16.31 -39.03 5.52
C ASN A 1036 14.85 -38.59 5.65
N SER A 1037 14.10 -39.16 6.59
CA SER A 1037 12.70 -38.80 6.76
C SER A 1037 12.56 -37.48 7.51
N ILE A 1038 11.36 -36.92 7.44
CA ILE A 1038 11.04 -35.64 8.06
C ILE A 1038 10.09 -35.90 9.23
N ARG A 1039 10.53 -35.56 10.43
CA ARG A 1039 9.81 -35.87 11.65
C ARG A 1039 9.72 -34.65 12.54
N ASP A 1040 8.63 -34.55 13.29
CA ASP A 1040 8.41 -33.44 14.21
C ASP A 1040 9.14 -33.71 15.52
N ALA A 1041 8.83 -32.91 16.55
CA ALA A 1041 9.36 -33.20 17.88
C ALA A 1041 8.85 -34.53 18.39
N ASP A 1042 7.56 -34.82 18.15
CA ASP A 1042 7.01 -36.12 18.49
C ASP A 1042 7.65 -37.25 17.69
N GLY A 1043 8.21 -36.95 16.53
CA GLY A 1043 8.85 -37.96 15.72
C GLY A 1043 7.99 -38.54 14.63
N THR A 1044 6.73 -38.13 14.52
CA THR A 1044 5.87 -38.66 13.47
C THR A 1044 6.42 -38.30 12.10
N LEU A 1045 6.45 -39.29 11.21
CA LEU A 1045 6.95 -39.08 9.86
C LEU A 1045 5.88 -38.43 9.00
N VAL A 1046 6.31 -37.48 8.17
CA VAL A 1046 5.46 -36.92 7.13
C VAL A 1046 5.81 -37.50 5.76
N GLN A 1047 7.10 -37.69 5.51
CA GLN A 1047 7.56 -38.28 4.26
C GLN A 1047 8.96 -38.83 4.46
N PHE A 1048 9.23 -39.98 3.86
CA PHE A 1048 10.54 -40.61 4.01
C PHE A 1048 11.63 -39.81 3.33
N MET A 1049 11.32 -39.19 2.20
CA MET A 1049 12.28 -38.42 1.42
C MET A 1049 11.96 -36.94 1.53
N TYR A 1050 12.72 -36.13 0.81
CA TYR A 1050 12.42 -34.72 0.64
C TYR A 1050 12.06 -34.56 -0.84
N GLY A 1051 10.78 -34.76 -1.14
CA GLY A 1051 10.33 -34.70 -2.51
C GLY A 1051 10.78 -35.86 -3.36
N GLY A 1052 11.28 -36.93 -2.76
CA GLY A 1052 11.78 -38.06 -3.51
C GLY A 1052 13.19 -37.90 -4.02
N ASP A 1053 13.90 -36.84 -3.64
CA ASP A 1053 15.24 -36.60 -4.15
C ASP A 1053 16.22 -36.30 -3.03
N ALA A 1054 15.72 -35.78 -1.92
CA ALA A 1054 16.51 -35.39 -0.75
C ALA A 1054 17.53 -34.30 -1.05
N ILE A 1055 17.43 -33.65 -2.21
CA ILE A 1055 18.37 -32.60 -2.58
C ILE A 1055 17.92 -31.29 -1.97
N ASP A 1056 18.83 -30.59 -1.30
CA ASP A 1056 18.53 -29.26 -0.80
C ASP A 1056 18.15 -28.34 -1.95
N ILE A 1057 17.06 -27.60 -1.77
CA ILE A 1057 16.57 -26.74 -2.83
C ILE A 1057 17.50 -25.56 -3.08
N THR A 1058 18.36 -25.22 -2.13
CA THR A 1058 19.32 -24.15 -2.35
C THR A 1058 20.48 -24.63 -3.23
N LYS A 1059 21.20 -25.65 -2.79
CA LYS A 1059 22.38 -26.14 -3.49
C LYS A 1059 22.02 -27.10 -4.61
N GLU A 1060 21.10 -26.71 -5.50
CA GLU A 1060 20.68 -27.59 -6.57
C GLU A 1060 20.53 -26.88 -7.91
N SER A 1061 20.99 -25.64 -8.03
CA SER A 1061 20.77 -24.89 -9.27
C SER A 1061 21.47 -25.54 -10.45
N HIS A 1062 22.70 -26.02 -10.26
CA HIS A 1062 23.52 -26.53 -11.34
C HIS A 1062 23.70 -28.04 -11.29
N MET A 1063 22.75 -28.75 -10.66
CA MET A 1063 22.79 -30.20 -10.73
C MET A 1063 22.63 -30.69 -12.15
N THR A 1064 21.73 -30.05 -12.91
CA THR A 1064 21.52 -30.39 -14.30
C THR A 1064 22.32 -29.52 -15.26
N GLN A 1065 23.16 -28.62 -14.75
CA GLN A 1065 24.03 -27.80 -15.59
C GLN A 1065 25.32 -28.58 -15.88
N PHE A 1066 25.16 -29.61 -16.70
CA PHE A 1066 26.25 -30.55 -16.92
C PHE A 1066 27.40 -29.92 -17.68
N GLU A 1067 27.11 -29.07 -18.67
CA GLU A 1067 28.18 -28.43 -19.42
C GLU A 1067 29.03 -27.55 -18.52
N PHE A 1068 28.38 -26.73 -17.70
CA PHE A 1068 29.13 -25.87 -16.79
C PHE A 1068 29.88 -26.69 -15.76
N CYS A 1069 29.29 -27.80 -15.30
CA CYS A 1069 30.00 -28.66 -14.37
C CYS A 1069 31.24 -29.27 -15.02
N LEU A 1070 31.12 -29.70 -16.27
CA LEU A 1070 32.27 -30.25 -16.99
C LEU A 1070 33.37 -29.20 -17.11
N ASP A 1071 33.00 -27.99 -17.49
CA ASP A 1071 33.96 -26.90 -17.44
C ASP A 1071 34.31 -26.59 -16.00
N ASN A 1072 35.50 -26.02 -15.79
CA ASN A 1072 36.04 -25.82 -14.44
C ASN A 1072 36.05 -27.14 -13.67
N TYR A 1073 36.34 -28.22 -14.40
CA TYR A 1073 36.36 -29.53 -13.77
C TYR A 1073 37.39 -29.59 -12.66
N TYR A 1074 38.57 -29.02 -12.90
CA TYR A 1074 39.62 -29.07 -11.89
C TYR A 1074 39.25 -28.23 -10.67
N ALA A 1075 38.59 -27.09 -10.89
CA ALA A 1075 38.14 -26.28 -9.76
C ALA A 1075 37.10 -27.04 -8.94
N LEU A 1076 36.15 -27.69 -9.60
CA LEU A 1076 35.16 -28.47 -8.88
C LEU A 1076 35.82 -29.62 -8.15
N LEU A 1077 36.82 -30.24 -8.76
CA LEU A 1077 37.53 -31.35 -8.14
C LEU A 1077 38.30 -30.87 -6.91
N LYS A 1078 38.80 -29.63 -6.94
CA LYS A 1078 39.50 -29.10 -5.78
C LYS A 1078 38.53 -28.73 -4.67
N LYS A 1079 37.34 -28.23 -5.01
CA LYS A 1079 36.39 -27.85 -3.97
C LYS A 1079 35.75 -29.09 -3.33
N TYR A 1080 35.43 -30.09 -4.13
CA TYR A 1080 34.93 -31.36 -3.61
C TYR A 1080 36.10 -32.33 -3.47
N ASN A 1081 36.97 -32.04 -2.50
CA ASN A 1081 38.23 -32.74 -2.33
C ASN A 1081 38.02 -34.24 -2.25
N PRO A 1082 38.33 -34.99 -3.31
CA PRO A 1082 38.04 -36.43 -3.30
C PRO A 1082 39.06 -37.25 -2.55
N SER A 1083 40.25 -36.71 -2.29
CA SER A 1083 41.25 -37.45 -1.53
C SER A 1083 40.77 -37.74 -0.12
N ALA A 1084 40.18 -36.75 0.54
CA ALA A 1084 39.66 -36.95 1.88
C ALA A 1084 38.34 -37.70 1.89
N LEU A 1085 37.60 -37.69 0.79
CA LEU A 1085 36.30 -38.37 0.73
C LEU A 1085 36.42 -39.78 0.19
N ILE A 1086 37.31 -40.58 0.77
CA ILE A 1086 37.37 -42.01 0.48
C ILE A 1086 37.53 -42.87 1.72
N GLU A 1087 37.94 -42.31 2.86
CA GLU A 1087 38.18 -43.10 4.06
C GLU A 1087 36.96 -43.24 4.94
N HIS A 1088 35.84 -42.62 4.57
CA HIS A 1088 34.65 -42.63 5.41
C HIS A 1088 33.40 -43.01 4.63
N LEU A 1089 33.56 -43.67 3.49
CA LEU A 1089 32.41 -44.04 2.67
C LEU A 1089 32.82 -45.12 1.68
N ASP A 1090 31.83 -45.77 1.09
CA ASP A 1090 32.03 -46.74 0.04
C ASP A 1090 31.08 -46.45 -1.11
N VAL A 1091 31.45 -46.93 -2.30
CA VAL A 1091 30.72 -46.63 -3.52
C VAL A 1091 30.18 -47.88 -4.20
N GLU A 1092 30.97 -48.96 -4.22
CA GLU A 1092 30.71 -50.07 -5.14
C GLU A 1092 29.33 -50.67 -4.94
N SER A 1093 28.92 -50.85 -3.68
CA SER A 1093 27.63 -51.50 -3.42
C SER A 1093 26.48 -50.69 -3.98
N ALA A 1094 26.42 -49.41 -3.63
CA ALA A 1094 25.34 -48.56 -4.10
C ALA A 1094 25.38 -48.40 -5.62
N LEU A 1095 26.59 -48.29 -6.17
CA LEU A 1095 26.72 -48.16 -7.62
C LEU A 1095 26.20 -49.39 -8.33
N LYS A 1096 26.54 -50.57 -7.83
CA LYS A 1096 26.05 -51.80 -8.44
C LYS A 1096 24.53 -51.91 -8.33
N TYR A 1097 23.98 -51.56 -7.17
CA TYR A 1097 22.54 -51.60 -7.00
C TYR A 1097 21.87 -50.64 -7.99
N SER A 1098 22.45 -49.45 -8.15
CA SER A 1098 21.89 -48.47 -9.08
C SER A 1098 21.97 -48.98 -10.52
N LYS A 1099 23.08 -49.62 -10.88
CA LYS A 1099 23.21 -50.15 -12.23
C LYS A 1099 22.15 -51.21 -12.50
N LYS A 1100 21.96 -52.14 -11.56
CA LYS A 1100 20.94 -53.16 -11.75
C LYS A 1100 19.56 -52.54 -11.83
N THR A 1101 19.28 -51.54 -10.98
CA THR A 1101 17.98 -50.90 -10.97
C THR A 1101 17.71 -50.20 -12.30
N LEU A 1102 18.70 -49.48 -12.81
CA LEU A 1102 18.53 -48.80 -14.09
C LEU A 1102 18.35 -49.80 -15.21
N LYS A 1103 19.10 -50.90 -15.18
CA LYS A 1103 18.95 -51.92 -16.19
C LYS A 1103 17.54 -52.47 -16.22
N TYR A 1104 17.01 -52.82 -15.04
CA TYR A 1104 15.65 -53.35 -15.00
C TYR A 1104 14.63 -52.30 -15.41
N ARG A 1105 14.82 -51.05 -14.99
CA ARG A 1105 13.88 -49.99 -15.36
C ARG A 1105 13.85 -49.82 -16.87
N LYS A 1106 15.02 -49.76 -17.51
CA LYS A 1106 15.07 -49.66 -18.95
C LYS A 1106 14.46 -50.88 -19.62
N LYS A 1107 14.61 -52.05 -18.99
CA LYS A 1107 13.97 -53.25 -19.52
C LYS A 1107 12.45 -53.11 -19.51
N HIS A 1108 11.89 -52.55 -18.45
CA HIS A 1108 10.45 -52.49 -18.26
C HIS A 1108 9.98 -51.05 -18.03
N SER A 1109 10.43 -50.13 -18.88
CA SER A 1109 9.93 -48.77 -18.87
C SER A 1109 8.80 -48.55 -19.86
N LYS A 1110 8.36 -49.60 -20.56
CA LYS A 1110 7.34 -49.47 -21.58
C LYS A 1110 5.95 -49.85 -21.09
N GLU A 1111 5.83 -50.90 -20.29
CA GLU A 1111 4.53 -51.33 -19.80
C GLU A 1111 3.94 -50.28 -18.85
N PRO A 1112 2.61 -50.22 -18.73
CA PRO A 1112 1.97 -49.08 -18.04
C PRO A 1112 2.25 -49.00 -16.55
N HIS A 1113 1.68 -47.97 -15.92
CA HIS A 1113 1.93 -47.72 -14.51
C HIS A 1113 1.39 -48.83 -13.62
N TYR A 1114 0.22 -49.37 -13.95
CA TYR A 1114 -0.40 -50.36 -13.08
C TYR A 1114 0.09 -51.78 -13.34
N LYS A 1115 0.73 -52.03 -14.48
CA LYS A 1115 1.24 -53.36 -14.79
C LYS A 1115 2.68 -53.58 -14.36
N GLN A 1116 3.33 -52.56 -13.82
CA GLN A 1116 4.71 -52.69 -13.39
C GLN A 1116 4.78 -53.21 -11.97
N SER A 1117 5.83 -53.99 -11.70
CA SER A 1117 6.10 -54.51 -10.37
C SER A 1117 7.26 -53.73 -9.75
N VAL A 1118 7.66 -54.13 -8.56
CA VAL A 1118 8.82 -53.57 -7.89
C VAL A 1118 9.79 -54.72 -7.66
N LYS A 1119 10.67 -54.96 -8.63
CA LYS A 1119 11.73 -55.93 -8.42
C LYS A 1119 12.83 -55.36 -7.53
N TYR A 1120 13.13 -54.07 -7.69
CA TYR A 1120 14.14 -53.40 -6.91
C TYR A 1120 13.66 -52.00 -6.57
N ASP A 1121 13.86 -51.60 -5.33
CA ASP A 1121 13.49 -50.26 -4.90
C ASP A 1121 14.45 -49.23 -5.47
N PRO A 1122 14.03 -47.97 -5.56
CA PRO A 1122 14.98 -46.91 -5.90
C PRO A 1122 16.07 -46.81 -4.84
N VAL A 1123 17.25 -46.36 -5.29
CA VAL A 1123 18.47 -46.49 -4.49
C VAL A 1123 18.34 -45.74 -3.18
N LEU A 1124 17.66 -44.59 -3.19
CA LEU A 1124 17.58 -43.77 -1.98
C LEU A 1124 16.94 -44.55 -0.84
N ALA A 1125 15.90 -45.31 -1.13
CA ALA A 1125 15.27 -46.12 -0.10
C ALA A 1125 16.23 -47.20 0.40
N LYS A 1126 17.04 -47.76 -0.49
CA LYS A 1126 17.91 -48.87 -0.11
C LYS A 1126 19.07 -48.39 0.76
N TYR A 1127 19.70 -47.27 0.39
CA TYR A 1127 20.93 -46.84 1.03
C TYR A 1127 20.83 -45.39 1.46
N ASN A 1128 21.62 -45.03 2.47
CA ASN A 1128 21.77 -43.64 2.88
C ASN A 1128 22.32 -42.85 1.71
N PRO A 1129 21.53 -41.96 1.12
CA PRO A 1129 22.02 -41.19 -0.03
C PRO A 1129 23.22 -40.32 0.32
N ALA A 1130 23.33 -39.90 1.57
CA ALA A 1130 24.42 -39.01 1.96
C ALA A 1130 25.67 -39.76 2.44
N LYS A 1131 25.61 -41.08 2.56
CA LYS A 1131 26.78 -41.85 2.97
C LYS A 1131 27.32 -42.77 1.88
N TYR A 1132 26.49 -43.24 0.97
CA TYR A 1132 26.91 -44.16 -0.08
C TYR A 1132 26.86 -43.44 -1.41
N LEU A 1133 28.00 -43.38 -2.10
CA LEU A 1133 28.08 -42.70 -3.38
C LEU A 1133 27.24 -43.42 -4.43
N GLY A 1134 26.80 -42.66 -5.42
CA GLY A 1134 25.93 -43.19 -6.45
C GLY A 1134 24.48 -43.29 -6.06
N SER A 1135 24.15 -43.00 -4.81
CA SER A 1135 22.77 -43.05 -4.32
C SER A 1135 22.10 -41.75 -4.73
N VAL A 1136 21.44 -41.76 -5.89
CA VAL A 1136 20.85 -40.57 -6.47
C VAL A 1136 19.44 -40.91 -6.95
N SER A 1137 18.70 -39.87 -7.30
CA SER A 1137 17.33 -40.05 -7.75
C SER A 1137 17.29 -40.69 -9.13
N GLU A 1138 16.11 -41.18 -9.50
CA GLU A 1138 15.93 -41.83 -10.79
C GLU A 1138 16.11 -40.84 -11.94
N ASN A 1139 15.42 -39.70 -11.88
CA ASN A 1139 15.50 -38.73 -12.97
C ASN A 1139 16.92 -38.20 -13.13
N PHE A 1140 17.66 -38.10 -12.02
CA PHE A 1140 19.05 -37.67 -12.11
C PHE A 1140 19.86 -38.62 -12.97
N GLN A 1141 19.69 -39.93 -12.76
CA GLN A 1141 20.38 -40.91 -13.58
C GLN A 1141 20.00 -40.78 -15.04
N ASP A 1142 18.71 -40.63 -15.32
CA ASP A 1142 18.24 -40.56 -16.70
C ASP A 1142 18.84 -39.35 -17.41
N LYS A 1143 18.79 -38.18 -16.76
CA LYS A 1143 19.34 -36.98 -17.38
C LYS A 1143 20.84 -37.07 -17.54
N LEU A 1144 21.55 -37.62 -16.54
CA LEU A 1144 22.99 -37.75 -16.64
C LEU A 1144 23.37 -38.67 -17.79
N GLU A 1145 22.67 -39.79 -17.94
CA GLU A 1145 22.94 -40.69 -19.07
C GLU A 1145 22.63 -40.02 -20.40
N SER A 1146 21.51 -39.28 -20.46
CA SER A 1146 21.15 -38.62 -21.70
C SER A 1146 22.21 -37.60 -22.10
N PHE A 1147 22.74 -36.86 -21.13
CA PHE A 1147 23.81 -35.91 -21.43
C PHE A 1147 25.09 -36.62 -21.85
N LEU A 1148 25.50 -37.65 -21.10
CA LEU A 1148 26.73 -38.35 -21.43
C LEU A 1148 26.65 -39.09 -22.74
N ASP A 1149 25.45 -39.37 -23.24
CA ASP A 1149 25.30 -39.99 -24.54
C ASP A 1149 25.39 -38.95 -25.64
N LYS A 1150 26.45 -38.14 -25.63
CA LYS A 1150 26.63 -37.10 -26.63
C LYS A 1150 28.05 -37.01 -27.15
N ASN A 1151 28.92 -37.95 -26.80
CA ASN A 1151 30.31 -38.01 -27.27
C ASN A 1151 31.02 -36.72 -26.84
N SER A 1152 31.97 -36.25 -27.66
CA SER A 1152 32.72 -35.02 -27.40
C SER A 1152 33.42 -35.06 -26.05
N LYS A 1153 33.83 -36.25 -25.63
CA LYS A 1153 34.54 -36.44 -24.37
C LYS A 1153 33.77 -35.85 -23.19
N GLY A 1160 40.58 -36.03 -16.57
CA GLY A 1160 40.18 -34.81 -17.24
C GLY A 1160 38.79 -34.90 -17.85
N VAL A 1161 38.71 -35.36 -19.09
CA VAL A 1161 37.45 -35.53 -19.79
C VAL A 1161 36.93 -36.96 -19.67
N ASN A 1162 37.56 -37.79 -18.84
CA ASN A 1162 37.15 -39.18 -18.71
C ASN A 1162 35.76 -39.27 -18.08
N GLU A 1163 34.85 -39.94 -18.78
CA GLU A 1163 33.50 -40.10 -18.27
C GLU A 1163 33.48 -40.85 -16.95
N LYS A 1164 34.38 -41.83 -16.80
CA LYS A 1164 34.43 -42.61 -15.57
C LYS A 1164 34.71 -41.73 -14.35
N LYS A 1165 35.41 -40.62 -14.54
CA LYS A 1165 35.65 -39.67 -13.45
C LYS A 1165 34.65 -38.53 -13.43
N PHE A 1166 34.08 -38.18 -14.58
CA PHE A 1166 33.03 -37.18 -14.60
C PHE A 1166 31.80 -37.66 -13.83
N ARG A 1167 31.43 -38.92 -14.01
CA ARG A 1167 30.33 -39.49 -13.22
C ARG A 1167 30.67 -39.45 -11.74
N ALA A 1168 31.92 -39.77 -11.39
CA ALA A 1168 32.31 -39.76 -9.99
C ALA A 1168 32.16 -38.36 -9.40
N LEU A 1169 32.59 -37.34 -10.14
CA LEU A 1169 32.47 -35.97 -9.62
C LEU A 1169 31.00 -35.56 -9.52
N MET A 1170 30.18 -35.91 -10.50
CA MET A 1170 28.77 -35.56 -10.44
C MET A 1170 28.09 -36.21 -9.25
N GLN A 1171 28.38 -37.49 -9.00
CA GLN A 1171 27.80 -38.16 -7.86
C GLN A 1171 28.31 -37.61 -6.55
N LEU A 1172 29.58 -37.20 -6.50
CA LEU A 1172 30.09 -36.56 -5.30
C LEU A 1172 29.37 -35.24 -5.03
N LYS A 1173 29.11 -34.48 -6.08
CA LYS A 1173 28.35 -33.24 -5.90
C LYS A 1173 26.93 -33.54 -5.42
N TYR A 1174 26.30 -34.56 -5.99
CA TYR A 1174 24.96 -34.94 -5.58
C TYR A 1174 24.94 -35.33 -4.10
N MET A 1175 25.96 -36.07 -3.66
CA MET A 1175 26.06 -36.40 -2.25
C MET A 1175 26.25 -35.15 -1.41
N ARG A 1176 27.04 -34.20 -1.90
CA ARG A 1176 27.29 -32.98 -1.16
C ARG A 1176 26.10 -32.02 -1.17
N SER A 1177 25.11 -32.25 -2.02
CA SER A 1177 23.96 -31.37 -2.17
C SER A 1177 22.74 -31.86 -1.39
N LEU A 1178 22.94 -32.46 -0.23
CA LEU A 1178 21.85 -33.05 0.53
C LEU A 1178 21.54 -32.22 1.77
N ILE A 1179 20.27 -32.24 2.15
CA ILE A 1179 19.81 -31.45 3.30
C ILE A 1179 20.50 -31.94 4.56
N ASN A 1180 21.02 -31.01 5.34
CA ASN A 1180 21.62 -31.37 6.62
C ASN A 1180 20.53 -31.77 7.60
N PRO A 1181 20.82 -32.69 8.51
CA PRO A 1181 19.87 -33.02 9.58
C PRO A 1181 19.70 -31.85 10.53
N GLY A 1182 18.49 -31.32 10.62
CA GLY A 1182 18.23 -30.21 11.51
C GLY A 1182 17.72 -28.98 10.80
N GLU A 1183 17.39 -29.12 9.53
CA GLU A 1183 16.86 -27.98 8.78
C GLU A 1183 15.46 -27.64 9.26
N ALA A 1184 15.03 -26.41 8.93
CA ALA A 1184 13.70 -25.94 9.24
C ALA A 1184 12.77 -26.07 8.04
N VAL A 1185 12.91 -27.17 7.29
CA VAL A 1185 11.95 -27.45 6.24
C VAL A 1185 10.57 -27.52 6.88
N GLY A 1186 9.54 -27.23 6.09
CA GLY A 1186 8.24 -27.02 6.67
C GLY A 1186 8.06 -25.54 6.94
N ILE A 1187 8.87 -24.96 7.83
CA ILE A 1187 8.92 -23.50 7.95
C ILE A 1187 9.32 -22.90 6.63
N ILE A 1188 10.36 -23.46 6.02
CA ILE A 1188 10.82 -22.98 4.72
C ILE A 1188 9.74 -23.15 3.66
N ALA A 1189 9.06 -24.30 3.68
CA ALA A 1189 7.99 -24.52 2.71
C ALA A 1189 6.86 -23.54 2.91
N SER A 1190 6.47 -23.28 4.16
CA SER A 1190 5.41 -22.35 4.45
C SER A 1190 5.75 -20.95 3.95
N GLN A 1191 6.99 -20.51 4.21
CA GLN A 1191 7.39 -19.19 3.74
C GLN A 1191 7.42 -19.14 2.22
N SER A 1192 7.96 -20.18 1.57
CA SER A 1192 8.01 -20.21 0.11
C SER A 1192 6.63 -20.27 -0.51
N VAL A 1193 5.63 -20.71 0.23
CA VAL A 1193 4.26 -20.70 -0.29
C VAL A 1193 3.59 -19.35 -0.02
N GLY A 1194 3.82 -18.78 1.17
CA GLY A 1194 3.11 -17.58 1.58
C GLY A 1194 3.70 -16.28 1.07
N GLU A 1195 4.99 -16.06 1.29
CA GLU A 1195 5.62 -14.80 0.89
C GLU A 1195 5.45 -14.50 -0.60
N PRO A 1196 5.70 -15.44 -1.52
CA PRO A 1196 5.43 -15.13 -2.94
C PRO A 1196 3.96 -14.89 -3.23
N SER A 1197 3.06 -15.37 -2.39
CA SER A 1197 1.64 -15.18 -2.66
C SER A 1197 1.19 -13.74 -2.44
N THR A 1198 1.96 -12.94 -1.72
CA THR A 1198 1.57 -11.56 -1.46
C THR A 1198 1.43 -10.77 -2.77
N GLN A 1199 2.39 -10.92 -3.67
CA GLN A 1199 2.34 -10.29 -4.98
C GLN A 1199 1.86 -11.24 -6.06
N MET A 1200 1.21 -12.34 -5.67
CA MET A 1200 0.87 -13.38 -6.64
C MET A 1200 -0.13 -12.86 -7.67
N THR A 1201 -1.24 -12.28 -7.22
CA THR A 1201 -2.29 -11.91 -8.15
C THR A 1201 -3.06 -10.72 -7.58
N LEU A 1202 -3.48 -9.83 -8.47
CA LEU A 1202 -4.30 -8.67 -8.10
C LEU A 1202 -5.69 -8.72 -8.70
N ASN A 1203 -5.80 -8.92 -10.00
CA ASN A 1203 -7.09 -8.98 -10.69
C ASN A 1203 -6.91 -9.75 -11.99
N THR A 1204 -7.90 -9.67 -12.86
CA THR A 1204 -7.84 -10.32 -14.16
C THR A 1204 -6.91 -9.57 -15.11
N ASN A 1214 -12.91 -17.74 -14.55
CA ASN A 1214 -13.99 -18.55 -14.01
C ASN A 1214 -13.58 -19.23 -12.71
N VAL A 1215 -12.53 -20.04 -12.77
CA VAL A 1215 -12.04 -20.74 -11.60
C VAL A 1215 -11.43 -19.73 -10.63
N THR A 1216 -11.60 -19.99 -9.34
CA THR A 1216 -11.02 -19.12 -8.32
C THR A 1216 -9.50 -19.14 -8.41
N LEU A 1217 -8.89 -17.98 -8.21
CA LEU A 1217 -7.47 -17.80 -8.39
C LEU A 1217 -6.87 -17.06 -7.20
N GLY A 1218 -5.54 -17.00 -7.18
CA GLY A 1218 -4.81 -16.21 -6.22
C GLY A 1218 -5.02 -16.64 -4.79
N ILE A 1219 -4.87 -15.67 -3.88
CA ILE A 1219 -5.08 -15.95 -2.46
C ILE A 1219 -6.46 -16.50 -2.17
N PRO A 1220 -7.54 -16.05 -2.82
CA PRO A 1220 -8.85 -16.72 -2.61
C PRO A 1220 -8.78 -18.23 -2.78
N ARG A 1221 -8.32 -18.71 -3.94
CA ARG A 1221 -8.22 -20.14 -4.16
C ARG A 1221 -7.24 -20.79 -3.20
N LEU A 1222 -6.12 -20.12 -2.93
CA LEU A 1222 -5.12 -20.67 -2.02
C LEU A 1222 -5.72 -20.93 -0.63
N ARG A 1223 -6.40 -19.92 -0.09
CA ARG A 1223 -7.03 -20.08 1.22
C ARG A 1223 -8.13 -21.13 1.18
N GLU A 1224 -8.94 -21.13 0.13
CA GLU A 1224 -10.01 -22.11 0.02
C GLU A 1224 -9.48 -23.53 -0.11
N ILE A 1225 -8.23 -23.69 -0.57
CA ILE A 1225 -7.74 -25.02 -0.91
C ILE A 1225 -6.82 -25.57 0.18
N VAL A 1226 -6.18 -24.69 0.97
CA VAL A 1226 -5.32 -25.18 2.04
C VAL A 1226 -5.63 -24.59 3.41
N MET A 1227 -6.28 -23.44 3.52
CA MET A 1227 -6.53 -22.89 4.84
C MET A 1227 -7.68 -23.60 5.55
N THR A 1228 -8.67 -24.06 4.80
CA THR A 1228 -9.85 -24.68 5.39
C THR A 1228 -10.14 -26.09 4.88
N ALA A 1229 -9.44 -26.55 3.85
CA ALA A 1229 -9.74 -27.82 3.19
C ALA A 1229 -11.21 -27.86 2.78
N SER A 1230 -11.57 -26.91 1.93
CA SER A 1230 -12.97 -26.71 1.56
C SER A 1230 -13.43 -27.87 0.68
N ALA A 1231 -14.09 -28.85 1.30
CA ALA A 1231 -14.76 -29.88 0.52
C ALA A 1231 -15.97 -29.31 -0.22
N ALA A 1232 -16.45 -28.14 0.19
CA ALA A 1232 -17.54 -27.50 -0.53
C ALA A 1232 -17.11 -27.16 -1.95
N ILE A 1233 -17.99 -27.45 -2.90
CA ILE A 1233 -17.69 -27.21 -4.31
C ILE A 1233 -17.57 -25.71 -4.54
N LYS A 1234 -16.39 -25.26 -4.94
CA LYS A 1234 -16.23 -23.84 -5.24
C LYS A 1234 -16.45 -23.56 -6.72
N THR A 1235 -15.60 -24.12 -7.58
CA THR A 1235 -15.80 -24.09 -9.03
C THR A 1235 -14.94 -25.10 -9.77
N PRO A 1236 -15.09 -26.40 -9.53
CA PRO A 1236 -14.44 -27.37 -10.41
C PRO A 1236 -15.12 -27.43 -11.77
N GLN A 1237 -14.32 -27.52 -12.83
CA GLN A 1237 -14.80 -27.36 -14.19
C GLN A 1237 -14.34 -28.53 -15.05
N MET A 1238 -15.25 -29.03 -15.88
CA MET A 1238 -14.95 -30.15 -16.76
C MET A 1238 -13.97 -29.74 -17.85
N THR A 1239 -13.34 -30.75 -18.46
CA THR A 1239 -12.28 -30.50 -19.44
C THR A 1239 -12.09 -31.77 -20.28
N LEU A 1240 -11.93 -31.58 -21.60
CA LEU A 1240 -11.72 -32.72 -22.48
C LEU A 1240 -11.01 -32.35 -23.78
N PRO A 1241 -9.80 -32.87 -24.00
CA PRO A 1241 -9.18 -32.77 -25.33
C PRO A 1241 -9.76 -33.77 -26.31
N ILE A 1242 -9.18 -33.90 -27.49
CA ILE A 1242 -9.63 -34.87 -28.48
C ILE A 1242 -8.91 -36.20 -28.28
N TRP A 1243 -9.51 -37.27 -28.78
CA TRP A 1243 -9.01 -38.63 -28.56
C TRP A 1243 -8.05 -39.12 -29.64
N ASN A 1244 -7.90 -38.39 -30.74
CA ASN A 1244 -7.17 -38.77 -31.94
C ASN A 1244 -7.86 -39.91 -32.68
N ASP A 1245 -8.95 -40.46 -32.14
CA ASP A 1245 -9.71 -41.50 -32.81
C ASP A 1245 -11.08 -41.02 -33.28
N VAL A 1246 -11.55 -39.87 -32.79
CA VAL A 1246 -12.86 -39.35 -33.13
C VAL A 1246 -12.68 -37.92 -33.64
N SER A 1247 -13.31 -37.62 -34.76
CA SER A 1247 -13.16 -36.31 -35.38
C SER A 1247 -13.85 -35.23 -34.54
N ASP A 1248 -13.69 -33.99 -34.97
CA ASP A 1248 -14.28 -32.85 -34.30
C ASP A 1248 -15.77 -32.69 -34.58
N GLU A 1249 -16.30 -33.38 -35.59
CA GLU A 1249 -17.74 -33.34 -35.83
C GLU A 1249 -18.51 -33.93 -34.66
N GLN A 1250 -18.08 -35.09 -34.17
CA GLN A 1250 -18.68 -35.66 -32.97
C GLN A 1250 -18.20 -34.95 -31.71
N ALA A 1251 -17.18 -34.11 -31.81
CA ALA A 1251 -16.75 -33.34 -30.66
C ALA A 1251 -17.83 -32.35 -30.24
N ASP A 1252 -17.92 -32.12 -28.93
CA ASP A 1252 -18.86 -31.19 -28.32
C ASP A 1252 -20.28 -31.73 -28.36
N THR A 1253 -20.51 -32.79 -29.13
CA THR A 1253 -21.81 -33.46 -29.09
C THR A 1253 -22.00 -34.14 -27.75
N PHE A 1254 -20.98 -34.84 -27.27
CA PHE A 1254 -21.01 -35.40 -25.93
C PHE A 1254 -21.16 -34.31 -24.88
N CYS A 1255 -20.47 -33.17 -25.09
CA CYS A 1255 -20.54 -32.08 -24.13
C CYS A 1255 -21.96 -31.53 -24.02
N LYS A 1256 -22.61 -31.31 -25.16
CA LYS A 1256 -23.97 -30.78 -25.11
C LYS A 1256 -24.95 -31.82 -24.61
N SER A 1257 -24.71 -33.11 -24.90
CA SER A 1257 -25.58 -34.15 -24.36
C SER A 1257 -25.48 -34.22 -22.84
N ILE A 1258 -24.27 -34.08 -22.30
CA ILE A 1258 -24.08 -34.16 -20.85
C ILE A 1258 -24.34 -32.85 -20.13
N SER A 1259 -24.42 -31.74 -20.87
CA SER A 1259 -24.62 -30.45 -20.25
C SER A 1259 -26.01 -30.34 -19.65
N LYS A 1260 -26.13 -29.64 -18.52
CA LYS A 1260 -27.43 -29.41 -17.90
C LYS A 1260 -28.30 -28.59 -18.82
N VAL A 1261 -29.52 -29.06 -19.07
CA VAL A 1261 -30.47 -28.39 -19.95
C VAL A 1261 -31.75 -28.17 -19.16
N LEU A 1262 -32.18 -26.91 -19.08
CA LEU A 1262 -33.39 -26.53 -18.35
C LEU A 1262 -34.50 -26.21 -19.34
N LEU A 1263 -35.74 -26.41 -18.90
CA LEU A 1263 -36.88 -26.18 -19.77
C LEU A 1263 -36.97 -24.73 -20.19
N SER A 1264 -36.63 -23.81 -19.28
CA SER A 1264 -36.66 -22.39 -19.62
C SER A 1264 -35.78 -22.08 -20.81
N GLU A 1265 -34.73 -22.87 -21.02
CA GLU A 1265 -33.78 -22.61 -22.10
C GLU A 1265 -34.38 -22.86 -23.48
N VAL A 1266 -35.55 -23.48 -23.57
CA VAL A 1266 -36.22 -23.65 -24.85
C VAL A 1266 -37.57 -22.92 -24.87
N ILE A 1267 -37.76 -21.98 -23.96
CA ILE A 1267 -39.01 -21.22 -23.86
C ILE A 1267 -38.80 -19.89 -24.58
N ASP A 1268 -39.65 -19.63 -25.58
CA ASP A 1268 -39.61 -18.36 -26.29
C ASP A 1268 -40.46 -17.31 -25.58
N LYS A 1269 -41.76 -17.59 -25.42
CA LYS A 1269 -42.65 -16.70 -24.71
C LYS A 1269 -43.73 -17.54 -24.04
N VAL A 1270 -44.32 -16.98 -22.99
CA VAL A 1270 -45.41 -17.63 -22.26
C VAL A 1270 -46.63 -16.71 -22.30
N ILE A 1271 -47.76 -17.25 -22.74
CA ILE A 1271 -48.99 -16.49 -22.88
C ILE A 1271 -49.99 -17.03 -21.86
N VAL A 1272 -50.52 -16.15 -21.02
CA VAL A 1272 -51.49 -16.51 -19.99
C VAL A 1272 -52.78 -15.73 -20.23
N THR A 1273 -53.90 -16.44 -20.27
CA THR A 1273 -55.21 -15.85 -20.56
C THR A 1273 -56.16 -16.19 -19.42
N GLU A 1274 -56.20 -15.32 -18.41
CA GLU A 1274 -57.03 -15.55 -17.22
C GLU A 1274 -58.45 -15.10 -17.51
N THR A 1275 -59.30 -16.04 -17.93
CA THR A 1275 -60.69 -15.76 -18.24
C THR A 1275 -61.55 -16.06 -17.02
N THR A 1276 -62.30 -15.06 -16.56
CA THR A 1276 -63.18 -15.24 -15.41
C THR A 1276 -64.44 -16.02 -15.75
N GLY A 1277 -64.80 -16.11 -17.02
CA GLY A 1277 -65.98 -16.83 -17.43
C GLY A 1277 -67.28 -16.17 -17.00
N ALA A 1287 -65.70 -21.69 -11.73
CA ALA A 1287 -65.67 -21.08 -13.05
C ALA A 1287 -64.47 -20.15 -13.19
N ARG A 1288 -63.51 -20.55 -14.02
CA ARG A 1288 -62.31 -19.77 -14.29
C ARG A 1288 -61.61 -20.39 -15.49
N SER A 1289 -60.46 -19.82 -15.85
CA SER A 1289 -59.65 -20.35 -16.94
C SER A 1289 -58.23 -19.84 -16.80
N TYR A 1290 -57.29 -20.64 -17.31
CA TYR A 1290 -55.89 -20.26 -17.41
C TYR A 1290 -55.31 -21.00 -18.62
N VAL A 1291 -55.34 -20.34 -19.78
CA VAL A 1291 -54.92 -20.95 -21.03
C VAL A 1291 -53.47 -20.56 -21.24
N ILE A 1292 -52.55 -21.39 -20.72
CA ILE A 1292 -51.12 -21.12 -20.80
C ILE A 1292 -50.65 -21.64 -22.15
N HIS A 1293 -50.69 -20.78 -23.16
CA HIS A 1293 -50.26 -21.13 -24.51
C HIS A 1293 -48.80 -20.73 -24.68
N MET A 1294 -47.91 -21.55 -24.10
CA MET A 1294 -46.49 -21.28 -24.16
C MET A 1294 -45.95 -21.54 -25.56
N ARG A 1295 -44.84 -20.89 -25.87
CA ARG A 1295 -44.20 -20.98 -27.19
C ARG A 1295 -42.73 -21.30 -27.02
N PHE A 1296 -42.24 -22.22 -27.85
CA PHE A 1296 -40.84 -22.62 -27.86
C PHE A 1296 -40.13 -22.00 -29.06
N PHE A 1297 -38.86 -22.32 -29.24
CA PHE A 1297 -38.12 -21.89 -30.41
C PHE A 1297 -38.53 -22.74 -31.60
N ASP A 1298 -37.82 -22.61 -32.72
CA ASP A 1298 -38.06 -23.48 -33.86
C ASP A 1298 -37.61 -24.91 -33.53
N ASN A 1299 -38.38 -25.88 -34.02
CA ASN A 1299 -38.16 -27.27 -33.66
C ASN A 1299 -36.75 -27.73 -34.03
N ASN A 1300 -36.42 -27.69 -35.32
CA ASN A 1300 -35.12 -28.16 -35.76
C ASN A 1300 -34.00 -27.31 -35.16
N GLU A 1301 -34.23 -26.00 -35.04
CA GLU A 1301 -33.20 -25.11 -34.50
C GLU A 1301 -32.82 -25.50 -33.09
N TYR A 1302 -33.81 -25.63 -32.20
CA TYR A 1302 -33.48 -25.95 -30.81
C TYR A 1302 -33.06 -27.41 -30.67
N SER A 1303 -33.53 -28.28 -31.57
CA SER A 1303 -33.05 -29.67 -31.55
C SER A 1303 -31.57 -29.74 -31.89
N GLU A 1304 -31.12 -28.92 -32.85
CA GLU A 1304 -29.70 -28.92 -33.20
C GLU A 1304 -28.87 -28.23 -32.13
N GLU A 1305 -29.36 -27.10 -31.60
CA GLU A 1305 -28.60 -26.39 -30.57
C GLU A 1305 -28.47 -27.25 -29.31
N TYR A 1306 -29.58 -27.76 -28.82
CA TYR A 1306 -29.60 -28.67 -27.68
C TYR A 1306 -30.15 -30.01 -28.14
N ASP A 1307 -29.38 -31.07 -27.93
CA ASP A 1307 -29.85 -32.39 -28.34
C ASP A 1307 -30.93 -32.87 -27.39
N VAL A 1308 -32.08 -32.19 -27.42
CA VAL A 1308 -33.26 -32.57 -26.65
C VAL A 1308 -34.35 -32.91 -27.63
N SER A 1309 -34.88 -34.13 -27.54
CA SER A 1309 -35.90 -34.57 -28.47
C SER A 1309 -37.24 -33.92 -28.15
N LYS A 1310 -38.06 -33.77 -29.20
CA LYS A 1310 -39.43 -33.30 -29.00
C LYS A 1310 -40.18 -34.22 -28.07
N GLU A 1311 -40.04 -35.53 -28.27
CA GLU A 1311 -40.72 -36.49 -27.40
C GLU A 1311 -40.21 -36.40 -25.97
N GLU A 1312 -38.90 -36.20 -25.80
CA GLU A 1312 -38.36 -36.07 -24.45
C GLU A 1312 -38.90 -34.81 -23.77
N LEU A 1313 -39.01 -33.71 -24.51
CA LEU A 1313 -39.57 -32.49 -23.95
C LEU A 1313 -41.02 -32.68 -23.56
N GLN A 1314 -41.80 -33.34 -24.42
CA GLN A 1314 -43.18 -33.65 -24.07
C GLN A 1314 -43.25 -34.49 -22.81
N ASN A 1315 -42.37 -35.48 -22.70
CA ASN A 1315 -42.39 -36.36 -21.54
C ASN A 1315 -42.08 -35.60 -20.26
N VAL A 1316 -41.04 -34.76 -20.28
CA VAL A 1316 -40.68 -34.04 -19.06
C VAL A 1316 -41.77 -33.05 -18.69
N ILE A 1317 -42.35 -32.36 -19.67
CA ILE A 1317 -43.45 -31.43 -19.39
C ILE A 1317 -44.62 -32.15 -18.77
N SER A 1318 -44.99 -33.31 -19.33
CA SER A 1318 -46.14 -34.04 -18.83
C SER A 1318 -45.88 -34.63 -17.44
N ASN A 1319 -44.63 -34.97 -17.14
CA ASN A 1319 -44.36 -35.69 -15.89
C ASN A 1319 -44.01 -34.76 -14.74
N GLN A 1320 -42.93 -33.99 -14.88
CA GLN A 1320 -42.39 -33.26 -13.74
C GLN A 1320 -42.87 -31.82 -13.67
N PHE A 1321 -42.79 -31.11 -14.79
CA PHE A 1321 -43.08 -29.68 -14.84
C PHE A 1321 -44.48 -29.40 -14.28
N ILE A 1322 -45.51 -29.90 -14.95
CA ILE A 1322 -46.87 -29.58 -14.56
C ILE A 1322 -47.12 -30.02 -13.13
N HIS A 1323 -46.79 -31.27 -12.80
CA HIS A 1323 -47.12 -31.79 -11.48
C HIS A 1323 -46.49 -30.95 -10.37
N LEU A 1324 -45.16 -30.89 -10.35
CA LEU A 1324 -44.47 -30.20 -9.26
C LEU A 1324 -44.88 -28.73 -9.20
N LEU A 1325 -44.97 -28.07 -10.34
CA LEU A 1325 -45.08 -26.62 -10.29
C LEU A 1325 -46.53 -26.17 -10.13
N GLU A 1326 -47.51 -26.95 -10.57
CA GLU A 1326 -48.88 -26.67 -10.17
C GLU A 1326 -49.12 -27.03 -8.72
N ALA A 1327 -48.35 -27.98 -8.17
CA ALA A 1327 -48.39 -28.17 -6.73
C ALA A 1327 -47.88 -26.93 -6.01
N ALA A 1328 -46.81 -26.32 -6.53
CA ALA A 1328 -46.35 -25.05 -5.98
C ALA A 1328 -47.41 -23.96 -6.11
N ILE A 1329 -48.15 -23.95 -7.22
CA ILE A 1329 -49.23 -23.00 -7.40
C ILE A 1329 -50.32 -23.21 -6.37
N VAL A 1330 -50.66 -24.47 -6.09
CA VAL A 1330 -51.66 -24.74 -5.06
C VAL A 1330 -51.14 -24.30 -3.69
N LYS A 1331 -49.83 -24.43 -3.45
CA LYS A 1331 -49.27 -23.94 -2.21
C LYS A 1331 -49.43 -22.44 -2.07
N GLU A 1332 -49.14 -21.70 -3.13
CA GLU A 1332 -49.29 -20.25 -3.06
C GLU A 1332 -50.75 -19.85 -2.99
N ILE A 1333 -51.65 -20.63 -3.60
CA ILE A 1333 -53.08 -20.36 -3.47
C ILE A 1333 -53.52 -20.50 -2.02
N LYS A 1334 -53.09 -21.58 -1.37
CA LYS A 1334 -53.42 -21.78 0.03
C LYS A 1334 -52.84 -20.68 0.91
N LYS A 1335 -51.60 -20.27 0.62
CA LYS A 1335 -51.00 -19.16 1.36
C LYS A 1335 -51.75 -17.86 1.14
N GLN A 1336 -52.32 -17.67 -0.05
CA GLN A 1336 -53.06 -16.44 -0.33
C GLN A 1336 -54.31 -16.34 0.53
N LYS A 1337 -54.95 -17.47 0.81
CA LYS A 1337 -56.17 -17.46 1.63
C LYS A 1337 -55.89 -17.01 3.05
N ARG A 1338 -54.63 -16.98 3.47
CA ARG A 1338 -54.27 -16.53 4.81
C ARG A 1338 -54.56 -15.03 4.97
N ASN A 1437 -57.77 -26.67 -33.34
CA ASN A 1437 -57.08 -27.94 -33.57
C ASN A 1437 -58.06 -29.11 -33.55
N ASN A 1438 -57.57 -30.29 -33.92
CA ASN A 1438 -58.38 -31.50 -33.95
C ASN A 1438 -57.59 -32.63 -33.33
N MET A 1439 -58.32 -33.63 -32.84
CA MET A 1439 -57.73 -34.76 -32.12
C MET A 1439 -58.23 -36.07 -32.71
N ASN A 1440 -57.43 -37.12 -32.52
CA ASN A 1440 -57.75 -38.46 -32.99
C ASN A 1440 -57.72 -39.47 -31.85
N LYS A 1441 -58.12 -39.02 -30.66
CA LYS A 1441 -58.27 -39.81 -29.44
C LYS A 1441 -56.91 -40.21 -28.86
N VAL A 1442 -55.85 -40.04 -29.63
CA VAL A 1442 -54.52 -40.18 -29.06
C VAL A 1442 -54.23 -39.02 -28.12
N GLN A 1443 -54.66 -37.83 -28.51
CA GLN A 1443 -54.55 -36.67 -27.64
C GLN A 1443 -55.37 -36.88 -26.38
N ARG A 1444 -56.54 -37.49 -26.50
CA ARG A 1444 -57.36 -37.77 -25.32
C ARG A 1444 -56.67 -38.77 -24.39
N ASP A 1445 -56.07 -39.81 -24.97
CA ASP A 1445 -55.31 -40.75 -24.16
C ASP A 1445 -54.17 -40.05 -23.44
N ARG A 1446 -53.51 -39.11 -24.13
CA ARG A 1446 -52.53 -38.26 -23.46
C ARG A 1446 -53.17 -37.51 -22.30
N GLN A 1447 -54.32 -36.90 -22.55
CA GLN A 1447 -54.98 -36.07 -21.55
C GLN A 1447 -55.43 -36.85 -20.34
N SER A 1448 -55.56 -38.18 -20.46
CA SER A 1448 -56.06 -38.98 -19.36
C SER A 1448 -55.32 -38.69 -18.04
N ALA A 1449 -54.02 -38.99 -18.01
CA ALA A 1449 -53.26 -38.80 -16.78
C ALA A 1449 -53.09 -37.32 -16.43
N ILE A 1450 -52.98 -36.47 -17.44
CA ILE A 1450 -52.80 -35.05 -17.17
C ILE A 1450 -54.04 -34.47 -16.50
N ILE A 1451 -55.23 -34.96 -16.88
CA ILE A 1451 -56.43 -34.59 -16.16
C ILE A 1451 -56.45 -35.23 -14.78
N SER A 1452 -55.96 -36.47 -14.68
CA SER A 1452 -55.83 -37.10 -13.37
C SER A 1452 -54.95 -36.30 -12.43
N HIS A 1453 -54.10 -35.44 -12.97
CA HIS A 1453 -53.31 -34.51 -12.15
C HIS A 1453 -54.20 -33.68 -11.25
N HIS A 1454 -53.61 -33.05 -10.23
CA HIS A 1454 -54.37 -32.45 -9.15
C HIS A 1454 -55.31 -31.35 -9.64
N ARG A 1455 -54.79 -30.40 -10.40
CA ARG A 1455 -55.56 -29.21 -10.76
C ARG A 1455 -56.59 -29.45 -11.85
N PHE A 1456 -56.76 -30.71 -12.29
CA PHE A 1456 -57.80 -31.06 -13.26
C PHE A 1456 -57.71 -30.19 -14.52
N ILE A 1457 -56.48 -29.96 -14.98
CA ILE A 1457 -56.23 -29.12 -16.13
C ILE A 1457 -56.71 -29.83 -17.39
N THR A 1458 -56.77 -29.09 -18.50
CA THR A 1458 -57.17 -29.63 -19.80
C THR A 1458 -56.03 -29.37 -20.77
N LYS A 1459 -55.10 -30.32 -20.88
CA LYS A 1459 -53.89 -30.14 -21.65
C LYS A 1459 -54.06 -30.63 -23.09
N TYR A 1460 -53.28 -30.03 -23.98
CA TYR A 1460 -53.14 -30.47 -25.36
C TYR A 1460 -51.73 -30.11 -25.80
N ASN A 1461 -51.23 -30.81 -26.81
CA ASN A 1461 -49.83 -30.68 -27.17
C ASN A 1461 -49.68 -30.68 -28.68
N PHE A 1462 -48.43 -30.78 -29.11
CA PHE A 1462 -48.00 -30.64 -30.49
C PHE A 1462 -48.27 -31.90 -31.30
N ASP A 1463 -48.34 -31.74 -32.61
CA ASP A 1463 -48.56 -32.85 -33.53
C ASP A 1463 -47.55 -32.90 -34.67
N ASP A 1464 -47.15 -31.75 -35.20
CA ASP A 1464 -46.23 -31.68 -36.32
C ASP A 1464 -44.77 -31.57 -35.89
N GLU A 1465 -44.42 -32.15 -34.75
CA GLU A 1465 -43.07 -32.22 -34.21
C GLU A 1465 -42.51 -30.86 -33.83
N SER A 1466 -43.24 -29.78 -34.03
CA SER A 1466 -42.79 -28.45 -33.70
C SER A 1466 -43.44 -27.98 -32.41
N GLY A 1467 -42.70 -27.20 -31.63
CA GLY A 1467 -43.23 -26.68 -30.39
C GLY A 1467 -44.02 -25.42 -30.62
N LYS A 1468 -45.33 -25.56 -30.78
CA LYS A 1468 -46.21 -24.45 -31.10
C LYS A 1468 -47.40 -24.45 -30.16
N TRP A 1469 -47.74 -25.62 -29.62
CA TRP A 1469 -48.91 -25.79 -28.77
C TRP A 1469 -48.53 -26.67 -27.60
N CYS A 1470 -48.45 -26.06 -26.41
CA CYS A 1470 -48.29 -26.79 -25.16
C CYS A 1470 -49.25 -26.22 -24.12
N GLU A 1471 -50.50 -26.02 -24.54
CA GLU A 1471 -51.49 -25.36 -23.71
C GLU A 1471 -52.13 -26.35 -22.75
N PHE A 1472 -52.12 -26.03 -21.47
CA PHE A 1472 -52.78 -26.83 -20.44
C PHE A 1472 -53.69 -25.90 -19.64
N LYS A 1473 -54.98 -25.92 -19.97
CA LYS A 1473 -55.94 -24.99 -19.40
C LYS A 1473 -56.23 -25.37 -17.96
N LEU A 1474 -55.68 -24.61 -17.02
CA LEU A 1474 -56.07 -24.75 -15.63
C LEU A 1474 -57.49 -24.23 -15.43
N GLU A 1475 -58.10 -24.64 -14.31
CA GLU A 1475 -59.42 -24.14 -13.93
C GLU A 1475 -59.56 -24.37 -12.43
N LEU A 1476 -59.31 -23.34 -11.63
CA LEU A 1476 -59.24 -23.52 -10.19
C LEU A 1476 -60.63 -23.57 -9.56
N ALA A 1477 -61.39 -22.48 -9.66
CA ALA A 1477 -62.71 -22.38 -9.06
C ALA A 1477 -63.36 -21.10 -9.58
N ALA A 1478 -64.55 -20.80 -9.06
CA ALA A 1478 -65.20 -19.52 -9.34
C ALA A 1478 -64.66 -18.40 -8.45
N ASP A 1479 -63.68 -18.69 -7.60
CA ASP A 1479 -63.10 -17.66 -6.74
C ASP A 1479 -62.38 -16.59 -7.56
N THR A 1480 -61.93 -16.94 -8.77
CA THR A 1480 -61.21 -16.05 -9.69
C THR A 1480 -60.25 -15.10 -8.97
N GLU A 1481 -59.47 -15.67 -8.06
CA GLU A 1481 -58.48 -14.88 -7.34
C GLU A 1481 -57.46 -14.31 -8.31
N LYS A 1482 -57.00 -13.09 -8.02
CA LYS A 1482 -56.03 -12.41 -8.86
C LYS A 1482 -54.63 -12.91 -8.51
N LEU A 1483 -54.02 -13.64 -9.43
CA LEU A 1483 -52.67 -14.15 -9.26
C LEU A 1483 -51.78 -13.64 -10.38
N LEU A 1484 -50.48 -13.55 -10.08
CA LEU A 1484 -49.52 -13.09 -11.07
C LEU A 1484 -49.52 -14.01 -12.28
N MET A 1485 -49.35 -15.31 -12.05
CA MET A 1485 -49.47 -16.39 -13.02
C MET A 1485 -48.40 -16.35 -14.09
N VAL A 1486 -47.53 -15.33 -14.12
CA VAL A 1486 -46.40 -15.33 -15.04
C VAL A 1486 -45.14 -15.19 -14.20
N ASN A 1487 -45.25 -14.48 -13.08
CA ASN A 1487 -44.11 -14.34 -12.18
C ASN A 1487 -43.77 -15.69 -11.54
N ILE A 1488 -44.79 -16.47 -11.20
CA ILE A 1488 -44.56 -17.82 -10.72
C ILE A 1488 -44.06 -18.72 -11.83
N VAL A 1489 -44.58 -18.55 -13.05
CA VAL A 1489 -44.22 -19.43 -14.15
C VAL A 1489 -42.75 -19.24 -14.55
N GLU A 1490 -42.22 -18.02 -14.44
CA GLU A 1490 -40.81 -17.82 -14.74
C GLU A 1490 -39.94 -18.62 -13.79
N GLU A 1491 -40.19 -18.51 -12.48
CA GLU A 1491 -39.46 -19.32 -11.51
C GLU A 1491 -39.71 -20.80 -11.73
N ILE A 1492 -40.89 -21.15 -12.21
CA ILE A 1492 -41.23 -22.54 -12.50
C ILE A 1492 -40.31 -23.10 -13.58
N CYS A 1493 -40.17 -22.36 -14.68
CA CYS A 1493 -39.31 -22.80 -15.77
C CYS A 1493 -37.84 -22.77 -15.37
N ARG A 1494 -37.46 -21.85 -14.48
CA ARG A 1494 -36.10 -21.88 -13.95
C ARG A 1494 -35.87 -23.14 -13.10
N LYS A 1495 -36.89 -23.56 -12.35
CA LYS A 1495 -36.76 -24.78 -11.56
C LYS A 1495 -36.73 -26.03 -12.43
N SER A 1496 -37.46 -26.02 -13.54
CA SER A 1496 -37.56 -27.22 -14.37
C SER A 1496 -36.22 -27.59 -14.98
N ILE A 1497 -35.94 -28.89 -15.03
CA ILE A 1497 -34.74 -29.42 -15.68
C ILE A 1497 -35.18 -30.48 -16.67
N ILE A 1498 -34.58 -30.44 -17.87
CA ILE A 1498 -34.98 -31.37 -18.92
C ILE A 1498 -34.26 -32.71 -18.75
N ARG A 1499 -32.94 -32.70 -18.85
CA ARG A 1499 -32.15 -33.92 -18.68
C ARG A 1499 -30.77 -33.52 -18.16
N GLN A 1500 -30.61 -33.59 -16.84
CA GLN A 1500 -29.37 -33.20 -16.18
C GLN A 1500 -28.95 -34.30 -15.23
N ILE A 1501 -27.75 -34.83 -15.41
CA ILE A 1501 -27.20 -35.79 -14.46
C ILE A 1501 -26.73 -35.00 -13.25
N PRO A 1502 -26.72 -35.59 -12.06
CA PRO A 1502 -26.43 -34.79 -10.85
C PRO A 1502 -25.04 -34.16 -10.89
N HIS A 1503 -24.97 -32.94 -10.37
CA HIS A 1503 -23.71 -32.23 -10.15
C HIS A 1503 -22.96 -31.96 -11.44
N ILE A 1504 -23.68 -31.84 -12.56
CA ILE A 1504 -23.08 -31.51 -13.85
C ILE A 1504 -23.89 -30.37 -14.45
N ASP A 1505 -23.23 -29.24 -14.68
CA ASP A 1505 -23.88 -28.07 -15.24
C ASP A 1505 -23.86 -28.12 -16.76
N VAL A 1518 -11.46 -25.85 -26.22
CA VAL A 1518 -11.30 -26.88 -25.22
C VAL A 1518 -12.56 -27.73 -25.12
N LEU A 1519 -13.65 -27.25 -25.73
CA LEU A 1519 -14.93 -27.94 -25.70
C LEU A 1519 -15.34 -28.26 -24.26
N VAL A 1520 -15.13 -27.31 -23.38
CA VAL A 1520 -15.27 -27.52 -21.94
C VAL A 1520 -16.72 -27.32 -21.51
N THR A 1521 -17.21 -28.24 -20.69
CA THR A 1521 -18.48 -28.10 -19.99
C THR A 1521 -18.21 -27.85 -18.51
N GLU A 1522 -19.28 -27.65 -17.74
CA GLU A 1522 -19.17 -27.37 -16.32
C GLU A 1522 -19.89 -28.43 -15.51
N GLY A 1523 -19.33 -28.74 -14.36
CA GLY A 1523 -19.90 -29.74 -13.46
C GLY A 1523 -18.83 -30.33 -12.58
N VAL A 1524 -19.26 -30.89 -11.45
CA VAL A 1524 -18.37 -31.45 -10.43
C VAL A 1524 -18.93 -32.81 -10.03
N ASN A 1525 -18.44 -33.87 -10.65
CA ASN A 1525 -18.92 -35.21 -10.34
C ASN A 1525 -17.91 -36.24 -10.78
N PHE A 1526 -17.79 -37.33 -10.02
CA PHE A 1526 -16.94 -38.45 -10.40
C PHE A 1526 -17.71 -39.75 -10.56
N GLN A 1527 -18.49 -40.14 -9.55
CA GLN A 1527 -19.34 -41.32 -9.69
C GLN A 1527 -20.35 -41.08 -10.81
N ALA A 1528 -20.56 -42.12 -11.62
CA ALA A 1528 -21.41 -42.11 -12.81
C ALA A 1528 -20.87 -41.21 -13.91
N MET A 1529 -19.78 -40.49 -13.67
CA MET A 1529 -19.08 -39.84 -14.77
C MET A 1529 -18.29 -40.84 -15.60
N TRP A 1530 -18.10 -42.04 -15.09
CA TRP A 1530 -17.40 -43.09 -15.81
C TRP A 1530 -18.27 -43.63 -16.94
N ASP A 1531 -18.57 -42.79 -17.92
CA ASP A 1531 -19.30 -43.22 -19.08
C ASP A 1531 -18.41 -44.11 -19.95
N GLN A 1532 -19.04 -44.80 -20.90
CA GLN A 1532 -18.29 -45.63 -21.83
C GLN A 1532 -17.34 -44.75 -22.64
N GLU A 1533 -16.04 -44.89 -22.39
CA GLU A 1533 -15.07 -43.95 -22.92
C GLU A 1533 -14.87 -44.13 -24.41
N ALA A 1534 -15.85 -43.71 -25.21
CA ALA A 1534 -15.78 -43.93 -26.65
C ALA A 1534 -16.27 -42.75 -27.49
N PHE A 1535 -16.63 -41.61 -26.88
CA PHE A 1535 -17.22 -40.53 -27.68
C PHE A 1535 -16.16 -39.52 -28.14
N ILE A 1536 -15.58 -38.77 -27.20
CA ILE A 1536 -14.45 -37.88 -27.49
C ILE A 1536 -13.50 -37.84 -26.31
N ASP A 1537 -12.41 -38.62 -26.37
CA ASP A 1537 -11.40 -38.64 -25.32
C ASP A 1537 -12.04 -38.80 -23.94
N VAL A 1538 -13.11 -39.60 -23.88
CA VAL A 1538 -13.80 -39.80 -22.62
C VAL A 1538 -12.93 -40.54 -21.63
N ASP A 1539 -11.90 -41.25 -22.10
CA ASP A 1539 -10.89 -41.79 -21.21
C ASP A 1539 -10.15 -40.67 -20.49
N GLY A 1540 -9.63 -39.70 -21.25
CA GLY A 1540 -8.96 -38.56 -20.65
C GLY A 1540 -9.85 -37.36 -20.47
N ILE A 1541 -10.44 -37.23 -19.29
CA ILE A 1541 -11.32 -36.13 -18.92
C ILE A 1541 -11.16 -35.95 -17.42
N THR A 1542 -10.91 -34.72 -16.96
CA THR A 1542 -10.77 -34.52 -15.52
C THR A 1542 -11.15 -33.09 -15.15
N SER A 1543 -12.13 -32.98 -14.26
CA SER A 1543 -12.36 -31.74 -13.52
C SER A 1543 -11.61 -31.80 -12.19
N ASN A 1544 -10.30 -32.03 -12.31
CA ASN A 1544 -9.47 -32.39 -11.17
C ASN A 1544 -9.54 -31.34 -10.08
N ASP A 1545 -10.18 -31.69 -8.97
CA ASP A 1545 -10.33 -30.83 -7.81
C ASP A 1545 -10.74 -31.71 -6.64
N VAL A 1546 -10.26 -31.35 -5.45
CA VAL A 1546 -10.41 -32.19 -4.27
C VAL A 1546 -11.88 -32.36 -3.90
N ALA A 1547 -12.77 -31.70 -4.65
CA ALA A 1547 -14.19 -31.75 -4.36
C ALA A 1547 -14.73 -33.17 -4.46
N ALA A 1548 -14.26 -33.94 -5.43
CA ALA A 1548 -14.75 -35.30 -5.65
C ALA A 1548 -13.67 -36.35 -5.82
N VAL A 1549 -12.44 -35.97 -6.13
CA VAL A 1549 -11.40 -36.96 -6.40
C VAL A 1549 -11.11 -37.79 -5.17
N LEU A 1550 -10.85 -37.14 -4.04
CA LEU A 1550 -10.38 -37.84 -2.85
C LEU A 1550 -11.45 -38.73 -2.25
N LYS A 1551 -12.72 -38.50 -2.58
CA LYS A 1551 -13.79 -39.27 -1.95
C LYS A 1551 -13.71 -40.73 -2.36
N THR A 1552 -13.62 -40.99 -3.66
CA THR A 1552 -13.59 -42.36 -4.17
C THR A 1552 -12.43 -42.62 -5.12
N TYR A 1553 -12.08 -41.66 -5.96
CA TYR A 1553 -11.12 -41.89 -7.04
C TYR A 1553 -9.69 -41.83 -6.53
N GLY A 1554 -9.41 -42.57 -5.48
CA GLY A 1554 -8.10 -42.58 -4.87
C GLY A 1554 -8.11 -41.91 -3.49
N VAL A 1555 -7.05 -42.19 -2.74
CA VAL A 1555 -6.86 -41.63 -1.41
C VAL A 1555 -5.50 -40.97 -1.27
N GLU A 1556 -4.43 -41.70 -1.60
CA GLU A 1556 -3.12 -41.09 -1.71
C GLU A 1556 -3.01 -40.21 -2.94
N ALA A 1557 -4.03 -40.20 -3.81
CA ALA A 1557 -4.11 -39.25 -4.90
C ALA A 1557 -4.18 -37.81 -4.40
N ALA A 1558 -4.28 -37.58 -3.10
CA ALA A 1558 -4.14 -36.23 -2.58
C ALA A 1558 -2.75 -35.67 -2.88
N ARG A 1559 -1.71 -36.48 -2.66
CA ARG A 1559 -0.35 -36.05 -2.95
C ARG A 1559 -0.10 -35.84 -4.44
N ASN A 1560 -1.12 -35.98 -5.28
CA ASN A 1560 -1.02 -35.62 -6.69
C ASN A 1560 -2.08 -34.65 -7.14
N THR A 1561 -3.15 -34.46 -6.39
CA THR A 1561 -4.17 -33.46 -6.71
C THR A 1561 -3.91 -32.14 -6.01
N ILE A 1562 -3.58 -32.19 -4.71
CA ILE A 1562 -3.27 -30.97 -3.98
C ILE A 1562 -2.10 -30.25 -4.61
N VAL A 1563 -1.02 -30.97 -4.87
CA VAL A 1563 0.18 -30.34 -5.44
C VAL A 1563 -0.11 -29.82 -6.83
N ASN A 1564 -0.83 -30.61 -7.64
CA ASN A 1564 -1.13 -30.17 -9.00
C ASN A 1564 -1.96 -28.89 -9.00
N GLU A 1565 -2.96 -28.81 -8.12
CA GLU A 1565 -3.80 -27.62 -8.08
C GLU A 1565 -3.02 -26.42 -7.55
N ILE A 1566 -2.29 -26.59 -6.45
CA ILE A 1566 -1.58 -25.46 -5.86
C ILE A 1566 -0.51 -24.95 -6.82
N ASN A 1567 0.13 -25.84 -7.58
CA ASN A 1567 1.07 -25.40 -8.59
C ASN A 1567 0.34 -24.71 -9.74
N ASN A 1568 -0.84 -25.21 -10.10
CA ASN A 1568 -1.60 -24.58 -11.17
C ASN A 1568 -1.99 -23.15 -10.83
N VAL A 1569 -2.08 -22.82 -9.54
CA VAL A 1569 -2.30 -21.44 -9.14
C VAL A 1569 -1.09 -20.59 -9.51
N PHE A 1570 0.07 -20.92 -8.95
CA PHE A 1570 1.28 -20.14 -9.22
C PHE A 1570 1.70 -20.22 -10.68
N SER A 1571 1.20 -21.19 -11.43
CA SER A 1571 1.52 -21.28 -12.85
C SER A 1571 0.93 -20.12 -13.64
N ARG A 1572 -0.06 -19.42 -13.09
CA ARG A 1572 -0.60 -18.24 -13.76
C ARG A 1572 0.47 -17.17 -13.89
N TYR A 1573 0.98 -16.69 -12.77
CA TYR A 1573 2.01 -15.67 -12.76
C TYR A 1573 3.42 -16.25 -12.82
N ALA A 1574 3.54 -17.57 -12.98
CA ALA A 1574 4.83 -18.23 -13.18
C ALA A 1574 5.79 -17.95 -12.02
N ILE A 1575 5.25 -17.84 -10.81
CA ILE A 1575 6.11 -17.74 -9.63
C ILE A 1575 6.91 -19.03 -9.46
N SER A 1576 6.25 -20.18 -9.63
CA SER A 1576 6.91 -21.48 -9.76
C SER A 1576 7.75 -21.80 -8.52
N VAL A 1577 7.07 -21.96 -7.39
CA VAL A 1577 7.74 -22.45 -6.19
C VAL A 1577 8.13 -23.91 -6.40
N SER A 1578 9.21 -24.31 -5.74
CA SER A 1578 9.74 -25.66 -5.93
C SER A 1578 8.72 -26.71 -5.51
N PHE A 1579 8.67 -27.80 -6.29
CA PHE A 1579 7.78 -28.90 -5.96
C PHE A 1579 8.10 -29.54 -4.63
N ARG A 1580 9.32 -29.33 -4.11
CA ARG A 1580 9.67 -29.89 -2.81
C ARG A 1580 8.79 -29.32 -1.71
N HIS A 1581 8.40 -28.04 -1.84
CA HIS A 1581 7.51 -27.45 -0.84
C HIS A 1581 6.08 -27.93 -1.03
N LEU A 1582 5.61 -28.04 -2.27
CA LEU A 1582 4.25 -28.50 -2.52
C LEU A 1582 4.04 -29.95 -2.16
N ASP A 1583 5.11 -30.70 -1.91
CA ASP A 1583 5.01 -32.05 -1.37
C ASP A 1583 5.34 -32.13 0.10
N LEU A 1584 6.20 -31.23 0.60
CA LEU A 1584 6.35 -31.08 2.05
C LEU A 1584 5.03 -30.66 2.67
N ILE A 1585 4.15 -30.06 1.90
CA ILE A 1585 2.79 -29.83 2.38
C ILE A 1585 2.10 -31.18 2.28
N ALA A 1586 2.25 -31.99 3.32
CA ALA A 1586 1.65 -33.31 3.38
C ALA A 1586 1.07 -33.60 4.75
N ASP A 1587 1.17 -32.68 5.70
CA ASP A 1587 0.35 -32.79 6.90
C ASP A 1587 -1.12 -32.66 6.56
N MET A 1588 -1.43 -32.09 5.40
CA MET A 1588 -2.82 -31.97 4.97
C MET A 1588 -3.44 -33.35 4.72
N MET A 1589 -2.66 -34.29 4.19
CA MET A 1589 -3.18 -35.59 3.81
C MET A 1589 -2.62 -36.71 4.66
N THR A 1590 -1.30 -36.87 4.70
CA THR A 1590 -0.71 -38.05 5.33
C THR A 1590 -0.71 -37.99 6.85
N ARG A 1591 -0.79 -36.80 7.44
CA ARG A 1591 -0.75 -36.72 8.90
C ARG A 1591 -1.93 -37.41 9.54
N GLN A 1592 -2.99 -37.68 8.77
CA GLN A 1592 -4.15 -38.42 9.24
C GLN A 1592 -4.73 -39.15 8.04
N GLY A 1593 -5.99 -39.56 8.15
CA GLY A 1593 -6.63 -40.28 7.07
C GLY A 1593 -6.77 -39.51 5.77
N THR A 1594 -7.59 -38.45 5.77
CA THR A 1594 -8.01 -37.84 4.51
C THR A 1594 -8.26 -36.35 4.69
N TYR A 1595 -7.44 -35.54 4.01
CA TYR A 1595 -7.71 -34.13 3.74
C TYR A 1595 -7.96 -33.33 5.02
N LEU A 1596 -6.91 -33.24 5.83
CA LEU A 1596 -6.95 -32.35 6.97
C LEU A 1596 -6.86 -30.89 6.49
N ALA A 1597 -6.79 -29.97 7.45
CA ALA A 1597 -6.74 -28.55 7.13
C ALA A 1597 -5.79 -27.84 8.07
N PHE A 1598 -5.34 -26.67 7.66
CA PHE A 1598 -4.48 -25.82 8.49
C PHE A 1598 -5.31 -24.79 9.23
N ASN A 1599 -6.15 -25.29 10.13
CA ASN A 1599 -7.03 -24.43 10.93
C ASN A 1599 -7.26 -25.13 12.27
N ARG A 1600 -8.29 -24.69 12.99
CA ARG A 1600 -8.60 -25.31 14.28
C ARG A 1600 -9.03 -26.75 14.11
N GLN A 1601 -9.66 -27.10 12.98
CA GLN A 1601 -10.08 -28.48 12.75
C GLN A 1601 -8.89 -29.43 12.63
N GLY A 1602 -7.70 -28.91 12.31
CA GLY A 1602 -6.54 -29.76 12.18
C GLY A 1602 -5.67 -29.76 13.43
N MET A 1603 -5.66 -28.65 14.16
CA MET A 1603 -4.81 -28.53 15.34
C MET A 1603 -5.23 -29.50 16.45
N GLU A 1604 -6.45 -30.01 16.41
CA GLU A 1604 -6.96 -30.82 17.51
C GLU A 1604 -6.09 -32.05 17.74
N THR A 1605 -5.79 -32.80 16.68
CA THR A 1605 -5.11 -34.07 16.81
C THR A 1605 -3.63 -33.92 17.16
N SER A 1606 -3.08 -32.71 17.11
CA SER A 1606 -1.69 -32.51 17.49
C SER A 1606 -1.50 -32.85 18.97
N THR A 1607 -0.38 -33.48 19.28
CA THR A 1607 -0.15 -33.93 20.65
C THR A 1607 0.02 -32.76 21.60
N SER A 1608 1.07 -31.96 21.40
CA SER A 1608 1.31 -30.83 22.29
C SER A 1608 0.22 -29.79 22.09
N SER A 1609 -0.40 -29.39 23.20
CA SER A 1609 -1.50 -28.44 23.14
C SER A 1609 -1.05 -26.99 23.27
N PHE A 1610 0.24 -26.75 23.53
CA PHE A 1610 0.71 -25.37 23.61
C PHE A 1610 0.58 -24.66 22.27
N MET A 1611 0.91 -25.34 21.18
CA MET A 1611 0.73 -24.75 19.86
C MET A 1611 -0.75 -24.48 19.58
N LYS A 1612 -1.62 -25.40 19.99
CA LYS A 1612 -3.05 -25.19 19.82
C LYS A 1612 -3.52 -23.96 20.60
N MET A 1613 -3.04 -23.81 21.83
CA MET A 1613 -3.40 -22.65 22.64
C MET A 1613 -2.87 -21.36 22.02
N SER A 1614 -1.64 -21.37 21.53
CA SER A 1614 -1.10 -20.18 20.89
C SER A 1614 -1.85 -19.84 19.62
N TYR A 1615 -2.44 -20.84 18.98
CA TYR A 1615 -3.31 -20.59 17.84
C TYR A 1615 -4.64 -20.06 18.37
N GLU A 1616 -5.64 -19.94 17.51
CA GLU A 1616 -6.92 -19.36 17.90
C GLU A 1616 -7.62 -20.26 18.92
N THR A 1617 -8.58 -19.66 19.64
CA THR A 1617 -9.38 -20.35 20.65
C THR A 1617 -8.50 -20.97 21.73
N THR A 1618 -7.82 -20.08 22.46
CA THR A 1618 -6.97 -20.48 23.57
C THR A 1618 -7.77 -21.07 24.73
N CYS A 1619 -9.08 -20.86 24.77
CA CYS A 1619 -9.90 -21.32 25.88
C CYS A 1619 -10.24 -22.81 25.79
N GLN A 1620 -10.86 -23.24 24.68
CA GLN A 1620 -11.32 -24.62 24.57
C GLN A 1620 -10.16 -25.59 24.69
N PHE A 1621 -9.04 -25.29 24.05
CA PHE A 1621 -7.91 -26.20 24.08
C PHE A 1621 -7.30 -26.31 25.47
N LEU A 1622 -7.35 -25.23 26.26
CA LEU A 1622 -6.87 -25.30 27.63
C LEU A 1622 -7.71 -26.25 28.46
N THR A 1623 -9.03 -26.24 28.27
CA THR A 1623 -9.90 -27.14 29.01
C THR A 1623 -9.58 -28.59 28.70
N LYS A 1624 -9.40 -28.92 27.42
CA LYS A 1624 -9.10 -30.29 27.04
C LYS A 1624 -7.77 -30.75 27.58
N ALA A 1625 -6.90 -29.82 27.99
CA ALA A 1625 -5.60 -30.14 28.55
C ALA A 1625 -5.65 -30.36 30.06
N VAL A 1626 -6.81 -30.69 30.61
CA VAL A 1626 -6.92 -30.98 32.03
C VAL A 1626 -8.20 -31.77 32.31
N SER A 1638 7.76 -24.57 19.96
CA SER A 1638 6.70 -23.72 20.49
C SER A 1638 6.60 -23.84 22.00
N ALA A 1639 6.40 -25.08 22.48
CA ALA A 1639 6.40 -25.31 23.91
C ALA A 1639 7.76 -24.99 24.51
N ARG A 1640 8.83 -25.31 23.80
CA ARG A 1640 10.16 -24.92 24.24
C ARG A 1640 10.25 -23.41 24.39
N ILE A 1641 9.58 -22.67 23.50
CA ILE A 1641 9.49 -21.22 23.64
C ILE A 1641 8.74 -20.86 24.91
N VAL A 1642 7.61 -21.53 25.15
CA VAL A 1642 6.76 -21.17 26.28
C VAL A 1642 7.50 -21.36 27.60
N VAL A 1643 8.17 -22.50 27.76
CA VAL A 1643 8.88 -22.77 29.00
C VAL A 1643 10.30 -22.21 28.99
N GLY A 1644 10.75 -21.67 27.87
CA GLY A 1644 12.13 -21.24 27.77
C GLY A 1644 13.12 -22.34 27.51
N LYS A 1645 12.65 -23.52 27.12
CA LYS A 1645 13.55 -24.62 26.80
C LYS A 1645 14.24 -24.38 25.46
N LEU A 1646 15.48 -24.83 25.37
CA LEU A 1646 16.21 -24.74 24.11
C LEU A 1646 15.47 -25.47 23.01
N ASN A 1647 15.39 -24.86 21.83
CA ASN A 1647 14.62 -25.43 20.75
C ASN A 1647 15.26 -26.72 20.25
N ASN A 1648 14.52 -27.46 19.42
CA ASN A 1648 14.94 -28.77 18.94
C ASN A 1648 15.19 -28.79 17.44
N VAL A 1649 15.46 -27.64 16.83
CA VAL A 1649 15.76 -27.55 15.40
C VAL A 1649 17.09 -26.84 15.25
N GLY A 1650 17.72 -27.04 14.10
CA GLY A 1650 18.99 -26.38 13.85
C GLY A 1650 20.02 -26.84 14.86
N THR A 1651 20.66 -25.87 15.51
CA THR A 1651 21.65 -26.20 16.54
C THR A 1651 21.02 -26.89 17.73
N GLY A 1652 19.69 -26.86 17.85
CA GLY A 1652 19.01 -27.57 18.91
C GLY A 1652 18.53 -28.95 18.55
N SER A 1653 18.65 -29.36 17.29
CA SER A 1653 18.22 -30.69 16.86
C SER A 1653 19.17 -31.78 17.31
N PHE A 1654 20.10 -31.47 18.21
CA PHE A 1654 21.02 -32.46 18.74
C PHE A 1654 21.55 -31.93 20.08
N ASP A 1655 22.60 -32.57 20.58
CA ASP A 1655 23.18 -32.19 21.86
C ASP A 1655 24.69 -32.22 21.74
N VAL A 1656 25.35 -31.58 22.69
CA VAL A 1656 26.80 -31.53 22.74
C VAL A 1656 27.28 -31.85 24.14
N LEU A 1657 28.48 -32.38 24.25
CA LEU A 1657 29.06 -32.72 25.54
C LEU A 1657 30.56 -32.87 25.36
N ALA A 1658 31.24 -33.27 26.43
CA ALA A 1658 32.69 -33.44 26.46
C ALA A 1658 33.41 -32.12 26.18
N ALA B 11 3.32 40.44 -24.51
CA ALA B 11 4.74 40.14 -24.37
C ALA B 11 4.96 38.86 -23.57
N ARG B 12 5.32 39.02 -22.30
CA ARG B 12 5.60 37.86 -21.46
C ARG B 12 4.32 37.12 -21.12
N THR B 13 4.42 35.80 -21.03
CA THR B 13 3.26 34.98 -20.72
C THR B 13 2.89 35.03 -19.24
N ALA B 14 3.88 35.16 -18.36
CA ALA B 14 3.66 35.25 -16.92
C ALA B 14 4.50 36.40 -16.37
N ASP B 15 4.43 36.60 -15.06
CA ASP B 15 5.16 37.69 -14.44
C ASP B 15 5.28 37.43 -12.95
N PHE B 16 6.41 37.86 -12.38
CA PHE B 16 6.61 37.73 -10.94
C PHE B 16 5.82 38.77 -10.15
N ARG B 17 5.62 39.96 -10.73
CA ARG B 17 4.90 41.04 -10.07
C ARG B 17 5.52 41.39 -8.73
N THR B 18 6.85 41.55 -8.72
CA THR B 18 7.56 41.82 -7.48
C THR B 18 7.13 43.15 -6.88
N LEU B 19 6.94 44.18 -7.71
CA LEU B 19 6.51 45.47 -7.21
C LEU B 19 5.15 45.37 -6.53
N GLU B 20 4.20 44.69 -7.17
CA GLU B 20 2.89 44.52 -6.56
C GLU B 20 2.99 43.76 -5.25
N ARG B 21 3.79 42.69 -5.23
CA ARG B 21 3.91 41.90 -4.01
C ARG B 21 4.49 42.72 -2.88
N GLU B 22 5.53 43.51 -3.16
CA GLU B 22 6.13 44.30 -2.10
C GLU B 22 5.21 45.42 -1.63
N SER B 23 4.51 46.07 -2.56
CA SER B 23 3.55 47.10 -2.17
C SER B 23 2.45 46.51 -1.30
N ARG B 24 1.94 45.35 -1.67
CA ARG B 24 0.89 44.72 -0.89
C ARG B 24 1.40 44.29 0.49
N PHE B 25 2.63 43.79 0.56
CA PHE B 25 3.19 43.40 1.85
C PHE B 25 3.33 44.62 2.75
N ILE B 26 3.83 45.73 2.21
CA ILE B 26 4.04 46.93 3.03
C ILE B 26 2.72 47.53 3.46
N ASN B 27 1.79 47.69 2.52
CA ASN B 27 0.53 48.38 2.77
C ASN B 27 -0.65 47.47 2.44
N PRO B 28 -1.20 46.78 3.43
CA PRO B 28 -2.38 45.95 3.18
C PRO B 28 -3.52 46.81 2.66
N PRO B 29 -4.29 46.29 1.71
CA PRO B 29 -5.38 47.10 1.13
C PRO B 29 -6.41 47.50 2.18
N LYS B 30 -6.93 48.71 2.04
CA LYS B 30 -8.02 49.20 2.87
C LYS B 30 -9.35 49.12 2.15
N ASP B 31 -9.40 48.43 1.02
CA ASP B 31 -10.62 48.21 0.25
C ASP B 31 -10.78 46.72 0.00
N LYS B 32 -11.64 46.35 -0.95
CA LYS B 32 -11.79 44.97 -1.37
C LYS B 32 -10.45 44.27 -1.47
N SER B 33 -10.34 43.12 -0.81
CA SER B 33 -9.10 42.36 -0.82
C SER B 33 -8.79 41.85 -2.21
N ALA B 34 -7.50 41.70 -2.50
CA ALA B 34 -7.06 41.15 -3.77
C ALA B 34 -7.38 39.66 -3.83
N PHE B 35 -7.09 39.06 -4.98
CA PHE B 35 -7.36 37.65 -5.30
C PHE B 35 -8.71 37.22 -4.76
N PRO B 36 -9.82 37.69 -5.35
CA PRO B 36 -11.14 37.33 -4.82
C PRO B 36 -11.45 35.84 -4.89
N LEU B 37 -10.73 35.08 -5.71
CA LEU B 37 -11.07 33.68 -5.90
C LEU B 37 -11.00 32.89 -4.61
N LEU B 38 -10.09 33.24 -3.71
CA LEU B 38 -10.01 32.56 -2.42
C LEU B 38 -11.30 32.73 -1.64
N GLN B 39 -11.85 33.95 -1.64
CA GLN B 39 -13.13 34.20 -0.98
C GLN B 39 -14.20 33.29 -1.55
N GLU B 40 -14.36 33.29 -2.87
CA GLU B 40 -15.27 32.34 -3.50
C GLU B 40 -14.57 31.00 -3.73
N ALA B 41 -13.87 30.55 -2.70
CA ALA B 41 -13.36 29.20 -2.61
C ALA B 41 -13.70 28.68 -1.22
N VAL B 42 -13.70 29.58 -0.23
CA VAL B 42 -14.27 29.26 1.06
C VAL B 42 -15.73 29.66 1.14
N GLN B 43 -16.29 30.17 0.06
CA GLN B 43 -17.68 30.62 0.03
C GLN B 43 -18.71 29.64 0.57
N PRO B 44 -18.68 28.34 0.27
CA PRO B 44 -19.79 27.49 0.71
C PRO B 44 -20.04 27.50 2.20
N HIS B 45 -19.00 27.44 3.03
CA HIS B 45 -19.20 27.42 4.47
C HIS B 45 -19.79 28.74 4.96
N ILE B 46 -19.25 29.85 4.48
CA ILE B 46 -19.75 31.16 4.88
C ILE B 46 -21.19 31.32 4.45
N GLY B 47 -21.51 30.91 3.22
CA GLY B 47 -22.88 31.01 2.74
C GLY B 47 -23.84 30.17 3.55
N SER B 48 -23.42 28.96 3.91
CA SER B 48 -24.27 28.11 4.75
C SER B 48 -24.53 28.76 6.10
N PHE B 49 -23.47 29.20 6.77
CA PHE B 49 -23.64 29.77 8.10
C PHE B 49 -24.44 31.06 8.06
N ASN B 50 -24.32 31.85 6.98
CA ASN B 50 -25.10 33.06 6.87
C ASN B 50 -26.57 32.74 6.59
N ALA B 51 -26.83 31.85 5.64
CA ALA B 51 -28.21 31.46 5.35
C ALA B 51 -28.86 30.78 6.54
N LEU B 52 -28.06 30.31 7.49
CA LEU B 52 -28.63 29.83 8.75
C LEU B 52 -29.39 30.93 9.48
N THR B 53 -29.02 32.19 9.28
CA THR B 53 -29.71 33.28 9.96
C THR B 53 -30.09 34.41 9.00
N GLU B 54 -29.33 34.59 7.92
CA GLU B 54 -29.57 35.68 6.97
C GLU B 54 -30.43 35.14 5.83
N GLY B 55 -31.72 35.01 6.10
CA GLY B 55 -32.64 34.50 5.11
C GLY B 55 -33.85 35.39 4.93
N PRO B 56 -34.77 34.99 4.06
CA PRO B 56 -35.99 35.78 3.86
C PRO B 56 -36.82 35.93 5.13
N ASP B 57 -36.76 34.95 6.02
CA ASP B 57 -37.53 34.99 7.27
C ASP B 57 -36.74 34.24 8.34
N GLY B 58 -35.94 34.99 9.09
CA GLY B 58 -35.16 34.39 10.18
C GLY B 58 -34.21 33.30 9.71
N GLY B 59 -33.62 33.49 8.53
CA GLY B 59 -32.72 32.48 7.99
C GLY B 59 -33.42 31.15 7.90
N LEU B 60 -32.72 30.12 8.37
CA LEU B 60 -33.31 28.80 8.52
C LEU B 60 -33.59 28.44 9.97
N LEU B 61 -32.89 29.07 10.92
CA LEU B 61 -33.11 28.76 12.33
C LEU B 61 -34.51 29.13 12.78
N ASN B 62 -34.99 30.33 12.40
CA ASN B 62 -36.32 30.72 12.80
C ASN B 62 -37.38 29.80 12.21
N LEU B 63 -37.21 29.44 10.93
CA LEU B 63 -38.15 28.51 10.30
C LEU B 63 -38.15 27.16 11.02
N GLY B 64 -36.95 26.65 11.33
CA GLY B 64 -36.86 25.37 12.00
C GLY B 64 -37.50 25.38 13.37
N VAL B 65 -37.21 26.41 14.17
CA VAL B 65 -37.80 26.45 15.50
C VAL B 65 -39.30 26.69 15.42
N LYS B 66 -39.77 27.42 14.41
CA LYS B 66 -41.21 27.59 14.24
C LYS B 66 -41.87 26.26 13.94
N ASP B 67 -41.24 25.42 13.13
CA ASP B 67 -41.82 24.14 12.76
C ASP B 67 -41.40 23.00 13.68
N ILE B 68 -40.65 23.30 14.75
CA ILE B 68 -40.26 22.25 15.69
C ILE B 68 -41.48 21.50 16.21
N GLY B 69 -42.49 22.23 16.62
CA GLY B 69 -43.72 21.61 17.07
C GLY B 69 -44.40 22.42 18.15
N GLU B 70 -45.35 21.78 18.81
CA GLU B 70 -46.20 22.37 19.83
C GLU B 70 -46.32 21.43 21.02
N LYS B 71 -45.17 20.99 21.55
CA LYS B 71 -45.15 20.10 22.70
C LYS B 71 -46.11 20.58 23.78
N VAL B 72 -46.98 19.69 24.24
CA VAL B 72 -48.06 20.02 25.16
C VAL B 72 -48.16 18.96 26.25
N ILE B 73 -48.33 19.40 27.49
CA ILE B 73 -48.67 18.54 28.61
C ILE B 73 -49.92 19.11 29.27
N PHE B 74 -50.61 18.27 30.03
CA PHE B 74 -51.90 18.63 30.60
C PHE B 74 -51.85 18.59 32.12
N ASP B 75 -52.48 19.59 32.73
CA ASP B 75 -52.59 19.65 34.19
C ASP B 75 -53.60 18.62 34.69
N GLY B 76 -53.41 18.19 35.93
CA GLY B 76 -54.34 17.27 36.55
C GLY B 76 -55.40 17.98 37.37
N LYS B 77 -56.25 18.78 36.71
CA LYS B 77 -57.27 19.54 37.40
C LYS B 77 -58.61 18.83 37.28
N PRO B 78 -59.16 18.27 38.37
CA PRO B 78 -60.48 17.63 38.35
C PRO B 78 -61.62 18.64 38.31
N GLY B 89 -64.91 15.15 30.67
CA GLY B 89 -63.85 14.79 29.74
C GLY B 89 -62.60 15.63 29.89
N TYR B 90 -62.74 16.77 30.57
CA TYR B 90 -61.60 17.65 30.78
C TYR B 90 -60.60 17.02 31.74
N LEU B 91 -59.37 17.49 31.66
CA LEU B 91 -58.30 17.02 32.53
C LEU B 91 -57.59 18.12 33.28
N GLY B 92 -57.41 19.29 32.68
CA GLY B 92 -56.71 20.37 33.34
C GLY B 92 -56.40 21.52 32.40
N ASN B 93 -55.14 21.95 32.38
CA ASN B 93 -54.71 23.03 31.52
C ASN B 93 -53.47 22.60 30.75
N LYS B 94 -53.32 23.16 29.56
CA LYS B 94 -52.21 22.82 28.67
C LYS B 94 -50.97 23.64 29.04
N LEU B 95 -49.91 23.45 28.27
CA LEU B 95 -48.71 24.27 28.37
C LEU B 95 -48.31 24.91 27.06
N SER B 96 -48.46 24.19 25.94
CA SER B 96 -48.26 24.74 24.61
C SER B 96 -46.92 25.47 24.49
N VAL B 97 -45.87 24.86 25.04
CA VAL B 97 -44.56 25.47 24.98
C VAL B 97 -44.09 25.50 23.52
N SER B 98 -43.61 26.67 23.09
CA SER B 98 -43.13 26.85 21.74
C SER B 98 -41.85 27.66 21.79
N VAL B 99 -41.33 28.02 20.61
CA VAL B 99 -40.15 28.86 20.50
C VAL B 99 -40.44 29.91 19.43
N GLU B 100 -40.12 31.17 19.73
CA GLU B 100 -40.43 32.26 18.82
C GLU B 100 -39.26 32.57 17.89
N GLN B 101 -38.11 32.93 18.46
CA GLN B 101 -36.98 33.38 17.65
C GLN B 101 -35.68 32.96 18.30
N VAL B 102 -34.62 33.00 17.49
CA VAL B 102 -33.26 32.74 17.94
C VAL B 102 -32.38 33.88 17.43
N SER B 103 -31.55 34.43 18.31
CA SER B 103 -30.82 35.66 18.03
C SER B 103 -29.31 35.43 17.98
N ILE B 104 -28.57 36.53 17.84
CA ILE B 104 -27.13 36.53 17.61
C ILE B 104 -26.46 37.27 18.76
N ALA B 105 -25.32 36.75 19.20
CA ALA B 105 -24.52 37.46 20.20
C ALA B 105 -23.06 37.06 20.03
N LYS B 106 -22.29 37.91 19.36
CA LYS B 106 -20.88 37.68 19.07
C LYS B 106 -19.93 38.06 20.20
N PRO B 107 -20.03 39.26 20.80
CA PRO B 107 -19.00 39.71 21.74
C PRO B 107 -19.12 39.01 23.09
N MET B 108 -18.31 39.50 24.04
CA MET B 108 -18.30 38.97 25.40
C MET B 108 -17.85 40.07 26.35
N SER B 109 -18.56 40.24 27.45
CA SER B 109 -18.24 41.27 28.43
C SER B 109 -17.17 40.80 29.40
N VAL B 117 -20.56 47.88 30.31
CA VAL B 117 -19.55 46.88 30.64
C VAL B 117 -19.45 45.85 29.53
N GLU B 118 -20.04 46.16 28.39
CA GLU B 118 -20.04 45.27 27.23
C GLU B 118 -18.92 45.66 26.29
N ARG B 119 -18.13 44.67 25.87
CA ARG B 119 -17.00 44.90 24.98
C ARG B 119 -16.96 43.82 23.92
N LYS B 120 -16.45 44.18 22.75
CA LYS B 120 -16.29 43.21 21.68
C LYS B 120 -15.07 42.34 21.94
N VAL B 121 -15.12 41.10 21.46
CA VAL B 121 -14.01 40.16 21.59
C VAL B 121 -13.70 39.64 20.20
N TYR B 122 -12.51 39.95 19.71
CA TYR B 122 -12.06 39.52 18.40
C TYR B 122 -11.42 38.15 18.48
N PRO B 123 -11.29 37.46 17.34
CA PRO B 123 -10.54 36.20 17.33
C PRO B 123 -9.09 36.40 17.70
N SER B 124 -8.34 35.29 17.73
CA SER B 124 -7.00 35.17 18.30
C SER B 124 -7.10 35.22 19.82
N GLU B 125 -8.28 35.61 20.30
CA GLU B 125 -8.65 35.40 21.67
C GLU B 125 -9.22 33.99 21.77
N SER B 126 -8.88 33.30 22.85
CA SER B 126 -9.14 31.87 23.03
C SER B 126 -8.23 31.07 22.12
N ARG B 127 -7.53 31.75 21.21
CA ARG B 127 -6.36 31.17 20.58
C ARG B 127 -5.16 31.33 21.49
N GLN B 128 -4.86 32.56 21.88
CA GLN B 128 -3.84 32.77 22.91
C GLN B 128 -4.28 32.15 24.22
N ARG B 129 -5.57 32.29 24.58
CA ARG B 129 -6.08 31.67 25.78
C ARG B 129 -6.14 30.16 25.67
N LEU B 130 -6.10 29.61 24.46
CA LEU B 130 -6.30 28.18 24.21
C LEU B 130 -7.65 27.73 24.78
N THR B 131 -8.70 28.41 24.34
CA THR B 131 -10.06 28.10 24.74
C THR B 131 -10.94 28.22 23.50
N SER B 132 -12.25 28.27 23.71
CA SER B 132 -13.21 28.32 22.61
C SER B 132 -13.61 29.74 22.29
N TYR B 133 -13.85 30.00 21.02
CA TYR B 133 -14.38 31.28 20.55
C TYR B 133 -15.87 31.10 20.32
N ARG B 134 -16.63 31.23 21.40
CA ARG B 134 -18.06 30.99 21.38
C ARG B 134 -18.83 32.30 21.46
N GLY B 135 -20.02 32.29 20.89
CA GLY B 135 -20.94 33.41 20.99
C GLY B 135 -21.87 33.24 22.15
N LYS B 136 -23.09 33.76 21.99
CA LYS B 136 -24.14 33.56 22.97
C LYS B 136 -25.46 33.36 22.25
N LEU B 137 -26.25 32.41 22.74
CA LEU B 137 -27.46 31.96 22.07
C LEU B 137 -28.68 32.52 22.81
N LEU B 138 -29.42 33.41 22.16
CA LEU B 138 -30.62 33.98 22.74
C LEU B 138 -31.84 33.19 22.29
N LEU B 139 -32.67 32.79 23.25
CA LEU B 139 -33.81 31.93 22.99
C LEU B 139 -35.05 32.49 23.67
N LYS B 140 -36.13 32.65 22.91
CA LYS B 140 -37.41 33.11 23.44
C LYS B 140 -38.46 32.05 23.19
N LEU B 141 -39.24 31.75 24.23
CA LEU B 141 -40.20 30.66 24.20
C LEU B 141 -41.58 31.19 24.62
N LYS B 142 -42.56 30.29 24.61
CA LYS B 142 -43.93 30.63 25.00
C LYS B 142 -44.41 29.67 26.07
N TRP B 143 -45.38 30.14 26.85
CA TRP B 143 -45.99 29.38 27.93
C TRP B 143 -47.50 29.51 27.88
N SER B 144 -48.07 29.29 26.70
CA SER B 144 -49.51 29.44 26.49
C SER B 144 -50.25 28.36 27.27
N VAL B 145 -50.88 28.75 28.38
CA VAL B 145 -51.57 27.77 29.24
C VAL B 145 -52.68 27.07 28.48
N ASN B 146 -53.30 27.77 27.53
CA ASN B 146 -54.25 27.16 26.61
C ASN B 146 -54.27 28.01 25.35
N ASN B 147 -55.28 27.80 24.51
CA ASN B 147 -55.33 28.45 23.20
C ASN B 147 -55.55 29.94 23.38
N GLY B 148 -54.48 30.72 23.33
CA GLY B 148 -54.58 32.17 23.31
C GLY B 148 -55.26 32.78 24.52
N GLU B 149 -54.92 32.32 25.71
CA GLU B 149 -55.43 32.92 26.94
C GLU B 149 -54.35 33.58 27.77
N GLU B 150 -53.29 32.86 28.11
CA GLU B 150 -52.21 33.38 28.95
C GLU B 150 -50.89 32.98 28.32
N ASN B 151 -50.30 33.91 27.56
CA ASN B 151 -48.99 33.69 26.93
C ASN B 151 -47.93 34.41 27.73
N LEU B 152 -46.89 33.68 28.13
CA LEU B 152 -45.81 34.22 28.94
C LEU B 152 -44.50 34.10 28.16
N PHE B 153 -44.23 35.09 27.31
CA PHE B 153 -42.97 35.13 26.59
C PHE B 153 -41.82 35.40 27.55
N GLU B 154 -40.66 34.83 27.24
CA GLU B 154 -39.48 35.03 28.06
C GLU B 154 -38.24 34.73 27.24
N VAL B 155 -37.22 35.58 27.38
CA VAL B 155 -35.92 35.31 26.78
C VAL B 155 -35.15 34.38 27.70
N ARG B 156 -34.69 33.26 27.15
CA ARG B 156 -34.16 32.15 27.95
C ARG B 156 -32.85 31.66 27.35
N ASP B 157 -31.91 32.58 27.15
CA ASP B 157 -30.63 32.28 26.50
C ASP B 157 -30.02 30.98 27.01
N CYS B 158 -29.46 30.20 26.09
CA CYS B 158 -28.96 28.86 26.38
C CYS B 158 -27.49 28.78 26.00
N GLY B 159 -26.61 29.03 26.95
CA GLY B 159 -25.19 28.81 26.76
C GLY B 159 -24.58 29.71 25.70
N GLY B 160 -23.45 29.25 25.18
CA GLY B 160 -22.72 29.98 24.17
C GLY B 160 -22.46 29.19 22.91
N LEU B 161 -23.02 29.65 21.79
CA LEU B 161 -22.84 28.94 20.54
C LEU B 161 -21.43 29.16 20.02
N PRO B 162 -20.72 28.11 19.61
CA PRO B 162 -19.47 28.31 18.89
C PRO B 162 -19.73 28.83 17.49
N VAL B 163 -19.45 30.11 17.27
CA VAL B 163 -19.73 30.76 15.99
C VAL B 163 -18.60 30.48 15.01
N MET B 164 -18.82 30.82 13.75
CA MET B 164 -17.85 30.57 12.69
C MET B 164 -17.13 31.87 12.33
N LEU B 165 -15.82 31.76 12.11
CA LEU B 165 -15.05 32.92 11.72
C LEU B 165 -15.44 33.39 10.32
N GLN B 166 -15.30 34.69 10.08
CA GLN B 166 -15.62 35.32 8.81
C GLN B 166 -17.08 35.13 8.43
N SER B 167 -17.91 34.72 9.37
CA SER B 167 -19.34 34.53 9.14
C SER B 167 -20.10 35.73 9.67
N ASN B 168 -21.43 35.64 9.63
CA ASN B 168 -22.24 36.73 10.14
C ASN B 168 -22.01 36.95 11.63
N ARG B 169 -21.93 35.87 12.40
CA ARG B 169 -21.77 35.98 13.85
C ARG B 169 -20.30 36.07 14.24
N CYS B 170 -19.55 36.97 13.61
CA CYS B 170 -18.16 37.18 13.98
C CYS B 170 -17.78 38.62 13.71
N HIS B 171 -16.96 39.18 14.59
CA HIS B 171 -16.59 40.59 14.47
C HIS B 171 -15.82 40.85 13.18
N LEU B 172 -15.16 39.84 12.64
CA LEU B 172 -14.42 40.01 11.38
C LEU B 172 -15.30 39.65 10.19
N ASN B 173 -16.51 40.20 10.14
CA ASN B 173 -17.44 39.80 9.10
C ASN B 173 -17.08 40.41 7.76
N LYS B 174 -17.08 41.74 7.68
CA LYS B 174 -16.66 42.46 6.48
C LYS B 174 -15.63 43.49 6.90
N MET B 175 -14.37 43.06 6.96
CA MET B 175 -13.26 43.93 7.33
C MET B 175 -12.31 44.08 6.17
N SER B 176 -11.66 45.24 6.09
CA SER B 176 -10.58 45.42 5.16
C SER B 176 -9.39 44.56 5.56
N PRO B 177 -8.57 44.15 4.60
CA PRO B 177 -7.35 43.42 4.97
C PRO B 177 -6.46 44.21 5.91
N TYR B 178 -6.40 45.53 5.76
CA TYR B 178 -5.65 46.34 6.70
C TYR B 178 -6.24 46.26 8.09
N GLU B 179 -7.57 46.28 8.20
CA GLU B 179 -8.21 46.14 9.50
C GLU B 179 -7.90 44.77 10.10
N LEU B 180 -7.90 43.73 9.27
CA LEU B 180 -7.53 42.40 9.76
C LEU B 180 -6.11 42.40 10.30
N VAL B 181 -5.18 43.02 9.56
CA VAL B 181 -3.81 43.13 10.05
C VAL B 181 -3.79 43.85 11.38
N GLN B 182 -4.59 44.90 11.52
CA GLN B 182 -4.65 45.62 12.78
C GLN B 182 -5.13 44.71 13.91
N HIS B 183 -6.14 43.90 13.65
CA HIS B 183 -6.72 43.05 14.70
C HIS B 183 -6.01 41.71 14.81
N LYS B 184 -4.68 41.75 14.89
CA LYS B 184 -3.86 40.56 15.16
C LYS B 184 -4.20 39.40 14.23
N GLU B 185 -4.74 39.69 13.06
CA GLU B 185 -5.21 38.65 12.16
C GLU B 185 -4.32 38.56 10.93
N GLU B 186 -4.41 37.42 10.26
CA GLU B 186 -3.64 37.20 9.03
C GLU B 186 -4.01 38.27 8.01
N SER B 187 -3.01 38.70 7.24
CA SER B 187 -3.20 39.80 6.30
C SER B 187 -4.38 39.55 5.38
N ASP B 188 -4.58 38.29 4.99
CA ASP B 188 -5.76 37.89 4.23
C ASP B 188 -6.22 36.56 4.84
N GLU B 189 -7.09 36.65 5.84
CA GLU B 189 -7.55 35.50 6.58
C GLU B 189 -8.97 35.15 6.18
N ILE B 190 -9.20 33.88 5.88
CA ILE B 190 -10.54 33.35 5.63
C ILE B 190 -10.60 31.96 6.22
N GLY B 191 -11.77 31.60 6.74
CA GLY B 191 -11.92 30.27 7.29
C GLY B 191 -13.28 29.97 7.89
N GLY B 192 -13.83 28.82 7.55
CA GLY B 192 -15.03 28.32 8.15
C GLY B 192 -14.78 27.49 9.39
N TYR B 193 -13.54 27.45 9.87
CA TYR B 193 -13.22 26.65 11.03
C TYR B 193 -13.76 27.31 12.30
N PHE B 194 -14.10 26.48 13.27
CA PHE B 194 -14.59 26.93 14.56
C PHE B 194 -13.48 26.77 15.60
N ILE B 195 -13.23 27.83 16.36
CA ILE B 195 -12.19 27.81 17.37
C ILE B 195 -12.80 27.29 18.66
N VAL B 196 -12.54 26.02 18.98
CA VAL B 196 -12.98 25.43 20.22
C VAL B 196 -11.75 24.88 20.94
N ASN B 197 -11.62 25.24 22.22
CA ASN B 197 -10.46 24.88 23.02
C ASN B 197 -9.15 25.33 22.39
N GLY B 198 -9.22 26.32 21.49
CA GLY B 198 -8.04 26.69 20.73
C GLY B 198 -7.53 25.60 19.82
N ILE B 199 -8.43 24.88 19.16
CA ILE B 199 -8.04 23.79 18.27
C ILE B 199 -8.42 24.03 16.82
N GLU B 200 -9.38 24.91 16.55
CA GLU B 200 -9.72 25.33 15.18
C GLU B 200 -10.22 24.16 14.34
N LYS B 201 -11.26 23.51 14.83
CA LYS B 201 -11.85 22.40 14.09
C LYS B 201 -12.82 22.92 13.03
N LEU B 202 -13.25 22.01 12.16
CA LEU B 202 -14.07 22.35 11.01
C LEU B 202 -15.03 21.21 10.71
N ILE B 203 -16.23 21.56 10.26
CA ILE B 203 -17.22 20.56 9.87
C ILE B 203 -16.87 20.06 8.48
N ARG B 204 -16.55 18.77 8.38
CA ARG B 204 -16.30 18.17 7.08
C ARG B 204 -17.58 18.09 6.27
N MET B 205 -17.46 18.33 4.97
CA MET B 205 -18.61 18.17 4.09
C MET B 205 -18.93 16.69 3.90
N LEU B 206 -20.22 16.40 3.75
CA LEU B 206 -20.69 15.07 3.43
C LEU B 206 -21.55 15.14 2.18
N ILE B 207 -21.57 14.04 1.44
CA ILE B 207 -22.31 13.96 0.17
C ILE B 207 -23.37 12.88 0.31
N VAL B 208 -24.60 13.22 -0.03
CA VAL B 208 -25.73 12.32 0.16
C VAL B 208 -26.62 12.33 -1.07
N GLN B 209 -27.75 11.63 -0.98
CA GLN B 209 -28.69 11.56 -2.08
C GLN B 209 -29.26 12.95 -2.37
N ARG B 210 -29.99 13.06 -3.48
CA ARG B 210 -30.58 14.33 -3.88
C ARG B 210 -31.69 14.72 -2.92
N ARG B 211 -32.36 15.83 -3.24
CA ARG B 211 -33.35 16.40 -2.33
C ARG B 211 -34.77 15.93 -2.66
N ASN B 212 -35.25 16.22 -3.86
CA ASN B 212 -36.64 15.96 -4.21
C ASN B 212 -36.74 15.17 -5.49
N HIS B 213 -35.93 14.12 -5.60
CA HIS B 213 -35.93 13.27 -6.79
C HIS B 213 -36.06 11.82 -6.35
N PRO B 214 -37.13 11.13 -6.74
CA PRO B 214 -37.28 9.71 -6.40
C PRO B 214 -36.46 8.85 -7.36
N MET B 215 -35.47 8.15 -6.81
CA MET B 215 -34.61 7.28 -7.60
C MET B 215 -34.95 5.81 -7.35
N ALA B 216 -34.52 4.96 -8.27
CA ALA B 216 -34.78 3.54 -8.19
C ALA B 216 -33.53 2.80 -7.72
N ILE B 217 -33.73 1.84 -6.82
CA ILE B 217 -32.63 1.09 -6.22
C ILE B 217 -32.93 -0.40 -6.34
N ILE B 218 -31.92 -1.17 -6.72
CA ILE B 218 -32.06 -2.62 -6.85
C ILE B 218 -31.10 -3.31 -5.88
N ARG B 219 -30.88 -2.70 -4.72
CA ARG B 219 -30.02 -3.32 -3.74
C ARG B 219 -30.65 -4.61 -3.23
N PRO B 220 -29.83 -5.63 -2.94
CA PRO B 220 -30.39 -6.88 -2.41
C PRO B 220 -30.85 -6.77 -0.97
N SER B 221 -30.41 -5.74 -0.24
CA SER B 221 -30.86 -5.57 1.14
C SER B 221 -32.36 -5.40 1.21
N PHE B 222 -32.97 -4.79 0.20
CA PHE B 222 -34.41 -4.67 0.18
C PHE B 222 -35.08 -6.04 0.16
N ALA B 223 -34.57 -6.95 -0.67
CA ALA B 223 -35.11 -8.31 -0.67
C ALA B 223 -34.84 -9.01 0.65
N ASN B 224 -33.66 -8.81 1.22
CA ASN B 224 -33.31 -9.47 2.48
C ASN B 224 -34.04 -8.88 3.68
N ARG B 225 -34.72 -7.74 3.52
CA ARG B 225 -35.50 -7.18 4.60
C ARG B 225 -36.47 -8.21 5.19
N GLY B 226 -37.08 -9.01 4.34
CA GLY B 226 -38.00 -10.03 4.81
C GLY B 226 -38.47 -10.89 3.66
N ALA B 227 -39.39 -11.79 3.98
CA ALA B 227 -39.93 -12.69 2.98
C ALA B 227 -40.74 -11.93 1.94
N SER B 228 -40.72 -12.45 0.71
CA SER B 228 -41.43 -11.90 -0.44
C SER B 228 -40.98 -10.50 -0.81
N TYR B 229 -39.93 -9.99 -0.18
CA TYR B 229 -39.36 -8.70 -0.55
C TYR B 229 -38.52 -8.83 -1.81
N SER B 230 -38.64 -7.86 -2.70
CA SER B 230 -37.86 -7.84 -3.92
C SER B 230 -36.65 -6.93 -3.76
N HIS B 231 -35.77 -6.98 -4.77
CA HIS B 231 -34.62 -6.08 -4.80
C HIS B 231 -35.03 -4.65 -5.14
N TYR B 232 -36.18 -4.47 -5.77
CA TYR B 232 -36.55 -3.18 -6.30
C TYR B 232 -36.95 -2.22 -5.16
N GLY B 233 -37.40 -1.04 -5.55
CA GLY B 233 -37.85 -0.05 -4.58
C GLY B 233 -37.41 1.37 -4.90
N ILE B 234 -38.37 2.28 -4.91
CA ILE B 234 -38.06 3.69 -5.15
C ILE B 234 -37.68 4.34 -3.83
N GLN B 235 -36.72 5.26 -3.87
CA GLN B 235 -36.29 5.99 -2.69
C GLN B 235 -36.22 7.48 -3.02
N ILE B 236 -36.73 8.30 -2.11
CA ILE B 236 -36.65 9.75 -2.21
C ILE B 236 -36.27 10.30 -0.84
N ARG B 237 -35.22 11.12 -0.79
CA ARG B 237 -34.72 11.70 0.46
C ARG B 237 -35.22 13.14 0.54
N SER B 238 -36.49 13.30 0.93
CA SER B 238 -37.11 14.60 0.95
C SER B 238 -36.57 15.46 2.08
N VAL B 239 -36.65 16.78 1.89
CA VAL B 239 -36.13 17.76 2.83
C VAL B 239 -37.16 18.85 3.07
N ARG B 240 -37.41 19.15 4.33
CA ARG B 240 -38.32 20.23 4.69
C ARG B 240 -37.69 21.57 4.37
N PRO B 241 -38.50 22.63 4.24
CA PRO B 241 -37.94 23.96 3.94
C PRO B 241 -36.86 24.42 4.89
N ASP B 242 -36.68 23.76 6.04
CA ASP B 242 -35.54 24.02 6.91
C ASP B 242 -34.40 23.07 6.66
N GLN B 243 -34.40 22.37 5.53
CA GLN B 243 -33.34 21.44 5.15
C GLN B 243 -33.21 20.30 6.16
N THR B 244 -34.34 19.66 6.47
CA THR B 244 -34.39 18.52 7.35
C THR B 244 -34.73 17.28 6.51
N SER B 245 -33.85 16.29 6.54
CA SER B 245 -34.00 15.11 5.71
C SER B 245 -35.09 14.19 6.25
N GLN B 246 -35.72 13.44 5.35
CA GLN B 246 -36.70 12.43 5.73
C GLN B 246 -36.83 11.42 4.60
N THR B 247 -36.37 10.20 4.84
CA THR B 247 -36.41 9.16 3.81
C THR B 247 -37.80 8.54 3.72
N ASN B 248 -38.17 8.15 2.51
CA ASN B 248 -39.48 7.52 2.25
C ASN B 248 -39.28 6.47 1.16
N VAL B 249 -39.09 5.22 1.57
CA VAL B 249 -38.76 4.12 0.68
C VAL B 249 -40.02 3.35 0.33
N LEU B 250 -40.10 2.88 -0.91
CA LEU B 250 -41.23 2.07 -1.38
C LEU B 250 -40.71 0.69 -1.76
N HIS B 251 -40.62 -0.20 -0.78
CA HIS B 251 -40.27 -1.58 -1.09
C HIS B 251 -41.36 -2.22 -1.94
N TYR B 252 -40.96 -3.17 -2.77
CA TYR B 252 -41.89 -3.92 -3.61
C TYR B 252 -41.86 -5.37 -3.18
N LEU B 253 -43.04 -5.93 -2.90
CA LEU B 253 -43.16 -7.32 -2.47
C LEU B 253 -43.50 -8.20 -3.65
N ASN B 254 -42.95 -9.42 -3.63
CA ASN B 254 -43.11 -10.33 -4.76
C ASN B 254 -44.55 -10.76 -4.97
N ASP B 255 -45.38 -10.74 -3.91
CA ASP B 255 -46.76 -11.18 -4.07
C ASP B 255 -47.52 -10.26 -5.02
N GLY B 256 -47.27 -8.96 -4.94
CA GLY B 256 -47.93 -8.02 -5.83
C GLY B 256 -48.39 -6.75 -5.14
N GLN B 257 -48.08 -6.63 -3.85
CA GLN B 257 -48.44 -5.45 -3.08
C GLN B 257 -47.21 -4.60 -2.80
N VAL B 258 -47.41 -3.29 -2.74
CA VAL B 258 -46.34 -2.33 -2.54
C VAL B 258 -46.48 -1.75 -1.14
N THR B 259 -45.39 -1.78 -0.37
CA THR B 259 -45.41 -1.36 1.02
C THR B 259 -44.58 -0.10 1.18
N PHE B 260 -45.24 1.00 1.54
CA PHE B 260 -44.53 2.22 1.88
C PHE B 260 -43.71 2.01 3.14
N ARG B 261 -42.52 2.58 3.17
CA ARG B 261 -41.65 2.47 4.33
C ARG B 261 -41.10 3.85 4.66
N PHE B 262 -40.90 4.10 5.95
CA PHE B 262 -40.29 5.33 6.41
C PHE B 262 -39.53 5.03 7.69
N SER B 263 -39.21 6.06 8.45
CA SER B 263 -38.59 5.86 9.74
C SER B 263 -38.88 7.05 10.63
N TRP B 264 -39.17 6.78 11.89
CA TRP B 264 -39.32 7.81 12.90
C TRP B 264 -38.50 7.41 14.12
N ARG B 265 -38.03 8.42 14.86
CA ARG B 265 -37.07 8.21 15.93
C ARG B 265 -35.89 7.42 15.41
N LYS B 266 -35.42 6.45 16.18
CA LYS B 266 -34.31 5.60 15.78
C LYS B 266 -34.77 4.30 15.14
N ASN B 267 -36.08 4.11 14.95
CA ASN B 267 -36.63 2.86 14.47
C ASN B 267 -37.35 3.08 13.14
N GLU B 268 -38.03 2.03 12.67
CA GLU B 268 -38.72 2.02 11.39
C GLU B 268 -40.16 1.57 11.58
N TYR B 269 -41.05 2.10 10.74
CA TYR B 269 -42.46 1.73 10.78
C TYR B 269 -42.99 1.69 9.34
N LEU B 270 -43.59 0.56 8.97
CA LEU B 270 -44.00 0.30 7.60
C LEU B 270 -45.52 0.26 7.49
N VAL B 271 -46.04 0.75 6.37
CA VAL B 271 -47.48 0.78 6.14
C VAL B 271 -47.76 0.50 4.68
N PRO B 272 -48.95 -0.04 4.39
CA PRO B 272 -49.33 -0.24 2.98
C PRO B 272 -49.46 1.09 2.25
N VAL B 273 -49.18 1.05 0.96
CA VAL B 273 -49.15 2.28 0.16
C VAL B 273 -50.56 2.82 -0.04
N VAL B 274 -51.50 1.96 -0.44
CA VAL B 274 -52.84 2.43 -0.77
C VAL B 274 -53.49 3.06 0.45
N MET B 275 -53.12 2.61 1.64
CA MET B 275 -53.57 3.27 2.86
C MET B 275 -53.24 4.75 2.83
N ILE B 276 -51.97 5.07 2.57
CA ILE B 276 -51.55 6.46 2.54
C ILE B 276 -52.18 7.19 1.36
N LEU B 277 -52.32 6.50 0.23
CA LEU B 277 -52.93 7.13 -0.94
C LEU B 277 -54.35 7.57 -0.65
N LYS B 278 -55.12 6.73 0.03
CA LYS B 278 -56.50 7.09 0.35
C LYS B 278 -56.54 8.09 1.50
N ALA B 279 -55.57 8.06 2.41
CA ALA B 279 -55.58 8.98 3.53
C ALA B 279 -55.18 10.39 3.13
N LEU B 280 -54.36 10.55 2.08
CA LEU B 280 -53.88 11.87 1.71
C LEU B 280 -55.02 12.77 1.24
N CYS B 281 -55.92 12.24 0.42
CA CYS B 281 -56.99 13.04 -0.13
C CYS B 281 -58.27 12.21 -0.21
N HIS B 282 -59.40 12.91 -0.22
CA HIS B 282 -60.70 12.27 -0.40
C HIS B 282 -60.86 11.94 -1.88
N THR B 283 -60.22 10.86 -2.28
CA THR B 283 -60.18 10.45 -3.68
C THR B 283 -60.49 8.97 -3.79
N SER B 284 -61.06 8.59 -4.93
CA SER B 284 -61.58 7.24 -5.14
C SER B 284 -60.57 6.37 -5.86
N ASP B 285 -60.90 5.08 -6.01
CA ASP B 285 -59.95 4.12 -6.56
C ASP B 285 -59.80 4.29 -8.06
N ARG B 286 -60.89 4.53 -8.78
CA ARG B 286 -60.79 4.74 -10.22
C ARG B 286 -59.86 5.90 -10.54
N GLU B 287 -59.88 6.94 -9.71
CA GLU B 287 -58.93 8.03 -9.87
C GLU B 287 -57.50 7.53 -9.66
N ILE B 288 -57.29 6.65 -8.68
CA ILE B 288 -55.98 6.04 -8.50
C ILE B 288 -55.61 5.19 -9.71
N PHE B 289 -56.59 4.51 -10.29
CA PHE B 289 -56.34 3.73 -11.50
C PHE B 289 -55.86 4.63 -12.62
N ASP B 290 -56.51 5.77 -12.82
CA ASP B 290 -56.08 6.69 -13.85
C ASP B 290 -54.71 7.28 -13.53
N GLY B 291 -54.45 7.55 -12.25
CA GLY B 291 -53.17 8.12 -11.88
C GLY B 291 -52.01 7.18 -12.15
N ILE B 292 -52.14 5.92 -11.76
CA ILE B 292 -51.07 4.96 -12.00
C ILE B 292 -50.97 4.63 -13.49
N ILE B 293 -52.10 4.41 -14.14
CA ILE B 293 -52.14 4.04 -15.56
C ILE B 293 -52.92 5.11 -16.30
N GLY B 294 -52.25 5.83 -17.19
CA GLY B 294 -52.92 6.82 -18.00
C GLY B 294 -52.90 6.44 -19.47
N ASN B 295 -54.07 6.11 -20.00
CA ASN B 295 -54.24 5.68 -21.39
C ASN B 295 -53.47 4.41 -21.71
N ASP B 296 -52.97 3.70 -20.71
CA ASP B 296 -52.31 2.42 -20.88
C ASP B 296 -53.21 1.28 -20.43
N VAL B 297 -54.51 1.40 -20.70
CA VAL B 297 -55.46 0.38 -20.28
C VAL B 297 -55.19 -0.93 -20.99
N LYS B 298 -54.76 -0.88 -22.26
CA LYS B 298 -54.47 -2.11 -22.98
C LYS B 298 -53.26 -2.85 -22.43
N ASP B 299 -52.47 -2.22 -21.56
CA ASP B 299 -51.44 -2.94 -20.85
C ASP B 299 -52.08 -3.98 -19.94
N SER B 300 -51.40 -5.10 -19.76
CA SER B 300 -51.88 -6.18 -18.91
C SER B 300 -51.13 -6.27 -17.59
N PHE B 301 -49.80 -6.18 -17.63
CA PHE B 301 -48.99 -6.33 -16.42
C PHE B 301 -49.35 -5.28 -15.39
N LEU B 302 -49.35 -4.01 -15.80
CA LEU B 302 -49.66 -2.93 -14.88
C LEU B 302 -51.08 -3.04 -14.34
N THR B 303 -52.04 -3.31 -15.23
CA THR B 303 -53.43 -3.38 -14.81
C THR B 303 -53.64 -4.49 -13.81
N ASP B 304 -53.08 -5.67 -14.07
CA ASP B 304 -53.26 -6.79 -13.15
C ASP B 304 -52.59 -6.50 -11.81
N ARG B 305 -51.40 -5.92 -11.83
CA ARG B 305 -50.75 -5.60 -10.56
C ARG B 305 -51.56 -4.59 -9.76
N LEU B 306 -52.09 -3.57 -10.44
CA LEU B 306 -52.86 -2.55 -9.74
C LEU B 306 -54.15 -3.13 -9.17
N GLU B 307 -54.84 -3.97 -9.94
CA GLU B 307 -56.05 -4.61 -9.46
C GLU B 307 -55.75 -5.49 -8.26
N LEU B 308 -54.61 -6.19 -8.30
CA LEU B 308 -54.22 -6.99 -7.15
C LEU B 308 -54.02 -6.10 -5.93
N LEU B 309 -53.37 -4.95 -6.11
CA LEU B 309 -53.17 -4.05 -4.97
C LEU B 309 -54.49 -3.56 -4.40
N LEU B 310 -55.41 -3.15 -5.27
CA LEU B 310 -56.70 -2.62 -4.80
C LEU B 310 -57.50 -3.69 -4.09
N ARG B 311 -57.56 -4.90 -4.65
CA ARG B 311 -58.28 -5.99 -4.00
C ARG B 311 -57.64 -6.35 -2.67
N GLY B 312 -56.31 -6.35 -2.61
CA GLY B 312 -55.64 -6.64 -1.35
C GLY B 312 -56.00 -5.63 -0.28
N PHE B 313 -56.00 -4.34 -0.64
CA PHE B 313 -56.39 -3.33 0.33
C PHE B 313 -57.84 -3.51 0.77
N LYS B 314 -58.73 -3.75 -0.19
CA LYS B 314 -60.15 -3.88 0.15
C LYS B 314 -60.38 -5.06 1.09
N LYS B 315 -59.74 -6.20 0.83
CA LYS B 315 -59.94 -7.35 1.70
C LYS B 315 -59.21 -7.19 3.02
N ARG B 316 -58.11 -6.45 3.06
CA ARG B 316 -57.38 -6.31 4.30
C ARG B 316 -58.05 -5.34 5.25
N TYR B 317 -58.63 -4.26 4.74
CA TYR B 317 -59.29 -3.25 5.57
C TYR B 317 -60.65 -2.94 4.99
N PRO B 318 -61.66 -3.74 5.32
CA PRO B 318 -63.01 -3.48 4.81
C PRO B 318 -63.70 -2.33 5.54
N HIS B 319 -63.45 -2.21 6.85
CA HIS B 319 -64.09 -1.17 7.64
C HIS B 319 -63.63 0.21 7.22
N LEU B 320 -62.35 0.35 6.85
CA LEU B 320 -61.76 1.65 6.55
C LEU B 320 -62.28 2.11 5.19
N GLN B 321 -63.48 2.68 5.20
CA GLN B 321 -64.09 3.24 4.01
C GLN B 321 -63.97 4.76 3.96
N ASN B 322 -64.33 5.43 5.04
CA ASN B 322 -64.29 6.89 5.06
C ASN B 322 -62.85 7.39 5.14
N ARG B 323 -62.60 8.52 4.48
CA ARG B 323 -61.30 9.14 4.58
C ARG B 323 -61.01 9.54 6.03
N THR B 324 -61.99 10.12 6.71
CA THR B 324 -61.83 10.40 8.13
C THR B 324 -61.58 9.12 8.91
N GLN B 325 -62.23 8.03 8.52
CA GLN B 325 -62.04 6.76 9.21
C GLN B 325 -60.61 6.28 9.07
N VAL B 326 -60.05 6.36 7.86
CA VAL B 326 -58.67 5.91 7.68
C VAL B 326 -57.71 6.86 8.37
N LEU B 327 -58.03 8.16 8.42
CA LEU B 327 -57.23 9.08 9.19
C LEU B 327 -57.20 8.68 10.66
N GLN B 328 -58.37 8.34 11.21
CA GLN B 328 -58.42 7.90 12.59
C GLN B 328 -57.66 6.59 12.80
N TYR B 329 -57.74 5.70 11.81
CA TYR B 329 -56.99 4.45 11.90
C TYR B 329 -55.51 4.71 11.99
N LEU B 330 -55.00 5.62 11.15
CA LEU B 330 -53.59 5.99 11.23
C LEU B 330 -53.27 6.62 12.57
N GLY B 331 -54.15 7.50 13.05
CA GLY B 331 -53.89 8.17 14.32
C GLY B 331 -53.78 7.20 15.47
N ASP B 332 -54.67 6.19 15.51
CA ASP B 332 -54.59 5.22 16.60
C ASP B 332 -53.42 4.27 16.41
N LYS B 333 -53.10 3.90 15.15
CA LYS B 333 -51.97 3.03 14.92
C LYS B 333 -50.66 3.72 15.32
N PHE B 334 -50.62 5.04 15.24
CA PHE B 334 -49.45 5.83 15.62
C PHE B 334 -49.87 6.85 16.66
N ARG B 335 -49.86 6.46 17.93
CA ARG B 335 -50.15 7.39 19.01
C ARG B 335 -48.95 7.57 19.94
N VAL B 336 -48.32 6.47 20.37
CA VAL B 336 -47.04 6.56 21.06
C VAL B 336 -45.88 6.59 20.08
N VAL B 337 -46.12 6.31 18.80
CA VAL B 337 -45.06 6.38 17.79
C VAL B 337 -44.58 7.82 17.64
N PHE B 338 -45.51 8.76 17.57
CA PHE B 338 -45.19 10.16 17.38
C PHE B 338 -45.24 10.95 18.68
N GLN B 339 -45.29 10.26 19.82
CA GLN B 339 -45.38 10.91 21.13
C GLN B 339 -46.57 11.86 21.20
N ALA B 340 -47.68 11.43 20.60
CA ALA B 340 -48.86 12.27 20.53
C ALA B 340 -49.41 12.55 21.92
N SER B 341 -49.92 13.76 22.11
CA SER B 341 -50.49 14.13 23.40
C SER B 341 -51.80 13.36 23.63
N PRO B 342 -52.13 13.08 24.90
CA PRO B 342 -53.40 12.40 25.16
C PRO B 342 -54.60 13.16 24.63
N ASP B 343 -54.58 14.49 24.72
CA ASP B 343 -55.66 15.31 24.16
C ASP B 343 -55.36 15.58 22.71
N GLN B 344 -55.61 14.58 21.87
CA GLN B 344 -55.40 14.70 20.43
C GLN B 344 -56.28 13.68 19.73
N SER B 345 -57.20 14.16 18.91
CA SER B 345 -58.10 13.27 18.18
C SER B 345 -57.30 12.37 17.25
N ASP B 346 -57.86 11.19 16.97
CA ASP B 346 -57.20 10.27 16.05
C ASP B 346 -57.08 10.88 14.66
N LEU B 347 -58.13 11.58 14.21
CA LEU B 347 -58.04 12.26 12.92
C LEU B 347 -56.95 13.31 12.94
N GLU B 348 -56.85 14.07 14.03
CA GLU B 348 -55.80 15.07 14.15
C GLU B 348 -54.42 14.43 14.08
N VAL B 349 -54.23 13.32 14.79
CA VAL B 349 -52.93 12.65 14.81
C VAL B 349 -52.58 12.11 13.44
N GLY B 350 -53.55 11.49 12.76
CA GLY B 350 -53.29 10.99 11.43
C GLY B 350 -52.94 12.09 10.45
N GLN B 351 -53.67 13.20 10.51
CA GLN B 351 -53.34 14.34 9.66
C GLN B 351 -51.94 14.84 9.96
N GLU B 352 -51.58 14.89 11.25
CA GLU B 352 -50.25 15.36 11.62
C GLU B 352 -49.17 14.44 11.07
N VAL B 353 -49.37 13.12 11.16
CA VAL B 353 -48.31 12.21 10.71
C VAL B 353 -48.18 12.24 9.20
N LEU B 354 -49.31 12.26 8.47
CA LEU B 354 -49.18 12.33 7.03
C LEU B 354 -48.82 13.72 6.54
N ASP B 355 -48.81 14.72 7.42
CA ASP B 355 -48.28 16.02 7.07
C ASP B 355 -46.80 16.17 7.43
N ARG B 356 -46.32 15.37 8.38
CA ARG B 356 -44.97 15.54 8.90
C ARG B 356 -43.97 14.52 8.38
N ILE B 357 -44.40 13.29 8.09
CA ILE B 357 -43.45 12.20 7.88
C ILE B 357 -43.41 11.69 6.45
N VAL B 358 -44.34 12.07 5.58
CA VAL B 358 -44.36 11.60 4.21
C VAL B 358 -44.29 12.79 3.27
N LEU B 359 -43.39 12.72 2.29
CA LEU B 359 -43.20 13.75 1.28
C LEU B 359 -43.06 15.12 1.94
N VAL B 360 -42.20 15.19 2.95
CA VAL B 360 -42.05 16.38 3.76
C VAL B 360 -41.66 17.59 2.94
N HIS B 361 -41.05 17.38 1.77
CA HIS B 361 -40.60 18.50 0.97
C HIS B 361 -41.75 19.25 0.31
N LEU B 362 -42.95 18.68 0.29
CA LEU B 362 -44.09 19.41 -0.22
C LEU B 362 -44.78 20.27 0.84
N GLY B 363 -44.36 20.16 2.10
CA GLY B 363 -44.91 21.00 3.13
C GLY B 363 -46.38 20.72 3.40
N LYS B 364 -46.94 21.58 4.25
CA LYS B 364 -48.34 21.47 4.61
C LYS B 364 -49.21 21.94 3.46
N ASP B 365 -50.50 21.58 3.53
CA ASP B 365 -51.54 21.99 2.58
C ASP B 365 -51.21 21.56 1.15
N GLY B 366 -50.10 20.85 0.97
CA GLY B 366 -49.75 20.31 -0.32
C GLY B 366 -50.13 18.86 -0.51
N SER B 367 -50.97 18.32 0.36
CA SER B 367 -51.38 16.93 0.30
C SER B 367 -51.97 16.59 -1.05
N GLN B 368 -52.66 17.56 -1.67
CA GLN B 368 -53.19 17.34 -3.01
C GLN B 368 -52.08 17.01 -3.99
N ASP B 369 -50.89 17.58 -3.77
CA ASP B 369 -49.74 17.21 -4.59
C ASP B 369 -48.99 16.02 -4.03
N LYS B 370 -49.03 15.81 -2.70
CA LYS B 370 -48.44 14.59 -2.15
C LYS B 370 -49.11 13.36 -2.72
N PHE B 371 -50.44 13.37 -2.80
CA PHE B 371 -51.15 12.29 -3.48
C PHE B 371 -50.75 12.20 -4.94
N ARG B 372 -50.44 13.33 -5.57
CA ARG B 372 -50.06 13.31 -6.96
C ARG B 372 -48.63 12.81 -7.16
N MET B 373 -47.77 12.97 -6.16
CA MET B 373 -46.40 12.49 -6.28
C MET B 373 -46.32 10.98 -6.19
N LEU B 374 -47.02 10.38 -5.23
CA LEU B 374 -46.94 8.94 -5.07
C LEU B 374 -47.45 8.21 -6.30
N LEU B 375 -48.51 8.73 -6.92
CA LEU B 375 -48.97 8.14 -8.18
C LEU B 375 -47.88 8.17 -9.23
N PHE B 376 -47.01 9.19 -9.19
CA PHE B 376 -45.85 9.17 -10.07
C PHE B 376 -44.79 8.19 -9.57
N MET B 377 -44.55 8.16 -8.27
CA MET B 377 -43.52 7.28 -7.73
C MET B 377 -43.87 5.82 -7.95
N ILE B 378 -45.14 5.46 -7.78
CA ILE B 378 -45.56 4.07 -7.96
C ILE B 378 -45.33 3.64 -9.40
N ARG B 379 -45.75 4.48 -10.36
CA ARG B 379 -45.64 4.10 -11.76
C ARG B 379 -44.19 3.84 -12.15
N LYS B 380 -43.26 4.61 -11.58
CA LYS B 380 -41.86 4.33 -11.82
C LYS B 380 -41.46 2.98 -11.25
N LEU B 381 -41.98 2.65 -10.06
CA LEU B 381 -41.64 1.36 -9.45
C LEU B 381 -42.09 0.22 -10.33
N TYR B 382 -43.32 0.28 -10.84
CA TYR B 382 -43.76 -0.76 -11.76
C TYR B 382 -42.98 -0.72 -13.06
N SER B 383 -42.55 0.46 -13.50
CA SER B 383 -41.64 0.52 -14.62
C SER B 383 -40.31 -0.15 -14.29
N LEU B 384 -39.83 0.03 -13.06
CA LEU B 384 -38.63 -0.67 -12.64
C LEU B 384 -38.85 -2.18 -12.62
N VAL B 385 -40.01 -2.62 -12.12
CA VAL B 385 -40.30 -4.05 -12.09
C VAL B 385 -40.31 -4.61 -13.50
N ALA B 386 -41.06 -3.97 -14.40
CA ALA B 386 -41.13 -4.42 -15.78
C ALA B 386 -39.85 -4.17 -16.54
N GLY B 387 -38.90 -3.44 -15.97
CA GLY B 387 -37.65 -3.17 -16.64
C GLY B 387 -37.70 -2.06 -17.67
N GLU B 388 -38.82 -1.35 -17.78
CA GLU B 388 -38.90 -0.24 -18.72
C GLU B 388 -37.96 0.90 -18.37
N CYS B 389 -37.52 0.97 -17.11
CA CYS B 389 -36.58 2.00 -16.69
C CYS B 389 -35.37 1.35 -16.06
N SER B 390 -34.21 1.91 -16.33
CA SER B 390 -32.99 1.43 -15.73
C SER B 390 -32.86 1.95 -14.31
N PRO B 391 -32.15 1.22 -13.44
CA PRO B 391 -31.89 1.74 -12.10
C PRO B 391 -30.97 2.93 -12.14
N ASP B 392 -30.85 3.59 -11.00
CA ASP B 392 -29.99 4.76 -10.85
C ASP B 392 -28.98 4.50 -9.75
N ASN B 393 -27.72 4.75 -10.05
CA ASN B 393 -26.65 4.41 -9.12
C ASN B 393 -26.66 5.37 -7.93
N PRO B 394 -26.78 4.87 -6.70
CA PRO B 394 -26.74 5.77 -5.54
C PRO B 394 -25.43 6.53 -5.42
N ASP B 395 -24.31 5.94 -5.81
CA ASP B 395 -23.02 6.60 -5.66
C ASP B 395 -22.60 7.37 -6.91
N ALA B 396 -23.42 7.36 -7.96
CA ALA B 396 -23.13 8.21 -9.11
C ALA B 396 -23.45 9.67 -8.75
N THR B 397 -22.65 10.58 -9.32
CA THR B 397 -22.82 11.98 -8.99
C THR B 397 -24.08 12.59 -9.60
N GLN B 398 -24.77 11.87 -10.50
CA GLN B 398 -26.06 12.36 -10.98
C GLN B 398 -27.02 12.56 -9.82
N HIS B 399 -27.10 11.58 -8.94
CA HIS B 399 -28.05 11.59 -7.83
C HIS B 399 -27.38 11.86 -6.50
N GLN B 400 -26.10 12.24 -6.51
CA GLN B 400 -25.43 12.63 -5.29
C GLN B 400 -25.68 14.11 -5.00
N GLU B 401 -25.41 14.50 -3.76
CA GLU B 401 -25.63 15.87 -3.33
C GLU B 401 -24.92 16.08 -2.00
N VAL B 402 -24.30 17.25 -1.85
CA VAL B 402 -23.47 17.56 -0.68
C VAL B 402 -24.25 18.51 0.22
N LEU B 403 -24.32 18.17 1.50
CA LEU B 403 -24.84 19.07 2.51
C LEU B 403 -23.67 19.77 3.19
N LEU B 404 -23.81 21.08 3.39
CA LEU B 404 -22.69 21.87 3.86
C LEU B 404 -22.53 21.75 5.37
N GLY B 405 -21.47 22.38 5.87
CA GLY B 405 -21.25 22.39 7.31
C GLY B 405 -22.30 23.18 8.08
N GLY B 406 -22.69 24.33 7.54
CA GLY B 406 -23.67 25.15 8.23
C GLY B 406 -25.02 24.47 8.34
N PHE B 407 -25.44 23.78 7.29
CA PHE B 407 -26.75 23.13 7.32
C PHE B 407 -26.81 22.07 8.40
N LEU B 408 -25.75 21.27 8.53
CA LEU B 408 -25.72 20.27 9.59
C LEU B 408 -25.72 20.94 10.95
N TYR B 409 -25.02 22.07 11.07
CA TYR B 409 -25.03 22.82 12.32
C TYR B 409 -26.44 23.23 12.71
N GLY B 410 -27.17 23.81 11.75
CA GLY B 410 -28.54 24.21 12.03
C GLY B 410 -29.43 23.03 12.35
N MET B 411 -29.24 21.92 11.64
CA MET B 411 -30.06 20.74 11.89
C MET B 411 -29.85 20.20 13.29
N ILE B 412 -28.60 20.04 13.71
CA ILE B 412 -28.34 19.52 15.04
C ILE B 412 -28.78 20.52 16.10
N LEU B 413 -28.68 21.82 15.81
CA LEU B 413 -29.17 22.81 16.75
C LEU B 413 -30.67 22.70 16.94
N LYS B 414 -31.41 22.53 15.84
CA LYS B 414 -32.86 22.37 15.93
C LYS B 414 -33.21 21.10 16.70
N GLU B 415 -32.47 20.02 16.46
CA GLU B 415 -32.68 18.80 17.22
C GLU B 415 -32.48 19.03 18.71
N LYS B 416 -31.43 19.76 19.07
CA LYS B 416 -31.16 20.00 20.48
C LYS B 416 -32.23 20.89 21.10
N ILE B 417 -32.72 21.88 20.37
CA ILE B 417 -33.79 22.73 20.90
C ILE B 417 -35.05 21.91 21.12
N ASP B 418 -35.40 21.05 20.17
CA ASP B 418 -36.56 20.18 20.35
C ASP B 418 -36.38 19.27 21.55
N GLU B 419 -35.18 18.73 21.73
CA GLU B 419 -34.90 17.91 22.90
C GLU B 419 -35.04 18.71 24.19
N TYR B 420 -34.62 19.98 24.17
CA TYR B 420 -34.75 20.84 25.34
C TYR B 420 -36.20 21.06 25.71
N LEU B 421 -37.05 21.32 24.71
CA LEU B 421 -38.48 21.46 24.99
C LEU B 421 -39.05 20.16 25.54
N GLN B 422 -38.66 19.03 24.95
CA GLN B 422 -39.08 17.75 25.47
C GLN B 422 -38.63 17.57 26.92
N ASN B 423 -37.46 18.09 27.25
CA ASN B 423 -36.95 17.95 28.61
C ASN B 423 -37.76 18.77 29.60
N ILE B 424 -38.13 20.00 29.23
CA ILE B 424 -38.96 20.78 30.14
C ILE B 424 -40.32 20.13 30.30
N ILE B 425 -40.84 19.54 29.22
CA ILE B 425 -42.10 18.79 29.31
C ILE B 425 -41.94 17.62 30.28
N ALA B 426 -40.83 16.91 30.19
CA ALA B 426 -40.59 15.78 31.09
C ALA B 426 -40.47 16.23 32.54
N GLN B 427 -39.83 17.37 32.76
CA GLN B 427 -39.72 17.89 34.13
C GLN B 427 -41.09 18.24 34.68
N VAL B 428 -41.94 18.88 33.87
CA VAL B 428 -43.31 19.16 34.29
C VAL B 428 -44.04 17.86 34.58
N ARG B 429 -43.82 16.84 33.75
CA ARG B 429 -44.46 15.55 33.98
C ARG B 429 -44.04 14.94 35.31
N MET B 430 -42.74 15.02 35.63
CA MET B 430 -42.27 14.49 36.90
C MET B 430 -42.86 15.26 38.07
N ASP B 431 -42.94 16.59 37.95
CA ASP B 431 -43.56 17.38 39.02
C ASP B 431 -45.03 17.01 39.20
N ILE B 432 -45.75 16.81 38.11
CA ILE B 432 -47.13 16.36 38.19
C ILE B 432 -47.21 15.00 38.88
N ASN B 433 -46.30 14.10 38.51
CA ASN B 433 -46.31 12.77 39.10
C ASN B 433 -46.08 12.80 40.60
N ARG B 434 -45.11 13.59 41.04
CA ARG B 434 -44.70 13.56 42.44
C ARG B 434 -44.89 14.89 43.16
N GLY B 435 -44.43 16.00 42.56
CA GLY B 435 -44.42 17.26 43.29
C GLY B 435 -45.79 17.73 43.70
N MET B 436 -46.76 17.64 42.80
CA MET B 436 -48.15 18.04 43.06
C MET B 436 -48.25 19.49 43.52
N ALA B 437 -47.31 20.32 43.08
CA ALA B 437 -47.33 21.76 43.35
C ALA B 437 -47.21 22.46 42.00
N ILE B 438 -48.35 22.66 41.35
CA ILE B 438 -48.40 23.09 39.96
C ILE B 438 -49.33 24.30 39.85
N ASN B 439 -48.96 25.25 39.01
CA ASN B 439 -49.84 26.37 38.73
C ASN B 439 -50.07 26.61 37.25
N PHE B 440 -49.06 26.38 36.41
CA PHE B 440 -49.15 26.54 34.96
C PHE B 440 -49.44 27.99 34.55
N LYS B 441 -49.53 28.90 35.51
CA LYS B 441 -49.79 30.29 35.20
C LYS B 441 -48.95 31.23 36.05
N ASP B 442 -47.92 30.74 36.73
CA ASP B 442 -47.14 31.52 37.68
C ASP B 442 -45.71 31.67 37.18
N LYS B 443 -45.23 32.91 37.17
CA LYS B 443 -43.86 33.18 36.74
C LYS B 443 -42.85 32.52 37.66
N ARG B 444 -43.13 32.50 38.96
CA ARG B 444 -42.26 31.79 39.89
C ARG B 444 -42.23 30.29 39.56
N TYR B 445 -43.38 29.72 39.20
CA TYR B 445 -43.41 28.33 38.78
C TYR B 445 -42.58 28.11 37.53
N MET B 446 -42.67 29.01 36.56
CA MET B 446 -41.86 28.89 35.35
C MET B 446 -40.38 28.94 35.70
N SER B 447 -40.00 29.85 36.61
CA SER B 447 -38.61 29.95 37.03
C SER B 447 -38.15 28.66 37.71
N ARG B 448 -39.00 28.08 38.55
CA ARG B 448 -38.66 26.80 39.17
C ARG B 448 -38.45 25.73 38.11
N VAL B 449 -39.30 25.71 37.09
CA VAL B 449 -39.17 24.71 36.03
C VAL B 449 -37.87 24.88 35.28
N LEU B 450 -37.58 26.11 34.84
CA LEU B 450 -36.40 26.32 33.99
C LEU B 450 -35.11 26.17 34.78
N MET B 451 -35.10 26.54 36.06
CA MET B 451 -33.89 26.40 36.85
C MET B 451 -33.47 24.95 37.03
N ARG B 452 -34.37 24.00 36.79
CA ARG B 452 -34.08 22.59 37.01
C ARG B 452 -33.74 21.85 35.73
N VAL B 453 -33.70 22.52 34.59
CA VAL B 453 -33.34 21.88 33.32
C VAL B 453 -31.97 22.42 32.89
N ASN B 454 -31.44 21.82 31.83
CA ASN B 454 -30.11 22.18 31.33
C ASN B 454 -30.23 23.24 30.26
N GLU B 455 -29.45 24.32 30.42
CA GLU B 455 -29.38 25.40 29.45
C GLU B 455 -28.03 25.43 28.74
N ASN B 456 -27.40 24.27 28.62
CA ASN B 456 -26.06 24.15 28.05
C ASN B 456 -26.11 23.72 26.59
N ILE B 457 -27.07 24.28 25.83
CA ILE B 457 -27.16 23.97 24.41
C ILE B 457 -25.84 24.31 23.73
N GLY B 458 -25.29 25.49 24.01
CA GLY B 458 -24.01 25.86 23.44
C GLY B 458 -22.89 24.93 23.88
N SER B 459 -22.91 24.50 25.15
CA SER B 459 -21.88 23.59 25.64
C SER B 459 -21.93 22.26 24.90
N LYS B 460 -23.13 21.75 24.66
CA LYS B 460 -23.25 20.49 23.94
C LYS B 460 -22.90 20.64 22.47
N MET B 461 -23.18 21.81 21.89
CA MET B 461 -22.70 22.06 20.53
C MET B 461 -21.18 22.08 20.49
N GLN B 462 -20.55 22.68 21.50
CA GLN B 462 -19.10 22.67 21.60
C GLN B 462 -18.58 21.24 21.72
N TYR B 463 -19.25 20.42 22.53
CA TYR B 463 -18.86 19.02 22.63
C TYR B 463 -18.98 18.30 21.29
N PHE B 464 -20.04 18.58 20.55
CA PHE B 464 -20.21 17.98 19.23
C PHE B 464 -19.08 18.39 18.30
N LEU B 465 -18.72 19.68 18.30
CA LEU B 465 -17.61 20.12 17.47
C LEU B 465 -16.31 19.46 17.89
N SER B 466 -16.09 19.33 19.20
CA SER B 466 -14.82 18.81 19.68
C SER B 466 -14.66 17.32 19.37
N THR B 467 -15.73 16.55 19.48
CA THR B 467 -15.60 15.10 19.39
C THR B 467 -16.03 14.52 18.06
N GLY B 468 -17.05 15.09 17.41
CA GLY B 468 -17.59 14.50 16.21
C GLY B 468 -18.59 13.41 16.45
N ASN B 469 -18.96 13.14 17.71
CA ASN B 469 -19.91 12.09 18.05
C ASN B 469 -21.31 12.68 17.98
N LEU B 470 -22.03 12.37 16.91
CA LEU B 470 -23.38 12.87 16.71
C LEU B 470 -24.35 12.05 17.56
N VAL B 471 -25.13 12.73 18.39
CA VAL B 471 -26.16 12.09 19.21
C VAL B 471 -27.47 12.82 18.97
N SER B 472 -28.50 12.07 18.57
CA SER B 472 -29.82 12.65 18.32
C SER B 472 -30.84 11.53 18.37
N GLN B 473 -32.11 11.92 18.41
CA GLN B 473 -33.20 10.96 18.42
C GLN B 473 -33.61 10.56 17.01
N SER B 474 -33.83 11.55 16.15
CA SER B 474 -34.25 11.25 14.78
C SER B 474 -33.13 10.58 14.00
N GLY B 475 -31.90 10.98 14.24
CA GLY B 475 -30.78 10.49 13.45
C GLY B 475 -30.52 11.26 12.18
N LEU B 476 -31.34 12.27 11.88
CA LEU B 476 -31.16 13.18 10.74
C LEU B 476 -31.21 12.47 9.39
N ASP B 477 -31.70 11.22 9.35
CA ASP B 477 -31.68 10.41 8.14
C ASP B 477 -30.26 10.28 7.57
N LEU B 478 -29.27 10.32 8.45
CA LEU B 478 -27.89 10.13 8.05
C LEU B 478 -27.54 8.65 8.16
N GLN B 479 -26.26 8.32 8.01
CA GLN B 479 -25.81 6.95 8.16
C GLN B 479 -24.59 6.80 9.06
N GLN B 480 -23.82 7.85 9.27
CA GLN B 480 -22.67 7.79 10.15
C GLN B 480 -23.08 8.18 11.57
N VAL B 481 -22.20 7.90 12.52
CA VAL B 481 -22.46 8.22 13.92
C VAL B 481 -21.32 9.06 14.46
N SER B 482 -20.10 8.54 14.39
CA SER B 482 -18.93 9.17 14.97
C SER B 482 -18.07 9.76 13.87
N GLY B 483 -17.71 11.03 14.03
CA GLY B 483 -16.78 11.68 13.12
C GLY B 483 -17.47 12.61 12.14
N TYR B 484 -17.49 13.89 12.46
CA TYR B 484 -17.96 14.91 11.53
C TYR B 484 -17.08 16.16 11.52
N THR B 485 -16.21 16.33 12.52
CA THR B 485 -15.34 17.49 12.61
C THR B 485 -13.90 17.04 12.50
N VAL B 486 -13.16 17.65 11.58
CA VAL B 486 -11.75 17.37 11.41
C VAL B 486 -10.95 18.42 12.16
N VAL B 487 -9.75 18.06 12.58
CA VAL B 487 -8.89 19.00 13.30
C VAL B 487 -8.56 20.20 12.43
N ALA B 488 -8.53 20.02 11.10
CA ALA B 488 -8.25 21.10 10.15
C ALA B 488 -6.91 21.77 10.45
N GLU B 489 -5.86 20.95 10.38
CA GLU B 489 -4.52 21.44 10.69
C GLU B 489 -4.04 22.42 9.63
N LYS B 490 -3.00 23.17 9.98
CA LYS B 490 -2.39 24.14 9.09
C LYS B 490 -0.90 23.87 8.96
N ILE B 491 -0.56 22.61 8.69
CA ILE B 491 0.83 22.26 8.43
C ILE B 491 1.37 23.09 7.29
N ASN B 492 0.65 23.12 6.18
CA ASN B 492 0.96 23.99 5.06
C ASN B 492 -0.29 24.77 4.71
N PHE B 493 -0.09 25.92 4.07
CA PHE B 493 -1.24 26.64 3.54
C PHE B 493 -1.99 25.79 2.54
N TYR B 494 -1.28 24.95 1.78
CA TYR B 494 -1.94 24.05 0.84
C TYR B 494 -2.89 23.11 1.57
N ARG B 495 -2.42 22.46 2.63
CA ARG B 495 -3.27 21.56 3.40
C ARG B 495 -4.44 22.32 4.02
N PHE B 496 -4.16 23.50 4.57
CA PHE B 496 -5.20 24.27 5.23
C PHE B 496 -6.31 24.66 4.25
N ILE B 497 -5.94 25.12 3.06
CA ILE B 497 -6.97 25.46 2.08
C ILE B 497 -7.63 24.20 1.54
N SER B 498 -6.93 23.07 1.56
CA SER B 498 -7.55 21.82 1.09
C SER B 498 -8.59 21.32 2.07
N HIS B 499 -8.44 21.64 3.36
CA HIS B 499 -9.44 21.22 4.34
C HIS B 499 -10.83 21.69 3.96
N PHE B 500 -10.95 22.82 3.28
CA PHE B 500 -12.23 23.44 3.00
C PHE B 500 -12.81 23.01 1.65
N ARG B 501 -12.17 22.06 0.97
CA ARG B 501 -12.68 21.59 -0.31
C ARG B 501 -12.88 20.09 -0.36
N MET B 502 -12.66 19.37 0.74
CA MET B 502 -12.83 17.93 0.74
C MET B 502 -14.28 17.57 0.99
N VAL B 503 -14.77 16.58 0.25
CA VAL B 503 -16.12 16.06 0.41
C VAL B 503 -16.00 14.57 0.69
N HIS B 504 -16.62 14.13 1.78
CA HIS B 504 -16.50 12.76 2.26
C HIS B 504 -17.76 11.98 1.93
N ARG B 505 -17.57 10.76 1.42
CA ARG B 505 -18.72 9.91 1.10
C ARG B 505 -19.37 9.36 2.35
N GLY B 506 -18.57 8.88 3.30
CA GLY B 506 -19.12 8.34 4.53
C GLY B 506 -18.25 7.28 5.19
N SER B 507 -18.17 7.32 6.52
CA SER B 507 -17.37 6.35 7.25
C SER B 507 -17.91 4.94 7.09
N PHE B 508 -19.24 4.79 6.96
CA PHE B 508 -19.80 3.48 6.68
C PHE B 508 -19.28 2.94 5.36
N PHE B 509 -19.20 3.79 4.34
CA PHE B 509 -18.57 3.38 3.09
C PHE B 509 -17.09 3.09 3.28
N ALA B 510 -16.42 3.83 4.18
CA ALA B 510 -15.02 3.54 4.46
C ALA B 510 -14.85 2.14 5.00
N GLN B 511 -15.75 1.71 5.89
CA GLN B 511 -15.71 0.34 6.39
C GLN B 511 -16.05 -0.68 5.30
N LEU B 512 -16.85 -0.27 4.32
CA LEU B 512 -17.22 -1.17 3.24
C LEU B 512 -16.00 -1.55 2.42
N LYS B 513 -16.00 -2.77 1.89
CA LYS B 513 -14.88 -3.31 1.13
C LYS B 513 -15.19 -3.50 -0.34
N THR B 514 -16.26 -2.89 -0.86
CA THR B 514 -16.56 -2.98 -2.28
C THR B 514 -15.77 -1.94 -3.05
N THR B 515 -15.16 -2.36 -4.15
CA THR B 515 -14.30 -1.47 -4.93
C THR B 515 -15.11 -0.48 -5.77
N THR B 516 -16.24 -0.93 -6.32
CA THR B 516 -16.95 -0.15 -7.33
C THR B 516 -17.38 1.22 -6.83
N VAL B 517 -17.51 1.41 -5.52
CA VAL B 517 -17.84 2.74 -5.00
C VAL B 517 -16.67 3.70 -5.20
N ARG B 518 -15.44 3.20 -5.19
CA ARG B 518 -14.25 4.03 -5.28
C ARG B 518 -13.87 4.38 -6.71
N LYS B 519 -14.63 3.93 -7.70
CA LYS B 519 -14.32 4.24 -9.09
C LYS B 519 -14.42 5.73 -9.35
N LEU B 520 -13.65 6.20 -10.33
CA LEU B 520 -13.72 7.59 -10.77
C LEU B 520 -14.74 7.67 -11.90
N LEU B 521 -15.97 7.97 -11.55
CA LEU B 521 -17.04 7.98 -12.54
C LEU B 521 -16.88 9.16 -13.49
N PRO B 522 -17.19 8.99 -14.77
CA PRO B 522 -17.17 10.14 -15.69
C PRO B 522 -18.16 11.22 -15.31
N GLU B 523 -19.26 10.87 -14.65
CA GLU B 523 -20.27 11.86 -14.28
C GLU B 523 -19.71 12.93 -13.36
N SER B 524 -18.59 12.66 -12.70
CA SER B 524 -17.94 13.63 -11.83
C SER B 524 -17.07 14.61 -12.59
N TRP B 525 -17.24 14.72 -13.90
CA TRP B 525 -16.47 15.67 -14.70
C TRP B 525 -16.86 17.09 -14.35
N GLY B 526 -15.89 17.91 -13.97
CA GLY B 526 -16.14 19.29 -13.68
C GLY B 526 -16.52 19.61 -12.25
N PHE B 527 -16.70 18.60 -11.41
CA PHE B 527 -17.12 18.84 -10.04
C PHE B 527 -16.11 18.36 -9.02
N LEU B 528 -15.69 17.11 -9.09
CA LEU B 528 -14.65 16.59 -8.21
C LEU B 528 -13.34 16.50 -8.98
N CYS B 529 -12.25 16.72 -8.26
CA CYS B 529 -10.94 16.71 -8.89
C CYS B 529 -10.58 15.29 -9.31
N PRO B 530 -10.29 15.05 -10.58
CA PRO B 530 -9.86 13.71 -10.99
C PRO B 530 -8.58 13.29 -10.33
N VAL B 531 -7.77 14.23 -9.88
CA VAL B 531 -6.43 13.95 -9.39
C VAL B 531 -6.37 13.94 -7.87
N HIS B 532 -6.81 15.02 -7.23
CA HIS B 532 -6.61 15.17 -5.80
C HIS B 532 -7.39 14.10 -5.05
N THR B 533 -6.67 13.13 -4.51
CA THR B 533 -7.23 12.04 -3.74
C THR B 533 -6.13 11.40 -2.92
N PRO B 534 -6.30 11.28 -1.60
CA PRO B 534 -5.25 10.67 -0.79
C PRO B 534 -5.03 9.22 -1.19
N ASP B 535 -3.79 8.78 -1.09
CA ASP B 535 -3.41 7.43 -1.48
C ASP B 535 -3.26 6.57 -0.24
N GLY B 536 -3.94 5.44 -0.22
CA GLY B 536 -3.92 4.55 0.91
C GLY B 536 -5.31 4.05 1.28
N SER B 537 -5.58 3.94 2.58
CA SER B 537 -6.89 3.47 3.01
C SER B 537 -8.03 4.37 2.54
N PRO B 538 -7.98 5.70 2.70
CA PRO B 538 -9.15 6.50 2.31
C PRO B 538 -9.18 6.82 0.83
N CYS B 539 -8.37 6.11 0.04
CA CYS B 539 -8.30 6.40 -1.39
C CYS B 539 -9.65 6.15 -2.05
N GLY B 540 -9.99 7.02 -3.00
CA GLY B 540 -11.25 6.93 -3.69
C GLY B 540 -12.45 7.44 -2.91
N LEU B 541 -12.22 7.99 -1.72
CA LEU B 541 -13.31 8.45 -0.86
C LEU B 541 -13.25 9.94 -0.58
N LEU B 542 -12.08 10.45 -0.19
CA LEU B 542 -11.95 11.86 0.18
C LEU B 542 -11.72 12.70 -1.07
N ASN B 543 -12.75 12.73 -1.92
CA ASN B 543 -12.66 13.53 -3.13
C ASN B 543 -12.65 15.01 -2.77
N HIS B 544 -12.10 15.82 -3.68
CA HIS B 544 -12.03 17.25 -3.51
C HIS B 544 -12.73 17.94 -4.66
N PHE B 545 -13.48 19.00 -4.35
CA PHE B 545 -14.16 19.75 -5.40
C PHE B 545 -13.15 20.40 -6.32
N ALA B 546 -13.51 20.49 -7.59
CA ALA B 546 -12.71 21.26 -8.53
C ALA B 546 -12.74 22.73 -8.15
N HIS B 547 -11.66 23.43 -8.48
CA HIS B 547 -11.67 24.87 -8.29
C HIS B 547 -12.68 25.51 -9.24
N LYS B 548 -13.16 26.69 -8.87
CA LYS B 548 -14.22 27.39 -9.59
C LYS B 548 -15.52 26.57 -9.60
N CYS B 549 -15.71 25.73 -8.59
CA CYS B 549 -16.96 25.03 -8.36
C CYS B 549 -17.65 25.62 -7.13
N ARG B 550 -18.92 25.97 -7.29
CA ARG B 550 -19.66 26.66 -6.24
C ARG B 550 -20.85 25.83 -5.79
N ILE B 551 -21.19 25.96 -4.52
CA ILE B 551 -22.33 25.28 -3.92
C ILE B 551 -23.38 26.35 -3.60
N SER B 552 -24.55 26.23 -4.21
CA SER B 552 -25.61 27.22 -4.02
C SER B 552 -26.22 27.03 -2.64
N THR B 553 -25.76 27.81 -1.66
CA THR B 553 -26.30 27.75 -0.31
C THR B 553 -27.44 28.76 -0.13
N GLN B 554 -28.40 28.73 -1.04
CA GLN B 554 -29.50 29.67 -1.01
C GLN B 554 -30.64 29.21 -1.92
N GLN B 555 -31.86 29.19 -1.40
CA GLN B 555 -33.00 28.82 -2.21
C GLN B 555 -33.24 29.87 -3.28
N SER B 556 -33.31 29.45 -4.53
CA SER B 556 -33.52 30.39 -5.60
C SER B 556 -34.99 30.80 -5.68
N ASP B 557 -35.24 31.91 -6.38
CA ASP B 557 -36.59 32.44 -6.53
C ASP B 557 -37.36 31.56 -7.52
N VAL B 558 -37.92 30.48 -6.97
CA VAL B 558 -38.61 29.48 -7.79
C VAL B 558 -40.11 29.72 -7.86
N SER B 559 -40.61 30.81 -7.27
CA SER B 559 -42.05 31.01 -7.16
C SER B 559 -42.70 31.14 -8.53
N ARG B 560 -42.16 31.99 -9.38
CA ARG B 560 -42.77 32.30 -10.66
C ARG B 560 -42.46 31.27 -11.74
N ILE B 561 -41.60 30.29 -11.45
CA ILE B 561 -41.21 29.31 -12.47
C ILE B 561 -42.40 28.54 -13.01
N PRO B 562 -43.32 28.02 -12.18
CA PRO B 562 -44.50 27.35 -12.76
C PRO B 562 -45.28 28.24 -13.69
N SER B 563 -45.43 29.52 -13.35
CA SER B 563 -46.24 30.43 -14.15
C SER B 563 -45.69 30.55 -15.56
N ILE B 564 -44.39 30.81 -15.69
CA ILE B 564 -43.79 30.88 -17.02
C ILE B 564 -43.78 29.51 -17.66
N LEU B 565 -43.71 28.45 -16.86
CA LEU B 565 -43.77 27.11 -17.42
C LEU B 565 -45.13 26.84 -18.05
N TYR B 566 -46.21 27.25 -17.38
CA TYR B 566 -47.54 27.14 -17.97
C TYR B 566 -47.68 27.98 -19.22
N SER B 567 -46.87 29.04 -19.34
CA SER B 567 -46.93 29.88 -20.53
C SER B 567 -46.61 29.07 -21.78
N LEU B 568 -45.63 28.19 -21.68
CA LEU B 568 -45.30 27.30 -22.79
C LEU B 568 -46.38 26.25 -22.95
N GLY B 569 -46.17 25.33 -23.88
CA GLY B 569 -47.16 24.32 -24.14
C GLY B 569 -47.05 23.14 -23.20
N VAL B 570 -47.84 23.15 -22.14
CA VAL B 570 -47.88 22.09 -21.15
C VAL B 570 -49.34 21.87 -20.76
N ALA B 571 -49.56 20.91 -19.86
CA ALA B 571 -50.88 20.69 -19.30
C ALA B 571 -50.77 20.66 -17.78
N PRO B 572 -51.74 21.26 -17.08
CA PRO B 572 -51.67 21.28 -15.61
C PRO B 572 -51.70 19.89 -15.03
N ALA B 573 -51.08 19.74 -13.87
CA ALA B 573 -50.97 18.43 -13.23
C ALA B 573 -52.30 17.90 -12.73
N SER B 574 -53.35 18.73 -12.68
CA SER B 574 -54.64 18.32 -12.15
C SER B 574 -55.74 18.22 -13.20
N HIS B 575 -55.69 19.05 -14.25
CA HIS B 575 -56.77 19.06 -15.23
C HIS B 575 -56.88 17.73 -15.95
N THR B 576 -55.75 17.15 -16.34
CA THR B 576 -55.73 15.89 -17.07
C THR B 576 -54.82 14.91 -16.38
N PHE B 577 -55.18 13.63 -16.46
CA PHE B 577 -54.41 12.55 -15.89
C PHE B 577 -53.71 11.80 -17.02
N ALA B 578 -52.38 11.71 -16.91
CA ALA B 578 -51.58 10.97 -17.90
C ALA B 578 -50.24 10.67 -17.27
N ALA B 579 -49.93 9.39 -17.09
CA ALA B 579 -48.67 9.02 -16.46
C ALA B 579 -47.90 8.04 -17.32
N GLY B 580 -46.81 7.49 -16.79
CA GLY B 580 -45.99 6.56 -17.52
C GLY B 580 -44.85 7.25 -18.23
N PRO B 581 -43.80 6.48 -18.55
CA PRO B 581 -42.65 7.07 -19.23
C PRO B 581 -42.95 7.61 -20.60
N SER B 582 -44.09 7.22 -21.20
CA SER B 582 -44.42 7.68 -22.54
C SER B 582 -44.66 9.18 -22.60
N LEU B 583 -44.87 9.83 -21.46
CA LEU B 583 -45.09 11.27 -21.41
C LEU B 583 -44.04 11.92 -20.53
N CYS B 584 -43.51 13.06 -20.99
CA CYS B 584 -42.45 13.74 -20.27
C CYS B 584 -43.04 14.45 -19.07
N CYS B 585 -42.86 13.86 -17.89
CA CYS B 585 -43.26 14.52 -16.66
C CYS B 585 -42.44 15.79 -16.45
N VAL B 586 -43.07 16.82 -15.89
CA VAL B 586 -42.41 18.08 -15.60
C VAL B 586 -42.65 18.40 -14.14
N GLN B 587 -41.57 18.62 -13.39
CA GLN B 587 -41.72 18.93 -11.98
C GLN B 587 -40.63 19.89 -11.55
N ILE B 588 -40.95 20.70 -10.55
CA ILE B 588 -40.04 21.69 -10.00
C ILE B 588 -39.75 21.33 -8.56
N ASP B 589 -38.55 20.83 -8.30
CA ASP B 589 -38.10 20.53 -6.95
C ASP B 589 -39.08 19.58 -6.25
N GLY B 590 -39.64 18.64 -6.99
CA GLY B 590 -40.53 17.65 -6.43
C GLY B 590 -41.99 17.98 -6.47
N LYS B 591 -42.41 18.96 -7.26
CA LYS B 591 -43.82 19.29 -7.43
C LYS B 591 -44.23 18.95 -8.86
N ILE B 592 -44.96 17.85 -9.02
CA ILE B 592 -45.49 17.51 -10.33
C ILE B 592 -46.42 18.63 -10.78
N ILE B 593 -46.11 19.25 -11.91
CA ILE B 593 -46.90 20.37 -12.39
C ILE B 593 -47.39 20.20 -13.81
N GLY B 594 -46.76 19.37 -14.63
CA GLY B 594 -47.16 19.28 -16.02
C GLY B 594 -46.71 18.00 -16.67
N TRP B 595 -47.48 17.60 -17.68
CA TRP B 595 -47.17 16.45 -18.51
C TRP B 595 -47.25 16.86 -19.96
N VAL B 596 -46.31 16.38 -20.77
CA VAL B 596 -46.22 16.78 -22.17
C VAL B 596 -45.39 15.75 -22.91
N SER B 597 -45.53 15.72 -24.23
CA SER B 597 -44.77 14.81 -25.06
C SER B 597 -43.27 15.05 -24.89
N HIS B 598 -42.47 14.08 -25.32
CA HIS B 598 -41.03 14.18 -25.13
C HIS B 598 -40.41 15.21 -26.08
N GLU B 599 -40.93 15.30 -27.30
CA GLU B 599 -40.45 16.32 -28.22
C GLU B 599 -40.68 17.71 -27.66
N GLN B 600 -41.91 17.96 -27.20
CA GLN B 600 -42.21 19.25 -26.60
C GLN B 600 -41.41 19.45 -25.32
N GLY B 601 -41.11 18.38 -24.59
CA GLY B 601 -40.29 18.53 -23.41
C GLY B 601 -38.88 18.98 -23.73
N LYS B 602 -38.29 18.41 -24.78
CA LYS B 602 -36.98 18.87 -25.23
C LYS B 602 -37.04 20.32 -25.67
N ILE B 603 -38.09 20.68 -26.41
CA ILE B 603 -38.25 22.07 -26.84
C ILE B 603 -38.34 23.00 -25.65
N ILE B 604 -39.09 22.60 -24.62
CA ILE B 604 -39.24 23.42 -23.42
C ILE B 604 -37.90 23.56 -22.71
N ALA B 605 -37.13 22.47 -22.62
CA ALA B 605 -35.83 22.55 -21.96
C ALA B 605 -34.91 23.52 -22.69
N ASP B 606 -34.89 23.44 -24.02
CA ASP B 606 -34.05 24.37 -24.78
C ASP B 606 -34.49 25.81 -24.61
N THR B 607 -35.81 26.06 -24.67
CA THR B 607 -36.29 27.42 -24.52
C THR B 607 -36.01 27.96 -23.13
N LEU B 608 -36.15 27.12 -22.11
CA LEU B 608 -35.83 27.54 -20.75
C LEU B 608 -34.35 27.84 -20.62
N ARG B 609 -33.50 27.07 -21.30
CA ARG B 609 -32.08 27.42 -21.32
C ARG B 609 -31.85 28.79 -21.95
N TYR B 610 -32.51 29.04 -23.08
CA TYR B 610 -32.42 30.33 -23.74
C TYR B 610 -32.75 31.45 -22.76
N TRP B 611 -33.89 31.32 -22.08
CA TRP B 611 -34.36 32.40 -21.23
C TRP B 611 -33.56 32.50 -19.94
N LYS B 612 -32.95 31.40 -19.49
CA LYS B 612 -32.14 31.46 -18.28
C LYS B 612 -30.82 32.17 -18.54
N VAL B 613 -30.16 31.85 -19.65
CA VAL B 613 -28.87 32.49 -19.90
C VAL B 613 -29.06 33.89 -20.45
N GLU B 614 -30.17 34.15 -21.16
CA GLU B 614 -30.38 35.45 -21.77
C GLU B 614 -30.64 36.54 -20.74
N GLY B 615 -31.02 36.17 -19.52
CA GLY B 615 -31.40 37.18 -18.57
C GLY B 615 -32.71 37.84 -18.98
N LYS B 616 -32.92 39.05 -18.47
CA LYS B 616 -34.08 39.87 -18.81
C LYS B 616 -35.37 39.10 -18.57
N THR B 617 -35.44 38.44 -17.41
CA THR B 617 -36.62 37.69 -17.02
C THR B 617 -36.73 37.76 -15.50
N PRO B 618 -37.88 38.17 -14.96
CA PRO B 618 -37.99 38.32 -13.51
C PRO B 618 -37.66 37.06 -12.73
N GLY B 619 -38.06 35.90 -13.24
CA GLY B 619 -37.74 34.64 -12.63
C GLY B 619 -36.51 34.01 -13.26
N LEU B 620 -36.43 32.68 -13.15
CA LEU B 620 -35.38 31.88 -13.77
C LEU B 620 -34.00 32.38 -13.37
N PRO B 621 -33.57 32.15 -12.13
CA PRO B 621 -32.18 32.46 -11.79
C PRO B 621 -31.22 31.67 -12.66
N ILE B 622 -30.06 32.26 -12.95
CA ILE B 622 -29.09 31.60 -13.81
C ILE B 622 -28.67 30.27 -13.21
N ASP B 623 -28.53 30.22 -11.88
CA ASP B 623 -28.14 29.00 -11.19
C ASP B 623 -29.36 28.10 -10.98
N LEU B 624 -30.00 27.74 -12.09
CA LEU B 624 -31.16 26.85 -12.09
C LEU B 624 -30.76 25.55 -12.75
N GLU B 625 -30.64 24.49 -11.94
CA GLU B 625 -30.26 23.18 -12.45
C GLU B 625 -31.48 22.54 -13.11
N ILE B 626 -31.47 22.49 -14.43
CA ILE B 626 -32.57 21.93 -15.22
C ILE B 626 -32.06 20.71 -15.97
N GLY B 627 -32.76 19.59 -15.83
CA GLY B 627 -32.35 18.38 -16.48
C GLY B 627 -33.46 17.70 -17.26
N TYR B 628 -33.28 17.56 -18.56
CA TYR B 628 -34.26 16.91 -19.43
C TYR B 628 -33.70 15.56 -19.85
N VAL B 629 -34.32 14.49 -19.37
CA VAL B 629 -33.92 13.13 -19.70
C VAL B 629 -34.78 12.68 -20.88
N PRO B 630 -34.21 12.49 -22.07
CA PRO B 630 -35.00 12.12 -23.22
C PRO B 630 -35.51 10.69 -23.09
N PRO B 631 -36.57 10.33 -23.81
CA PRO B 631 -37.03 8.94 -23.76
C PRO B 631 -35.95 8.00 -24.27
N SER B 632 -35.78 6.89 -23.56
CA SER B 632 -34.70 5.96 -23.84
C SER B 632 -35.24 4.54 -23.87
N THR B 633 -34.64 3.71 -24.71
CA THR B 633 -34.96 2.29 -24.75
C THR B 633 -34.26 1.62 -23.57
N ARG B 634 -35.04 1.19 -22.59
CA ARG B 634 -34.53 0.56 -21.38
C ARG B 634 -33.60 1.48 -20.60
N GLY B 635 -33.70 2.77 -20.82
CA GLY B 635 -32.81 3.74 -20.19
C GLY B 635 -33.34 4.26 -18.87
N GLN B 636 -32.86 5.44 -18.50
CA GLN B 636 -33.32 6.09 -17.29
C GLN B 636 -34.75 6.60 -17.49
N TYR B 637 -35.44 6.82 -16.38
CA TYR B 637 -36.84 7.21 -16.46
C TYR B 637 -36.96 8.61 -17.05
N PRO B 638 -37.81 8.81 -18.05
CA PRO B 638 -37.85 10.10 -18.74
C PRO B 638 -38.48 11.19 -17.90
N GLY B 639 -38.69 12.36 -18.51
CA GLY B 639 -39.32 13.47 -17.84
C GLY B 639 -38.41 14.66 -17.65
N LEU B 640 -38.92 15.86 -17.85
CA LEU B 640 -38.15 17.07 -17.61
C LEU B 640 -38.10 17.35 -16.12
N TYR B 641 -36.98 17.93 -15.67
CA TYR B 641 -36.77 18.24 -14.27
C TYR B 641 -36.25 19.66 -14.12
N LEU B 642 -36.66 20.31 -13.04
CA LEU B 642 -36.12 21.60 -12.64
C LEU B 642 -35.76 21.51 -11.16
N PHE B 643 -34.68 22.20 -10.77
CA PHE B 643 -34.20 22.12 -9.39
C PHE B 643 -33.72 23.50 -8.96
N GLY B 644 -34.53 24.20 -8.19
CA GLY B 644 -34.05 25.40 -7.53
C GLY B 644 -32.93 25.08 -6.55
N GLY B 645 -33.10 24.02 -5.77
CA GLY B 645 -32.03 23.50 -4.95
C GLY B 645 -31.64 24.39 -3.79
N HIS B 646 -30.98 23.79 -2.80
CA HIS B 646 -30.46 24.54 -1.68
C HIS B 646 -29.05 24.13 -1.27
N SER B 647 -28.52 23.03 -1.80
CA SER B 647 -27.13 22.68 -1.60
C SER B 647 -26.49 22.07 -2.84
N ARG B 648 -27.16 22.11 -3.98
CA ARG B 648 -26.70 21.40 -5.17
C ARG B 648 -25.39 21.97 -5.71
N MET B 649 -24.63 21.12 -6.38
CA MET B 649 -23.36 21.50 -6.98
C MET B 649 -23.59 22.28 -8.27
N LEU B 650 -22.72 23.25 -8.51
CA LEU B 650 -22.84 24.12 -9.68
C LEU B 650 -21.47 24.29 -10.33
N ARG B 651 -21.49 24.56 -11.63
CA ARG B 651 -20.24 24.72 -12.36
C ARG B 651 -20.41 25.69 -13.52
N PRO B 652 -19.60 26.74 -13.60
CA PRO B 652 -19.69 27.66 -14.72
C PRO B 652 -19.24 27.02 -16.02
N VAL B 653 -19.80 27.51 -17.12
CA VAL B 653 -19.45 27.03 -18.45
C VAL B 653 -19.98 28.03 -19.47
N ARG B 654 -19.22 28.24 -20.54
CA ARG B 654 -19.69 29.10 -21.62
C ARG B 654 -20.88 28.46 -22.31
N TYR B 655 -21.72 29.30 -22.90
CA TYR B 655 -22.92 28.85 -23.61
C TYR B 655 -22.83 29.35 -25.04
N LEU B 656 -22.70 28.42 -25.98
CA LEU B 656 -22.36 28.78 -27.36
C LEU B 656 -23.36 29.71 -28.03
N PRO B 657 -24.68 29.48 -27.97
CA PRO B 657 -25.60 30.36 -28.71
C PRO B 657 -25.56 31.81 -28.26
N LEU B 658 -25.01 32.10 -27.08
CA LEU B 658 -24.92 33.48 -26.60
C LEU B 658 -23.55 33.89 -26.09
N ASP B 659 -22.61 32.95 -25.95
CA ASP B 659 -21.26 33.26 -25.48
C ASP B 659 -21.30 34.00 -24.14
N LYS B 660 -22.18 33.53 -23.26
CA LYS B 660 -22.31 34.08 -21.93
C LYS B 660 -22.14 32.97 -20.91
N GLU B 661 -21.74 33.34 -19.70
CA GLU B 661 -21.53 32.36 -18.66
C GLU B 661 -22.84 31.66 -18.33
N ASP B 662 -22.77 30.33 -18.21
CA ASP B 662 -23.91 29.51 -17.84
C ASP B 662 -23.49 28.59 -16.71
N ILE B 663 -24.45 28.20 -15.89
CA ILE B 663 -24.22 27.36 -14.72
C ILE B 663 -24.89 26.02 -14.96
N VAL B 664 -24.16 24.94 -14.66
CA VAL B 664 -24.64 23.59 -14.91
C VAL B 664 -24.39 22.74 -13.67
N GLY B 665 -25.33 21.86 -13.36
CA GLY B 665 -25.19 20.94 -12.26
C GLY B 665 -24.89 19.54 -12.74
N PRO B 666 -24.63 18.62 -11.80
CA PRO B 666 -24.28 17.25 -12.19
C PRO B 666 -25.39 16.54 -12.94
N PHE B 667 -26.60 16.49 -12.36
CA PHE B 667 -27.73 15.86 -13.03
C PHE B 667 -27.95 16.47 -14.40
N GLU B 668 -27.72 17.77 -14.53
CA GLU B 668 -27.94 18.45 -15.80
C GLU B 668 -26.87 18.10 -16.82
N GLN B 669 -25.64 17.86 -16.37
CA GLN B 669 -24.50 17.78 -17.28
C GLN B 669 -24.56 16.55 -18.17
N VAL B 670 -25.09 15.44 -17.65
CA VAL B 670 -24.90 14.14 -18.29
C VAL B 670 -25.42 14.14 -19.71
N TYR B 671 -26.48 14.90 -19.98
CA TYR B 671 -27.08 14.94 -21.30
C TYR B 671 -26.68 16.18 -22.08
N MET B 672 -25.68 16.93 -21.61
CA MET B 672 -25.25 18.16 -22.26
C MET B 672 -23.96 17.91 -23.03
N ASN B 673 -23.92 18.37 -24.27
CA ASN B 673 -22.75 18.16 -25.14
C ASN B 673 -21.78 19.30 -24.92
N ILE B 674 -21.01 19.20 -23.84
CA ILE B 674 -19.94 20.14 -23.58
C ILE B 674 -18.77 19.87 -24.50
N ALA B 675 -17.95 20.88 -24.74
CA ALA B 675 -16.70 20.73 -25.47
C ALA B 675 -15.57 21.25 -24.60
N VAL B 676 -14.49 20.46 -24.47
CA VAL B 676 -13.45 20.84 -23.53
C VAL B 676 -12.63 22.02 -24.04
N THR B 677 -12.60 22.24 -25.34
CA THR B 677 -11.90 23.38 -25.91
C THR B 677 -12.75 24.00 -27.02
N PRO B 678 -12.62 25.31 -27.24
CA PRO B 678 -13.29 25.90 -28.40
C PRO B 678 -12.79 25.36 -29.71
N GLN B 679 -11.58 24.81 -29.73
CA GLN B 679 -11.03 24.23 -30.95
C GLN B 679 -11.85 23.03 -31.42
N GLU B 680 -12.29 22.19 -30.48
CA GLU B 680 -12.92 20.92 -30.79
C GLU B 680 -14.43 21.03 -30.97
N ILE B 681 -14.98 22.25 -30.94
CA ILE B 681 -16.42 22.42 -31.07
C ILE B 681 -16.86 21.92 -32.44
N GLN B 682 -17.67 20.87 -32.46
CA GLN B 682 -18.18 20.33 -33.71
C GLN B 682 -19.42 21.11 -34.12
N ASN B 683 -20.12 20.62 -35.13
CA ASN B 683 -21.32 21.24 -35.65
C ASN B 683 -22.52 20.41 -35.19
N ASN B 684 -23.45 21.06 -34.48
CA ASN B 684 -24.69 20.50 -33.97
C ASN B 684 -24.49 19.51 -32.84
N VAL B 685 -23.24 19.20 -32.47
CA VAL B 685 -22.97 18.25 -31.40
C VAL B 685 -22.38 18.96 -30.19
N HIS B 686 -22.63 20.25 -30.05
CA HIS B 686 -22.09 20.99 -28.92
C HIS B 686 -22.94 22.22 -28.67
N THR B 687 -23.16 22.53 -27.40
CA THR B 687 -23.80 23.77 -26.99
C THR B 687 -23.01 24.53 -25.95
N HIS B 688 -22.07 23.90 -25.26
CA HIS B 688 -21.29 24.54 -24.22
C HIS B 688 -19.83 24.19 -24.40
N VAL B 689 -18.95 25.06 -23.89
CA VAL B 689 -17.52 24.81 -23.89
C VAL B 689 -16.95 25.42 -22.62
N GLU B 690 -16.45 24.59 -21.72
CA GLU B 690 -15.89 25.08 -20.47
C GLU B 690 -14.60 25.81 -20.78
N PHE B 691 -14.64 27.14 -20.73
CA PHE B 691 -13.43 27.93 -20.90
C PHE B 691 -12.43 27.60 -19.81
N THR B 692 -11.14 27.77 -20.13
CA THR B 692 -10.04 27.40 -19.25
C THR B 692 -10.20 25.96 -18.81
N PRO B 693 -9.94 24.99 -19.71
CA PRO B 693 -10.12 23.58 -19.35
C PRO B 693 -9.41 23.17 -18.08
N THR B 694 -8.48 23.98 -17.58
CA THR B 694 -7.86 23.71 -16.29
C THR B 694 -8.86 23.75 -15.15
N ASN B 695 -10.05 24.33 -15.37
CA ASN B 695 -11.00 24.50 -14.29
C ASN B 695 -11.48 23.18 -13.72
N ILE B 696 -11.39 22.09 -14.47
CA ILE B 696 -11.84 20.78 -13.98
C ILE B 696 -10.64 20.18 -13.28
N LEU B 697 -10.40 20.64 -12.06
CA LEU B 697 -9.20 20.25 -11.33
C LEU B 697 -9.20 20.89 -9.94
N SER B 698 -8.52 20.27 -8.99
CA SER B 698 -8.38 20.90 -7.69
C SER B 698 -7.40 22.06 -7.77
N ILE B 699 -7.40 22.90 -6.74
CA ILE B 699 -6.47 24.01 -6.67
C ILE B 699 -5.04 23.49 -6.60
N LEU B 700 -4.79 22.54 -5.71
CA LEU B 700 -3.45 21.98 -5.58
C LEU B 700 -3.04 21.24 -6.84
N ALA B 701 -3.99 20.59 -7.49
CA ALA B 701 -3.68 19.92 -8.76
C ALA B 701 -3.29 20.93 -9.82
N ASN B 702 -3.97 22.07 -9.87
CA ASN B 702 -3.57 23.12 -10.81
C ASN B 702 -2.22 23.71 -10.45
N LEU B 703 -1.84 23.66 -9.17
CA LEU B 703 -0.53 24.17 -8.78
C LEU B 703 0.62 23.29 -9.25
N THR B 704 0.35 22.08 -9.73
CA THR B 704 1.42 21.21 -10.20
C THR B 704 1.84 21.62 -11.60
N PRO B 705 3.14 21.85 -11.83
CA PRO B 705 3.58 22.32 -13.16
C PRO B 705 3.59 21.19 -14.17
N PHE B 706 2.97 21.44 -15.32
CA PHE B 706 2.90 20.49 -16.43
C PHE B 706 2.31 19.15 -15.97
N SER B 707 1.09 19.21 -15.44
CA SER B 707 0.43 18.00 -15.01
C SER B 707 0.09 17.09 -16.18
N ASP B 708 0.11 17.60 -17.40
CA ASP B 708 -0.23 16.81 -18.59
C ASP B 708 0.95 16.01 -19.12
N PHE B 709 2.11 16.08 -18.47
CA PHE B 709 3.28 15.34 -18.90
C PHE B 709 3.70 14.28 -17.89
N ASN B 710 3.02 14.17 -16.76
CA ASN B 710 3.38 13.19 -15.74
C ASN B 710 2.46 11.99 -15.81
N GLN B 711 2.67 11.07 -14.87
CA GLN B 711 1.82 9.89 -14.71
C GLN B 711 0.81 10.17 -13.61
N SER B 712 -0.44 9.78 -13.86
CA SER B 712 -1.50 10.07 -12.90
C SER B 712 -1.18 9.61 -11.49
N PRO B 713 -0.63 8.42 -11.24
CA PRO B 713 -0.22 8.11 -9.86
C PRO B 713 0.80 9.09 -9.32
N ARG B 714 1.67 9.61 -10.18
CA ARG B 714 2.65 10.59 -9.73
C ARG B 714 1.98 11.93 -9.43
N ASN B 715 0.96 12.30 -10.20
CA ASN B 715 0.21 13.50 -9.87
C ASN B 715 -0.47 13.36 -8.51
N MET B 716 -1.05 12.19 -8.25
CA MET B 716 -1.68 11.97 -6.95
C MET B 716 -0.65 11.98 -5.83
N TYR B 717 0.53 11.41 -6.07
CA TYR B 717 1.59 11.46 -5.09
C TYR B 717 1.98 12.90 -4.80
N GLN B 718 2.08 13.73 -5.83
CA GLN B 718 2.40 15.13 -5.63
C GLN B 718 1.33 15.83 -4.80
N CYS B 719 0.06 15.57 -5.11
CA CYS B 719 -1.02 16.21 -4.36
C CYS B 719 -0.97 15.80 -2.90
N GLN B 720 -0.72 14.53 -2.62
CA GLN B 720 -0.61 14.08 -1.24
C GLN B 720 0.64 14.63 -0.57
N MET B 721 1.72 14.82 -1.32
CA MET B 721 2.97 15.27 -0.73
C MET B 721 2.92 16.76 -0.39
N GLY B 722 2.26 17.56 -1.24
CA GLY B 722 2.21 18.98 -1.01
C GLY B 722 1.58 19.34 0.32
N LYS B 723 0.56 18.58 0.71
CA LYS B 723 -0.07 18.79 2.01
C LYS B 723 0.81 18.33 3.16
N GLN B 724 1.92 17.65 2.88
CA GLN B 724 2.85 17.22 3.90
C GLN B 724 4.09 18.09 3.98
N THR B 725 4.10 19.20 3.27
CA THR B 725 5.31 20.01 3.13
C THR B 725 5.69 20.67 4.44
N MET B 726 6.94 21.12 4.52
CA MET B 726 7.36 22.04 5.58
C MET B 726 6.93 23.43 5.14
N GLY B 727 5.65 23.71 5.36
CA GLY B 727 5.01 24.85 4.74
C GLY B 727 5.26 26.17 5.42
N THR B 728 4.63 27.20 4.87
CA THR B 728 4.55 28.51 5.48
C THR B 728 3.16 28.66 6.10
N PRO B 729 3.01 28.34 7.39
CA PRO B 729 1.66 28.35 7.97
C PRO B 729 0.97 29.70 7.85
N GLY B 730 1.72 30.77 8.00
CA GLY B 730 1.14 32.10 7.97
C GLY B 730 2.15 33.11 8.49
N VAL B 731 1.67 34.32 8.71
CA VAL B 731 2.52 35.40 9.20
C VAL B 731 2.15 35.85 10.60
N ALA B 732 0.96 35.49 11.09
CA ALA B 732 0.54 35.83 12.44
C ALA B 732 1.14 34.91 13.49
N LEU B 733 2.21 34.20 13.14
CA LEU B 733 2.77 33.16 14.01
C LEU B 733 3.33 33.74 15.30
N CYS B 734 3.33 35.07 15.42
CA CYS B 734 3.75 35.68 16.68
C CYS B 734 2.84 35.28 17.82
N HIS B 735 1.52 35.27 17.59
CA HIS B 735 0.53 34.80 18.57
C HIS B 735 -0.41 33.83 17.88
N ARG B 736 0.02 32.58 17.75
CA ARG B 736 -0.82 31.50 17.22
C ARG B 736 -0.53 30.21 17.97
N SER B 737 -0.50 30.28 19.29
CA SER B 737 -0.10 29.15 20.13
C SER B 737 -0.79 27.87 19.72
N ASP B 738 -0.02 26.90 19.24
CA ASP B 738 -0.57 25.65 18.70
C ASP B 738 0.43 24.53 18.96
N ASN B 739 0.01 23.31 18.66
CA ASN B 739 0.85 22.15 18.93
C ASN B 739 2.07 22.12 18.00
N LYS B 740 1.86 22.28 16.70
CA LYS B 740 2.94 22.20 15.74
C LYS B 740 2.68 23.15 14.58
N LEU B 741 3.75 23.77 14.09
CA LEU B 741 3.65 24.69 12.97
C LEU B 741 4.48 24.28 11.76
N TYR B 742 5.73 23.87 11.95
CA TYR B 742 6.63 23.52 10.87
C TYR B 742 6.80 24.69 9.90
N ARG B 743 7.44 25.74 10.42
CA ARG B 743 7.65 26.95 9.64
C ARG B 743 8.96 26.86 8.87
N LEU B 744 8.89 27.10 7.55
CA LEU B 744 10.06 27.16 6.71
C LEU B 744 10.62 28.58 6.72
N GLN B 745 11.90 28.71 7.04
CA GLN B 745 12.47 30.04 7.28
C GLN B 745 12.46 30.88 6.01
N THR B 746 12.87 30.31 4.89
CA THR B 746 12.95 31.04 3.63
C THR B 746 11.89 30.51 2.67
N GLY B 747 11.98 30.97 1.43
CA GLY B 747 11.04 30.53 0.42
C GLY B 747 11.07 31.43 -0.80
N GLN B 748 10.79 30.88 -1.97
CA GLN B 748 10.84 31.63 -3.21
C GLN B 748 9.67 31.26 -4.09
N THR B 749 9.27 32.18 -4.94
CA THR B 749 8.27 31.88 -5.94
C THR B 749 8.82 30.87 -6.94
N PRO B 750 7.96 30.04 -7.53
CA PRO B 750 8.45 29.12 -8.56
C PRO B 750 8.74 29.87 -9.85
N ILE B 751 9.95 29.69 -10.37
CA ILE B 751 10.29 30.28 -11.65
C ILE B 751 9.40 29.69 -12.74
N VAL B 752 8.89 28.48 -12.53
CA VAL B 752 8.03 27.81 -13.49
C VAL B 752 6.62 27.75 -12.91
N LYS B 753 6.27 28.75 -12.10
CA LYS B 753 4.97 28.73 -11.44
C LYS B 753 3.85 28.61 -12.47
N ALA B 754 2.85 27.80 -12.14
CA ALA B 754 1.67 27.71 -12.97
C ALA B 754 0.91 29.03 -12.93
N ASN B 755 0.20 29.32 -14.00
CA ASN B 755 -0.76 30.41 -13.92
C ASN B 755 -1.82 30.05 -12.88
N LEU B 756 -2.42 31.07 -12.30
CA LEU B 756 -3.36 31.01 -11.19
C LEU B 756 -2.64 30.76 -9.86
N TYR B 757 -1.32 30.54 -9.88
CA TYR B 757 -0.59 30.54 -8.62
C TYR B 757 -0.66 31.91 -7.95
N ASP B 758 -0.49 32.97 -8.74
CA ASP B 758 -0.67 34.32 -8.23
C ASP B 758 -2.14 34.68 -8.09
N ASP B 759 -2.98 34.18 -8.99
CA ASP B 759 -4.40 34.53 -8.96
C ASP B 759 -5.07 34.05 -7.69
N TYR B 760 -4.53 33.02 -7.06
CA TYR B 760 -5.04 32.52 -5.79
C TYR B 760 -4.34 33.13 -4.60
N GLY B 761 -3.45 34.09 -4.81
CA GLY B 761 -2.73 34.67 -3.71
C GLY B 761 -1.81 33.71 -3.00
N MET B 762 -1.47 32.60 -3.63
CA MET B 762 -0.57 31.63 -3.02
C MET B 762 0.80 32.22 -2.75
N ASP B 763 1.17 33.29 -3.46
CA ASP B 763 2.47 33.90 -3.27
C ASP B 763 2.63 34.41 -1.85
N ASN B 764 1.53 34.80 -1.20
CA ASN B 764 1.61 35.22 0.19
C ASN B 764 2.02 34.08 1.10
N PHE B 765 1.91 32.84 0.65
CA PHE B 765 2.33 31.67 1.41
C PHE B 765 3.27 30.84 0.55
N PRO B 766 4.46 31.35 0.28
CA PRO B 766 5.41 30.59 -0.52
C PRO B 766 6.03 29.47 0.29
N ASN B 767 6.33 28.37 -0.39
CA ASN B 767 7.06 27.30 0.27
C ASN B 767 7.85 26.50 -0.75
N GLY B 768 9.00 26.00 -0.32
CA GLY B 768 9.98 25.44 -1.21
C GLY B 768 11.01 26.47 -1.63
N PHE B 769 11.94 26.02 -2.45
CA PHE B 769 13.00 26.88 -2.96
C PHE B 769 13.43 26.38 -4.32
N ASN B 770 13.86 27.31 -5.16
CA ASN B 770 14.40 26.92 -6.45
C ASN B 770 15.80 26.36 -6.26
N ALA B 771 16.03 25.16 -6.78
CA ALA B 771 17.30 24.48 -6.64
C ALA B 771 17.89 24.18 -8.00
N VAL B 772 19.21 24.28 -8.11
CA VAL B 772 19.91 23.99 -9.35
C VAL B 772 20.15 22.49 -9.43
N VAL B 773 19.17 21.75 -9.94
CA VAL B 773 19.24 20.30 -9.92
C VAL B 773 20.06 19.80 -11.09
N ALA B 774 20.61 18.60 -10.93
CA ALA B 774 21.39 17.94 -11.97
C ALA B 774 20.94 16.49 -12.07
N VAL B 775 20.34 16.12 -13.19
CA VAL B 775 19.90 14.75 -13.39
C VAL B 775 21.12 13.94 -13.79
N ILE B 776 21.80 13.37 -12.80
CA ILE B 776 23.11 12.75 -13.03
C ILE B 776 23.32 11.65 -12.01
N SER B 777 23.88 10.54 -12.47
CA SER B 777 24.26 9.43 -11.59
C SER B 777 25.76 9.55 -11.37
N TYR B 778 26.15 10.28 -10.33
CA TYR B 778 27.55 10.61 -10.10
C TYR B 778 28.08 9.98 -8.82
N THR B 779 27.48 10.28 -7.68
CA THR B 779 28.04 9.81 -6.41
C THR B 779 27.83 8.32 -6.20
N GLY B 780 26.74 7.76 -6.73
CA GLY B 780 26.42 6.38 -6.48
C GLY B 780 25.70 6.14 -5.17
N TYR B 781 25.49 7.18 -4.37
CA TYR B 781 24.73 7.08 -3.12
C TYR B 781 23.23 7.29 -3.34
N ASP B 782 22.75 7.12 -4.56
CA ASP B 782 21.34 7.35 -4.85
C ASP B 782 20.96 6.48 -6.05
N MET B 783 20.26 5.39 -5.79
CA MET B 783 19.80 4.53 -6.87
C MET B 783 18.27 4.45 -6.92
N ASP B 784 17.63 4.10 -5.82
CA ASP B 784 16.18 3.92 -5.85
C ASP B 784 15.47 5.26 -5.86
N ASP B 785 15.55 5.99 -4.76
CA ASP B 785 14.96 7.32 -4.68
C ASP B 785 15.79 8.30 -3.88
N ALA B 786 16.97 7.91 -3.39
CA ALA B 786 17.76 8.82 -2.57
C ALA B 786 18.22 10.01 -3.39
N MET B 787 18.64 11.06 -2.69
CA MET B 787 19.18 12.24 -3.32
C MET B 787 20.24 12.83 -2.41
N ILE B 788 21.11 13.65 -2.99
CA ILE B 788 22.23 14.23 -2.28
C ILE B 788 22.16 15.74 -2.36
N ILE B 789 22.32 16.39 -1.22
CA ILE B 789 22.36 17.85 -1.14
C ILE B 789 23.81 18.28 -1.06
N ASN B 790 24.11 19.42 -1.67
CA ASN B 790 25.44 19.99 -1.57
C ASN B 790 25.69 20.46 -0.13
N LYS B 791 26.81 20.02 0.45
CA LYS B 791 27.06 20.34 1.84
C LYS B 791 27.18 21.84 2.06
N SER B 792 27.90 22.54 1.19
CA SER B 792 28.00 23.97 1.32
C SER B 792 26.64 24.63 1.16
N ALA B 793 25.87 24.22 0.16
CA ALA B 793 24.55 24.79 -0.05
C ALA B 793 23.69 24.66 1.20
N ASP B 794 23.81 23.54 1.90
CA ASP B 794 23.17 23.41 3.21
C ASP B 794 23.75 24.41 4.19
N GLU B 795 25.08 24.55 4.21
CA GLU B 795 25.70 25.50 5.13
C GLU B 795 25.30 26.93 4.81
N ARG B 796 25.02 27.23 3.53
CA ARG B 796 24.46 28.53 3.19
C ARG B 796 23.04 28.70 3.71
N GLY B 797 22.42 27.62 4.19
CA GLY B 797 21.05 27.68 4.64
C GLY B 797 20.07 27.35 3.54
N PHE B 798 20.30 26.21 2.87
CA PHE B 798 19.46 25.85 1.72
C PHE B 798 18.01 25.70 2.13
N GLY B 799 17.75 25.02 3.23
CA GLY B 799 16.42 24.92 3.79
C GLY B 799 16.50 24.88 5.30
N TYR B 800 15.81 25.80 5.97
CA TYR B 800 15.95 25.93 7.41
C TYR B 800 14.58 26.01 8.07
N GLY B 801 13.71 25.07 7.72
CA GLY B 801 12.42 24.99 8.39
C GLY B 801 12.60 24.78 9.88
N THR B 802 11.71 25.39 10.66
CA THR B 802 11.76 25.31 12.11
C THR B 802 10.42 24.84 12.66
N MET B 803 10.47 24.24 13.85
CA MET B 803 9.29 23.71 14.50
C MET B 803 8.89 24.61 15.66
N TYR B 804 7.63 25.02 15.67
CA TYR B 804 7.05 25.76 16.77
C TYR B 804 6.07 24.84 17.49
N LYS B 805 6.28 24.65 18.79
CA LYS B 805 5.45 23.76 19.57
C LYS B 805 5.06 24.44 20.88
N THR B 806 3.77 24.41 21.21
CA THR B 806 3.27 25.00 22.45
C THR B 806 2.59 23.92 23.27
N GLU B 807 2.72 24.04 24.60
CA GLU B 807 2.00 23.18 25.51
C GLU B 807 1.47 24.03 26.66
N LYS B 808 0.41 23.56 27.29
CA LYS B 808 -0.27 24.29 28.35
C LYS B 808 0.21 23.78 29.70
N VAL B 809 0.59 24.71 30.57
CA VAL B 809 1.03 24.39 31.92
C VAL B 809 0.12 25.11 32.91
N ASP B 810 -0.47 24.36 33.84
CA ASP B 810 -1.36 24.93 34.83
C ASP B 810 -1.38 24.01 36.04
N LEU B 811 -1.92 24.54 37.14
CA LEU B 811 -2.04 23.77 38.38
C LEU B 811 -3.48 23.62 38.83
N ALA B 812 -4.44 24.14 38.07
CA ALA B 812 -5.85 24.06 38.42
C ALA B 812 -6.53 22.82 37.83
N LEU B 813 -5.78 21.94 37.16
CA LEU B 813 -6.37 20.74 36.60
C LEU B 813 -6.98 19.86 37.69
N ASN B 814 -6.39 19.85 38.88
CA ASN B 814 -6.96 19.15 40.03
C ASN B 814 -7.75 20.07 40.94
N ARG B 815 -7.58 21.38 40.81
CA ARG B 815 -8.33 22.32 41.63
C ARG B 815 -9.81 22.30 41.24
N ASN B 816 -10.66 22.39 42.26
CA ASN B 816 -12.08 22.55 42.04
C ASN B 816 -12.47 24.01 42.27
N ARG B 817 -13.76 24.31 42.09
CA ARG B 817 -14.19 25.70 42.05
C ARG B 817 -13.93 26.41 43.37
N GLY B 818 -14.36 25.82 44.49
CA GLY B 818 -14.32 26.50 45.76
C GLY B 818 -13.08 26.28 46.60
N ASP B 819 -12.05 25.63 46.07
CA ASP B 819 -10.88 25.26 46.85
C ASP B 819 -9.63 25.80 46.16
N PRO B 820 -9.19 27.00 46.53
CA PRO B 820 -7.93 27.53 45.98
C PRO B 820 -6.76 26.63 46.34
N ILE B 821 -5.84 26.49 45.40
CA ILE B 821 -4.72 25.57 45.58
C ILE B 821 -3.65 26.22 46.45
N THR B 822 -3.04 25.41 47.31
CA THR B 822 -1.95 25.87 48.16
C THR B 822 -0.66 26.13 47.38
N GLN B 823 -0.60 25.71 46.12
CA GLN B 823 0.59 25.87 45.30
C GLN B 823 0.35 26.89 44.20
N HIS B 824 1.37 27.70 43.93
CA HIS B 824 1.27 28.74 42.92
C HIS B 824 2.66 28.99 42.36
N PHE B 825 2.70 29.71 41.23
CA PHE B 825 3.95 29.95 40.53
C PHE B 825 4.94 30.70 41.42
N GLY B 826 6.22 30.59 41.06
CA GLY B 826 7.28 31.18 41.85
C GLY B 826 7.89 30.16 42.79
N PHE B 827 8.91 30.62 43.51
CA PHE B 827 9.63 29.77 44.43
C PHE B 827 10.48 30.64 45.34
N GLY B 828 10.46 30.31 46.64
CA GLY B 828 11.23 31.07 47.60
C GLY B 828 11.05 30.49 48.98
N ASN B 829 11.79 31.07 49.93
CA ASN B 829 11.75 30.71 51.35
C ASN B 829 11.91 29.22 51.58
N ASP B 830 12.45 28.49 50.61
CA ASP B 830 12.71 27.07 50.72
C ASP B 830 14.20 26.82 50.53
N GLU B 831 14.60 25.58 50.71
CA GLU B 831 15.93 25.14 50.32
C GLU B 831 15.88 24.45 48.95
N TRP B 832 15.36 25.19 47.97
CA TRP B 832 15.28 24.64 46.63
C TRP B 832 16.68 24.58 46.03
N PRO B 833 16.96 23.55 45.23
CA PRO B 833 18.33 23.38 44.70
C PRO B 833 18.78 24.59 43.88
N LYS B 834 20.04 24.94 44.05
CA LYS B 834 20.63 26.02 43.27
C LYS B 834 20.83 25.56 41.83
N GLU B 835 21.44 26.42 41.02
CA GLU B 835 21.69 26.24 39.60
C GLU B 835 20.40 26.23 38.79
N TRP B 836 19.23 26.26 39.45
CA TRP B 836 17.98 26.40 38.72
C TRP B 836 17.88 27.76 38.04
N LEU B 837 18.57 28.75 38.57
CA LEU B 837 18.60 30.06 37.95
C LEU B 837 19.42 30.09 36.68
N GLU B 838 19.85 28.94 36.15
CA GLU B 838 20.50 28.93 34.85
C GLU B 838 19.53 29.42 33.78
N LYS B 839 18.36 28.82 33.72
CA LYS B 839 17.29 29.28 32.83
C LYS B 839 15.99 29.51 33.58
N LEU B 840 15.69 28.70 34.59
CA LEU B 840 14.57 28.95 35.50
C LEU B 840 14.99 30.07 36.46
N ASP B 841 15.07 31.28 35.91
CA ASP B 841 15.65 32.42 36.61
C ASP B 841 14.74 33.62 36.41
N GLU B 842 13.77 33.77 37.31
CA GLU B 842 12.96 34.97 37.46
C GLU B 842 12.00 34.71 38.61
N ASP B 843 11.24 35.75 38.96
CA ASP B 843 10.25 35.58 40.00
C ASP B 843 9.15 34.61 39.58
N GLY B 844 8.78 34.61 38.31
CA GLY B 844 7.67 33.76 37.89
C GLY B 844 7.96 32.69 36.85
N LEU B 845 8.84 32.95 35.90
CA LEU B 845 8.94 32.11 34.71
C LEU B 845 10.38 32.11 34.23
N PRO B 846 10.73 31.19 33.34
CA PRO B 846 12.06 31.24 32.73
C PRO B 846 12.17 32.37 31.71
N TYR B 847 13.41 32.72 31.39
CA TYR B 847 13.67 33.75 30.40
C TYR B 847 13.18 33.31 29.03
N ILE B 848 12.78 34.28 28.21
CA ILE B 848 12.36 33.96 26.84
C ILE B 848 13.53 33.37 26.06
N GLY B 849 14.67 34.03 26.09
CA GLY B 849 15.82 33.54 25.36
C GLY B 849 16.61 32.55 26.16
N THR B 850 16.42 31.25 25.89
CA THR B 850 17.19 30.24 26.59
C THR B 850 17.21 28.96 25.75
N TYR B 851 18.18 28.11 26.06
CA TYR B 851 18.41 26.85 25.36
C TYR B 851 18.05 25.72 26.32
N VAL B 852 16.81 25.25 26.23
CA VAL B 852 16.31 24.24 27.15
C VAL B 852 16.84 22.88 26.73
N GLU B 853 17.59 22.24 27.62
CA GLU B 853 18.04 20.87 27.43
C GLU B 853 16.98 19.93 28.01
N GLU B 854 17.21 18.63 27.86
CA GLU B 854 16.28 17.65 28.40
C GLU B 854 16.32 17.66 29.92
N GLY B 855 15.14 17.63 30.54
CA GLY B 855 15.06 17.66 31.98
C GLY B 855 15.29 19.01 32.60
N ASP B 856 15.41 20.07 31.79
CA ASP B 856 15.63 21.39 32.33
C ASP B 856 14.37 21.89 33.04
N PRO B 857 14.52 22.77 34.03
CA PRO B 857 13.36 23.29 34.74
C PRO B 857 12.52 24.20 33.86
N ILE B 858 11.38 23.70 33.39
CA ILE B 858 10.52 24.49 32.52
C ILE B 858 9.86 25.63 33.30
N CYS B 859 9.30 25.32 34.47
CA CYS B 859 8.63 26.32 35.27
C CYS B 859 8.61 25.85 36.72
N ALA B 860 8.64 26.82 37.63
CA ALA B 860 8.70 26.55 39.06
C ALA B 860 7.44 27.07 39.73
N TYR B 861 6.84 26.23 40.58
CA TYR B 861 5.68 26.63 41.36
C TYR B 861 5.95 26.34 42.82
N PHE B 862 5.74 27.36 43.66
CA PHE B 862 5.88 27.17 45.10
C PHE B 862 4.63 26.49 45.64
N ASP B 863 4.82 25.40 46.38
CA ASP B 863 3.72 24.62 46.91
C ASP B 863 3.73 24.68 48.43
N ASP B 864 2.54 24.92 49.00
CA ASP B 864 2.36 24.86 50.44
C ASP B 864 1.91 23.49 50.92
N THR B 865 1.30 22.69 50.04
CA THR B 865 0.92 21.33 50.41
C THR B 865 2.14 20.54 50.89
N LEU B 866 3.22 20.63 50.15
CA LEU B 866 4.51 20.10 50.59
C LEU B 866 5.34 21.15 51.29
N ASN B 867 4.85 22.38 51.39
CA ASN B 867 5.55 23.51 52.00
C ASN B 867 6.90 23.75 51.31
N LYS B 868 6.98 23.43 50.02
CA LYS B 868 8.19 23.66 49.26
C LYS B 868 7.85 23.71 47.78
N THR B 869 8.72 24.35 47.01
CA THR B 869 8.48 24.54 45.59
C THR B 869 8.87 23.31 44.79
N LYS B 870 8.12 23.06 43.72
CA LYS B 870 8.41 21.99 42.77
C LYS B 870 8.44 22.58 41.37
N ILE B 871 9.13 21.89 40.47
CA ILE B 871 9.34 22.37 39.11
C ILE B 871 8.81 21.35 38.11
N LYS B 872 8.68 21.79 36.86
CA LYS B 872 8.25 20.95 35.77
C LYS B 872 9.42 20.66 34.85
N THR B 873 9.61 19.39 34.51
CA THR B 873 10.72 19.00 33.66
C THR B 873 10.42 19.32 32.20
N TYR B 874 11.46 19.19 31.35
CA TYR B 874 11.26 19.41 29.93
C TYR B 874 10.47 18.26 29.31
N HIS B 875 10.82 17.02 29.66
CA HIS B 875 10.13 15.81 29.19
C HIS B 875 9.87 15.85 27.68
N SER B 876 10.97 15.85 26.93
CA SER B 876 10.89 15.93 25.47
C SER B 876 12.05 15.13 24.90
N SER B 877 12.37 15.37 23.63
CA SER B 877 13.49 14.69 22.98
C SER B 877 14.59 15.65 22.56
N GLU B 878 14.27 16.66 21.76
CA GLU B 878 15.30 17.55 21.24
C GLU B 878 15.40 18.81 22.09
N PRO B 879 16.61 19.26 22.39
CA PRO B 879 16.76 20.56 23.06
C PRO B 879 16.21 21.67 22.18
N ALA B 880 15.54 22.63 22.81
CA ALA B 880 14.82 23.66 22.09
C ALA B 880 15.05 25.02 22.74
N TYR B 881 14.55 26.05 22.08
CA TYR B 881 14.61 27.42 22.57
C TYR B 881 13.21 27.93 22.84
N ILE B 882 13.05 28.65 23.95
CA ILE B 882 11.76 29.24 24.26
C ILE B 882 11.50 30.40 23.32
N GLU B 883 10.34 30.36 22.64
CA GLU B 883 10.01 31.39 21.67
C GLU B 883 9.04 32.43 22.21
N GLU B 884 8.08 32.01 23.03
CA GLU B 884 7.08 32.93 23.55
C GLU B 884 6.40 32.29 24.75
N VAL B 885 6.40 33.00 25.88
CA VAL B 885 5.68 32.59 27.08
C VAL B 885 4.63 33.65 27.36
N ASN B 886 3.36 33.24 27.38
CA ASN B 886 2.25 34.16 27.52
C ASN B 886 1.40 33.77 28.73
N LEU B 887 0.80 34.78 29.35
CA LEU B 887 -0.01 34.60 30.55
C LEU B 887 -1.48 34.61 30.18
N ILE B 888 -2.20 33.57 30.59
CA ILE B 888 -3.61 33.40 30.26
C ILE B 888 -4.42 33.62 31.53
N GLY B 889 -5.45 34.45 31.43
CA GLY B 889 -6.35 34.71 32.53
C GLY B 889 -7.66 33.97 32.40
N ASP B 890 -8.28 33.69 33.54
CA ASP B 890 -9.56 32.98 33.56
C ASP B 890 -10.65 33.85 32.94
N GLU B 891 -11.54 33.22 32.18
CA GLU B 891 -12.64 33.95 31.58
C GLU B 891 -13.53 34.58 32.65
N SER B 892 -13.82 33.83 33.71
CA SER B 892 -14.56 34.38 34.83
C SER B 892 -13.69 35.38 35.59
N ASN B 893 -14.31 36.05 36.56
CA ASN B 893 -13.54 36.97 37.39
C ASN B 893 -12.78 36.20 38.46
N LYS B 894 -12.04 35.19 38.02
CA LYS B 894 -11.24 34.35 38.91
C LYS B 894 -9.84 34.93 38.95
N PHE B 895 -9.69 36.04 39.69
CA PHE B 895 -8.42 36.74 39.73
C PHE B 895 -7.34 35.87 40.34
N GLN B 896 -7.59 35.32 41.53
CA GLN B 896 -6.72 34.35 42.19
C GLN B 896 -5.24 34.69 42.05
N GLU B 897 -4.48 33.79 41.43
CA GLU B 897 -3.05 33.99 41.26
C GLU B 897 -2.58 33.60 39.87
N LEU B 898 -3.49 33.39 38.92
CA LEU B 898 -3.16 33.09 37.53
C LEU B 898 -2.29 31.82 37.42
N GLN B 899 -2.91 30.70 37.78
CA GLN B 899 -2.25 29.40 37.70
C GLN B 899 -2.47 28.75 36.34
N THR B 900 -2.20 29.49 35.28
CA THR B 900 -2.40 29.01 33.91
C THR B 900 -1.41 29.74 33.01
N VAL B 901 -0.49 29.00 32.41
CA VAL B 901 0.53 29.59 31.55
C VAL B 901 0.70 28.72 30.31
N SER B 902 0.87 29.36 29.16
CA SER B 902 1.16 28.68 27.90
C SER B 902 2.48 29.17 27.36
N ILE B 903 3.37 28.25 27.01
CA ILE B 903 4.69 28.59 26.50
C ILE B 903 4.88 27.92 25.15
N LYS B 904 5.79 28.49 24.36
CA LYS B 904 6.06 28.02 23.01
C LYS B 904 7.51 27.61 22.88
N TYR B 905 7.74 26.48 22.23
CA TYR B 905 9.08 25.97 21.99
C TYR B 905 9.46 26.22 20.53
N ARG B 906 10.66 26.73 20.31
CA ARG B 906 11.21 26.89 18.97
C ARG B 906 12.26 25.81 18.76
N ILE B 907 12.06 25.00 17.72
CA ILE B 907 12.97 23.92 17.36
C ILE B 907 13.53 24.20 15.98
N ARG B 908 14.84 24.18 15.87
CA ARG B 908 15.53 24.39 14.59
C ARG B 908 15.71 23.04 13.90
N ARG B 909 15.17 22.90 12.70
CA ARG B 909 15.26 21.66 11.95
C ARG B 909 16.12 21.90 10.72
N THR B 910 17.44 21.83 10.91
CA THR B 910 18.35 21.82 9.78
C THR B 910 18.24 20.47 9.08
N PRO B 911 18.29 20.44 7.75
CA PRO B 911 18.07 19.18 7.04
C PRO B 911 19.25 18.24 7.15
N GLN B 912 19.12 17.19 7.94
CA GLN B 912 20.16 16.18 8.06
C GLN B 912 19.98 15.15 6.95
N ILE B 913 20.67 14.03 7.03
CA ILE B 913 20.51 12.98 6.04
C ILE B 913 19.28 12.15 6.38
N GLY B 914 18.59 11.70 5.33
CA GLY B 914 17.35 10.96 5.53
C GLY B 914 16.12 11.82 5.67
N ASP B 915 16.24 13.13 5.47
CA ASP B 915 15.10 14.03 5.55
C ASP B 915 14.47 14.16 4.17
N LYS B 916 13.18 13.86 4.08
CA LYS B 916 12.53 13.68 2.79
C LYS B 916 12.32 15.02 2.10
N PHE B 917 13.06 15.24 1.01
CA PHE B 917 12.79 16.33 0.09
C PHE B 917 11.97 15.80 -1.08
N SER B 918 11.39 16.72 -1.84
CA SER B 918 10.62 16.30 -3.00
C SER B 918 10.48 17.46 -3.96
N SER B 919 10.16 17.12 -5.20
CA SER B 919 9.81 18.09 -6.22
C SER B 919 8.29 18.22 -6.29
N ARG B 920 7.81 18.93 -7.30
CA ARG B 920 6.38 19.05 -7.55
C ARG B 920 5.86 17.98 -8.49
N HIS B 921 6.47 16.80 -8.50
CA HIS B 921 6.01 15.72 -9.37
C HIS B 921 6.01 14.37 -8.68
N GLY B 922 5.98 14.34 -7.34
CA GLY B 922 5.97 13.09 -6.64
C GLY B 922 7.31 12.38 -6.59
N GLN B 923 8.37 13.03 -7.04
CA GLN B 923 9.70 12.43 -7.03
C GLN B 923 10.34 12.59 -5.65
N LYS B 924 9.63 12.10 -4.64
CA LYS B 924 10.12 12.23 -3.28
C LYS B 924 11.36 11.37 -3.09
N GLY B 925 12.20 11.81 -2.17
CA GLY B 925 13.42 11.08 -1.86
C GLY B 925 14.01 11.62 -0.58
N VAL B 926 15.05 10.94 -0.10
CA VAL B 926 15.68 11.30 1.14
C VAL B 926 17.07 11.85 0.85
N CYS B 927 17.56 12.65 1.79
CA CYS B 927 18.91 13.20 1.71
C CYS B 927 19.90 12.09 2.00
N SER B 928 20.53 11.56 0.95
CA SER B 928 21.45 10.45 1.12
C SER B 928 22.69 10.88 1.90
N ARG B 929 23.33 11.97 1.50
CA ARG B 929 24.54 12.41 2.17
C ARG B 929 24.85 13.85 1.76
N LYS B 930 25.34 14.63 2.71
CA LYS B 930 25.77 16.00 2.46
C LYS B 930 27.10 15.96 1.74
N TRP B 931 27.04 15.90 0.41
CA TRP B 931 28.26 15.77 -0.37
C TRP B 931 29.09 17.04 -0.27
N PRO B 932 30.38 16.93 0.05
CA PRO B 932 31.21 18.14 0.14
C PRO B 932 31.28 18.86 -1.19
N THR B 933 31.36 20.19 -1.10
CA THR B 933 31.27 21.03 -2.29
C THR B 933 32.42 20.76 -3.25
N ILE B 934 33.63 20.58 -2.72
CA ILE B 934 34.79 20.37 -3.58
C ILE B 934 34.63 19.09 -4.37
N ASP B 935 34.16 18.02 -3.71
CA ASP B 935 33.95 16.76 -4.40
C ASP B 935 32.72 16.79 -5.30
N MET B 936 31.83 17.75 -5.10
CA MET B 936 30.68 17.88 -5.98
C MET B 936 31.15 18.21 -7.38
N PRO B 937 30.54 17.65 -8.41
CA PRO B 937 30.91 18.02 -9.78
C PRO B 937 30.52 19.45 -10.07
N PHE B 938 31.31 20.09 -10.92
CA PHE B 938 31.04 21.47 -11.31
C PHE B 938 30.94 21.58 -12.82
N SER B 939 30.55 22.75 -13.29
CA SER B 939 30.29 23.00 -14.70
C SER B 939 31.30 24.00 -15.25
N GLU B 940 31.12 24.34 -16.52
CA GLU B 940 31.96 25.34 -17.14
C GLU B 940 31.81 26.68 -16.45
N THR B 941 30.58 27.06 -16.10
CA THR B 941 30.34 28.34 -15.47
C THR B 941 30.75 28.37 -14.01
N GLY B 942 31.15 27.23 -13.44
CA GLY B 942 31.59 27.20 -12.06
C GLY B 942 30.50 26.91 -11.05
N ILE B 943 29.25 26.78 -11.49
CA ILE B 943 28.18 26.48 -10.56
C ILE B 943 28.27 25.02 -10.13
N GLN B 944 28.13 24.79 -8.83
CA GLN B 944 28.11 23.44 -8.29
C GLN B 944 26.69 23.10 -7.90
N PRO B 945 26.05 22.13 -8.55
CA PRO B 945 24.65 21.85 -8.23
C PRO B 945 24.46 21.49 -6.77
N ASP B 946 23.29 21.87 -6.25
CA ASP B 946 22.97 21.65 -4.85
C ASP B 946 22.20 20.35 -4.63
N ILE B 947 21.30 20.01 -5.55
CA ILE B 947 20.46 18.83 -5.44
C ILE B 947 20.81 17.88 -6.57
N ILE B 948 21.17 16.65 -6.22
CA ILE B 948 21.49 15.61 -7.19
C ILE B 948 20.43 14.52 -7.10
N ILE B 949 19.85 14.18 -8.24
CA ILE B 949 18.91 13.07 -8.32
C ILE B 949 19.43 12.09 -9.35
N ASN B 950 19.05 10.84 -9.19
CA ASN B 950 19.54 9.78 -10.05
C ASN B 950 18.64 9.64 -11.27
N PRO B 951 19.21 9.62 -12.48
CA PRO B 951 18.36 9.57 -13.68
C PRO B 951 17.54 8.31 -13.81
N HIS B 952 17.92 7.24 -13.11
CA HIS B 952 17.18 5.99 -13.21
C HIS B 952 15.77 6.08 -12.65
N ALA B 953 15.45 7.12 -11.89
CA ALA B 953 14.10 7.24 -11.35
C ALA B 953 13.07 7.42 -12.45
N PHE B 954 13.41 8.22 -13.46
CA PHE B 954 12.42 8.62 -14.45
C PHE B 954 11.84 7.48 -15.29
N PRO B 955 12.62 6.52 -15.79
CA PRO B 955 12.01 5.50 -16.66
C PRO B 955 10.89 4.73 -15.99
N SER B 956 10.98 4.51 -14.68
CA SER B 956 9.87 3.87 -13.97
C SER B 956 8.81 4.89 -13.57
N ARG B 957 9.23 6.00 -12.98
CA ARG B 957 8.28 7.01 -12.53
C ARG B 957 7.56 7.66 -13.70
N MET B 958 8.28 7.92 -14.79
CA MET B 958 7.71 8.54 -15.99
C MET B 958 7.13 9.93 -15.68
N THR B 959 8.01 10.80 -15.21
CA THR B 959 7.64 12.19 -14.90
C THR B 959 8.44 13.11 -15.81
N ILE B 960 7.93 13.32 -17.03
CA ILE B 960 8.55 14.26 -17.95
C ILE B 960 8.38 15.68 -17.46
N GLY B 961 7.43 15.90 -16.54
CA GLY B 961 7.25 17.22 -15.98
C GLY B 961 8.47 17.72 -15.25
N MET B 962 9.21 16.81 -14.60
CA MET B 962 10.43 17.22 -13.93
C MET B 962 11.45 17.77 -14.92
N PHE B 963 11.62 17.08 -16.05
CA PHE B 963 12.55 17.55 -17.07
C PHE B 963 12.09 18.88 -17.65
N VAL B 964 10.81 19.02 -17.96
CA VAL B 964 10.33 20.26 -18.55
C VAL B 964 10.47 21.40 -17.56
N GLU B 965 10.21 21.13 -16.27
CA GLU B 965 10.40 22.15 -15.25
C GLU B 965 11.85 22.57 -15.16
N SER B 966 12.77 21.61 -15.23
CA SER B 966 14.19 21.96 -15.20
C SER B 966 14.55 22.87 -16.37
N LEU B 967 14.10 22.50 -17.56
CA LEU B 967 14.40 23.28 -18.75
C LEU B 967 13.85 24.70 -18.64
N ALA B 968 12.56 24.82 -18.34
CA ALA B 968 11.95 26.13 -18.23
C ALA B 968 12.52 26.93 -17.08
N GLY B 969 12.91 26.27 -15.99
CA GLY B 969 13.51 26.97 -14.87
C GLY B 969 14.84 27.57 -15.23
N LYS B 970 15.67 26.83 -15.97
CA LYS B 970 16.91 27.43 -16.44
C LYS B 970 16.64 28.60 -17.37
N ALA B 971 15.70 28.44 -18.30
CA ALA B 971 15.41 29.52 -19.22
C ALA B 971 14.93 30.77 -18.49
N GLY B 972 14.04 30.58 -17.51
CA GLY B 972 13.54 31.71 -16.75
C GLY B 972 14.60 32.36 -15.89
N ALA B 973 15.43 31.55 -15.23
CA ALA B 973 16.47 32.12 -14.39
C ALA B 973 17.48 32.89 -15.22
N LEU B 974 17.68 32.50 -16.48
CA LEU B 974 18.60 33.23 -17.32
C LEU B 974 17.97 34.52 -17.84
N HIS B 975 16.86 34.41 -18.57
CA HIS B 975 16.26 35.59 -19.16
C HIS B 975 15.67 36.54 -18.13
N GLY B 976 15.50 36.10 -16.89
CA GLY B 976 14.84 36.90 -15.88
C GLY B 976 13.33 36.79 -15.86
N ILE B 977 12.72 36.23 -16.90
CA ILE B 977 11.26 36.20 -16.99
C ILE B 977 10.73 35.03 -16.18
N ALA B 978 9.42 35.01 -15.97
CA ALA B 978 8.75 33.94 -15.24
C ALA B 978 8.05 33.02 -16.24
N GLN B 979 8.24 31.72 -16.08
CA GLN B 979 7.71 30.72 -17.00
C GLN B 979 6.41 30.16 -16.44
N ASP B 980 5.38 30.12 -17.27
CA ASP B 980 4.08 29.59 -16.87
C ASP B 980 3.99 28.12 -17.20
N SER B 981 3.44 27.35 -16.27
CA SER B 981 3.27 25.91 -16.43
C SER B 981 1.80 25.58 -16.23
N THR B 982 1.02 25.75 -17.29
CA THR B 982 -0.41 25.47 -17.20
C THR B 982 -0.76 24.33 -18.13
N PRO B 983 -1.42 23.29 -17.63
CA PRO B 983 -1.72 22.14 -18.49
C PRO B 983 -2.57 22.53 -19.68
N TRP B 984 -2.33 21.85 -20.80
CA TRP B 984 -3.09 22.04 -22.02
C TRP B 984 -2.90 23.45 -22.61
N ILE B 985 -1.66 23.90 -22.64
CA ILE B 985 -1.29 25.09 -23.40
C ILE B 985 -0.26 24.78 -24.48
N PHE B 986 0.35 23.60 -24.46
CA PHE B 986 1.33 23.19 -25.46
C PHE B 986 0.75 22.04 -26.27
N ASN B 987 0.28 22.35 -27.47
CA ASN B 987 -0.09 21.30 -28.39
C ASN B 987 1.17 20.59 -28.90
N GLU B 988 0.96 19.42 -29.52
CA GLU B 988 2.11 18.67 -30.04
C GLU B 988 2.88 19.47 -31.08
N ASP B 989 2.21 20.37 -31.79
CA ASP B 989 2.89 21.25 -32.72
C ASP B 989 3.57 22.42 -32.02
N ASP B 990 3.38 22.58 -30.73
CA ASP B 990 3.98 23.63 -29.92
C ASP B 990 4.69 23.02 -28.72
N THR B 991 5.55 22.04 -29.00
CA THR B 991 6.17 21.24 -27.96
C THR B 991 6.92 22.13 -26.97
N PRO B 992 6.70 21.97 -25.67
CA PRO B 992 7.43 22.80 -24.69
C PRO B 992 8.92 22.60 -24.75
N ALA B 993 9.38 21.40 -25.12
CA ALA B 993 10.82 21.20 -25.29
C ALA B 993 11.38 22.17 -26.32
N ASP B 994 10.74 22.25 -27.49
CA ASP B 994 11.18 23.20 -28.50
C ASP B 994 11.04 24.63 -28.02
N TYR B 995 9.93 24.94 -27.35
CA TYR B 995 9.69 26.32 -26.92
C TYR B 995 10.76 26.80 -25.97
N PHE B 996 11.17 25.97 -25.01
CA PHE B 996 12.20 26.38 -24.07
C PHE B 996 13.60 26.23 -24.65
N GLY B 997 13.78 25.31 -25.61
CA GLY B 997 15.07 25.22 -26.27
C GLY B 997 15.38 26.45 -27.09
N GLU B 998 14.35 27.04 -27.72
CA GLU B 998 14.57 28.28 -28.44
C GLU B 998 15.08 29.36 -27.50
N GLN B 999 14.46 29.48 -26.33
CA GLN B 999 14.90 30.49 -25.36
C GLN B 999 16.32 30.21 -24.88
N LEU B 1000 16.63 28.94 -24.60
CA LEU B 1000 17.98 28.62 -24.14
C LEU B 1000 19.02 28.90 -25.21
N ALA B 1001 18.71 28.58 -26.47
CA ALA B 1001 19.63 28.87 -27.55
C ALA B 1001 19.85 30.36 -27.70
N LYS B 1002 18.76 31.14 -27.68
CA LYS B 1002 18.92 32.60 -27.77
C LYS B 1002 19.69 33.13 -26.57
N ALA B 1003 19.60 32.46 -25.42
CA ALA B 1003 20.40 32.84 -24.28
C ALA B 1003 21.84 32.39 -24.40
N GLY B 1004 22.13 31.46 -25.30
CA GLY B 1004 23.48 30.99 -25.51
C GLY B 1004 23.86 29.73 -24.78
N TYR B 1005 22.90 29.03 -24.19
CA TYR B 1005 23.15 27.78 -23.50
C TYR B 1005 22.83 26.59 -24.41
N ASN B 1006 23.02 25.39 -23.88
CA ASN B 1006 22.74 24.19 -24.64
C ASN B 1006 21.26 24.07 -24.96
N TYR B 1007 20.95 23.71 -26.20
CA TYR B 1007 19.56 23.67 -26.64
C TYR B 1007 18.76 22.64 -25.86
N HIS B 1008 19.36 21.49 -25.57
CA HIS B 1008 18.69 20.44 -24.81
C HIS B 1008 18.94 20.55 -23.31
N GLY B 1009 19.63 21.59 -22.87
CA GLY B 1009 19.93 21.75 -21.47
C GLY B 1009 21.14 21.00 -20.99
N ASN B 1010 21.76 20.20 -21.84
CA ASN B 1010 22.91 19.40 -21.46
C ASN B 1010 24.11 20.31 -21.28
N GLU B 1011 24.42 20.64 -20.04
CA GLU B 1011 25.56 21.50 -19.75
C GLU B 1011 26.80 20.67 -19.49
N PRO B 1012 27.90 20.90 -20.21
CA PRO B 1012 29.13 20.15 -19.92
C PRO B 1012 29.61 20.40 -18.51
N MET B 1013 30.14 19.36 -17.89
CA MET B 1013 30.56 19.42 -16.49
C MET B 1013 31.85 18.65 -16.30
N TYR B 1014 32.53 18.95 -15.20
CA TYR B 1014 33.78 18.29 -14.83
C TYR B 1014 33.63 17.66 -13.46
N SER B 1015 34.25 16.50 -13.28
CA SER B 1015 34.19 15.82 -11.99
C SER B 1015 34.93 16.60 -10.93
N GLY B 1016 34.56 16.35 -9.68
CA GLY B 1016 35.14 17.08 -8.57
C GLY B 1016 36.30 16.38 -7.89
N ALA B 1017 36.49 15.10 -8.19
CA ALA B 1017 37.57 14.32 -7.60
C ALA B 1017 38.74 14.17 -8.57
N THR B 1018 38.48 13.64 -9.76
CA THR B 1018 39.53 13.54 -10.77
C THR B 1018 39.81 14.88 -11.43
N GLY B 1019 38.79 15.72 -11.58
CA GLY B 1019 38.95 16.97 -12.27
C GLY B 1019 38.84 16.88 -13.77
N GLU B 1020 38.63 15.69 -14.32
CA GLU B 1020 38.51 15.53 -15.75
C GLU B 1020 37.08 15.78 -16.20
N GLU B 1021 36.92 16.02 -17.49
CA GLU B 1021 35.59 16.21 -18.06
C GLU B 1021 34.83 14.90 -18.05
N LEU B 1022 33.53 14.98 -17.80
CA LEU B 1022 32.69 13.79 -17.81
C LEU B 1022 32.42 13.36 -19.26
N ARG B 1023 31.96 12.11 -19.40
CA ARG B 1023 31.80 11.54 -20.72
C ARG B 1023 30.77 12.30 -21.54
N ALA B 1024 29.65 12.66 -20.94
CA ALA B 1024 28.58 13.31 -21.66
C ALA B 1024 28.13 14.55 -20.90
N ASP B 1025 27.57 15.50 -21.64
CA ASP B 1025 27.08 16.73 -21.02
C ASP B 1025 25.94 16.42 -20.07
N ILE B 1026 26.00 16.98 -18.88
CA ILE B 1026 25.03 16.68 -17.83
C ILE B 1026 23.77 17.50 -18.04
N TYR B 1027 22.62 16.90 -17.79
CA TYR B 1027 21.35 17.61 -17.82
C TYR B 1027 21.19 18.33 -16.49
N VAL B 1028 21.34 19.65 -16.51
CA VAL B 1028 21.30 20.46 -15.32
C VAL B 1028 20.28 21.58 -15.51
N GLY B 1029 19.51 21.86 -14.48
CA GLY B 1029 18.55 22.94 -14.54
C GLY B 1029 18.07 23.30 -13.15
N VAL B 1030 17.09 24.20 -13.12
CA VAL B 1030 16.50 24.66 -11.87
C VAL B 1030 15.10 24.09 -11.77
N VAL B 1031 14.76 23.54 -10.60
CA VAL B 1031 13.45 23.01 -10.31
C VAL B 1031 13.04 23.47 -8.92
N TYR B 1032 11.74 23.42 -8.65
CA TYR B 1032 11.20 23.79 -7.36
C TYR B 1032 11.22 22.57 -6.44
N TYR B 1033 11.81 22.73 -5.26
CA TYR B 1033 11.99 21.63 -4.34
C TYR B 1033 11.40 21.96 -2.99
N GLN B 1034 10.61 21.04 -2.44
CA GLN B 1034 9.91 21.21 -1.19
C GLN B 1034 10.48 20.26 -0.14
N ARG B 1035 10.59 20.75 1.09
CA ARG B 1035 11.02 19.93 2.20
C ARG B 1035 9.80 19.40 2.94
N LEU B 1036 9.84 18.12 3.29
CA LEU B 1036 8.75 17.49 4.03
C LEU B 1036 9.10 17.40 5.50
N ARG B 1037 8.09 17.06 6.31
CA ARG B 1037 8.22 17.04 7.75
C ARG B 1037 8.55 15.66 8.31
N HIS B 1038 8.76 14.66 7.45
CA HIS B 1038 9.07 13.31 7.90
C HIS B 1038 10.56 13.21 8.21
N MET B 1039 10.92 13.69 9.40
CA MET B 1039 12.32 13.80 9.77
C MET B 1039 12.81 12.59 10.55
N LYS B 1043 13.11 9.51 15.32
CA LYS B 1043 12.85 8.29 14.59
C LYS B 1043 13.73 7.15 15.10
N PHE B 1044 15.01 7.43 15.28
CA PHE B 1044 15.93 6.42 15.78
C PHE B 1044 15.65 6.12 17.25
N GLN B 1045 15.71 4.85 17.61
CA GLN B 1045 15.50 4.41 18.98
C GLN B 1045 16.51 3.33 19.33
N VAL B 1046 16.88 3.29 20.61
CA VAL B 1046 17.87 2.33 21.09
C VAL B 1046 17.71 2.20 22.60
N ARG B 1047 17.85 0.97 23.09
CA ARG B 1047 17.82 0.72 24.52
C ARG B 1047 18.76 -0.43 24.85
N SER B 1048 19.28 -0.41 26.07
CA SER B 1048 20.04 -1.53 26.62
C SER B 1048 19.40 -2.10 27.87
N THR B 1049 19.00 -1.25 28.80
CA THR B 1049 18.32 -1.66 30.02
C THR B 1049 17.20 -0.65 30.28
N GLY B 1050 16.66 -0.66 31.49
CA GLY B 1050 15.76 0.38 31.92
C GLY B 1050 14.34 -0.09 32.17
N PRO B 1051 13.38 0.60 31.56
CA PRO B 1051 11.97 0.33 31.86
C PRO B 1051 11.54 -1.06 31.39
N VAL B 1052 10.62 -1.65 32.15
CA VAL B 1052 10.10 -2.98 31.86
C VAL B 1052 8.61 -3.04 32.19
N THR B 1056 4.69 -8.17 33.51
CA THR B 1056 5.18 -9.30 32.74
C THR B 1056 6.69 -9.28 32.62
N MET B 1057 7.31 -8.27 33.24
CA MET B 1057 8.76 -8.07 33.26
C MET B 1057 9.35 -7.90 31.86
N GLN B 1058 8.54 -7.77 30.87
CA GLN B 1058 9.05 -7.47 29.53
C GLN B 1058 9.21 -5.97 29.35
N PRO B 1059 10.10 -5.53 28.46
CA PRO B 1059 10.32 -4.08 28.31
C PRO B 1059 9.07 -3.35 27.87
N VAL B 1060 8.96 -2.10 28.31
CA VAL B 1060 7.79 -1.26 28.04
C VAL B 1060 7.69 -0.96 26.55
N LYS B 1061 6.54 -0.44 26.11
CA LYS B 1061 6.32 -0.09 24.72
C LYS B 1061 6.38 1.43 24.56
N GLY B 1062 7.11 1.88 23.55
CA GLY B 1062 7.15 3.29 23.23
C GLY B 1062 8.54 3.84 22.97
N ARG B 1063 8.69 4.54 21.84
CA ARG B 1063 9.95 5.19 21.55
C ARG B 1063 10.29 6.24 22.60
N LYS B 1064 9.33 7.11 22.89
CA LYS B 1064 9.55 8.20 23.85
C LYS B 1064 9.61 7.70 25.29
N ARG B 1065 9.28 6.44 25.55
CA ARG B 1065 9.31 5.89 26.89
C ARG B 1065 10.54 5.01 27.13
N HIS B 1066 11.55 5.11 26.26
CA HIS B 1066 12.75 4.27 26.34
C HIS B 1066 12.41 2.79 26.22
N GLY B 1067 11.42 2.46 25.41
CA GLY B 1067 10.99 1.08 25.26
C GLY B 1067 11.87 0.30 24.32
N GLY B 1068 11.45 -0.95 24.07
CA GLY B 1068 12.10 -1.82 23.14
C GLY B 1068 11.31 -1.99 21.85
N ILE B 1069 11.66 -3.02 21.10
CA ILE B 1069 10.97 -3.37 19.87
C ILE B 1069 10.50 -4.82 19.97
N ARG B 1070 9.24 -5.06 19.63
CA ARG B 1070 8.65 -6.38 19.75
C ARG B 1070 9.14 -7.29 18.63
N VAL B 1071 9.59 -8.48 19.00
CA VAL B 1071 9.98 -9.51 18.04
C VAL B 1071 8.72 -10.29 17.67
N GLY B 1072 8.11 -9.95 16.54
CA GLY B 1072 6.83 -10.49 16.18
C GLY B 1072 6.88 -11.98 15.88
N GLU B 1073 5.69 -12.53 15.64
CA GLU B 1073 5.59 -13.96 15.32
C GLU B 1073 6.33 -14.29 14.03
N MET B 1074 6.22 -13.43 13.03
CA MET B 1074 6.96 -13.65 11.80
C MET B 1074 8.47 -13.55 12.02
N GLU B 1075 8.90 -12.68 12.93
CA GLU B 1075 10.31 -12.63 13.28
C GLU B 1075 10.77 -13.92 13.94
N ARG B 1076 9.93 -14.48 14.84
CA ARG B 1076 10.26 -15.77 15.43
C ARG B 1076 10.33 -16.86 14.37
N ASP B 1077 9.40 -16.83 13.40
CA ASP B 1077 9.43 -17.81 12.32
C ASP B 1077 10.72 -17.69 11.50
N ALA B 1078 11.15 -16.46 11.23
CA ALA B 1078 12.41 -16.26 10.54
C ALA B 1078 13.57 -16.79 11.37
N LEU B 1079 13.51 -16.61 12.69
CA LEU B 1079 14.54 -17.18 13.57
C LEU B 1079 14.58 -18.69 13.42
N ILE B 1080 13.41 -19.34 13.38
CA ILE B 1080 13.37 -20.79 13.25
C ILE B 1080 13.81 -21.21 11.84
N GLY B 1081 13.37 -20.48 10.82
CA GLY B 1081 13.64 -20.90 9.45
C GLY B 1081 15.14 -21.05 9.17
N HIS B 1082 15.94 -20.14 9.72
CA HIS B 1082 17.39 -20.28 9.63
C HIS B 1082 17.92 -21.38 10.52
N GLY B 1083 17.11 -21.89 11.44
CA GLY B 1083 17.59 -22.90 12.37
C GLY B 1083 18.47 -22.37 13.47
N THR B 1084 18.58 -21.05 13.60
CA THR B 1084 19.45 -20.44 14.61
C THR B 1084 18.75 -20.55 15.96
N SER B 1085 18.97 -21.68 16.64
CA SER B 1085 18.27 -21.92 17.90
C SER B 1085 18.73 -20.97 18.99
N PHE B 1086 20.04 -20.83 19.17
CA PHE B 1086 20.54 -19.94 20.21
C PHE B 1086 20.15 -18.50 19.93
N LEU B 1087 20.10 -18.11 18.65
CA LEU B 1087 19.65 -16.76 18.32
C LEU B 1087 18.20 -16.55 18.73
N LEU B 1088 17.35 -17.54 18.49
CA LEU B 1088 15.96 -17.43 18.94
C LEU B 1088 15.87 -17.37 20.45
N GLN B 1089 16.68 -18.16 21.15
CA GLN B 1089 16.66 -18.13 22.61
C GLN B 1089 17.09 -16.77 23.13
N ASP B 1090 18.10 -16.16 22.50
CA ASP B 1090 18.56 -14.86 22.98
C ASP B 1090 17.59 -13.75 22.61
N ARG B 1091 16.83 -13.92 21.52
CA ARG B 1091 15.83 -12.92 21.17
C ARG B 1091 14.53 -13.11 21.94
N LEU B 1092 14.32 -14.26 22.58
CA LEU B 1092 13.14 -14.48 23.39
C LEU B 1092 13.47 -14.72 24.86
N LEU B 1093 14.69 -14.42 25.29
CA LEU B 1093 15.13 -14.59 26.67
C LEU B 1093 16.46 -13.87 26.81
N ASN B 1094 17.14 -14.07 27.94
CA ASN B 1094 18.43 -13.48 28.21
C ASN B 1094 18.39 -11.95 28.10
N VAL B 1103 11.81 -23.99 41.09
CA VAL B 1103 10.51 -24.56 40.81
C VAL B 1103 10.22 -25.67 41.80
N CYS B 1104 8.94 -25.98 42.00
CA CYS B 1104 8.56 -27.03 42.94
C CYS B 1104 8.95 -28.39 42.39
N ARG B 1105 9.99 -28.99 42.97
CA ARG B 1105 10.51 -30.25 42.47
C ARG B 1105 9.48 -31.37 42.59
N GLU B 1106 8.77 -31.42 43.73
CA GLU B 1106 7.83 -32.51 43.95
C GLU B 1106 6.49 -32.24 43.29
N CYS B 1107 5.88 -31.09 43.59
CA CYS B 1107 4.56 -30.78 43.04
C CYS B 1107 4.61 -30.68 41.53
N GLY B 1108 5.66 -30.05 40.99
CA GLY B 1108 5.75 -29.87 39.55
C GLY B 1108 4.69 -28.95 38.99
N SER B 1109 4.37 -27.88 39.70
CA SER B 1109 3.39 -26.91 39.25
C SER B 1109 3.52 -25.62 40.05
N THR B 1113 4.30 -20.36 43.17
CA THR B 1113 5.24 -21.14 43.97
C THR B 1113 5.31 -20.61 45.40
N GLN B 1114 6.23 -21.18 46.19
CA GLN B 1114 6.35 -20.80 47.59
C GLN B 1114 7.70 -21.27 48.10
N GLN B 1115 8.53 -20.33 48.55
CA GLN B 1115 9.82 -20.65 49.15
C GLN B 1115 10.44 -19.38 49.72
N SER B 1116 11.69 -19.49 50.18
CA SER B 1116 12.55 -18.37 50.53
C SER B 1116 11.94 -17.53 51.65
N VAL B 1117 11.82 -18.15 52.81
CA VAL B 1117 11.45 -17.41 54.01
C VAL B 1117 12.37 -17.82 55.16
N PRO B 1118 13.59 -17.29 55.21
CA PRO B 1118 14.45 -17.54 56.37
C PRO B 1118 13.85 -16.93 57.63
N ARG B 1119 14.06 -17.61 58.76
CA ARG B 1119 13.41 -17.25 60.00
C ARG B 1119 14.27 -16.34 60.88
N ILE B 1120 15.45 -16.79 61.28
CA ILE B 1120 16.25 -16.05 62.24
C ILE B 1120 17.63 -15.75 61.68
N GLY B 1121 18.42 -16.79 61.47
CA GLY B 1121 19.76 -16.62 60.94
C GLY B 1121 20.12 -17.73 59.98
N SER B 1122 19.14 -18.56 59.66
CA SER B 1122 19.32 -19.63 58.70
C SER B 1122 19.19 -19.11 57.28
N ILE B 1123 19.72 -19.89 56.34
CA ILE B 1123 19.59 -19.53 54.94
C ILE B 1123 18.14 -19.68 54.48
N SER B 1124 17.84 -19.09 53.33
CA SER B 1124 16.50 -19.17 52.78
C SER B 1124 16.20 -20.59 52.33
N THR B 1125 15.02 -21.09 52.70
CA THR B 1125 14.62 -22.45 52.36
C THR B 1125 13.27 -22.44 51.65
N VAL B 1126 12.64 -23.60 51.52
CA VAL B 1126 11.37 -23.72 50.81
C VAL B 1126 10.35 -24.33 51.76
N CYS B 1127 9.12 -23.81 51.70
CA CYS B 1127 8.02 -24.29 52.55
C CYS B 1127 6.74 -24.35 51.74
N CYS B 1128 6.84 -24.88 50.52
CA CYS B 1128 5.71 -24.97 49.60
C CYS B 1128 4.52 -25.67 50.24
N ARG B 1129 3.42 -24.93 50.42
CA ARG B 1129 2.22 -25.53 51.02
C ARG B 1129 1.62 -26.60 50.13
N ARG B 1130 1.75 -26.44 48.80
CA ARG B 1130 1.28 -27.47 47.89
C ARG B 1130 2.02 -28.77 48.15
N CYS B 1131 3.30 -28.67 48.51
CA CYS B 1131 4.05 -29.83 48.99
C CYS B 1131 3.53 -30.24 50.36
N ASP B 1155 9.83 -26.72 60.52
CA ASP B 1155 11.27 -26.52 60.59
C ASP B 1155 11.96 -26.99 59.32
N SER B 1156 12.24 -28.29 59.25
CA SER B 1156 12.93 -28.84 58.08
C SER B 1156 12.04 -28.81 56.84
N GLN B 1157 10.78 -29.27 56.97
CA GLN B 1157 9.87 -29.26 55.84
C GLN B 1157 8.45 -28.90 56.24
N ILE B 1158 8.24 -28.34 57.43
CA ILE B 1158 6.90 -28.02 57.88
C ILE B 1158 6.42 -26.71 57.28
N VAL B 1168 1.94 -28.60 56.74
CA VAL B 1168 3.32 -29.01 56.49
C VAL B 1168 3.64 -28.89 55.00
N GLY B 1169 4.81 -28.33 54.70
CA GLY B 1169 5.25 -28.10 53.35
C GLY B 1169 6.16 -29.19 52.84
N GLY B 1170 7.13 -28.79 52.01
CA GLY B 1170 8.12 -29.72 51.50
C GLY B 1170 9.45 -29.02 51.31
N ASN B 1171 10.49 -29.82 51.13
CA ASN B 1171 11.86 -29.33 50.98
C ASN B 1171 12.45 -29.79 49.66
N GLU B 1172 11.66 -29.78 48.59
CA GLU B 1172 12.11 -30.16 47.25
C GLU B 1172 11.80 -29.01 46.30
N THR B 1173 12.78 -28.13 46.12
CA THR B 1173 12.65 -27.00 45.21
C THR B 1173 14.02 -26.42 44.94
N THR B 1174 14.36 -26.26 43.66
CA THR B 1174 15.66 -25.72 43.26
C THR B 1174 15.46 -24.78 42.10
N THR B 1175 16.46 -23.92 41.89
CA THR B 1175 16.37 -22.88 40.88
C THR B 1175 16.38 -23.48 39.47
N VAL B 1176 15.51 -22.95 38.61
CA VAL B 1176 15.46 -23.34 37.20
C VAL B 1176 15.33 -22.07 36.38
N ALA B 1177 15.74 -22.16 35.12
CA ALA B 1177 15.74 -21.01 34.22
C ALA B 1177 14.45 -21.02 33.39
N ILE B 1178 13.63 -20.00 33.58
CA ILE B 1178 12.35 -19.91 32.89
C ILE B 1178 12.01 -18.44 32.61
N PRO B 1179 11.20 -18.15 31.60
CA PRO B 1179 10.73 -16.78 31.41
C PRO B 1179 9.82 -16.36 32.57
N PHE B 1180 9.83 -15.07 32.85
CA PHE B 1180 9.03 -14.55 33.95
C PHE B 1180 7.59 -14.26 33.56
N VAL B 1181 7.24 -14.44 32.29
CA VAL B 1181 5.82 -14.50 31.93
C VAL B 1181 5.20 -15.79 32.43
N LEU B 1182 6.03 -16.79 32.73
CA LEU B 1182 5.52 -18.08 33.19
C LEU B 1182 4.86 -17.98 34.55
N LYS B 1183 5.43 -17.19 35.47
CA LYS B 1183 4.81 -17.04 36.78
C LYS B 1183 3.46 -16.35 36.68
N TYR B 1184 3.35 -15.34 35.81
CA TYR B 1184 2.07 -14.69 35.59
C TYR B 1184 1.06 -15.67 34.99
N LEU B 1185 1.50 -16.49 34.04
CA LEU B 1185 0.61 -17.50 33.47
C LEU B 1185 0.16 -18.49 34.54
N ASP B 1186 1.08 -18.90 35.42
CA ASP B 1186 0.75 -19.83 36.49
C ASP B 1186 -0.29 -19.25 37.43
N SER B 1187 -0.10 -17.98 37.83
CA SER B 1187 -1.06 -17.35 38.73
C SER B 1187 -2.42 -17.19 38.04
N GLU B 1188 -2.42 -16.81 36.76
CA GLU B 1188 -3.69 -16.66 36.05
C GLU B 1188 -4.43 -17.99 35.96
N LEU B 1189 -3.70 -19.08 35.71
CA LEU B 1189 -4.35 -20.39 35.69
C LEU B 1189 -4.81 -20.81 37.08
N SER B 1190 -4.05 -20.45 38.12
CA SER B 1190 -4.49 -20.74 39.48
C SER B 1190 -5.81 -20.06 39.79
N ALA B 1191 -5.96 -18.80 39.38
CA ALA B 1191 -7.26 -18.15 39.47
C ALA B 1191 -8.26 -18.82 38.55
N MET B 1192 -7.81 -19.25 37.36
CA MET B 1192 -8.68 -19.93 36.43
C MET B 1192 -9.13 -21.30 36.95
N GLY B 1193 -8.47 -21.82 37.98
CA GLY B 1193 -8.82 -23.12 38.51
C GLY B 1193 -8.34 -24.28 37.67
N ILE B 1194 -7.32 -24.08 36.83
CA ILE B 1194 -6.82 -25.10 35.92
C ILE B 1194 -5.35 -25.33 36.23
N ARG B 1195 -4.98 -26.59 36.43
CA ARG B 1195 -3.59 -26.97 36.63
C ARG B 1195 -3.28 -28.19 35.77
N LEU B 1196 -2.03 -28.25 35.33
CA LEU B 1196 -1.56 -29.33 34.47
C LEU B 1196 -0.31 -29.94 35.08
N ARG B 1197 -0.05 -31.20 34.73
CA ARG B 1197 1.11 -31.92 35.24
C ARG B 1197 2.36 -31.40 34.51
N TYR B 1198 2.84 -30.24 34.96
CA TYR B 1198 4.03 -29.63 34.37
C TYR B 1198 5.25 -30.46 34.77
N ASN B 1199 5.67 -31.33 33.86
CA ASN B 1199 6.65 -32.36 34.21
C ASN B 1199 8.00 -31.70 34.45
N VAL B 1200 8.29 -31.40 35.71
CA VAL B 1200 9.57 -30.80 36.07
C VAL B 1200 10.67 -31.84 35.86
N GLU B 1201 11.66 -31.50 35.04
CA GLU B 1201 12.72 -32.43 34.73
C GLU B 1201 13.63 -32.62 35.95
N PRO B 1202 14.33 -33.75 36.03
CA PRO B 1202 15.17 -34.01 37.21
C PRO B 1202 16.44 -33.18 37.20
N LYS B 1203 17.32 -33.44 38.17
CA LYS B 1203 18.60 -32.74 38.28
C LYS B 1203 19.39 -32.79 36.98
N GLU C 30 61.39 9.96 -20.31
CA GLU C 30 61.89 10.38 -19.00
C GLU C 30 61.37 11.77 -18.65
N TRP C 31 60.14 11.83 -18.17
CA TRP C 31 59.59 13.09 -17.70
C TRP C 31 60.38 13.59 -16.50
N ASN C 32 60.53 14.91 -16.40
CA ASN C 32 61.37 15.48 -15.37
C ASN C 32 60.87 16.87 -15.01
N VAL C 33 61.34 17.35 -13.86
CA VAL C 33 60.98 18.68 -13.39
C VAL C 33 61.38 19.74 -14.40
N GLU C 34 62.57 19.60 -14.98
CA GLU C 34 63.04 20.57 -15.95
C GLU C 34 62.18 20.56 -17.20
N LYS C 35 61.78 19.37 -17.66
CA LYS C 35 60.90 19.29 -18.81
C LYS C 35 59.57 19.96 -18.52
N PHE C 36 59.02 19.72 -17.32
CA PHE C 36 57.77 20.38 -16.96
C PHE C 36 57.92 21.88 -16.92
N LYS C 37 59.03 22.36 -16.35
CA LYS C 37 59.27 23.79 -16.28
C LYS C 37 59.38 24.41 -17.67
N LYS C 38 60.06 23.72 -18.57
CA LYS C 38 60.20 24.22 -19.93
C LYS C 38 58.86 24.27 -20.64
N ASP C 39 58.02 23.24 -20.45
CA ASP C 39 56.76 23.20 -21.19
C ASP C 39 55.67 24.06 -20.57
N PHE C 40 55.76 24.36 -19.29
CA PHE C 40 54.69 25.04 -18.59
C PHE C 40 54.75 26.55 -18.78
N GLU C 41 53.59 27.16 -18.94
CA GLU C 41 53.51 28.61 -19.10
C GLU C 41 52.16 29.10 -18.60
N VAL C 42 52.11 30.38 -18.25
CA VAL C 42 50.92 31.02 -17.71
C VAL C 42 50.54 32.18 -18.62
N ASN C 43 49.25 32.53 -18.61
CA ASN C 43 48.75 33.65 -19.41
C ASN C 43 47.66 34.36 -18.59
N ILE C 44 48.07 35.36 -17.83
CA ILE C 44 47.10 36.16 -17.08
C ILE C 44 46.32 37.01 -18.07
N SER C 45 44.99 36.91 -18.01
CA SER C 45 44.13 37.56 -18.99
C SER C 45 43.44 38.79 -18.44
N SER C 46 42.73 38.66 -17.33
CA SER C 46 41.86 39.71 -16.82
C SER C 46 42.07 39.90 -15.32
N LEU C 47 43.33 40.01 -14.90
CA LEU C 47 43.61 40.23 -13.49
C LEU C 47 42.92 41.48 -12.98
N ASP C 48 42.33 41.36 -11.78
CA ASP C 48 41.58 42.45 -11.18
C ASP C 48 41.63 42.29 -9.67
N ALA C 49 41.36 43.38 -8.96
CA ALA C 49 41.35 43.34 -7.50
C ALA C 49 40.24 42.47 -6.94
N ARG C 50 39.27 42.09 -7.77
CA ARG C 50 38.16 41.25 -7.34
C ARG C 50 38.15 39.88 -8.02
N GLU C 51 38.55 39.82 -9.28
CA GLU C 51 38.41 38.61 -10.09
C GLU C 51 39.70 38.37 -10.87
N ALA C 52 40.01 37.09 -11.07
CA ALA C 52 41.17 36.69 -11.87
C ALA C 52 40.73 35.71 -12.94
N ASN C 53 41.39 35.76 -14.09
CA ASN C 53 41.03 34.91 -15.21
C ASN C 53 42.28 34.37 -15.89
N PHE C 54 43.27 33.93 -15.11
CA PHE C 54 44.51 33.45 -15.69
C PHE C 54 44.34 32.05 -16.26
N ASP C 55 45.29 31.67 -17.11
CA ASP C 55 45.28 30.39 -17.79
C ASP C 55 46.46 29.54 -17.33
N LEU C 56 46.26 28.22 -17.35
CA LEU C 56 47.32 27.25 -17.10
C LEU C 56 47.50 26.40 -18.34
N ILE C 57 48.75 26.23 -18.77
CA ILE C 57 49.06 25.56 -20.02
C ILE C 57 50.10 24.48 -19.76
N ASN C 58 49.91 23.31 -20.37
CA ASN C 58 50.84 22.18 -20.26
C ASN C 58 50.95 21.71 -18.83
N ILE C 59 49.80 21.53 -18.18
CA ILE C 59 49.74 20.96 -16.84
C ILE C 59 48.64 19.91 -16.84
N ASP C 60 48.74 19.00 -15.86
CA ASP C 60 47.84 17.86 -15.80
C ASP C 60 46.58 18.19 -15.00
N THR C 61 45.48 17.57 -15.43
CA THR C 61 44.20 17.78 -14.76
C THR C 61 44.28 17.45 -13.28
N SER C 62 45.15 16.52 -12.90
CA SER C 62 45.31 16.19 -11.48
C SER C 62 45.74 17.41 -10.70
N ILE C 63 46.80 18.08 -11.14
CA ILE C 63 47.29 19.25 -10.41
C ILE C 63 46.31 20.40 -10.53
N ALA C 64 45.68 20.55 -11.69
CA ALA C 64 44.71 21.64 -11.85
C ALA C 64 43.56 21.50 -10.86
N ASN C 65 43.00 20.28 -10.76
CA ASN C 65 41.92 20.04 -9.82
C ASN C 65 42.40 20.13 -8.38
N ALA C 66 43.63 19.73 -8.10
CA ALA C 66 44.16 19.89 -6.76
C ALA C 66 44.20 21.35 -6.37
N PHE C 67 44.66 22.21 -7.27
CA PHE C 67 44.64 23.64 -7.00
C PHE C 67 43.23 24.15 -6.82
N ARG C 68 42.30 23.72 -7.68
CA ARG C 68 40.91 24.15 -7.56
C ARG C 68 40.36 23.83 -6.19
N ARG C 69 40.55 22.58 -5.75
CA ARG C 69 40.01 22.15 -4.46
C ARG C 69 40.69 22.87 -3.30
N ILE C 70 42.01 23.06 -3.38
CA ILE C 70 42.70 23.75 -2.30
C ILE C 70 42.19 25.18 -2.19
N MET C 71 42.02 25.86 -3.31
CA MET C 71 41.50 27.22 -3.28
C MET C 71 40.11 27.26 -2.67
N ILE C 72 39.23 26.34 -3.12
CA ILE C 72 37.84 26.41 -2.66
C ILE C 72 37.75 26.11 -1.17
N SER C 73 38.45 25.09 -0.69
CA SER C 73 38.27 24.65 0.68
C SER C 73 39.40 25.05 1.61
N GLU C 74 40.64 24.67 1.29
CA GLU C 74 41.68 24.67 2.30
C GLU C 74 42.19 26.06 2.64
N VAL C 75 42.10 27.01 1.70
CA VAL C 75 42.68 28.34 1.91
C VAL C 75 42.01 28.98 3.12
N PRO C 76 42.77 29.33 4.15
CA PRO C 76 42.16 29.87 5.37
C PRO C 76 41.57 31.24 5.14
N SER C 77 40.56 31.57 5.96
CA SER C 77 39.92 32.87 5.92
C SER C 77 39.31 33.13 7.30
N VAL C 78 38.68 34.28 7.44
CA VAL C 78 38.12 34.71 8.71
C VAL C 78 36.63 34.97 8.53
N ALA C 79 35.83 34.47 9.48
CA ALA C 79 34.41 34.75 9.52
C ALA C 79 33.94 34.64 10.96
N ALA C 80 32.80 35.27 11.24
CA ALA C 80 32.32 35.37 12.61
C ALA C 80 31.67 34.07 13.05
N GLU C 81 31.90 33.70 14.30
CA GLU C 81 31.19 32.62 14.95
C GLU C 81 31.18 32.90 16.45
N TYR C 82 30.70 31.94 17.23
CA TYR C 82 30.66 32.08 18.69
C TYR C 82 29.94 33.36 19.09
N VAL C 83 28.86 33.69 18.37
CA VAL C 83 28.14 34.92 18.63
C VAL C 83 27.45 34.83 19.99
N TYR C 84 27.56 35.90 20.77
CA TYR C 84 26.89 36.00 22.06
C TYR C 84 25.77 37.03 21.95
N PHE C 85 24.58 36.65 22.38
CA PHE C 85 23.43 37.54 22.35
C PHE C 85 23.16 38.07 23.75
N PHE C 86 23.07 39.39 23.88
CA PHE C 86 22.65 39.99 25.13
C PHE C 86 21.14 40.21 25.17
N ASN C 87 20.56 40.54 24.03
CA ASN C 87 19.11 40.72 23.93
C ASN C 87 18.72 40.75 22.47
N ASN C 88 17.56 40.19 22.17
CA ASN C 88 16.99 40.29 20.84
C ASN C 88 15.49 40.09 20.94
N THR C 89 14.74 40.88 20.19
CA THR C 89 13.30 40.75 20.13
C THR C 89 12.78 40.82 18.69
N SER C 90 13.67 40.85 17.70
CA SER C 90 13.27 41.05 16.32
C SER C 90 12.49 39.85 15.81
N VAL C 91 11.83 40.06 14.68
CA VAL C 91 11.07 38.98 14.06
C VAL C 91 12.00 37.83 13.69
N ILE C 92 13.19 38.14 13.22
CA ILE C 92 14.14 37.09 12.83
C ILE C 92 14.65 36.39 14.07
N GLN C 93 14.65 35.06 14.04
CA GLN C 93 15.02 34.27 15.20
C GLN C 93 16.51 34.43 15.51
N ASP C 94 16.87 34.06 16.73
CA ASP C 94 18.26 34.20 17.16
C ASP C 94 19.18 33.31 16.36
N GLU C 95 18.78 32.06 16.12
CA GLU C 95 19.62 31.15 15.33
C GLU C 95 19.80 31.67 13.91
N VAL C 96 18.71 32.13 13.30
CA VAL C 96 18.79 32.64 11.93
C VAL C 96 19.71 33.86 11.89
N LEU C 97 19.56 34.76 12.87
CA LEU C 97 20.40 35.95 12.89
C LEU C 97 21.87 35.60 13.08
N ALA C 98 22.15 34.64 13.96
CA ALA C 98 23.53 34.23 14.19
C ALA C 98 24.14 33.65 12.94
N HIS C 99 23.40 32.76 12.26
CA HIS C 99 23.90 32.19 11.02
C HIS C 99 24.10 33.27 9.96
N ARG C 100 23.17 34.21 9.87
CA ARG C 100 23.25 35.29 8.90
C ARG C 100 24.49 36.14 9.13
N ILE C 101 24.77 36.47 10.40
CA ILE C 101 25.97 37.22 10.71
C ILE C 101 27.22 36.40 10.39
N GLY C 102 27.19 35.11 10.70
CA GLY C 102 28.34 34.26 10.39
C GLY C 102 28.65 34.26 8.90
N LEU C 103 27.61 34.31 8.06
CA LEU C 103 27.79 34.33 6.61
C LEU C 103 28.11 35.74 6.12
N VAL C 104 29.14 36.35 6.71
CA VAL C 104 29.53 37.69 6.27
C VAL C 104 31.00 37.68 5.86
N PRO C 105 31.36 38.34 4.77
CA PRO C 105 32.78 38.45 4.42
C PRO C 105 33.46 39.61 5.13
N LEU C 106 34.53 39.34 5.84
CA LEU C 106 35.28 40.38 6.52
C LEU C 106 36.38 40.89 5.60
N LYS C 107 37.27 41.71 6.15
CA LYS C 107 38.34 42.33 5.38
C LYS C 107 39.73 41.97 5.87
N VAL C 108 39.89 41.62 7.15
CA VAL C 108 41.22 41.36 7.68
C VAL C 108 41.87 40.21 6.95
N ASP C 109 43.15 40.37 6.64
CA ASP C 109 43.90 39.31 6.00
C ASP C 109 44.06 38.13 6.97
N PRO C 110 44.01 36.90 6.48
CA PRO C 110 44.21 35.75 7.37
C PRO C 110 45.56 35.76 8.07
N ASP C 111 46.60 36.28 7.42
CA ASP C 111 47.93 36.24 8.02
C ASP C 111 48.10 37.39 9.01
N MET C 112 47.14 37.53 9.91
CA MET C 112 47.26 38.45 11.04
C MET C 112 46.68 37.83 12.29
N LEU C 113 46.25 36.57 12.24
CA LEU C 113 45.57 35.92 13.34
C LEU C 113 46.12 34.50 13.49
N THR C 114 45.88 33.93 14.66
CA THR C 114 46.41 32.62 15.00
C THR C 114 45.26 31.67 15.32
N TRP C 115 45.50 30.38 15.09
CA TRP C 115 44.49 29.38 15.34
C TRP C 115 44.25 29.21 16.83
N VAL C 116 43.12 28.58 17.15
CA VAL C 116 42.71 28.33 18.53
C VAL C 116 42.89 26.84 18.82
N ASP C 117 43.42 26.53 19.99
CA ASP C 117 43.65 25.15 20.36
C ASP C 117 42.34 24.38 20.49
N SER C 118 41.25 25.06 20.83
CA SER C 118 39.90 24.52 20.97
C SER C 118 39.74 23.56 22.13
N ASN C 119 40.80 23.25 22.85
CA ASN C 119 40.74 22.41 24.04
C ASN C 119 41.21 23.19 25.26
N LEU C 120 40.73 24.42 25.39
CA LEU C 120 41.13 25.34 26.43
C LEU C 120 39.90 25.91 27.11
N PRO C 121 40.03 26.40 28.33
CA PRO C 121 38.94 27.16 28.95
C PRO C 121 38.64 28.40 28.11
N ASP C 122 37.37 28.82 28.14
CA ASP C 122 36.91 29.87 27.24
C ASP C 122 37.70 31.15 27.42
N ASP C 123 38.04 31.49 28.66
CA ASP C 123 38.84 32.68 28.90
C ASP C 123 40.21 32.56 28.24
N GLU C 124 40.83 31.38 28.34
CA GLU C 124 42.10 31.12 27.66
C GLU C 124 41.91 30.78 26.20
N LYS C 125 40.69 30.46 25.77
CA LYS C 125 40.44 30.09 24.39
C LYS C 125 40.65 31.24 23.43
N PHE C 126 40.59 32.48 23.91
CA PHE C 126 40.65 33.65 23.04
C PHE C 126 41.68 34.64 23.57
N THR C 127 42.45 35.22 22.65
CA THR C 127 43.44 36.23 22.98
C THR C 127 43.32 37.41 22.04
N ASP C 128 44.27 38.33 22.10
CA ASP C 128 44.25 39.47 21.19
C ASP C 128 44.50 39.03 19.75
N GLU C 129 45.42 38.10 19.56
CA GLU C 129 45.95 37.77 18.24
C GLU C 129 45.34 36.52 17.64
N ASN C 130 44.28 35.97 18.23
CA ASN C 130 43.64 34.78 17.70
C ASN C 130 42.17 34.99 17.36
N THR C 131 41.61 36.16 17.69
CA THR C 131 40.20 36.42 17.39
C THR C 131 39.98 37.92 17.39
N ILE C 132 38.83 38.33 16.83
CA ILE C 132 38.40 39.72 16.84
C ILE C 132 36.96 39.76 17.33
N VAL C 133 36.55 40.93 17.81
CA VAL C 133 35.29 41.11 18.50
C VAL C 133 34.44 42.12 17.75
N LEU C 134 33.16 41.81 17.58
CA LEU C 134 32.23 42.71 16.92
C LEU C 134 31.01 42.92 17.82
N SER C 135 30.43 44.11 17.71
CA SER C 135 29.26 44.49 18.49
C SER C 135 28.25 45.17 17.59
N LEU C 136 26.97 44.91 17.84
CA LEU C 136 25.90 45.49 17.03
C LEU C 136 25.03 46.46 17.80
N ASN C 137 24.37 46.00 18.86
CA ASN C 137 23.61 46.83 19.81
C ASN C 137 22.86 47.96 19.13
N VAL C 138 21.90 47.59 18.28
CA VAL C 138 21.08 48.56 17.57
C VAL C 138 19.70 48.62 18.24
N LYS C 139 19.11 49.81 18.23
CA LYS C 139 17.77 50.03 18.75
C LYS C 139 16.97 50.83 17.72
N CYS C 140 15.70 50.49 17.55
CA CYS C 140 14.86 51.12 16.56
C CYS C 140 13.65 51.76 17.22
N THR C 141 13.33 52.98 16.79
CA THR C 141 12.19 53.73 17.30
C THR C 141 11.71 54.67 16.22
N ARG C 142 10.41 54.85 16.12
CA ARG C 142 9.85 55.72 15.10
C ARG C 142 10.21 57.17 15.37
N ASN C 143 10.59 57.88 14.33
CA ASN C 143 10.81 59.32 14.48
C ASN C 143 9.49 60.06 14.27
N PRO C 144 9.07 60.89 15.22
CA PRO C 144 7.76 61.57 15.08
C PRO C 144 7.68 62.40 13.81
N ASP C 145 8.77 63.06 13.43
CA ASP C 145 8.77 63.83 12.20
C ASP C 145 8.76 62.91 10.99
N ALA C 146 7.57 62.61 10.47
CA ALA C 146 7.42 61.74 9.33
C ALA C 146 6.44 62.37 8.35
N PRO C 147 6.78 62.46 7.07
CA PRO C 147 5.83 63.04 6.10
C PRO C 147 4.55 62.23 6.04
N LYS C 148 3.44 62.94 5.83
CA LYS C 148 2.14 62.29 5.82
C LYS C 148 2.03 61.36 4.62
N GLY C 149 1.38 60.22 4.82
CA GLY C 149 1.18 59.27 3.74
C GLY C 149 2.47 58.69 3.19
N SER C 150 3.42 58.38 4.06
CA SER C 150 4.71 57.85 3.64
C SER C 150 4.85 56.41 4.12
N THR C 151 5.37 55.55 3.24
CA THR C 151 5.57 54.14 3.55
C THR C 151 7.03 53.76 3.61
N ASP C 152 7.94 54.69 3.35
CA ASP C 152 9.36 54.39 3.38
C ASP C 152 9.81 54.17 4.83
N PRO C 153 10.34 52.99 5.16
CA PRO C 153 10.73 52.73 6.55
C PRO C 153 11.77 53.68 7.08
N LYS C 154 12.69 54.16 6.24
CA LYS C 154 13.71 55.10 6.71
C LYS C 154 13.07 56.37 7.26
N GLU C 155 12.09 56.91 6.55
CA GLU C 155 11.41 58.11 7.02
C GLU C 155 10.46 57.81 8.16
N LEU C 156 9.78 56.66 8.10
CA LEU C 156 8.82 56.33 9.15
C LEU C 156 9.52 56.07 10.49
N TYR C 157 10.68 55.44 10.45
CA TYR C 157 11.41 55.14 11.68
C TYR C 157 12.90 55.17 11.42
N ASN C 158 13.65 55.71 12.38
CA ASN C 158 15.10 55.63 12.33
C ASN C 158 15.55 54.23 12.73
N ASN C 159 16.71 53.83 12.23
CA ASN C 159 17.24 52.48 12.42
C ASN C 159 16.25 51.43 11.92
N ALA C 160 15.54 51.76 10.83
CA ALA C 160 14.55 50.84 10.30
C ALA C 160 15.20 49.57 9.79
N HIS C 161 16.36 49.68 9.14
CA HIS C 161 17.09 48.54 8.63
C HIS C 161 18.44 48.44 9.32
N VAL C 162 18.92 47.21 9.47
CA VAL C 162 20.22 46.94 10.06
C VAL C 162 21.15 46.48 8.95
N TYR C 163 22.26 47.18 8.78
CA TYR C 163 23.22 46.87 7.74
C TYR C 163 24.50 46.33 8.34
N ALA C 164 25.36 45.79 7.48
CA ALA C 164 26.61 45.21 7.94
C ALA C 164 27.51 46.28 8.57
N ARG C 165 27.52 47.49 7.99
CA ARG C 165 28.41 48.52 8.48
C ARG C 165 28.12 48.89 9.93
N ASP C 166 26.93 48.56 10.42
CA ASP C 166 26.63 48.76 11.84
C ASP C 166 27.53 47.93 12.74
N LEU C 167 28.16 46.89 12.20
CA LEU C 167 29.07 46.07 12.97
C LEU C 167 30.36 46.84 13.23
N LYS C 168 30.72 47.00 14.51
CA LYS C 168 31.98 47.61 14.89
C LYS C 168 32.98 46.51 15.18
N PHE C 169 34.23 46.91 15.45
CA PHE C 169 35.32 45.98 15.66
C PHE C 169 36.15 46.37 16.87
N GLU C 170 35.46 46.61 17.98
CA GLU C 170 36.11 46.99 19.24
C GLU C 170 37.29 46.08 19.53
N PRO C 171 38.51 46.60 19.45
CA PRO C 171 39.70 45.76 19.55
C PRO C 171 40.06 45.47 21.00
N GLN C 172 41.07 44.62 21.17
CA GLN C 172 41.57 44.27 22.49
C GLN C 172 43.09 44.24 22.47
N GLY C 173 43.70 44.91 23.45
CA GLY C 173 45.14 44.82 23.63
C GLY C 173 45.90 45.29 22.41
N ARG C 174 46.82 44.45 21.95
CA ARG C 174 47.70 44.82 20.84
C ARG C 174 46.93 45.05 19.55
N GLN C 175 45.67 44.60 19.47
CA GLN C 175 44.89 44.82 18.26
C GLN C 175 44.76 46.30 17.94
N SER C 176 44.69 47.15 18.97
CA SER C 176 44.58 48.58 18.73
C SER C 176 45.77 49.10 17.95
N THR C 177 46.98 48.68 18.32
CA THR C 177 48.16 49.11 17.60
C THR C 177 48.26 48.44 16.23
N THR C 178 48.00 47.13 16.17
CA THR C 178 48.23 46.39 14.94
C THR C 178 47.27 46.81 13.84
N PHE C 179 45.98 46.98 14.17
CA PHE C 179 44.96 47.29 13.19
C PHE C 179 44.78 48.78 12.97
N ALA C 180 45.81 49.59 13.26
CA ALA C 180 45.69 51.04 13.10
C ALA C 180 45.41 51.40 11.65
N ASP C 181 46.14 50.78 10.72
CA ASP C 181 45.89 50.96 9.30
C ASP C 181 44.99 49.89 8.71
N CYS C 182 44.48 48.97 9.54
CA CYS C 182 43.64 47.87 9.09
C CYS C 182 42.38 47.82 9.93
N PRO C 183 41.47 48.77 9.73
CA PRO C 183 40.20 48.74 10.47
C PRO C 183 39.32 47.59 9.98
N VAL C 184 38.91 46.74 10.91
CA VAL C 184 38.12 45.56 10.56
C VAL C 184 36.72 45.99 10.14
N VAL C 185 36.45 45.94 8.84
CA VAL C 185 35.15 46.33 8.32
C VAL C 185 34.64 45.20 7.44
N PRO C 186 33.33 45.04 7.29
CA PRO C 186 32.83 43.99 6.39
C PRO C 186 33.29 44.24 4.97
N ALA C 187 33.59 43.16 4.26
CA ALA C 187 33.93 43.27 2.86
C ALA C 187 32.77 43.81 2.04
N ASP C 188 31.55 43.71 2.57
CA ASP C 188 30.36 44.27 1.92
C ASP C 188 29.49 44.89 3.00
N PRO C 189 29.70 46.16 3.31
CA PRO C 189 28.92 46.80 4.38
C PRO C 189 27.48 47.07 4.02
N ASP C 190 27.06 46.83 2.79
CA ASP C 190 25.72 47.17 2.34
C ASP C 190 24.73 46.03 2.50
N ILE C 191 25.13 44.89 3.06
CA ILE C 191 24.23 43.76 3.18
C ILE C 191 23.24 44.01 4.31
N LEU C 192 22.07 43.40 4.19
CA LEU C 192 20.94 43.66 5.06
C LEU C 192 20.83 42.53 6.07
N LEU C 193 21.35 42.75 7.28
CA LEU C 193 21.28 41.73 8.31
C LEU C 193 19.85 41.48 8.76
N ALA C 194 19.12 42.54 9.11
CA ALA C 194 17.78 42.38 9.63
C ALA C 194 17.03 43.69 9.51
N LYS C 195 15.70 43.58 9.57
CA LYS C 195 14.82 44.74 9.58
C LYS C 195 14.17 44.86 10.96
N LEU C 196 13.89 46.09 11.36
CA LEU C 196 13.40 46.38 12.70
C LEU C 196 12.10 47.16 12.62
N ARG C 197 11.61 47.57 13.79
CA ARG C 197 10.37 48.32 13.92
C ARG C 197 10.49 49.18 15.16
N PRO C 198 9.57 50.14 15.35
CA PRO C 198 9.59 50.90 16.59
C PRO C 198 9.47 49.99 17.79
N GLY C 199 10.23 50.31 18.84
CA GLY C 199 10.26 49.48 20.02
C GLY C 199 11.01 48.18 19.84
N GLN C 200 11.74 48.02 18.75
CA GLN C 200 12.44 46.78 18.43
C GLN C 200 13.95 47.01 18.54
N GLU C 201 14.63 46.17 19.33
CA GLU C 201 16.04 46.36 19.64
C GLU C 201 16.79 45.05 19.48
N ILE C 202 18.07 45.16 19.08
CA ILE C 202 18.96 44.02 18.92
C ILE C 202 20.29 44.37 19.55
N SER C 203 20.86 43.44 20.31
CA SER C 203 22.17 43.64 20.91
C SER C 203 22.89 42.30 21.03
N LEU C 204 24.08 42.22 20.44
CA LEU C 204 24.80 40.96 20.39
C LEU C 204 26.30 41.24 20.46
N LYS C 205 27.09 40.18 20.30
CA LYS C 205 28.55 40.27 20.43
C LYS C 205 29.15 39.05 19.73
N ALA C 206 29.91 39.27 18.68
CA ALA C 206 30.45 38.20 17.86
C ALA C 206 31.91 37.90 18.20
N HIS C 207 32.44 36.82 17.63
CA HIS C 207 33.83 36.43 17.83
C HIS C 207 34.31 35.71 16.58
N CYS C 208 34.92 36.46 15.67
CA CYS C 208 35.43 35.89 14.44
C CYS C 208 36.78 35.23 14.65
N ILE C 209 36.97 34.06 14.03
CA ILE C 209 38.22 33.31 14.10
C ILE C 209 38.62 32.91 12.69
N LEU C 210 39.81 32.31 12.60
CA LEU C 210 40.28 31.75 11.33
C LEU C 210 39.45 30.53 10.96
N GLY C 211 39.19 30.39 9.67
CA GLY C 211 38.46 29.25 9.14
C GLY C 211 39.34 28.38 8.27
N ILE C 212 38.81 27.20 7.93
CA ILE C 212 39.53 26.24 7.11
C ILE C 212 38.66 25.84 5.94
N GLY C 213 37.52 26.50 5.77
CA GLY C 213 36.70 26.28 4.60
C GLY C 213 35.97 24.96 4.60
N GLY C 214 36.70 23.85 4.75
CA GLY C 214 36.06 22.56 4.81
C GLY C 214 35.13 22.41 5.99
N ASP C 215 35.46 23.08 7.10
CA ASP C 215 34.58 23.02 8.27
C ASP C 215 33.21 23.62 7.97
N HIS C 216 33.18 24.73 7.25
CA HIS C 216 31.92 25.40 6.95
C HIS C 216 32.13 26.33 5.78
N ALA C 217 31.13 26.42 4.90
CA ALA C 217 31.24 27.28 3.72
C ALA C 217 31.36 28.75 4.10
N LYS C 218 31.04 29.11 5.35
CA LYS C 218 31.25 30.48 5.79
C LYS C 218 32.70 30.88 5.69
N PHE C 219 33.62 29.92 5.79
CA PHE C 219 35.04 30.18 5.66
C PHE C 219 35.53 29.98 4.22
N SER C 220 34.82 30.57 3.27
CA SER C 220 35.20 30.39 1.86
C SER C 220 35.75 31.69 1.31
N PRO C 221 37.07 31.84 1.22
CA PRO C 221 37.62 33.07 0.65
C PRO C 221 37.26 33.26 -0.80
N VAL C 222 36.82 32.21 -1.48
CA VAL C 222 36.51 32.26 -2.89
C VAL C 222 35.01 32.06 -3.07
N SER C 223 34.38 32.94 -3.84
CA SER C 223 33.01 32.66 -4.27
C SER C 223 32.97 31.44 -5.17
N THR C 224 33.93 31.33 -6.08
CA THR C 224 34.07 30.15 -6.93
C THR C 224 35.44 30.17 -7.60
N ALA C 225 36.13 29.04 -7.62
CA ALA C 225 37.47 28.95 -8.17
C ALA C 225 37.55 27.87 -9.24
N SER C 226 36.51 27.75 -10.05
CA SER C 226 36.46 26.69 -11.04
C SER C 226 37.43 26.96 -12.18
N TYR C 227 37.43 26.06 -13.15
CA TYR C 227 38.22 26.22 -14.37
C TYR C 227 37.50 25.49 -15.49
N ARG C 228 37.82 25.89 -16.72
CA ARG C 228 37.28 25.23 -17.90
C ARG C 228 38.39 24.96 -18.88
N LEU C 229 38.35 23.78 -19.49
CA LEU C 229 39.36 23.43 -20.49
C LEU C 229 39.12 24.22 -21.77
N LEU C 230 40.20 24.62 -22.40
CA LEU C 230 40.10 25.44 -23.60
C LEU C 230 39.40 24.66 -24.69
N PRO C 231 38.27 25.13 -25.21
CA PRO C 231 37.57 24.39 -26.26
C PRO C 231 38.42 24.31 -27.52
N GLN C 232 38.26 23.20 -28.24
CA GLN C 232 39.00 22.96 -29.46
C GLN C 232 38.02 22.67 -30.59
N ILE C 233 38.15 23.41 -31.68
CA ILE C 233 37.28 23.28 -32.85
C ILE C 233 38.12 22.79 -34.00
N ASN C 234 37.78 21.62 -34.53
CA ASN C 234 38.53 20.99 -35.60
C ASN C 234 37.69 21.06 -36.87
N ILE C 235 37.99 22.05 -37.71
CA ILE C 235 37.27 22.21 -38.98
C ILE C 235 37.90 21.29 -40.01
N LEU C 236 37.08 20.45 -40.62
CA LEU C 236 37.55 19.49 -41.62
C LEU C 236 37.30 19.97 -43.04
N GLN C 237 36.05 20.23 -43.37
CA GLN C 237 35.71 20.71 -44.70
C GLN C 237 36.05 22.19 -44.84
N PRO C 238 36.28 22.66 -46.06
CA PRO C 238 36.42 24.10 -46.30
C PRO C 238 35.06 24.78 -46.28
N ILE C 239 34.80 25.53 -45.21
CA ILE C 239 33.51 26.17 -45.03
C ILE C 239 33.57 27.54 -45.70
N LYS C 240 32.83 27.69 -46.81
CA LYS C 240 32.89 28.90 -47.61
C LYS C 240 31.49 29.29 -48.05
N GLY C 241 31.35 30.55 -48.45
CA GLY C 241 30.07 31.08 -48.88
C GLY C 241 29.22 31.51 -47.70
N GLU C 242 27.96 31.84 -48.02
CA GLU C 242 27.01 32.20 -46.98
C GLU C 242 26.78 31.06 -46.00
N SER C 243 26.98 29.82 -46.43
CA SER C 243 26.92 28.70 -45.50
C SER C 243 27.96 28.83 -44.40
N ALA C 244 29.12 29.40 -44.73
CA ALA C 244 30.08 29.71 -43.69
C ALA C 244 29.56 30.78 -42.74
N ARG C 245 28.81 31.75 -43.28
CA ARG C 245 28.30 32.82 -42.43
C ARG C 245 27.32 32.29 -41.39
N ARG C 246 26.43 31.38 -41.77
CA ARG C 246 25.52 30.82 -40.79
C ARG C 246 26.27 29.92 -39.81
N PHE C 247 27.37 29.29 -40.24
CA PHE C 247 28.23 28.60 -39.30
C PHE C 247 28.84 29.57 -38.30
N GLN C 248 29.22 30.75 -38.77
CA GLN C 248 29.70 31.80 -37.88
C GLN C 248 28.65 32.14 -36.83
N LYS C 249 27.38 32.10 -37.22
CA LYS C 249 26.31 32.53 -36.33
C LYS C 249 26.17 31.60 -35.13
N CYS C 250 26.40 30.31 -35.31
CA CYS C 250 26.11 29.34 -34.25
C CYS C 250 26.92 29.62 -33.00
N PHE C 251 28.21 29.89 -33.15
CA PHE C 251 29.09 30.12 -32.02
C PHE C 251 28.91 31.54 -31.50
N PRO C 252 29.43 31.83 -30.30
CA PRO C 252 29.45 33.21 -29.83
C PRO C 252 30.20 34.09 -30.80
N PRO C 253 29.86 35.38 -30.85
CA PRO C 253 30.39 36.23 -31.93
C PRO C 253 31.90 36.33 -31.97
N GLY C 254 32.58 36.25 -30.82
CA GLY C 254 34.01 36.47 -30.79
C GLY C 254 34.85 35.23 -31.00
N VAL C 255 34.25 34.17 -31.54
CA VAL C 255 34.94 32.89 -31.66
C VAL C 255 35.39 32.66 -33.10
N ILE C 256 34.44 32.60 -34.01
CA ILE C 256 34.70 32.24 -35.39
C ILE C 256 35.10 33.49 -36.17
N GLY C 257 36.06 33.33 -37.07
CA GLY C 257 36.45 34.41 -37.95
C GLY C 257 36.21 34.05 -39.41
N ILE C 258 36.07 35.06 -40.26
CA ILE C 258 35.86 34.86 -41.69
C ILE C 258 37.11 35.31 -42.42
N ASP C 259 37.70 34.41 -43.20
CA ASP C 259 38.90 34.74 -43.96
C ASP C 259 38.48 35.56 -45.18
N GLU C 260 38.82 36.85 -45.16
CA GLU C 260 38.50 37.71 -46.30
C GLU C 260 39.23 37.29 -47.56
N GLY C 261 40.36 36.58 -47.41
CA GLY C 261 41.11 36.17 -48.58
C GLY C 261 40.38 35.15 -49.43
N SER C 262 39.68 34.21 -48.79
CA SER C 262 39.04 33.13 -49.53
C SER C 262 37.62 32.84 -49.04
N ASP C 263 36.98 33.77 -48.34
CA ASP C 263 35.63 33.59 -47.82
C ASP C 263 35.53 32.31 -46.99
N GLU C 264 36.55 32.08 -46.16
CA GLU C 264 36.68 30.85 -45.39
C GLU C 264 36.43 31.12 -43.91
N ALA C 265 35.58 30.31 -43.30
CA ALA C 265 35.39 30.36 -41.85
C ALA C 265 36.59 29.76 -41.15
N TYR C 266 36.97 30.34 -40.02
CA TYR C 266 38.10 29.83 -39.26
C TYR C 266 37.95 30.24 -37.81
N VAL C 267 38.72 29.55 -36.95
CA VAL C 267 38.71 29.85 -35.52
C VAL C 267 39.55 31.08 -35.27
N LYS C 268 38.97 32.07 -34.60
CA LYS C 268 39.68 33.29 -34.24
C LYS C 268 40.11 33.30 -32.77
N ASP C 269 39.25 32.83 -31.87
CA ASP C 269 39.59 32.80 -30.44
C ASP C 269 38.82 31.66 -29.80
N ALA C 270 39.55 30.64 -29.37
CA ALA C 270 38.91 29.48 -28.75
C ALA C 270 38.31 29.84 -27.40
N ARG C 271 39.01 30.66 -26.61
CA ARG C 271 38.54 30.99 -25.26
C ARG C 271 37.18 31.67 -25.30
N LYS C 272 36.85 32.33 -26.42
CA LYS C 272 35.61 33.07 -26.52
C LYS C 272 34.38 32.19 -26.59
N ASP C 273 34.55 30.88 -26.73
CA ASP C 273 33.42 29.98 -26.95
C ASP C 273 33.08 29.21 -25.69
N THR C 274 31.80 29.27 -25.31
CA THR C 274 31.25 28.31 -24.37
C THR C 274 30.87 27.04 -25.11
N VAL C 275 30.96 25.91 -24.42
CA VAL C 275 30.67 24.64 -25.07
C VAL C 275 29.16 24.54 -25.27
N SER C 276 28.70 24.88 -26.48
CA SER C 276 27.28 24.95 -26.77
C SER C 276 26.79 23.80 -27.63
N ARG C 277 27.62 23.28 -28.52
CA ARG C 277 27.26 22.18 -29.41
C ARG C 277 26.02 22.51 -30.23
N GLU C 278 25.79 23.80 -30.45
CA GLU C 278 24.66 24.22 -31.26
C GLU C 278 24.81 23.76 -32.71
N VAL C 279 26.05 23.66 -33.19
CA VAL C 279 26.28 23.20 -34.56
C VAL C 279 25.83 21.76 -34.72
N LEU C 280 25.98 20.94 -33.69
CA LEU C 280 25.60 19.54 -33.79
C LEU C 280 24.13 19.37 -34.14
N ARG C 281 23.31 20.36 -33.77
CA ARG C 281 21.89 20.31 -34.14
C ARG C 281 21.73 20.33 -35.64
N TYR C 282 22.49 21.17 -36.33
CA TYR C 282 22.40 21.26 -37.78
C TYR C 282 23.08 20.06 -38.42
N GLU C 283 22.39 19.45 -39.39
CA GLU C 283 22.91 18.23 -40.01
C GLU C 283 24.03 18.52 -40.99
N GLU C 284 24.04 19.71 -41.60
CA GLU C 284 25.07 20.00 -42.60
C GLU C 284 26.46 20.05 -41.98
N PHE C 285 26.57 20.58 -40.77
CA PHE C 285 27.85 20.75 -40.13
C PHE C 285 28.21 19.60 -39.18
N ALA C 286 27.37 18.57 -39.10
CA ALA C 286 27.65 17.48 -38.18
C ALA C 286 28.94 16.76 -38.55
N ASP C 287 29.15 16.53 -39.85
CA ASP C 287 30.35 15.86 -40.32
C ASP C 287 31.50 16.82 -40.58
N LYS C 288 31.23 18.11 -40.68
CA LYS C 288 32.25 19.07 -41.07
C LYS C 288 33.14 19.52 -39.93
N VAL C 289 32.79 19.20 -38.69
CA VAL C 289 33.56 19.66 -37.54
C VAL C 289 33.34 18.69 -36.38
N LYS C 290 34.41 18.43 -35.64
CA LYS C 290 34.34 17.67 -34.40
C LYS C 290 34.70 18.61 -33.26
N LEU C 291 33.80 18.74 -32.29
CA LEU C 291 33.98 19.66 -31.18
C LEU C 291 34.81 18.98 -30.10
N GLY C 292 36.12 18.97 -30.32
CA GLY C 292 37.04 18.43 -29.36
C GLY C 292 37.29 19.40 -28.23
N ARG C 293 38.35 19.13 -27.47
CA ARG C 293 38.72 19.96 -26.34
C ARG C 293 40.14 19.62 -25.94
N VAL C 294 41.04 20.60 -25.97
CA VAL C 294 42.41 20.34 -25.56
C VAL C 294 42.43 19.96 -24.08
N ARG C 295 43.45 19.20 -23.68
CA ARG C 295 43.49 18.62 -22.36
C ARG C 295 44.56 19.22 -21.45
N ASN C 296 45.26 20.26 -21.88
CA ASN C 296 46.29 20.86 -21.07
C ASN C 296 46.22 22.38 -21.16
N HIS C 297 45.01 22.93 -21.07
CA HIS C 297 44.82 24.37 -21.18
C HIS C 297 43.63 24.72 -20.30
N PHE C 298 43.91 25.11 -19.06
CA PHE C 298 42.87 25.34 -18.06
C PHE C 298 42.61 26.83 -17.94
N ILE C 299 41.37 27.24 -18.20
CA ILE C 299 40.98 28.65 -18.13
C ILE C 299 40.45 28.87 -16.71
N PHE C 300 41.36 29.20 -15.80
CA PHE C 300 40.95 29.48 -14.42
C PHE C 300 40.15 30.78 -14.35
N ASN C 301 39.22 30.82 -13.40
CA ASN C 301 38.34 31.98 -13.24
C ASN C 301 38.03 32.08 -11.75
N VAL C 302 38.71 32.98 -11.06
CA VAL C 302 38.67 33.04 -9.60
C VAL C 302 38.04 34.37 -9.19
N GLU C 303 36.80 34.32 -8.74
CA GLU C 303 36.22 35.44 -8.01
C GLU C 303 36.72 35.40 -6.58
N SER C 304 36.31 36.37 -5.77
CA SER C 304 36.75 36.37 -4.39
C SER C 304 35.85 37.27 -3.55
N ALA C 305 35.89 37.05 -2.25
CA ALA C 305 35.37 38.00 -1.30
C ALA C 305 36.42 39.09 -1.07
N GLY C 306 36.04 40.13 -0.35
CA GLY C 306 36.95 41.24 -0.13
C GLY C 306 38.09 40.97 0.81
N ALA C 307 38.16 39.76 1.39
CA ALA C 307 39.23 39.45 2.32
C ALA C 307 40.60 39.53 1.65
N MET C 308 40.76 38.83 0.52
CA MET C 308 42.04 38.76 -0.17
C MET C 308 41.81 38.79 -1.67
N THR C 309 42.86 39.16 -2.39
CA THR C 309 42.79 39.19 -3.84
C THR C 309 42.97 37.78 -4.40
N PRO C 310 42.44 37.53 -5.60
CA PRO C 310 42.57 36.19 -6.19
C PRO C 310 44.02 35.74 -6.34
N GLU C 311 44.92 36.64 -6.72
CA GLU C 311 46.32 36.26 -6.83
C GLU C 311 46.87 35.83 -5.47
N GLU C 312 46.53 36.58 -4.42
CA GLU C 312 47.04 36.23 -3.09
C GLU C 312 46.50 34.88 -2.63
N ILE C 313 45.21 34.62 -2.87
CA ILE C 313 44.67 33.33 -2.44
C ILE C 313 45.27 32.20 -3.27
N PHE C 314 45.55 32.44 -4.55
CA PHE C 314 46.17 31.40 -5.37
C PHE C 314 47.57 31.07 -4.86
N PHE C 315 48.35 32.10 -4.54
CA PHE C 315 49.67 31.85 -3.96
C PHE C 315 49.55 31.13 -2.64
N LYS C 316 48.55 31.49 -1.83
CA LYS C 316 48.32 30.78 -0.58
C LYS C 316 48.02 29.31 -0.84
N SER C 317 47.22 29.02 -1.86
CA SER C 317 46.86 27.64 -2.17
C SER C 317 48.09 26.83 -2.57
N VAL C 318 48.91 27.37 -3.47
CA VAL C 318 50.07 26.60 -3.91
C VAL C 318 51.06 26.42 -2.77
N ARG C 319 51.23 27.45 -1.93
CA ARG C 319 52.11 27.29 -0.78
C ARG C 319 51.53 26.29 0.22
N ILE C 320 50.21 26.22 0.33
CA ILE C 320 49.58 25.23 1.20
C ILE C 320 49.87 23.82 0.69
N LEU C 321 49.77 23.62 -0.63
CA LEU C 321 50.09 22.33 -1.18
C LEU C 321 51.55 21.97 -0.93
N LYS C 322 52.45 22.94 -1.10
CA LYS C 322 53.86 22.70 -0.81
C LYS C 322 54.07 22.32 0.64
N ASN C 323 53.39 23.01 1.56
CA ASN C 323 53.53 22.68 2.97
C ASN C 323 52.99 21.30 3.26
N LYS C 324 51.88 20.93 2.62
CA LYS C 324 51.34 19.57 2.79
C LYS C 324 52.37 18.54 2.37
N ALA C 325 52.96 18.73 1.19
CA ALA C 325 53.95 17.77 0.71
C ALA C 325 55.15 17.71 1.65
N GLU C 326 55.64 18.86 2.10
CA GLU C 326 56.81 18.87 2.97
C GLU C 326 56.52 18.19 4.30
N TYR C 327 55.35 18.47 4.88
CA TYR C 327 55.00 17.83 6.14
C TYR C 327 54.86 16.32 5.97
N LEU C 328 54.26 15.89 4.85
CA LEU C 328 54.13 14.45 4.60
C LEU C 328 55.50 13.80 4.45
N LYS C 329 56.42 14.47 3.75
CA LYS C 329 57.77 13.93 3.64
C LYS C 329 58.45 13.85 4.99
N ASN C 330 58.32 14.90 5.82
CA ASN C 330 59.10 14.96 7.04
C ASN C 330 58.55 14.04 8.12
N CYS C 331 57.25 13.81 8.15
CA CYS C 331 56.70 12.93 9.18
C CYS C 331 57.11 11.49 8.91
N PRO C 332 57.74 10.82 9.87
CA PRO C 332 58.23 9.46 9.62
C PRO C 332 57.11 8.43 9.70
N ILE C 333 57.45 7.21 9.30
CA ILE C 333 56.50 6.11 9.29
C ILE C 333 56.82 5.13 10.41
N ASP D 2 -31.61 -50.79 -30.22
CA ASP D 2 -32.15 -51.72 -29.24
C ASP D 2 -32.74 -50.94 -28.06
N GLN D 3 -32.34 -51.30 -26.85
CA GLN D 3 -32.83 -50.63 -25.65
C GLN D 3 -31.74 -50.71 -24.58
N GLU D 4 -32.10 -50.47 -23.32
CA GLU D 4 -31.15 -50.56 -22.23
C GLU D 4 -30.97 -52.02 -21.81
N ASN D 5 -30.67 -52.87 -22.78
CA ASN D 5 -30.44 -54.29 -22.56
C ASN D 5 -28.95 -54.61 -22.46
N GLU D 6 -28.18 -54.26 -23.49
CA GLU D 6 -26.75 -54.51 -23.50
C GLU D 6 -26.01 -53.64 -22.50
N ARG D 7 -26.62 -52.56 -22.02
CA ARG D 7 -25.96 -51.67 -21.08
C ARG D 7 -25.64 -52.39 -19.78
N ASN D 8 -26.60 -53.14 -19.25
CA ASN D 8 -26.38 -53.88 -18.02
C ASN D 8 -25.32 -54.95 -18.21
N ILE D 9 -25.33 -55.62 -19.36
CA ILE D 9 -24.32 -56.64 -19.65
C ILE D 9 -22.94 -56.02 -19.68
N SER D 10 -22.80 -54.86 -20.31
CA SER D 10 -21.50 -54.19 -20.35
C SER D 10 -21.06 -53.79 -18.94
N ARG D 11 -21.98 -53.23 -18.16
CA ARG D 11 -21.65 -52.88 -16.78
C ARG D 11 -21.15 -54.09 -16.01
N LEU D 12 -21.87 -55.20 -16.09
CA LEU D 12 -21.51 -56.39 -15.33
C LEU D 12 -20.21 -56.98 -15.83
N TRP D 13 -19.97 -56.97 -17.14
CA TRP D 13 -18.71 -57.49 -17.67
C TRP D 13 -17.53 -56.67 -17.19
N ARG D 14 -17.66 -55.34 -17.21
CA ARG D 14 -16.58 -54.50 -16.71
C ARG D 14 -16.35 -54.72 -15.23
N ALA D 15 -17.43 -54.87 -14.46
CA ALA D 15 -17.27 -55.15 -13.03
C ALA D 15 -16.58 -56.48 -12.79
N PHE D 16 -16.93 -57.49 -13.59
CA PHE D 16 -16.32 -58.81 -13.44
C PHE D 16 -14.82 -58.74 -13.74
N ARG D 17 -14.45 -58.05 -14.82
CA ARG D 17 -13.03 -57.89 -15.11
C ARG D 17 -12.33 -57.14 -14.00
N THR D 18 -13.00 -56.13 -13.44
CA THR D 18 -12.41 -55.36 -12.35
C THR D 18 -12.16 -56.25 -11.13
N VAL D 19 -13.12 -57.12 -10.81
CA VAL D 19 -12.96 -58.00 -9.64
C VAL D 19 -11.86 -59.01 -9.88
N LYS D 20 -11.77 -59.54 -11.09
CA LYS D 20 -10.68 -60.45 -11.41
C LYS D 20 -9.33 -59.76 -11.26
N GLU D 21 -9.22 -58.52 -11.73
CA GLU D 21 -8.00 -57.76 -11.51
C GLU D 21 -7.76 -57.55 -10.01
N MET D 22 -8.82 -57.31 -9.25
CA MET D 22 -8.69 -57.13 -7.81
C MET D 22 -8.04 -58.35 -7.18
N VAL D 23 -8.57 -59.54 -7.45
CA VAL D 23 -8.06 -60.74 -6.80
C VAL D 23 -6.65 -61.05 -7.28
N LYS D 24 -6.38 -60.85 -8.57
CA LYS D 24 -5.02 -61.10 -9.07
C LYS D 24 -4.03 -60.16 -8.40
N ASP D 25 -4.39 -58.89 -8.22
CA ASP D 25 -3.52 -57.96 -7.53
C ASP D 25 -3.33 -58.37 -6.07
N ARG D 26 -4.41 -58.82 -5.42
CA ARG D 26 -4.29 -59.25 -4.04
C ARG D 26 -3.38 -60.47 -3.91
N GLY D 27 -3.28 -61.27 -4.96
CA GLY D 27 -2.35 -62.38 -4.94
C GLY D 27 -2.97 -63.72 -5.20
N TYR D 28 -4.12 -63.72 -5.89
CA TYR D 28 -4.83 -64.94 -6.24
C TYR D 28 -4.74 -65.10 -7.76
N PHE D 29 -3.85 -65.99 -8.20
CA PHE D 29 -3.58 -66.15 -9.61
C PHE D 29 -4.83 -66.50 -10.39
N ILE D 30 -5.04 -65.80 -11.51
CA ILE D 30 -6.02 -66.18 -12.51
C ILE D 30 -5.34 -66.08 -13.86
N THR D 31 -5.95 -66.70 -14.86
CA THR D 31 -5.40 -66.68 -16.20
C THR D 31 -5.45 -65.28 -16.77
N GLN D 32 -4.38 -64.88 -17.47
CA GLN D 32 -4.34 -63.56 -18.07
C GLN D 32 -5.44 -63.40 -19.12
N GLU D 33 -5.62 -64.42 -19.96
CA GLU D 33 -6.70 -64.35 -20.94
C GLU D 33 -8.07 -64.46 -20.29
N GLU D 34 -8.14 -65.03 -19.09
CA GLU D 34 -9.38 -64.96 -18.31
C GLU D 34 -9.66 -63.52 -17.88
N VAL D 35 -8.63 -62.81 -17.41
CA VAL D 35 -8.82 -61.43 -16.99
C VAL D 35 -9.15 -60.56 -18.20
N GLU D 36 -8.62 -60.90 -19.37
CA GLU D 36 -8.97 -60.18 -20.59
C GLU D 36 -10.46 -60.34 -20.86
N LEU D 37 -10.89 -61.57 -21.13
CA LEU D 37 -12.27 -61.91 -21.36
C LEU D 37 -12.92 -60.95 -22.35
N PRO D 38 -12.60 -61.04 -23.64
CA PRO D 38 -13.23 -60.14 -24.62
C PRO D 38 -14.73 -60.26 -24.57
N LEU D 39 -15.41 -59.13 -24.76
CA LEU D 39 -16.86 -59.10 -24.59
C LEU D 39 -17.58 -60.02 -25.56
N GLU D 40 -17.02 -60.22 -26.77
CA GLU D 40 -17.63 -61.16 -27.70
C GLU D 40 -17.60 -62.58 -27.13
N ASP D 41 -16.45 -62.98 -26.58
CA ASP D 41 -16.37 -64.28 -25.92
C ASP D 41 -17.29 -64.34 -24.70
N PHE D 42 -17.39 -63.23 -23.98
CA PHE D 42 -18.25 -63.18 -22.80
C PHE D 42 -19.71 -63.42 -23.17
N LYS D 43 -20.18 -62.80 -24.24
CA LYS D 43 -21.56 -63.00 -24.67
C LYS D 43 -21.74 -64.35 -25.35
N ALA D 44 -20.68 -64.88 -25.97
CA ALA D 44 -20.78 -66.22 -26.53
C ALA D 44 -20.98 -67.26 -25.44
N LYS D 45 -20.21 -67.16 -24.35
CA LYS D 45 -20.41 -68.03 -23.21
C LYS D 45 -21.67 -67.68 -22.43
N TYR D 46 -22.15 -66.44 -22.53
CA TYR D 46 -23.28 -65.95 -21.75
C TYR D 46 -24.28 -65.36 -22.73
N CYS D 47 -25.15 -66.22 -23.26
CA CYS D 47 -26.16 -65.81 -24.25
C CYS D 47 -27.47 -66.49 -23.89
N ASP D 48 -28.38 -65.75 -23.26
CA ASP D 48 -29.67 -66.30 -22.91
C ASP D 48 -30.50 -66.56 -24.15
N SER D 49 -31.30 -67.64 -24.10
CA SER D 49 -32.27 -67.87 -25.15
C SER D 49 -33.31 -66.76 -25.20
N MET D 50 -33.56 -66.10 -24.07
CA MET D 50 -34.44 -64.96 -24.00
C MET D 50 -33.71 -63.63 -24.14
N GLY D 51 -32.39 -63.64 -24.26
CA GLY D 51 -31.62 -62.42 -24.35
C GLY D 51 -31.72 -61.56 -23.10
N ARG D 52 -31.56 -62.18 -21.95
CA ARG D 52 -31.74 -61.55 -20.65
C ARG D 52 -30.45 -61.61 -19.84
N PRO D 53 -30.33 -60.79 -18.80
CA PRO D 53 -29.15 -60.89 -17.91
C PRO D 53 -28.96 -62.27 -17.30
N GLN D 54 -29.91 -63.19 -17.47
CA GLN D 54 -29.64 -64.60 -17.16
C GLN D 54 -28.49 -65.12 -18.02
N ARG D 55 -28.48 -64.74 -19.29
CA ARG D 55 -27.38 -65.05 -20.21
C ARG D 55 -27.22 -66.56 -20.40
N LYS D 56 -28.12 -67.34 -19.79
CA LYS D 56 -28.19 -68.78 -19.92
C LYS D 56 -26.98 -69.48 -19.27
N MET D 57 -26.02 -68.70 -18.77
CA MET D 57 -24.87 -69.31 -18.10
C MET D 57 -24.36 -68.47 -16.93
N MET D 58 -25.18 -67.58 -16.38
CA MET D 58 -24.72 -66.63 -15.37
C MET D 58 -24.49 -67.34 -14.03
N SER D 59 -23.37 -68.03 -13.96
CA SER D 59 -22.96 -68.79 -12.78
C SER D 59 -21.57 -68.35 -12.35
N PHE D 60 -21.38 -67.03 -12.24
CA PHE D 60 -20.08 -66.46 -11.91
C PHE D 60 -19.49 -67.06 -10.65
N GLN D 61 -18.39 -67.79 -10.81
CA GLN D 61 -17.69 -68.42 -9.69
C GLN D 61 -16.29 -67.85 -9.58
N ALA D 62 -15.90 -67.49 -8.36
CA ALA D 62 -14.58 -66.97 -8.08
C ALA D 62 -13.93 -67.79 -6.98
N ASN D 63 -12.74 -68.31 -7.25
CA ASN D 63 -11.94 -69.04 -6.27
C ASN D 63 -10.50 -68.59 -6.38
N PRO D 64 -9.78 -68.54 -5.28
CA PRO D 64 -8.42 -67.99 -5.30
C PRO D 64 -7.33 -69.02 -5.58
N THR D 65 -6.10 -68.55 -5.66
CA THR D 65 -4.92 -69.38 -5.85
C THR D 65 -3.98 -69.37 -4.65
N GLU D 66 -3.82 -68.22 -4.00
CA GLU D 66 -2.94 -68.08 -2.85
C GLU D 66 -1.51 -68.46 -3.21
N GLU D 67 -0.96 -67.75 -4.20
CA GLU D 67 0.39 -68.06 -4.68
C GLU D 67 1.45 -67.61 -3.69
N SER D 68 1.32 -66.40 -3.15
CA SER D 68 2.41 -65.82 -2.37
C SER D 68 2.43 -66.33 -0.94
N ILE D 69 2.36 -67.65 -0.76
CA ILE D 69 2.54 -68.24 0.56
C ILE D 69 3.98 -68.09 1.02
N SER D 70 4.89 -67.85 0.09
CA SER D 70 6.29 -67.65 0.45
C SER D 70 6.45 -66.48 1.42
N LYS D 71 5.73 -65.39 1.17
CA LYS D 71 5.80 -64.23 2.05
C LYS D 71 4.63 -64.16 3.02
N PHE D 72 3.44 -64.60 2.62
CA PHE D 72 2.31 -64.64 3.53
C PHE D 72 2.24 -66.02 4.17
N PRO D 73 2.50 -66.15 5.47
CA PRO D 73 2.45 -67.48 6.09
C PRO D 73 1.07 -68.10 6.05
N ASP D 74 0.01 -67.29 5.96
CA ASP D 74 -1.35 -67.80 5.91
C ASP D 74 -2.14 -67.05 4.85
N MET D 75 -3.05 -67.76 4.21
CA MET D 75 -3.91 -67.16 3.18
C MET D 75 -5.09 -68.08 2.97
N GLY D 76 -6.30 -67.57 3.14
CA GLY D 76 -7.49 -68.39 3.06
C GLY D 76 -8.07 -68.48 1.66
N SER D 77 -9.36 -68.19 1.54
CA SER D 77 -10.05 -68.35 0.26
C SER D 77 -11.31 -67.50 0.26
N LEU D 78 -11.89 -67.36 -0.93
CA LEU D 78 -13.18 -66.70 -1.11
C LEU D 78 -14.03 -67.52 -2.07
N TRP D 79 -15.33 -67.57 -1.81
CA TRP D 79 -16.28 -68.34 -2.61
C TRP D 79 -17.35 -67.38 -3.11
N VAL D 80 -17.21 -66.93 -4.35
CA VAL D 80 -18.14 -65.98 -4.97
C VAL D 80 -18.78 -66.72 -6.14
N GLU D 81 -19.92 -67.38 -5.88
CA GLU D 81 -20.56 -68.24 -6.86
C GLU D 81 -21.91 -67.67 -7.27
N PHE D 82 -22.18 -67.69 -8.58
CA PHE D 82 -23.47 -67.27 -9.14
C PHE D 82 -23.89 -65.89 -8.67
N CYS D 83 -22.91 -65.03 -8.38
CA CYS D 83 -23.21 -63.68 -7.93
C CYS D 83 -23.47 -62.76 -9.13
N ASP D 84 -24.31 -63.24 -10.04
CA ASP D 84 -24.70 -62.44 -11.20
C ASP D 84 -25.79 -61.46 -10.84
N GLU D 85 -26.94 -61.96 -10.43
CA GLU D 85 -28.05 -61.14 -9.92
C GLU D 85 -28.57 -61.82 -8.66
N PRO D 86 -27.96 -61.55 -7.51
CA PRO D 86 -28.46 -62.16 -6.27
C PRO D 86 -29.93 -61.86 -6.03
N SER D 87 -30.37 -60.65 -6.36
CA SER D 87 -31.77 -60.25 -6.27
C SER D 87 -31.90 -58.87 -6.92
N VAL D 88 -33.10 -58.33 -6.91
CA VAL D 88 -33.29 -56.95 -7.34
C VAL D 88 -32.60 -56.01 -6.36
N GLY D 89 -32.62 -56.36 -5.07
CA GLY D 89 -31.92 -55.59 -4.06
C GLY D 89 -31.09 -56.46 -3.15
N VAL D 90 -30.48 -55.87 -2.13
CA VAL D 90 -29.70 -56.65 -1.17
C VAL D 90 -30.65 -57.39 -0.24
N LYS D 91 -30.44 -58.69 -0.10
CA LYS D 91 -31.30 -59.52 0.75
C LYS D 91 -30.74 -59.63 2.15
N VAL D 97 -27.37 -61.89 4.76
CA VAL D 97 -27.87 -62.86 5.73
C VAL D 97 -28.00 -64.23 5.07
N ILE D 98 -27.87 -64.27 3.75
CA ILE D 98 -28.05 -65.51 3.01
C ILE D 98 -26.91 -66.48 3.31
N HIS D 99 -25.68 -66.09 3.00
CA HIS D 99 -24.48 -66.89 3.24
C HIS D 99 -23.61 -66.13 4.21
N ILE D 100 -23.80 -66.38 5.51
CA ILE D 100 -22.98 -65.73 6.52
C ILE D 100 -21.54 -66.22 6.43
N GLN D 101 -21.35 -67.53 6.53
CA GLN D 101 -20.04 -68.15 6.41
C GLN D 101 -20.12 -69.38 5.53
N GLU D 102 -19.04 -69.65 4.82
CA GLU D 102 -18.94 -70.81 3.94
C GLU D 102 -17.68 -71.59 4.27
N LYS D 103 -17.28 -72.51 3.39
CA LYS D 103 -16.11 -73.33 3.65
C LYS D 103 -14.83 -72.59 3.29
N ASN D 104 -14.69 -71.36 3.79
CA ASN D 104 -13.48 -70.57 3.69
C ASN D 104 -13.15 -70.03 5.07
N PHE D 105 -11.87 -69.87 5.35
CA PHE D 105 -11.44 -69.59 6.71
C PHE D 105 -10.65 -68.30 6.88
N GLN D 106 -10.49 -67.49 5.84
CA GLN D 106 -9.84 -66.20 6.06
C GLN D 106 -10.59 -65.05 5.39
N THR D 107 -11.28 -65.32 4.29
CA THR D 107 -11.85 -64.26 3.48
C THR D 107 -13.17 -64.71 2.88
N GLY D 108 -13.82 -63.79 2.19
CA GLY D 108 -15.07 -64.04 1.49
C GLY D 108 -15.59 -62.77 0.86
N ILE D 109 -16.04 -62.84 -0.39
CA ILE D 109 -16.49 -61.67 -1.13
C ILE D 109 -17.92 -61.89 -1.59
N PHE D 110 -18.80 -60.96 -1.24
CA PHE D 110 -20.20 -60.97 -1.66
C PHE D 110 -20.46 -59.67 -2.43
N VAL D 111 -20.72 -59.79 -3.73
CA VAL D 111 -20.97 -58.64 -4.58
C VAL D 111 -22.47 -58.47 -4.75
N TYR D 112 -22.95 -57.25 -4.58
CA TYR D 112 -24.37 -56.94 -4.62
C TYR D 112 -24.61 -55.76 -5.57
N GLN D 113 -25.88 -55.52 -5.86
CA GLN D 113 -26.30 -54.48 -6.78
C GLN D 113 -26.42 -53.12 -6.11
N ASN D 114 -25.78 -52.94 -4.96
CA ASN D 114 -25.72 -51.68 -4.21
C ASN D 114 -27.09 -51.16 -3.79
N ASN D 115 -28.13 -51.96 -3.90
CA ASN D 115 -29.41 -51.63 -3.29
C ASN D 115 -29.34 -52.07 -1.82
N ILE D 116 -28.48 -51.35 -1.09
CA ILE D 116 -27.99 -51.83 0.20
C ILE D 116 -29.14 -52.04 1.17
N THR D 117 -29.12 -53.18 1.85
CA THR D 117 -30.06 -53.46 2.93
C THR D 117 -29.32 -53.43 4.26
N PRO D 118 -29.52 -52.41 5.10
CA PRO D 118 -28.80 -52.37 6.37
C PRO D 118 -29.08 -53.58 7.25
N SER D 119 -30.24 -54.22 7.07
CA SER D 119 -30.49 -55.48 7.77
C SER D 119 -29.49 -56.55 7.35
N ALA D 120 -29.20 -56.64 6.06
CA ALA D 120 -28.18 -57.57 5.59
C ALA D 120 -26.78 -57.08 5.93
N MET D 121 -26.60 -55.79 6.19
CA MET D 121 -25.29 -55.27 6.56
C MET D 121 -24.85 -55.75 7.93
N LYS D 122 -25.76 -56.28 8.74
CA LYS D 122 -25.35 -56.92 9.98
C LYS D 122 -24.73 -58.29 9.69
N LEU D 123 -24.23 -58.93 10.75
CA LEU D 123 -23.58 -60.23 10.72
C LEU D 123 -22.23 -60.20 10.02
N VAL D 124 -21.85 -59.10 9.40
CA VAL D 124 -20.60 -59.01 8.66
C VAL D 124 -19.42 -58.87 9.62
N PRO D 125 -19.46 -57.94 10.64
CA PRO D 125 -18.37 -57.87 11.62
C PRO D 125 -18.51 -58.90 12.74
N SER D 126 -18.87 -60.13 12.37
CA SER D 126 -19.15 -61.19 13.34
C SER D 126 -18.12 -62.31 13.27
N ILE D 127 -17.96 -62.92 12.11
CA ILE D 127 -16.92 -63.95 11.95
C ILE D 127 -15.56 -63.28 11.93
N PRO D 128 -14.61 -63.69 12.76
CA PRO D 128 -13.31 -63.00 12.82
C PRO D 128 -12.63 -62.95 11.47
N PRO D 129 -12.47 -64.08 10.74
CA PRO D 129 -11.76 -63.98 9.45
C PRO D 129 -12.69 -63.77 8.26
N ALA D 130 -13.24 -62.55 8.14
CA ALA D 130 -14.11 -62.23 7.01
C ALA D 130 -14.33 -60.72 6.96
N THR D 131 -14.78 -60.26 5.79
CA THR D 131 -15.17 -58.87 5.54
C THR D 131 -15.73 -58.79 4.12
N ILE D 132 -16.26 -57.62 3.77
CA ILE D 132 -16.77 -57.39 2.43
C ILE D 132 -16.90 -55.88 2.22
N GLU D 133 -16.56 -55.44 1.00
CA GLU D 133 -16.63 -54.02 0.64
C GLU D 133 -17.12 -53.83 -0.79
N THR D 134 -17.99 -54.71 -1.28
CA THR D 134 -18.29 -54.74 -2.70
C THR D 134 -19.12 -53.52 -3.13
N PHE D 135 -19.35 -53.45 -4.43
CA PHE D 135 -19.85 -52.26 -5.10
C PHE D 135 -20.74 -52.69 -6.25
N ASN D 136 -21.25 -51.72 -7.01
CA ASN D 136 -22.10 -52.06 -8.15
C ASN D 136 -21.28 -52.44 -9.37
N GLU D 137 -20.52 -51.49 -9.91
CA GLU D 137 -19.71 -51.72 -11.09
C GLU D 137 -18.22 -51.50 -10.87
N ALA D 138 -17.85 -50.36 -10.27
CA ALA D 138 -16.45 -50.03 -10.02
C ALA D 138 -15.62 -50.07 -11.29
N ALA D 139 -16.26 -49.77 -12.42
CA ALA D 139 -15.57 -49.81 -13.71
C ALA D 139 -14.62 -48.64 -13.86
N THR D 145 -9.67 -47.79 -8.71
CA THR D 145 -9.03 -48.71 -9.65
C THR D 145 -7.75 -48.08 -10.19
N HIS D 146 -7.36 -48.45 -11.41
CA HIS D 146 -6.17 -47.91 -12.05
C HIS D 146 -6.55 -47.20 -13.34
N HIS D 147 -5.99 -46.01 -13.54
CA HIS D 147 -6.35 -45.16 -14.68
C HIS D 147 -5.23 -44.18 -14.91
N GLU D 148 -5.19 -43.62 -16.13
CA GLU D 148 -4.24 -42.54 -16.40
C GLU D 148 -4.55 -41.32 -15.55
N LEU D 149 -5.84 -41.02 -15.35
CA LEU D 149 -6.21 -40.00 -14.39
C LEU D 149 -5.80 -40.41 -12.98
N VAL D 150 -5.76 -41.71 -12.70
CA VAL D 150 -5.37 -42.22 -11.39
C VAL D 150 -3.87 -42.05 -11.21
N PRO D 151 -3.44 -41.29 -10.21
CA PRO D 151 -2.02 -41.26 -9.84
C PRO D 151 -1.64 -42.21 -8.72
N LYS D 152 -2.52 -43.14 -8.36
CA LYS D 152 -2.28 -44.04 -7.25
C LYS D 152 -1.01 -44.84 -7.48
N HIS D 153 -0.03 -44.65 -6.61
CA HIS D 153 1.13 -45.53 -6.58
C HIS D 153 0.68 -46.94 -6.23
N ILE D 154 1.27 -47.93 -6.92
CA ILE D 154 0.88 -49.31 -6.68
C ILE D 154 1.17 -49.68 -5.23
N ARG D 155 0.21 -50.33 -4.59
CA ARG D 155 0.32 -50.61 -3.17
C ARG D 155 1.10 -51.89 -2.91
N LEU D 156 1.80 -51.93 -1.80
CA LEU D 156 2.57 -53.09 -1.37
C LEU D 156 2.22 -53.42 0.06
N SER D 157 1.91 -54.69 0.32
CA SER D 157 1.61 -55.17 1.66
C SER D 157 2.88 -55.75 2.24
N SER D 158 3.60 -54.95 3.03
CA SER D 158 4.87 -55.37 3.59
C SER D 158 4.61 -56.37 4.70
N ASP D 159 4.80 -57.66 4.40
CA ASP D 159 4.60 -58.70 5.41
C ASP D 159 5.63 -58.59 6.53
N GLU D 160 6.87 -58.23 6.18
CA GLU D 160 7.91 -57.96 7.16
C GLU D 160 8.20 -56.46 7.15
N LYS D 161 7.36 -55.70 7.84
CA LYS D 161 7.62 -54.31 8.14
C LYS D 161 8.48 -54.17 9.39
N ARG D 162 8.81 -55.29 10.04
CA ARG D 162 9.69 -55.25 11.20
C ARG D 162 11.04 -54.68 10.82
N GLU D 163 11.53 -55.00 9.63
CA GLU D 163 12.81 -54.45 9.18
C GLU D 163 12.75 -52.93 9.09
N LEU D 164 11.67 -52.41 8.50
CA LEU D 164 11.50 -50.96 8.40
C LEU D 164 11.40 -50.33 9.78
N LEU D 165 10.64 -50.96 10.69
CA LEU D 165 10.51 -50.42 12.03
C LEU D 165 11.85 -50.41 12.75
N LYS D 166 12.65 -51.46 12.56
CA LYS D 166 13.97 -51.48 13.19
C LYS D 166 14.88 -50.41 12.63
N ARG D 167 14.86 -50.24 11.31
CA ARG D 167 15.80 -49.30 10.70
C ARG D 167 15.41 -47.85 10.97
N TYR D 168 14.12 -47.57 11.17
CA TYR D 168 13.68 -46.22 11.42
C TYR D 168 13.46 -45.90 12.91
N ARG D 169 13.40 -46.91 13.76
CA ARG D 169 13.13 -46.73 15.19
C ARG D 169 11.83 -45.96 15.41
N LEU D 170 10.73 -46.60 15.00
CA LEU D 170 9.42 -45.97 14.99
C LEU D 170 8.43 -46.73 15.86
N LYS D 171 7.20 -46.22 15.86
CA LYS D 171 6.02 -46.92 16.34
C LYS D 171 5.02 -46.99 15.19
N GLU D 172 4.18 -48.02 15.20
CA GLU D 172 3.27 -48.24 14.09
C GLU D 172 2.36 -47.05 13.86
N SER D 173 2.10 -46.25 14.89
CA SER D 173 1.22 -45.11 14.77
C SER D 173 1.88 -43.93 14.06
N GLN D 174 3.20 -43.77 14.22
CA GLN D 174 3.87 -42.59 13.70
C GLN D 174 3.94 -42.55 12.18
N LEU D 175 3.62 -43.65 11.51
CA LEU D 175 3.55 -43.66 10.06
C LEU D 175 2.28 -42.93 9.60
N PRO D 176 2.24 -42.48 8.35
CA PRO D 176 0.98 -41.96 7.81
C PRO D 176 -0.09 -43.04 7.83
N ARG D 177 -1.31 -42.64 8.13
CA ARG D 177 -2.42 -43.56 8.31
C ARG D 177 -3.35 -43.48 7.11
N ILE D 178 -3.65 -44.64 6.52
CA ILE D 178 -4.66 -44.74 5.47
C ILE D 178 -5.88 -45.44 6.09
N GLN D 179 -7.04 -44.82 5.95
CA GLN D 179 -8.21 -45.31 6.67
C GLN D 179 -8.72 -46.60 6.06
N ARG D 180 -9.52 -47.32 6.86
CA ARG D 180 -10.11 -48.56 6.38
C ARG D 180 -11.04 -48.30 5.21
N ALA D 181 -11.78 -47.20 5.24
CA ALA D 181 -12.75 -46.89 4.19
C ALA D 181 -12.11 -46.38 2.92
N ASP D 182 -10.79 -46.35 2.84
CA ASP D 182 -10.13 -45.87 1.63
C ASP D 182 -10.44 -46.80 0.46
N PRO D 183 -10.95 -46.29 -0.66
CA PRO D 183 -11.27 -47.19 -1.79
C PRO D 183 -10.09 -48.01 -2.26
N VAL D 184 -8.89 -47.45 -2.24
CA VAL D 184 -7.71 -48.25 -2.58
C VAL D 184 -7.43 -49.26 -1.47
N ALA D 185 -7.56 -48.86 -0.21
CA ALA D 185 -7.38 -49.80 0.88
C ALA D 185 -8.50 -50.85 0.92
N LEU D 186 -9.61 -50.61 0.22
CA LEU D 186 -10.63 -51.62 0.05
C LEU D 186 -10.39 -52.51 -1.17
N TYR D 187 -9.50 -52.09 -2.07
CA TYR D 187 -9.11 -52.96 -3.17
C TYR D 187 -8.45 -54.22 -2.64
N LEU D 188 -7.80 -54.14 -1.48
CA LEU D 188 -7.22 -55.27 -0.80
C LEU D 188 -7.86 -55.40 0.58
N GLY D 189 -7.60 -56.53 1.23
CA GLY D 189 -8.09 -56.75 2.57
C GLY D 189 -7.15 -56.20 3.63
N LEU D 190 -6.78 -54.94 3.50
CA LEU D 190 -5.84 -54.35 4.44
C LEU D 190 -6.47 -54.25 5.83
N LYS D 191 -5.67 -54.55 6.85
CA LYS D 191 -6.13 -54.59 8.23
C LYS D 191 -5.36 -53.56 9.06
N ARG D 192 -5.55 -53.61 10.36
CA ARG D 192 -4.88 -52.69 11.27
C ARG D 192 -3.42 -53.10 11.48
N GLY E 52 26.76 -47.65 56.50
CA GLY E 52 25.54 -46.98 56.86
C GLY E 52 24.77 -46.47 55.65
N ASN E 53 24.76 -47.26 54.59
CA ASN E 53 24.10 -46.86 53.36
C ASN E 53 22.60 -46.78 53.56
N GLY E 54 21.96 -45.87 52.81
CA GLY E 54 20.54 -45.72 52.84
C GLY E 54 19.89 -46.34 51.62
N PRO E 55 18.77 -45.77 51.17
CA PRO E 55 18.12 -46.28 49.96
C PRO E 55 18.94 -45.98 48.72
N GLU E 56 20.00 -46.76 48.52
CA GLU E 56 20.94 -46.48 47.44
C GLU E 56 20.26 -46.59 46.08
N ASP E 57 20.86 -45.93 45.10
CA ASP E 57 20.33 -45.75 43.75
C ASP E 57 19.04 -44.94 43.74
N PHE E 58 18.71 -44.26 44.84
CA PHE E 58 17.47 -43.51 44.97
C PHE E 58 16.26 -44.39 44.62
N GLN E 59 16.09 -45.44 45.41
CA GLN E 59 15.09 -46.47 45.16
C GLN E 59 15.25 -47.08 43.78
N GLN E 60 16.50 -47.41 43.44
CA GLN E 60 16.87 -48.10 42.20
C GLN E 60 16.55 -47.29 40.95
N HIS E 61 16.22 -46.01 41.12
CA HIS E 61 15.87 -45.21 39.94
C HIS E 61 17.11 -44.82 39.14
N GLU E 62 18.28 -44.78 39.78
CA GLU E 62 19.51 -44.55 39.04
C GLU E 62 19.75 -45.67 38.03
N GLN E 63 19.53 -46.92 38.45
CA GLN E 63 19.60 -48.03 37.52
C GLN E 63 18.43 -47.99 36.54
N ILE E 64 17.27 -47.56 37.00
CA ILE E 64 16.11 -47.44 36.12
C ILE E 64 16.34 -46.35 35.09
N ARG E 65 15.97 -46.63 33.85
CA ARG E 65 16.02 -45.71 32.71
C ARG E 65 17.44 -45.48 32.24
N ARG E 66 18.44 -45.89 33.01
CA ARG E 66 19.79 -45.94 32.45
C ARG E 66 19.89 -47.10 31.48
N LYS E 67 19.24 -48.21 31.81
CA LYS E 67 19.05 -49.29 30.83
C LYS E 67 18.29 -48.77 29.62
N THR E 68 17.31 -47.89 29.83
CA THR E 68 16.59 -47.33 28.70
C THR E 68 17.51 -46.49 27.81
N LEU E 69 18.37 -45.68 28.43
CA LEU E 69 19.33 -44.89 27.66
C LEU E 69 20.27 -45.80 26.88
N LYS E 70 20.80 -46.83 27.52
CA LYS E 70 21.71 -47.74 26.83
C LYS E 70 21.02 -48.46 25.68
N GLU E 71 19.78 -48.92 25.91
CA GLU E 71 19.05 -49.65 24.88
C GLU E 71 18.73 -48.74 23.69
N LYS E 72 18.27 -47.52 23.97
CA LYS E 72 18.02 -46.55 22.91
C LYS E 72 19.31 -45.76 22.64
N ALA E 73 20.29 -46.47 22.08
CA ALA E 73 21.58 -45.87 21.74
C ALA E 73 22.28 -46.78 20.74
N ILE E 74 22.50 -46.28 19.54
CA ILE E 74 23.19 -47.07 18.53
C ILE E 74 24.64 -47.25 18.94
N PRO E 75 25.16 -48.47 19.01
CA PRO E 75 26.53 -48.69 19.48
C PRO E 75 27.54 -48.35 18.40
N LYS E 76 28.81 -48.49 18.76
CA LYS E 76 29.90 -48.21 17.83
C LYS E 76 29.85 -49.18 16.66
N ASP E 77 30.36 -48.73 15.51
CA ASP E 77 30.43 -49.45 14.25
C ASP E 77 29.04 -49.66 13.64
N GLN E 78 27.97 -49.25 14.33
CA GLN E 78 26.63 -49.30 13.78
C GLN E 78 26.08 -47.91 13.53
N ARG E 79 26.93 -46.89 13.59
CA ARG E 79 26.49 -45.50 13.40
C ARG E 79 26.06 -45.31 11.94
N ALA E 80 24.76 -45.30 11.72
CA ALA E 80 24.21 -45.11 10.37
C ALA E 80 23.95 -43.64 10.09
N THR E 81 24.95 -42.80 10.35
CA THR E 81 24.85 -41.37 10.18
C THR E 81 25.94 -40.89 9.23
N THR E 82 25.58 -40.00 8.33
CA THR E 82 26.52 -39.53 7.33
C THR E 82 27.60 -38.68 8.00
N PRO E 83 28.89 -38.99 7.79
CA PRO E 83 29.93 -38.21 8.45
C PRO E 83 30.15 -36.90 7.72
N TYR E 84 29.59 -35.83 8.28
CA TYR E 84 29.72 -34.48 7.71
C TYR E 84 29.26 -33.52 8.79
N MET E 85 30.17 -32.71 9.31
CA MET E 85 29.78 -31.73 10.31
C MET E 85 28.85 -30.73 9.65
N THR E 86 27.56 -30.84 9.91
CA THR E 86 26.59 -29.96 9.28
C THR E 86 26.82 -28.52 9.73
N LYS E 87 26.18 -27.59 9.01
CA LYS E 87 26.38 -26.18 9.32
C LYS E 87 25.94 -25.86 10.75
N TYR E 88 24.80 -26.42 11.17
CA TYR E 88 24.32 -26.16 12.51
C TYR E 88 25.29 -26.71 13.56
N GLU E 89 25.76 -27.95 13.34
CA GLU E 89 26.71 -28.53 14.28
C GLU E 89 27.98 -27.72 14.36
N ARG E 90 28.49 -27.28 13.21
CA ARG E 90 29.71 -26.49 13.19
C ARG E 90 29.51 -25.18 13.95
N ALA E 91 28.40 -24.50 13.71
CA ALA E 91 28.14 -23.23 14.38
C ALA E 91 28.06 -23.43 15.89
N ARG E 92 27.30 -24.45 16.32
CA ARG E 92 27.14 -24.68 17.75
C ARG E 92 28.45 -25.06 18.41
N ILE E 93 29.25 -25.89 17.73
CA ILE E 93 30.55 -26.29 18.28
C ILE E 93 31.45 -25.08 18.41
N LEU E 94 31.50 -24.24 17.37
CA LEU E 94 32.33 -23.05 17.43
C LEU E 94 31.90 -22.15 18.59
N GLY E 95 30.59 -21.94 18.73
CA GLY E 95 30.11 -21.09 19.81
C GLY E 95 30.44 -21.66 21.18
N THR E 96 30.22 -22.96 21.36
CA THR E 96 30.46 -23.57 22.65
C THR E 96 31.95 -23.55 23.00
N ARG E 97 32.81 -23.85 22.03
CA ARG E 97 34.24 -23.78 22.28
C ARG E 97 34.67 -22.35 22.60
N ALA E 98 34.09 -21.38 21.89
CA ALA E 98 34.41 -19.99 22.19
C ALA E 98 34.00 -19.62 23.61
N LEU E 99 32.83 -20.08 24.02
CA LEU E 99 32.38 -19.82 25.39
C LEU E 99 33.33 -20.46 26.39
N GLN E 100 33.76 -21.69 26.13
CA GLN E 100 34.71 -22.35 27.01
C GLN E 100 35.98 -21.52 27.14
N ILE E 101 36.55 -21.13 26.01
CA ILE E 101 37.79 -20.35 26.02
C ILE E 101 37.57 -19.05 26.78
N SER E 102 36.42 -18.42 26.58
CA SER E 102 36.11 -17.19 27.29
C SER E 102 36.10 -17.41 28.79
N MET E 103 35.56 -18.53 29.24
CA MET E 103 35.55 -18.79 30.67
C MET E 103 36.89 -19.34 31.13
N ASN E 104 37.97 -18.67 30.76
CA ASN E 104 39.32 -18.97 31.23
C ASN E 104 39.68 -20.44 30.99
N ALA E 105 39.41 -20.91 29.78
CA ALA E 105 39.80 -22.31 29.63
C ALA E 105 41.09 -22.44 28.85
N PRO E 106 41.97 -23.35 29.25
CA PRO E 106 43.20 -23.57 28.48
C PRO E 106 42.92 -24.16 27.12
N VAL E 107 43.74 -23.79 26.14
CA VAL E 107 43.65 -24.27 24.78
C VAL E 107 45.00 -24.81 24.36
N PHE E 108 45.01 -25.97 23.72
CA PHE E 108 46.26 -26.58 23.30
C PHE E 108 46.99 -25.71 22.28
N VAL E 109 46.26 -25.17 21.32
CA VAL E 109 46.87 -24.37 20.27
C VAL E 109 47.22 -23.00 20.82
N ASP E 110 48.52 -22.69 20.83
CA ASP E 110 49.01 -21.37 21.21
C ASP E 110 49.58 -20.62 20.02
N LEU E 111 49.20 -21.01 18.81
CA LEU E 111 49.77 -20.43 17.60
C LEU E 111 49.24 -19.02 17.35
N GLU E 112 47.98 -18.77 17.68
CA GLU E 112 47.32 -17.51 17.37
C GLU E 112 47.41 -16.57 18.56
N GLY E 113 47.78 -15.31 18.29
CA GLY E 113 47.95 -14.33 19.34
C GLY E 113 46.91 -13.22 19.34
N GLU E 114 45.80 -13.41 18.62
CA GLU E 114 44.75 -12.41 18.60
C GLU E 114 43.91 -12.54 19.85
N THR E 115 42.77 -11.84 19.89
CA THR E 115 41.94 -11.78 21.09
C THR E 115 40.47 -12.12 20.81
N ASP E 116 40.17 -12.72 19.66
CA ASP E 116 38.80 -13.02 19.32
C ASP E 116 38.51 -14.49 19.62
N PRO E 117 37.70 -14.81 20.63
CA PRO E 117 37.44 -16.23 20.94
C PRO E 117 36.82 -17.00 19.78
N LEU E 118 35.94 -16.38 19.00
CA LEU E 118 35.33 -17.11 17.89
C LEU E 118 36.37 -17.43 16.81
N ARG E 119 37.27 -16.49 16.55
CA ARG E 119 38.35 -16.77 15.61
C ARG E 119 39.27 -17.87 16.14
N ILE E 120 39.54 -17.86 17.45
CA ILE E 120 40.34 -18.92 18.04
C ILE E 120 39.66 -20.27 17.84
N ALA E 121 38.35 -20.31 18.06
CA ALA E 121 37.60 -21.54 17.85
C ALA E 121 37.65 -21.99 16.40
N MET E 122 37.56 -21.05 15.46
CA MET E 122 37.69 -21.41 14.06
C MET E 122 39.05 -22.01 13.76
N LYS E 123 40.10 -21.45 14.36
CA LYS E 123 41.44 -22.01 14.18
C LYS E 123 41.52 -23.42 14.76
N GLU E 124 40.92 -23.63 15.94
CA GLU E 124 40.91 -24.96 16.53
C GLU E 124 40.18 -25.95 15.62
N LEU E 125 39.05 -25.54 15.05
CA LEU E 125 38.34 -26.39 14.11
C LEU E 125 39.20 -26.72 12.91
N ALA E 126 39.99 -25.75 12.45
CA ALA E 126 40.93 -26.02 11.37
C ALA E 126 41.97 -27.06 11.79
N GLU E 127 42.45 -26.97 13.02
CA GLU E 127 43.48 -27.86 13.53
C GLU E 127 42.94 -29.08 14.24
N LYS E 128 41.60 -29.23 14.32
CA LYS E 128 40.95 -30.39 14.92
C LYS E 128 41.26 -30.56 16.40
N LYS E 129 41.76 -29.52 17.05
CA LYS E 129 42.09 -29.59 18.48
C LYS E 129 40.92 -29.15 19.36
N ILE E 130 39.76 -29.74 19.15
CA ILE E 130 38.56 -29.38 19.91
C ILE E 130 38.18 -30.56 20.80
N PRO E 131 38.34 -30.45 22.12
CA PRO E 131 37.98 -31.55 23.03
C PRO E 131 36.50 -31.58 23.39
N LEU E 132 35.68 -32.03 22.45
CA LEU E 132 34.24 -32.13 22.69
C LEU E 132 33.65 -33.21 21.81
N VAL E 133 32.47 -33.67 22.18
CA VAL E 133 31.79 -34.77 21.52
C VAL E 133 30.36 -34.37 21.18
N ILE E 134 29.93 -34.66 19.96
CA ILE E 134 28.59 -34.34 19.51
C ILE E 134 27.66 -35.51 19.81
N ARG E 135 26.56 -35.24 20.49
CA ARG E 135 25.50 -36.22 20.69
C ARG E 135 24.38 -35.91 19.71
N ARG E 136 24.08 -36.85 18.84
CA ARG E 136 23.23 -36.57 17.69
C ARG E 136 22.04 -37.51 17.64
N TYR E 137 21.33 -37.64 18.76
CA TYR E 137 20.35 -38.71 18.91
C TYR E 137 19.23 -38.61 17.88
N LEU E 138 18.77 -39.78 17.43
CA LEU E 138 17.65 -39.88 16.52
C LEU E 138 16.37 -39.43 17.23
N PRO E 139 15.35 -39.04 16.46
CA PRO E 139 14.11 -38.57 17.09
C PRO E 139 13.45 -39.59 18.00
N ASP E 140 13.68 -40.89 17.79
CA ASP E 140 13.16 -41.88 18.73
C ASP E 140 13.78 -41.76 20.11
N GLY E 141 14.96 -41.15 20.19
CA GLY E 141 15.72 -41.11 21.43
C GLY E 141 17.01 -41.90 21.38
N SER E 142 17.26 -42.64 20.31
CA SER E 142 18.51 -43.39 20.18
C SER E 142 19.65 -42.43 19.86
N PHE E 143 20.71 -42.51 20.65
CA PHE E 143 21.84 -41.60 20.52
C PHE E 143 22.88 -42.18 19.57
N GLU E 144 23.33 -41.35 18.63
CA GLU E 144 24.36 -41.72 17.67
C GLU E 144 25.56 -40.82 17.95
N ASP E 145 26.40 -41.26 18.88
CA ASP E 145 27.53 -40.45 19.32
C ASP E 145 28.55 -40.31 18.20
N TRP E 146 29.11 -39.10 18.08
CA TRP E 146 30.14 -38.81 17.10
C TRP E 146 31.21 -37.94 17.74
N SER E 147 32.44 -38.07 17.24
CA SER E 147 33.56 -37.27 17.69
C SER E 147 34.04 -36.37 16.57
N VAL E 148 34.46 -35.15 16.93
CA VAL E 148 34.93 -34.20 15.94
C VAL E 148 36.17 -34.72 15.23
N GLU E 149 37.03 -35.45 15.95
CA GLU E 149 38.27 -35.95 15.36
C GLU E 149 37.98 -36.82 14.15
N GLU E 150 36.96 -37.66 14.22
CA GLU E 150 36.60 -38.54 13.12
C GLU E 150 35.60 -37.91 12.16
N LEU E 151 35.24 -36.65 12.37
CA LEU E 151 34.22 -35.99 11.57
C LEU E 151 34.87 -35.00 10.62
N ILE E 152 34.54 -35.09 9.33
CA ILE E 152 35.07 -34.19 8.32
C ILE E 152 34.23 -32.92 8.30
N VAL E 153 34.89 -31.77 8.29
CA VAL E 153 34.24 -30.50 8.53
C VAL E 153 33.96 -29.74 7.23
N ASP E 154 33.95 -30.44 6.10
CA ASP E 154 33.68 -29.78 4.84
C ASP E 154 32.80 -30.64 3.92
N VAL F 47 27.16 -29.96 40.28
CA VAL F 47 28.57 -29.70 40.55
C VAL F 47 29.09 -28.64 39.59
N SER F 48 29.75 -27.62 40.13
CA SER F 48 30.33 -26.56 39.31
C SER F 48 31.46 -27.16 38.48
N LEU F 49 31.20 -27.39 37.21
CA LEU F 49 32.13 -28.10 36.34
C LEU F 49 33.29 -27.20 35.93
N ALA F 50 34.51 -27.71 36.09
CA ALA F 50 35.67 -27.01 35.55
C ALA F 50 35.63 -27.04 34.03
N PRO F 51 36.21 -26.03 33.37
CA PRO F 51 36.06 -25.92 31.91
C PRO F 51 36.50 -27.16 31.13
N MET F 52 37.50 -27.90 31.61
CA MET F 52 38.02 -29.07 30.90
C MET F 52 37.80 -30.31 31.76
N TYR F 53 36.98 -31.25 31.29
CA TYR F 53 36.87 -32.55 31.94
C TYR F 53 36.71 -33.71 30.98
N LEU F 54 36.98 -33.53 29.68
CA LEU F 54 36.99 -34.66 28.77
C LEU F 54 38.04 -35.68 29.18
N GLU F 55 39.07 -35.24 29.89
CA GLU F 55 40.07 -36.13 30.48
C GLU F 55 40.22 -35.78 31.95
N ASN F 56 40.71 -36.74 32.73
CA ASN F 56 41.02 -36.51 34.14
C ASN F 56 42.38 -37.07 34.54
N PRO F 57 43.43 -36.80 33.76
CA PRO F 57 44.73 -37.39 34.08
C PRO F 57 45.44 -36.70 35.25
N LEU F 58 45.43 -35.37 35.24
CA LEU F 58 46.23 -34.59 36.17
C LEU F 58 45.63 -33.18 36.25
N GLN F 59 46.42 -32.22 36.74
CA GLN F 59 46.06 -30.81 36.83
C GLN F 59 45.01 -30.55 37.92
N GLY F 60 44.88 -31.46 38.87
CA GLY F 60 43.94 -31.28 39.95
C GLY F 60 42.51 -31.16 39.50
N VAL F 61 42.18 -31.69 38.31
CA VAL F 61 40.83 -31.57 37.78
C VAL F 61 39.83 -32.28 38.70
N MET F 62 40.31 -33.26 39.47
CA MET F 62 39.52 -33.85 40.54
C MET F 62 39.68 -33.11 41.86
N LYS F 63 40.74 -32.33 42.01
CA LYS F 63 41.01 -31.66 43.27
C LYS F 63 40.02 -30.51 43.49
N GLN F 64 39.45 -30.44 44.70
CA GLN F 64 38.47 -29.42 45.06
C GLN F 64 37.32 -29.39 44.06
N HIS F 65 36.93 -30.57 43.60
CA HIS F 65 35.79 -30.70 42.69
C HIS F 65 34.53 -31.21 43.37
N LEU F 66 34.67 -31.87 44.53
CA LEU F 66 33.50 -32.37 45.23
C LEU F 66 32.73 -31.24 45.91
N ASN F 67 33.45 -30.26 46.47
CA ASN F 67 32.77 -29.12 47.07
C ASN F 67 31.84 -28.40 46.09
N PRO F 68 32.23 -28.14 44.83
CA PRO F 68 31.25 -27.66 43.86
C PRO F 68 30.03 -28.57 43.70
N GLU F 85 35.93 -41.53 47.96
CA GLU F 85 35.69 -40.46 47.01
C GLU F 85 35.92 -40.93 45.57
N GLY F 86 34.87 -41.46 44.95
CA GLY F 86 34.95 -41.98 43.61
C GLY F 86 34.57 -40.97 42.55
N LEU F 87 34.46 -41.46 41.32
CA LEU F 87 34.07 -40.64 40.17
C LEU F 87 33.06 -41.40 39.33
N LYS F 88 32.06 -40.68 38.84
CA LYS F 88 31.05 -41.25 37.96
C LYS F 88 31.04 -40.47 36.65
N ILE F 89 30.91 -41.20 35.54
CA ILE F 89 30.82 -40.61 34.22
C ILE F 89 29.66 -41.27 33.48
N LEU F 90 28.80 -40.46 32.88
CA LEU F 90 27.60 -40.95 32.23
C LEU F 90 27.79 -40.94 30.72
N ASP F 91 27.75 -42.13 30.12
CA ASP F 91 27.77 -42.29 28.67
C ASP F 91 26.61 -43.21 28.31
N ALA F 92 25.54 -42.64 27.74
CA ALA F 92 24.36 -43.44 27.42
C ALA F 92 24.68 -44.50 26.39
N ASP F 93 25.47 -44.16 25.38
CA ASP F 93 25.95 -45.15 24.45
C ASP F 93 26.86 -46.13 25.18
N PRO F 94 27.03 -47.37 24.65
CA PRO F 94 27.87 -48.35 25.35
C PRO F 94 29.23 -47.78 25.73
N LEU F 95 29.43 -47.60 27.03
CA LEU F 95 30.64 -46.97 27.53
C LEU F 95 31.84 -47.86 27.26
N SER F 96 33.00 -47.23 27.12
CA SER F 96 34.23 -47.96 26.90
C SER F 96 34.65 -48.64 28.21
N LYS F 97 35.85 -49.20 28.23
CA LYS F 97 36.36 -49.81 29.45
C LYS F 97 36.39 -48.77 30.56
N GLU F 98 35.91 -49.16 31.74
CA GLU F 98 35.76 -48.21 32.84
C GLU F 98 37.08 -48.02 33.58
N ASP F 99 38.14 -47.73 32.82
CA ASP F 99 39.43 -47.40 33.41
C ASP F 99 40.12 -46.26 32.69
N THR F 100 39.53 -45.72 31.62
CA THR F 100 40.19 -44.67 30.84
C THR F 100 40.25 -43.38 31.65
N SER F 101 41.40 -42.71 31.59
CA SER F 101 41.57 -41.41 32.24
C SER F 101 40.78 -40.31 31.55
N GLU F 102 40.21 -40.58 30.38
CA GLU F 102 39.37 -39.62 29.67
C GLU F 102 38.00 -40.23 29.43
N LYS F 103 36.97 -39.39 29.51
CA LYS F 103 35.62 -39.82 29.20
C LYS F 103 34.76 -38.59 28.98
N LEU F 104 33.59 -38.80 28.39
CA LEU F 104 32.71 -37.70 28.03
C LEU F 104 32.13 -37.04 29.29
N ILE F 105 31.82 -35.75 29.16
CA ILE F 105 31.15 -34.99 30.22
C ILE F 105 30.03 -34.18 29.59
N LYS F 106 28.83 -34.32 30.15
CA LYS F 106 27.69 -33.55 29.67
C LYS F 106 27.92 -32.06 29.90
N ILE F 107 27.50 -31.25 28.94
CA ILE F 107 27.67 -29.80 29.02
C ILE F 107 26.30 -29.15 28.96
N THR F 108 26.19 -27.98 29.57
CA THR F 108 24.94 -27.24 29.57
C THR F 108 24.63 -26.74 28.16
N PRO F 109 23.35 -26.52 27.85
CA PRO F 109 23.01 -26.08 26.49
C PRO F 109 23.70 -24.79 26.06
N ASP F 110 23.86 -23.82 26.96
CA ASP F 110 24.52 -22.58 26.63
C ASP F 110 25.83 -22.40 27.41
N THR F 111 25.77 -22.43 28.74
CA THR F 111 26.96 -22.25 29.53
C THR F 111 27.88 -23.47 29.40
N PRO F 112 29.17 -23.31 29.63
CA PRO F 112 30.09 -24.48 29.58
C PRO F 112 30.23 -25.17 30.93
N PHE F 113 29.18 -25.90 31.33
CA PHE F 113 29.18 -26.58 32.62
C PHE F 113 28.32 -27.83 32.54
N GLY F 114 28.49 -28.70 33.54
CA GLY F 114 27.67 -29.88 33.73
C GLY F 114 27.50 -30.15 35.23
N PHE F 115 26.27 -30.29 35.70
CA PHE F 115 26.04 -30.23 37.14
C PHE F 115 24.90 -31.12 37.61
N THR F 116 24.63 -32.24 36.93
CA THR F 116 23.43 -33.00 37.27
C THR F 116 23.65 -33.92 38.49
N TRP F 117 24.51 -34.94 38.34
CA TRP F 117 24.70 -35.92 39.40
C TRP F 117 25.83 -36.90 39.11
N CYS F 118 26.52 -37.35 40.17
CA CYS F 118 27.58 -38.33 40.06
C CYS F 118 27.60 -39.21 41.30
N HIS F 119 28.17 -40.41 41.16
CA HIS F 119 28.24 -41.40 42.23
C HIS F 119 29.58 -41.25 42.93
N VAL F 120 29.55 -40.77 44.17
CA VAL F 120 30.75 -40.65 45.00
C VAL F 120 30.31 -40.49 46.45
N ASN F 121 30.99 -41.19 47.35
CA ASN F 121 30.69 -41.12 48.76
C ASN F 121 31.98 -41.28 49.55
N LEU F 122 31.92 -40.91 50.83
CA LEU F 122 33.06 -41.05 51.72
C LEU F 122 32.60 -41.06 53.17
N ASN G 3 58.48 -15.72 -32.29
CA ASN G 3 58.64 -15.87 -33.73
C ASN G 3 57.28 -15.82 -34.42
N THR G 4 57.27 -15.35 -35.66
CA THR G 4 56.03 -15.19 -36.40
C THR G 4 55.40 -16.54 -36.70
N LEU G 5 54.07 -16.53 -36.88
CA LEU G 5 53.34 -17.73 -37.24
C LEU G 5 52.42 -17.53 -38.43
N PHE G 6 52.16 -16.30 -38.86
CA PHE G 6 51.27 -16.05 -39.98
C PHE G 6 51.54 -14.64 -40.49
N ASP G 7 51.41 -14.46 -41.80
CA ASP G 7 51.66 -13.16 -42.40
C ASP G 7 51.01 -13.11 -43.76
N ASP G 8 50.45 -11.94 -44.09
CA ASP G 8 49.83 -11.66 -45.38
C ASP G 8 49.42 -10.19 -45.37
N ILE G 9 49.02 -9.71 -46.54
CA ILE G 9 48.50 -8.35 -46.69
C ILE G 9 47.03 -8.44 -47.07
N PHE G 10 46.20 -7.68 -46.37
CA PHE G 10 44.75 -7.73 -46.56
C PHE G 10 44.26 -6.44 -47.18
N GLN G 11 43.40 -6.57 -48.19
CA GLN G 11 42.76 -5.43 -48.83
C GLN G 11 41.45 -5.16 -48.10
N VAL G 12 41.46 -4.15 -47.23
CA VAL G 12 40.30 -3.85 -46.39
C VAL G 12 39.13 -3.43 -47.26
N SER G 13 38.09 -4.27 -47.30
CA SER G 13 36.96 -3.99 -48.16
C SER G 13 36.07 -2.88 -47.60
N GLU G 14 35.81 -2.89 -46.30
CA GLU G 14 34.88 -1.92 -45.73
C GLU G 14 35.20 -1.71 -44.27
N VAL G 15 34.99 -0.47 -43.81
CA VAL G 15 35.16 -0.10 -42.42
C VAL G 15 33.86 0.53 -41.93
N ASP G 16 33.36 0.05 -40.80
CA ASP G 16 32.11 0.55 -40.25
C ASP G 16 32.21 0.67 -38.73
N PRO G 17 31.91 1.83 -38.17
CA PRO G 17 31.96 1.97 -36.72
C PRO G 17 30.85 1.21 -36.01
N GLY G 18 29.62 1.44 -36.43
CA GLY G 18 28.49 0.76 -35.82
C GLY G 18 28.21 1.20 -34.40
N ARG G 19 27.72 2.43 -34.24
CA ARG G 19 27.36 2.98 -32.93
C ARG G 19 28.55 3.00 -31.98
N TYR G 20 29.75 3.14 -32.52
CA TYR G 20 30.97 3.16 -31.72
C TYR G 20 31.76 4.42 -32.04
N ASN G 21 32.25 5.09 -30.99
CA ASN G 21 33.00 6.32 -31.19
C ASN G 21 34.42 6.04 -31.65
N LYS G 22 35.02 4.96 -31.19
CA LYS G 22 36.43 4.70 -31.44
C LYS G 22 36.66 3.47 -32.32
N VAL G 23 36.17 2.30 -31.90
CA VAL G 23 36.45 1.07 -32.63
C VAL G 23 35.60 1.02 -33.88
N CYS G 24 36.08 0.28 -34.88
CA CYS G 24 35.39 0.16 -36.14
C CYS G 24 35.62 -1.23 -36.71
N ARG G 25 34.60 -1.78 -37.35
CA ARG G 25 34.73 -3.09 -37.97
C ARG G 25 35.58 -3.00 -39.23
N ILE G 26 36.39 -4.02 -39.46
CA ILE G 26 37.28 -4.07 -40.62
C ILE G 26 36.91 -5.29 -41.44
N GLU G 27 36.58 -5.07 -42.70
CA GLU G 27 36.25 -6.16 -43.62
C GLU G 27 37.48 -6.54 -44.45
N ALA G 28 38.50 -7.04 -43.76
CA ALA G 28 39.77 -7.33 -44.41
C ALA G 28 39.65 -8.55 -45.31
N ALA G 29 40.52 -8.61 -46.31
CA ALA G 29 40.54 -9.72 -47.24
C ALA G 29 41.92 -9.85 -47.85
N SER G 30 42.49 -11.04 -47.77
CA SER G 30 43.83 -11.27 -48.30
C SER G 30 43.87 -11.12 -49.81
N THR G 31 45.00 -10.65 -50.31
CA THR G 31 45.18 -10.45 -51.74
C THR G 31 45.77 -11.68 -52.42
N THR G 32 46.74 -12.34 -51.79
CA THR G 32 47.37 -13.51 -52.40
C THR G 32 46.41 -14.69 -52.41
N GLN G 33 45.99 -15.15 -51.23
CA GLN G 33 45.09 -16.29 -51.15
C GLN G 33 43.69 -15.89 -51.61
N ASP G 34 43.04 -16.80 -52.32
CA ASP G 34 41.67 -16.60 -52.77
C ASP G 34 40.65 -17.03 -51.74
N GLN G 35 41.09 -17.51 -50.58
CA GLN G 35 40.20 -17.99 -49.54
C GLN G 35 40.43 -17.37 -48.18
N CYS G 36 41.59 -16.77 -47.93
CA CYS G 36 41.89 -16.21 -46.63
C CYS G 36 41.12 -14.90 -46.45
N LYS G 37 40.29 -14.84 -45.41
CA LYS G 37 39.46 -13.67 -45.12
C LYS G 37 39.62 -13.30 -43.66
N LEU G 38 39.50 -12.01 -43.38
CA LEU G 38 39.78 -11.50 -42.04
C LEU G 38 38.72 -10.49 -41.63
N THR G 39 38.30 -10.57 -40.37
CA THR G 39 37.39 -9.60 -39.78
C THR G 39 37.96 -9.16 -38.44
N LEU G 40 38.01 -7.86 -38.21
CA LEU G 40 38.65 -7.33 -37.01
C LEU G 40 38.07 -5.97 -36.67
N ASP G 41 38.12 -5.63 -35.38
CA ASP G 41 37.70 -4.33 -34.88
C ASP G 41 38.85 -3.72 -34.10
N ILE G 42 39.27 -2.51 -34.51
CA ILE G 42 40.30 -1.77 -33.79
C ILE G 42 39.87 -0.31 -33.67
N ASN G 43 40.47 0.38 -32.71
CA ASN G 43 40.11 1.77 -32.44
C ASN G 43 40.83 2.68 -33.43
N VAL G 44 40.05 3.34 -34.30
CA VAL G 44 40.64 4.20 -35.31
C VAL G 44 41.28 5.43 -34.69
N GLU G 45 40.97 5.75 -33.43
CA GLU G 45 41.57 6.91 -32.80
C GLU G 45 43.08 6.78 -32.72
N LEU G 46 43.57 5.60 -32.36
CA LEU G 46 44.99 5.35 -32.33
C LEU G 46 45.52 4.78 -33.64
N PHE G 47 44.63 4.44 -34.57
CA PHE G 47 45.07 3.94 -35.87
C PHE G 47 43.95 4.10 -36.89
N PRO G 48 43.84 5.25 -37.54
CA PRO G 48 42.77 5.44 -38.53
C PRO G 48 42.92 4.48 -39.69
N VAL G 49 41.79 4.00 -40.19
CA VAL G 49 41.75 3.05 -41.30
C VAL G 49 40.62 3.45 -42.24
N ALA G 50 40.90 3.43 -43.53
CA ALA G 50 39.89 3.72 -44.55
C ALA G 50 39.60 2.49 -45.38
N ALA G 51 38.50 2.54 -46.12
CA ALA G 51 38.14 1.45 -46.99
C ALA G 51 39.10 1.38 -48.18
N GLN G 52 39.12 0.21 -48.84
CA GLN G 52 39.95 -0.02 -50.01
C GLN G 52 41.42 0.25 -49.72
N ASP G 53 41.89 -0.27 -48.60
CA ASP G 53 43.28 -0.11 -48.18
C ASP G 53 43.93 -1.48 -48.03
N SER G 54 45.26 -1.50 -48.18
CA SER G 54 46.06 -2.71 -47.99
C SER G 54 46.97 -2.50 -46.78
N LEU G 55 46.94 -3.44 -45.84
CA LEU G 55 47.70 -3.34 -44.61
C LEU G 55 48.46 -4.62 -44.36
N THR G 56 49.56 -4.51 -43.62
CA THR G 56 50.37 -5.66 -43.25
C THR G 56 49.85 -6.24 -41.94
N VAL G 57 49.65 -7.56 -41.92
CA VAL G 57 49.14 -8.26 -40.75
C VAL G 57 50.06 -9.43 -40.44
N THR G 58 50.47 -9.54 -39.18
CA THR G 58 51.36 -10.61 -38.77
C THR G 58 51.02 -11.02 -37.34
N ILE G 59 50.95 -12.33 -37.12
CA ILE G 59 50.68 -12.90 -35.80
C ILE G 59 51.98 -13.48 -35.27
N ALA G 60 52.38 -13.03 -34.09
CA ALA G 60 53.65 -13.43 -33.52
C ALA G 60 53.44 -14.09 -32.17
N SER G 61 54.32 -15.04 -31.85
CA SER G 61 54.26 -15.72 -30.57
C SER G 61 54.94 -14.93 -29.47
N SER G 62 55.85 -14.03 -29.81
CA SER G 62 56.55 -13.21 -28.83
C SER G 62 57.17 -12.02 -29.55
N LEU G 63 57.97 -11.24 -28.83
CA LEU G 63 58.60 -10.04 -29.37
C LEU G 63 60.08 -10.06 -28.98
N ASN G 64 60.90 -10.64 -29.84
CA ASN G 64 62.34 -10.69 -29.62
C ASN G 64 63.10 -10.70 -30.95
N SER G 78 54.92 -9.38 -15.77
CA SER G 78 56.16 -9.47 -16.52
C SER G 78 56.32 -8.28 -17.45
N TRP G 79 55.20 -7.76 -17.94
CA TRP G 79 55.24 -6.64 -18.87
C TRP G 79 55.75 -5.38 -18.19
N ARG G 80 56.49 -4.58 -18.93
CA ARG G 80 57.09 -3.35 -18.43
C ARG G 80 56.92 -2.27 -19.48
N PRO G 81 56.80 -1.01 -19.07
CA PRO G 81 56.81 0.08 -20.04
C PRO G 81 58.13 0.12 -20.79
N PRO G 82 58.12 0.57 -22.03
CA PRO G 82 59.35 0.55 -22.84
C PRO G 82 60.45 1.39 -22.20
N GLN G 83 61.69 0.93 -22.38
CA GLN G 83 62.87 1.60 -21.86
C GLN G 83 63.82 1.89 -23.01
N ALA G 84 64.98 2.46 -22.66
CA ALA G 84 66.01 2.72 -23.66
C ALA G 84 66.63 1.41 -24.12
N GLY G 85 66.95 1.35 -25.41
CA GLY G 85 67.56 0.17 -25.98
C GLY G 85 66.64 -1.05 -25.96
N ASP G 86 65.39 -0.87 -26.37
CA ASP G 86 64.43 -1.95 -26.45
C ASP G 86 64.08 -2.19 -27.91
N ARG G 87 64.05 -3.46 -28.30
CA ARG G 87 63.74 -3.84 -29.67
C ARG G 87 62.68 -4.93 -29.67
N SER G 88 61.86 -4.94 -30.73
CA SER G 88 60.81 -5.93 -30.88
C SER G 88 60.25 -5.82 -32.28
N LEU G 89 59.47 -6.82 -32.68
CA LEU G 89 58.76 -6.74 -33.94
C LEU G 89 57.77 -5.59 -33.94
N ALA G 90 57.34 -5.14 -32.76
CA ALA G 90 56.46 -3.99 -32.67
C ALA G 90 57.12 -2.76 -33.26
N ASP G 91 58.42 -2.57 -33.01
CA ASP G 91 59.13 -1.43 -33.56
C ASP G 91 59.08 -1.45 -35.09
N ASP G 92 59.30 -2.62 -35.68
CA ASP G 92 59.22 -2.75 -37.13
C ASP G 92 57.80 -2.55 -37.63
N TYR G 93 56.81 -2.88 -36.83
CA TYR G 93 55.42 -2.69 -37.19
C TYR G 93 54.91 -1.36 -36.63
N ASP G 94 53.61 -1.12 -36.75
CA ASP G 94 53.03 0.15 -36.37
C ASP G 94 52.06 0.03 -35.20
N TYR G 95 51.04 -0.82 -35.32
CA TYR G 95 49.97 -0.94 -34.34
C TYR G 95 49.90 -2.40 -33.89
N VAL G 96 50.09 -2.62 -32.60
CA VAL G 96 50.26 -3.97 -32.05
C VAL G 96 49.21 -4.23 -31.00
N MET G 97 48.50 -5.35 -31.13
CA MET G 97 47.52 -5.78 -30.15
C MET G 97 47.91 -7.15 -29.61
N TYR G 98 47.51 -7.40 -28.37
CA TYR G 98 47.84 -8.63 -27.66
C TYR G 98 46.55 -9.32 -27.23
N GLY G 99 46.51 -10.63 -27.38
CA GLY G 99 45.31 -11.36 -27.02
C GLY G 99 45.48 -12.84 -27.27
N THR G 100 44.39 -13.57 -27.04
CA THR G 100 44.39 -15.01 -27.17
C THR G 100 43.25 -15.43 -28.09
N ALA G 101 43.38 -16.64 -28.64
CA ALA G 101 42.31 -17.25 -29.41
C ALA G 101 41.43 -18.08 -28.49
N TYR G 102 40.19 -18.29 -28.91
CA TYR G 102 39.25 -19.01 -28.07
C TYR G 102 38.43 -20.06 -28.80
N LYS G 103 38.39 -20.08 -30.12
CA LYS G 103 37.51 -21.00 -30.83
C LYS G 103 38.13 -21.42 -32.14
N PHE G 104 38.10 -22.72 -32.42
CA PHE G 104 38.55 -23.28 -33.68
C PHE G 104 37.37 -23.97 -34.34
N GLU G 105 37.18 -23.72 -35.63
CA GLU G 105 36.03 -24.25 -36.34
C GLU G 105 36.46 -24.85 -37.66
N GLU G 106 35.90 -26.02 -37.98
CA GLU G 106 36.08 -26.64 -39.29
C GLU G 106 34.96 -26.16 -40.19
N VAL G 107 35.24 -25.09 -40.94
CA VAL G 107 34.23 -24.51 -41.81
C VAL G 107 33.80 -25.52 -42.87
N SER G 108 34.77 -26.13 -43.53
CA SER G 108 34.55 -27.16 -44.54
C SER G 108 35.89 -27.84 -44.79
N LYS G 109 35.95 -28.66 -45.83
CA LYS G 109 37.21 -29.27 -46.22
C LYS G 109 38.21 -28.19 -46.63
N ASP G 110 39.39 -28.24 -46.02
CA ASP G 110 40.46 -27.27 -46.24
C ASP G 110 40.05 -25.85 -45.90
N LEU G 111 39.05 -25.67 -45.04
CA LEU G 111 38.62 -24.34 -44.60
C LEU G 111 38.43 -24.37 -43.09
N ILE G 112 39.36 -23.73 -42.37
CA ILE G 112 39.33 -23.67 -40.92
C ILE G 112 39.37 -22.21 -40.51
N ALA G 113 38.43 -21.80 -39.67
CA ALA G 113 38.38 -20.44 -39.15
C ALA G 113 38.89 -20.41 -37.71
N VAL G 114 39.66 -19.38 -37.39
CA VAL G 114 40.22 -19.21 -36.06
C VAL G 114 39.69 -17.90 -35.49
N TYR G 115 39.17 -17.96 -34.27
CA TYR G 115 38.60 -16.80 -33.59
C TYR G 115 39.56 -16.30 -32.53
N TYR G 116 39.90 -15.02 -32.61
CA TYR G 116 40.76 -14.36 -31.64
C TYR G 116 39.99 -13.24 -30.97
N SER G 117 40.32 -12.98 -29.71
CA SER G 117 39.72 -11.89 -28.96
C SER G 117 40.82 -11.11 -28.25
N PHE G 118 40.81 -9.79 -28.44
CA PHE G 118 41.80 -8.88 -27.84
C PHE G 118 41.05 -7.96 -26.89
N GLY G 119 40.88 -8.40 -25.65
CA GLY G 119 40.21 -7.58 -24.67
C GLY G 119 38.82 -7.16 -25.09
N GLY G 120 38.10 -8.06 -25.74
CA GLY G 120 36.80 -7.72 -26.28
C GLY G 120 36.84 -7.55 -27.78
N LEU G 121 37.90 -6.92 -28.26
CA LEU G 121 38.08 -6.77 -29.71
C LEU G 121 38.33 -8.14 -30.31
N LEU G 122 37.33 -8.67 -30.99
CA LEU G 122 37.40 -10.02 -31.53
C LEU G 122 37.99 -10.01 -32.93
N MET G 123 38.77 -11.03 -33.25
CA MET G 123 39.32 -11.20 -34.58
C MET G 123 38.93 -12.58 -35.09
N ARG G 124 38.38 -12.63 -36.30
CA ARG G 124 38.04 -13.86 -36.98
C ARG G 124 38.94 -14.01 -38.19
N LEU G 125 39.68 -15.11 -38.25
CA LEU G 125 40.60 -15.38 -39.35
C LEU G 125 40.23 -16.70 -39.99
N GLU G 126 40.20 -16.72 -41.32
CA GLU G 126 39.76 -17.88 -42.09
C GLU G 126 40.83 -18.24 -43.11
N GLY G 127 40.98 -19.55 -43.35
CA GLY G 127 41.96 -20.02 -44.31
C GLY G 127 41.96 -21.52 -44.49
N ASN G 128 43.16 -22.12 -44.54
CA ASN G 128 43.32 -23.55 -44.76
C ASN G 128 44.29 -24.12 -43.74
N TYR G 129 44.26 -25.44 -43.58
CA TYR G 129 45.08 -26.09 -42.57
C TYR G 129 46.56 -25.80 -42.78
N ARG G 130 47.05 -26.05 -44.00
CA ARG G 130 48.47 -25.98 -44.27
C ARG G 130 49.07 -24.61 -43.99
N ASN G 131 48.25 -23.57 -44.03
CA ASN G 131 48.71 -22.21 -43.75
C ASN G 131 48.40 -21.77 -42.33
N LEU G 132 47.27 -22.18 -41.77
CA LEU G 132 46.87 -21.82 -40.43
C LEU G 132 47.29 -22.85 -39.39
N ASN G 133 48.05 -23.87 -39.81
CA ASN G 133 48.49 -24.90 -38.88
C ASN G 133 49.29 -24.34 -37.72
N ASN G 134 50.04 -23.26 -37.96
CA ASN G 134 50.87 -22.70 -36.90
C ASN G 134 50.01 -22.13 -35.77
N LEU G 135 48.79 -21.72 -36.08
CA LEU G 135 47.92 -21.13 -35.08
C LEU G 135 47.51 -22.16 -34.04
N LYS G 136 47.37 -21.70 -32.80
CA LYS G 136 46.93 -22.56 -31.71
C LYS G 136 46.37 -21.70 -30.59
N GLN G 137 45.64 -22.35 -29.68
CA GLN G 137 45.01 -21.64 -28.57
C GLN G 137 46.05 -21.19 -27.55
N GLU G 138 46.53 -19.96 -27.68
CA GLU G 138 47.50 -19.41 -26.75
C GLU G 138 47.56 -17.90 -27.00
N ASN G 139 48.29 -17.21 -26.15
CA ASN G 139 48.53 -15.78 -26.34
C ASN G 139 49.26 -15.55 -27.66
N ALA G 140 48.78 -14.59 -28.44
CA ALA G 140 49.35 -14.35 -29.77
C ALA G 140 49.27 -12.87 -30.06
N TYR G 141 50.42 -12.20 -30.05
CA TYR G 141 50.47 -10.80 -30.43
C TYR G 141 50.04 -10.64 -31.87
N LEU G 142 49.22 -9.63 -32.14
CA LEU G 142 48.82 -9.27 -33.48
C LEU G 142 49.47 -7.93 -33.82
N LEU G 143 50.23 -7.90 -34.90
CA LEU G 143 50.99 -6.72 -35.28
C LEU G 143 50.52 -6.24 -36.65
N ILE G 144 50.20 -4.96 -36.75
CA ILE G 144 49.71 -4.36 -37.98
C ILE G 144 50.63 -3.21 -38.35
N ARG G 145 51.03 -3.17 -39.62
CA ARG G 145 51.84 -2.08 -40.16
C ARG G 145 51.14 -1.55 -41.40
N ARG G 146 51.32 -0.26 -41.65
CA ARG G 146 50.71 0.39 -42.81
C ARG G 146 51.09 -0.31 -44.10
N VAL H 4 -62.93 -1.80 -16.89
CA VAL H 4 -62.12 -1.65 -18.08
C VAL H 4 -60.85 -2.48 -17.95
N GLY H 5 -60.02 -2.13 -16.97
CA GLY H 5 -58.83 -2.92 -16.70
C GLY H 5 -59.20 -4.33 -16.30
N SER H 6 -59.85 -4.46 -15.15
CA SER H 6 -60.43 -5.73 -14.74
C SER H 6 -61.87 -5.59 -14.26
N LEU H 7 -62.40 -4.37 -14.21
CA LEU H 7 -63.80 -4.15 -13.84
C LEU H 7 -64.19 -2.74 -14.24
N ILE H 8 -65.26 -2.61 -15.02
CA ILE H 8 -65.81 -1.29 -15.30
C ILE H 8 -66.44 -0.78 -14.00
N PHE H 9 -65.79 0.19 -13.37
CA PHE H 9 -66.21 0.67 -12.07
C PHE H 9 -67.62 1.24 -12.14
N CYS H 10 -68.23 1.42 -10.95
CA CYS H 10 -69.55 2.01 -10.90
C CYS H 10 -69.50 3.43 -11.48
N LEU H 11 -70.45 3.73 -12.36
CA LEU H 11 -70.48 5.05 -12.97
C LEU H 11 -70.87 6.13 -11.98
N ASP H 12 -71.36 5.75 -10.80
CA ASP H 12 -71.70 6.72 -9.76
C ASP H 12 -70.44 7.20 -9.04
N CYS H 13 -69.76 6.30 -8.35
CA CYS H 13 -68.57 6.62 -7.58
C CYS H 13 -67.34 6.33 -8.43
N GLY H 14 -66.17 6.40 -7.81
CA GLY H 14 -64.95 6.05 -8.49
C GLY H 14 -64.24 4.92 -7.79
N ASP H 15 -65.00 4.07 -7.13
CA ASP H 15 -64.43 2.96 -6.34
C ASP H 15 -64.86 1.64 -6.97
N LEU H 16 -63.96 0.67 -6.93
CA LEU H 16 -64.22 -0.62 -7.55
C LEU H 16 -65.23 -1.41 -6.73
N LEU H 17 -66.04 -2.20 -7.43
CA LEU H 17 -67.02 -3.07 -6.80
C LEU H 17 -66.29 -4.31 -6.28
N GLU H 18 -67.07 -5.32 -5.90
CA GLU H 18 -66.49 -6.61 -5.55
C GLU H 18 -66.52 -7.52 -6.77
N ASN H 19 -65.93 -8.70 -6.64
CA ASN H 19 -65.85 -9.63 -7.76
C ASN H 19 -67.25 -10.09 -8.14
N PRO H 20 -67.46 -10.42 -9.42
CA PRO H 20 -68.80 -10.86 -9.85
C PRO H 20 -69.27 -12.14 -9.17
N ASN H 21 -68.36 -12.93 -8.58
CA ASN H 21 -68.74 -14.15 -7.88
C ASN H 21 -69.40 -13.76 -6.56
N ALA H 22 -70.66 -13.33 -6.65
CA ALA H 22 -71.45 -12.97 -5.49
C ALA H 22 -72.85 -13.56 -5.67
N VAL H 23 -73.77 -13.15 -4.81
CA VAL H 23 -75.14 -13.64 -4.91
C VAL H 23 -75.82 -13.08 -6.15
N LEU H 24 -75.98 -11.76 -6.21
CA LEU H 24 -76.52 -11.09 -7.40
C LEU H 24 -76.35 -9.58 -7.30
N GLY H 25 -75.79 -8.97 -8.33
CA GLY H 25 -75.70 -7.53 -8.41
C GLY H 25 -74.92 -6.87 -7.29
N SER H 26 -73.75 -7.41 -6.96
CA SER H 26 -72.94 -6.84 -5.89
C SER H 26 -72.34 -5.52 -6.31
N ASN H 27 -73.02 -4.42 -5.97
CA ASN H 27 -72.60 -3.09 -6.37
C ASN H 27 -72.76 -2.12 -5.20
N VAL H 28 -72.33 -2.54 -4.02
CA VAL H 28 -72.61 -1.84 -2.77
C VAL H 28 -71.38 -1.14 -2.22
N GLU H 29 -70.36 -1.90 -1.83
CA GLU H 29 -69.34 -1.39 -0.92
C GLU H 29 -68.44 -0.35 -1.57
N CYS H 30 -69.01 0.81 -1.90
CA CYS H 30 -68.21 2.01 -2.18
C CYS H 30 -68.99 3.17 -1.58
N SER H 31 -68.77 3.42 -0.29
CA SER H 31 -69.62 4.32 0.48
C SER H 31 -71.09 4.02 0.22
N GLN H 32 -71.40 2.73 0.11
CA GLN H 32 -72.72 2.20 -0.23
C GLN H 32 -73.11 2.52 -1.67
N CYS H 33 -72.29 3.34 -2.35
CA CYS H 33 -72.43 3.64 -3.76
C CYS H 33 -73.70 4.42 -4.07
N LYS H 34 -74.56 4.59 -3.07
CA LYS H 34 -75.88 5.25 -3.19
C LYS H 34 -76.64 4.77 -4.42
N ALA H 35 -76.31 3.57 -4.90
CA ALA H 35 -76.89 2.99 -6.11
C ALA H 35 -76.41 1.55 -6.25
N ILE H 36 -77.28 0.65 -6.68
CA ILE H 36 -76.92 -0.74 -6.94
C ILE H 36 -77.56 -1.13 -8.27
N TYR H 37 -76.82 -0.99 -9.35
CA TYR H 37 -77.32 -1.49 -10.61
C TYR H 37 -77.11 -3.00 -10.70
N PRO H 38 -77.95 -3.71 -11.46
CA PRO H 38 -77.88 -5.18 -11.45
C PRO H 38 -76.62 -5.72 -12.10
N LYS H 39 -76.54 -7.05 -12.21
CA LYS H 39 -75.37 -7.75 -12.69
C LYS H 39 -75.72 -8.44 -14.01
N SER H 40 -74.82 -9.31 -14.46
CA SER H 40 -74.91 -10.04 -15.74
C SER H 40 -74.86 -9.11 -16.93
N GLN H 41 -74.49 -7.85 -16.74
CA GLN H 41 -74.25 -6.93 -17.84
C GLN H 41 -72.84 -7.03 -18.39
N PHE H 42 -71.99 -7.87 -17.78
CA PHE H 42 -70.61 -8.05 -18.20
C PHE H 42 -70.35 -9.54 -18.40
N SER H 43 -69.84 -9.89 -19.57
CA SER H 43 -69.63 -11.30 -19.90
C SER H 43 -68.61 -11.93 -18.95
N ASN H 44 -67.38 -11.44 -18.96
CA ASN H 44 -66.31 -12.01 -18.15
C ASN H 44 -65.16 -11.01 -18.13
N LEU H 45 -64.01 -11.45 -17.62
CA LEU H 45 -62.81 -10.62 -17.59
C LEU H 45 -61.62 -11.49 -17.97
N LYS H 46 -60.94 -11.12 -19.05
CA LYS H 46 -59.76 -11.83 -19.51
C LYS H 46 -58.61 -10.84 -19.62
N VAL H 47 -57.45 -11.21 -19.10
CA VAL H 47 -56.27 -10.35 -19.07
C VAL H 47 -55.12 -11.15 -19.67
N VAL H 48 -54.94 -11.06 -20.99
CA VAL H 48 -53.89 -11.78 -21.67
C VAL H 48 -52.56 -11.07 -21.41
N THR H 49 -51.60 -11.80 -20.85
CA THR H 49 -50.30 -11.26 -20.53
C THR H 49 -49.21 -12.21 -21.00
N THR H 50 -48.05 -11.65 -21.32
CA THR H 50 -46.91 -12.42 -21.79
C THR H 50 -45.79 -12.37 -20.75
N THR H 51 -44.66 -12.98 -21.09
CA THR H 51 -43.54 -13.09 -20.17
C THR H 51 -42.76 -11.78 -20.11
N ALA H 55 -37.33 -14.19 -19.05
CA ALA H 55 -36.03 -14.51 -18.48
C ALA H 55 -35.52 -15.85 -19.00
N PHE H 56 -35.34 -15.94 -20.30
CA PHE H 56 -34.84 -17.15 -20.96
C PHE H 56 -33.69 -16.76 -21.87
N PRO H 57 -32.53 -16.42 -21.31
CA PRO H 57 -31.45 -15.82 -22.10
C PRO H 57 -30.45 -16.80 -22.69
N SER H 58 -30.64 -18.11 -22.52
CA SER H 58 -29.61 -19.07 -22.90
C SER H 58 -29.35 -19.06 -24.40
N SER H 59 -30.35 -19.46 -25.19
CA SER H 59 -30.20 -19.58 -26.63
C SER H 59 -30.67 -18.34 -27.38
N LEU H 60 -31.03 -17.28 -26.68
CA LEU H 60 -31.47 -16.05 -27.33
C LEU H 60 -30.27 -15.39 -28.02
N ARG H 61 -30.36 -15.25 -29.33
CA ARG H 61 -29.30 -14.64 -30.13
C ARG H 61 -29.95 -13.76 -31.19
N ALA H 62 -29.91 -12.45 -30.99
CA ALA H 62 -30.49 -11.51 -31.95
C ALA H 62 -29.84 -10.15 -31.76
N LYS H 63 -29.06 -9.72 -32.74
CA LYS H 63 -28.45 -8.39 -32.75
C LYS H 63 -27.93 -8.05 -34.13
N ILE I 2 14.92 38.96 5.02
CA ILE I 2 15.24 37.55 4.85
C ILE I 2 15.85 37.31 3.48
N VAL I 3 16.50 38.33 2.93
CA VAL I 3 17.21 38.14 1.67
C VAL I 3 18.40 37.21 1.90
N PRO I 4 18.55 36.13 1.13
CA PRO I 4 19.68 35.23 1.34
C PRO I 4 21.00 35.94 1.23
N VAL I 5 21.77 35.98 2.32
CA VAL I 5 22.99 36.77 2.35
C VAL I 5 23.99 36.25 1.32
N ARG I 6 24.19 34.93 1.28
CA ARG I 6 25.17 34.31 0.40
C ARG I 6 24.46 33.43 -0.61
N CYS I 7 24.98 33.41 -1.84
CA CYS I 7 24.41 32.57 -2.87
C CYS I 7 24.50 31.10 -2.46
N PHE I 8 23.39 30.39 -2.58
CA PHE I 8 23.34 29.00 -2.13
C PHE I 8 24.33 28.13 -2.91
N SER I 9 24.24 28.18 -4.24
CA SER I 9 25.06 27.31 -5.06
C SER I 9 26.47 27.86 -5.20
N CYS I 10 26.59 29.04 -5.80
CA CYS I 10 27.91 29.60 -6.06
C CYS I 10 28.54 30.16 -4.79
N GLY I 11 27.94 31.19 -4.22
CA GLY I 11 28.49 31.80 -3.04
C GLY I 11 28.73 33.29 -3.17
N LYS I 12 28.31 33.87 -4.30
CA LYS I 12 28.44 35.30 -4.47
C LYS I 12 27.49 36.03 -3.53
N VAL I 13 28.01 37.03 -2.82
CA VAL I 13 27.19 37.76 -1.86
C VAL I 13 26.12 38.53 -2.61
N VAL I 14 24.86 38.33 -2.21
CA VAL I 14 23.73 39.01 -2.84
C VAL I 14 22.82 39.68 -1.82
N GLY I 15 23.13 39.62 -0.53
CA GLY I 15 22.29 40.26 0.46
C GLY I 15 22.22 41.77 0.27
N ASP I 16 23.36 42.39 0.00
CA ASP I 16 23.38 43.84 -0.21
C ASP I 16 22.56 44.26 -1.40
N LYS I 17 22.34 43.38 -2.36
CA LYS I 17 21.82 43.77 -3.65
C LYS I 17 20.30 43.78 -3.72
N TRP I 18 19.60 43.39 -2.65
CA TRP I 18 18.15 43.37 -2.71
C TRP I 18 17.56 44.76 -2.84
N GLU I 19 18.00 45.69 -1.98
CA GLU I 19 17.51 47.06 -2.05
C GLU I 19 17.87 47.70 -3.37
N SER I 20 19.09 47.46 -3.85
CA SER I 20 19.50 48.00 -5.14
C SER I 20 18.63 47.46 -6.26
N TYR I 21 18.30 46.17 -6.20
CA TYR I 21 17.42 45.58 -7.20
C TYR I 21 16.04 46.23 -7.16
N LEU I 22 15.51 46.45 -5.97
CA LEU I 22 14.21 47.08 -5.85
C LEU I 22 14.24 48.48 -6.44
N ASN I 23 15.28 49.26 -6.11
CA ASN I 23 15.38 50.62 -6.64
C ASN I 23 15.51 50.61 -8.15
N LEU I 24 16.35 49.73 -8.69
CA LEU I 24 16.55 49.68 -10.14
C LEU I 24 15.28 49.25 -10.85
N LEU I 25 14.46 48.41 -10.20
CA LEU I 25 13.23 47.98 -10.82
C LEU I 25 12.17 49.08 -10.78
N GLN I 26 12.08 49.79 -9.66
CA GLN I 26 10.97 50.72 -9.46
C GLN I 26 11.29 52.12 -9.97
N GLU I 27 12.36 52.72 -9.46
CA GLU I 27 12.68 54.11 -9.81
C GLU I 27 12.92 54.27 -11.30
N ASP I 28 13.67 53.35 -11.89
CA ASP I 28 13.94 53.37 -13.32
C ASP I 28 13.18 52.23 -13.98
N GLU I 29 12.54 52.52 -15.10
CA GLU I 29 11.70 51.54 -15.78
C GLU I 29 12.59 50.58 -16.55
N LEU I 30 12.60 49.32 -16.13
CA LEU I 30 13.43 48.28 -16.74
C LEU I 30 12.65 46.98 -16.72
N ASP I 31 13.35 45.88 -16.99
CA ASP I 31 12.83 44.54 -16.78
C ASP I 31 13.82 43.78 -15.89
N GLU I 32 13.40 42.61 -15.42
CA GLU I 32 14.19 41.88 -14.44
C GLU I 32 15.54 41.46 -15.01
N GLY I 33 15.57 41.02 -16.27
CA GLY I 33 16.83 40.58 -16.85
C GLY I 33 17.86 41.70 -16.90
N THR I 34 17.46 42.86 -17.43
CA THR I 34 18.38 43.98 -17.48
C THR I 34 18.73 44.48 -16.08
N ALA I 35 17.77 44.42 -15.16
CA ALA I 35 18.05 44.84 -13.79
C ALA I 35 19.11 43.96 -13.16
N LEU I 36 19.01 42.66 -13.35
CA LEU I 36 20.02 41.75 -12.80
C LEU I 36 21.36 41.93 -13.52
N SER I 37 21.31 42.19 -14.83
CA SER I 37 22.55 42.41 -15.56
C SER I 37 23.28 43.64 -15.03
N ARG I 38 22.58 44.77 -14.93
CA ARG I 38 23.21 45.97 -14.39
C ARG I 38 23.61 45.79 -12.94
N LEU I 39 22.84 45.00 -12.19
CA LEU I 39 23.20 44.71 -10.82
C LEU I 39 24.50 43.93 -10.74
N GLY I 40 24.82 43.16 -11.78
CA GLY I 40 26.07 42.43 -11.81
C GLY I 40 25.95 40.98 -11.43
N LEU I 41 24.94 40.29 -11.97
CA LEU I 41 24.78 38.86 -11.77
C LEU I 41 24.74 38.17 -13.13
N LYS I 42 25.62 37.20 -13.33
CA LYS I 42 25.76 36.51 -14.61
C LYS I 42 25.25 35.09 -14.58
N ARG I 43 25.59 34.32 -13.55
CA ARG I 43 25.17 32.93 -13.47
C ARG I 43 23.83 32.82 -12.75
N TYR I 44 22.97 31.92 -13.24
CA TYR I 44 21.66 31.79 -12.65
C TYR I 44 21.72 31.28 -11.22
N CYS I 45 22.80 30.60 -10.84
CA CYS I 45 22.96 30.22 -9.44
C CYS I 45 22.91 31.44 -8.54
N CYS I 46 23.44 32.57 -9.02
CA CYS I 46 23.27 33.82 -8.30
C CYS I 46 21.93 34.47 -8.60
N ARG I 47 21.50 34.42 -9.87
CA ARG I 47 20.30 35.17 -10.26
C ARG I 47 19.05 34.68 -9.56
N ARG I 48 19.03 33.45 -9.07
CA ARG I 48 17.85 32.93 -8.38
C ARG I 48 17.49 33.82 -7.19
N MET I 49 18.38 33.92 -6.22
CA MET I 49 18.06 34.54 -4.95
C MET I 49 17.75 36.02 -5.06
N ILE I 50 17.66 36.59 -6.26
CA ILE I 50 17.24 37.97 -6.38
C ILE I 50 16.07 38.05 -7.35
N LEU I 51 15.97 37.11 -8.29
CA LEU I 51 14.81 37.10 -9.15
C LEU I 51 13.58 36.60 -8.41
N THR I 52 13.75 35.59 -7.56
CA THR I 52 12.65 35.01 -6.80
C THR I 52 13.03 35.05 -5.32
N HIS I 53 12.47 36.00 -4.59
CA HIS I 53 12.63 36.03 -3.14
C HIS I 53 11.44 36.74 -2.55
N VAL I 54 10.51 35.99 -1.96
CA VAL I 54 9.36 36.60 -1.32
C VAL I 54 9.83 37.29 -0.05
N ASP I 55 9.61 38.60 0.03
CA ASP I 55 10.10 39.39 1.16
C ASP I 55 9.12 39.26 2.31
N LEU I 56 9.10 38.06 2.90
CA LEU I 56 8.22 37.81 4.03
C LEU I 56 8.80 38.39 5.31
N ILE I 57 9.10 39.68 5.29
CA ILE I 57 9.46 40.39 6.51
C ILE I 57 8.55 41.60 6.62
N GLU I 58 8.08 42.10 5.48
CA GLU I 58 7.13 43.20 5.51
C GLU I 58 5.79 42.73 6.06
N LYS I 59 5.19 41.74 5.42
CA LYS I 59 3.95 41.16 5.94
C LYS I 59 4.18 40.54 7.30
N PHE I 60 5.30 39.84 7.47
CA PHE I 60 5.59 39.11 8.69
C PHE I 60 5.99 40.02 9.84
N LEU I 61 6.21 41.31 9.58
CA LEU I 61 6.78 42.20 10.58
C LEU I 61 5.78 43.15 11.21
N ARG I 62 4.72 43.54 10.49
CA ARG I 62 3.81 44.53 11.01
C ARG I 62 3.00 44.03 12.21
N TYR I 63 3.04 42.73 12.49
CA TYR I 63 2.42 42.23 13.70
C TYR I 63 3.33 42.44 14.89
N ASN I 64 3.75 43.68 15.11
CA ASN I 64 4.64 43.97 16.22
C ASN I 64 3.90 43.89 17.54
N PRO I 65 4.45 43.25 18.55
CA PRO I 65 3.76 43.17 19.84
C PRO I 65 4.09 44.32 20.77
N LEU I 66 5.19 45.04 20.50
CA LEU I 66 5.68 46.05 21.42
C LEU I 66 5.21 47.46 21.05
N GLU I 67 4.35 47.61 20.06
CA GLU I 67 3.84 48.91 19.65
C GLU I 67 2.32 48.87 19.60
N LYS I 68 1.70 49.94 20.09
CA LYS I 68 0.24 50.05 20.01
C LYS I 68 -0.22 50.02 18.56
N ARG I 69 -1.29 49.28 18.31
CA ARG I 69 -1.82 49.14 16.96
C ARG I 69 -2.44 50.45 16.48
N GLU J 45 51.15 8.87 13.50
CA GLU J 45 51.04 10.25 13.06
C GLU J 45 50.20 10.35 11.79
N LYS J 46 50.54 11.32 10.93
CA LYS J 46 49.77 11.54 9.72
C LYS J 46 49.94 10.39 8.73
N ILE J 47 51.15 9.85 8.62
CA ILE J 47 51.45 8.81 7.65
C ILE J 47 51.81 7.53 8.38
N LYS J 48 51.32 6.41 7.86
CA LYS J 48 51.64 5.10 8.41
C LYS J 48 51.72 4.09 7.28
N LEU J 49 52.45 3.01 7.53
CA LEU J 49 52.59 1.90 6.59
C LEU J 49 51.83 0.69 7.12
N LEU J 50 51.28 -0.08 6.19
CA LEU J 50 50.46 -1.25 6.52
C LEU J 50 51.32 -2.49 6.43
N THR J 51 51.78 -2.98 7.58
CA THR J 51 52.56 -4.21 7.61
C THR J 51 51.74 -5.42 7.17
N GLN J 52 50.41 -5.31 7.19
CA GLN J 52 49.57 -6.42 6.76
C GLN J 52 49.77 -6.72 5.28
N ALA J 53 49.88 -5.68 4.45
CA ALA J 53 50.00 -5.85 3.01
C ALA J 53 51.38 -5.53 2.48
N THR J 54 52.37 -5.35 3.37
CA THR J 54 53.72 -5.07 2.91
C THR J 54 54.37 -6.34 2.36
N SER J 55 55.44 -6.14 1.60
CA SER J 55 56.24 -7.23 1.08
C SER J 55 57.47 -7.43 1.95
N GLU J 56 58.03 -8.65 1.88
CA GLU J 56 59.18 -8.99 2.71
C GLU J 56 60.39 -8.12 2.36
N ASP J 57 60.65 -7.92 1.07
CA ASP J 57 61.78 -7.11 0.64
C ASP J 57 61.49 -5.62 0.68
N GLY J 58 60.24 -5.21 0.88
CA GLY J 58 59.89 -3.81 0.88
C GLY J 58 59.67 -3.22 -0.49
N THR J 59 59.86 -4.00 -1.57
CA THR J 59 59.65 -3.48 -2.90
C THR J 59 58.19 -3.17 -3.19
N SER J 60 57.28 -3.74 -2.40
CA SER J 60 55.85 -3.44 -2.52
C SER J 60 55.32 -3.16 -1.12
N ALA J 61 54.53 -2.09 -0.99
CA ALA J 61 53.99 -1.70 0.29
C ALA J 61 52.78 -0.81 0.06
N SER J 62 52.01 -0.61 1.12
CA SER J 62 50.84 0.25 1.10
C SER J 62 50.90 1.21 2.29
N PHE J 63 50.54 2.47 2.05
CA PHE J 63 50.60 3.51 3.06
C PHE J 63 49.22 4.09 3.30
N GLN J 64 48.97 4.49 4.55
CA GLN J 64 47.71 5.11 4.95
C GLN J 64 48.00 6.53 5.43
N ILE J 65 47.22 7.48 4.91
CA ILE J 65 47.41 8.90 5.23
C ILE J 65 46.14 9.42 5.89
N VAL J 66 46.32 10.29 6.88
CA VAL J 66 45.22 10.86 7.63
C VAL J 66 44.98 12.29 7.14
N GLU J 67 43.71 12.70 7.17
CA GLU J 67 43.31 14.07 6.85
C GLU J 67 43.58 14.44 5.40
N GLU J 68 43.43 13.48 4.48
CA GLU J 68 43.68 13.72 3.07
C GLU J 68 42.48 13.24 2.26
N ASP J 69 42.54 13.44 0.95
CA ASP J 69 41.42 13.14 0.08
C ASP J 69 41.92 13.07 -1.36
N HIS J 70 40.98 13.09 -2.31
CA HIS J 70 41.34 13.07 -3.73
C HIS J 70 42.31 14.18 -4.06
N THR J 71 42.16 15.33 -3.41
CA THR J 71 43.01 16.49 -3.68
C THR J 71 44.49 16.10 -3.68
N LEU J 72 44.98 15.59 -2.56
CA LEU J 72 46.37 15.14 -2.52
C LEU J 72 46.56 13.83 -3.27
N GLY J 73 45.57 12.93 -3.22
CA GLY J 73 45.78 11.59 -3.73
C GLY J 73 46.05 11.57 -5.23
N ASN J 74 45.23 12.28 -6.00
CA ASN J 74 45.38 12.22 -7.46
C ASN J 74 46.70 12.84 -7.89
N ALA J 75 47.07 13.97 -7.31
CA ALA J 75 48.34 14.61 -7.64
C ALA J 75 49.51 13.71 -7.27
N LEU J 76 49.47 13.10 -6.09
CA LEU J 76 50.59 12.26 -5.68
C LEU J 76 50.69 11.03 -6.55
N ARG J 77 49.54 10.45 -6.93
CA ARG J 77 49.55 9.32 -7.85
C ARG J 77 50.18 9.70 -9.17
N TYR J 78 49.80 10.86 -9.71
CA TYR J 78 50.39 11.33 -10.96
C TYR J 78 51.91 11.46 -10.83
N VAL J 79 52.36 12.11 -9.77
CA VAL J 79 53.80 12.36 -9.60
C VAL J 79 54.56 11.05 -9.47
N ILE J 80 54.04 10.12 -8.65
CA ILE J 80 54.74 8.85 -8.47
C ILE J 80 54.77 8.06 -9.76
N MET J 81 53.64 7.98 -10.47
CA MET J 81 53.63 7.26 -11.73
C MET J 81 54.51 7.92 -12.78
N LYS J 82 54.87 9.19 -12.60
CA LYS J 82 55.87 9.78 -13.47
C LYS J 82 57.21 9.06 -13.34
N ASN J 83 57.51 8.52 -12.17
CA ASN J 83 58.76 7.79 -11.98
C ASN J 83 58.69 6.45 -12.70
N PRO J 84 59.58 6.15 -13.64
CA PRO J 84 59.50 4.89 -14.37
C PRO J 84 59.89 3.67 -13.55
N ASP J 85 60.50 3.85 -12.38
CA ASP J 85 60.93 2.69 -11.60
C ASP J 85 59.75 1.92 -11.03
N VAL J 86 58.73 2.63 -10.54
CA VAL J 86 57.62 1.96 -9.87
C VAL J 86 56.76 1.21 -10.87
N GLU J 87 56.31 0.03 -10.48
CA GLU J 87 55.45 -0.78 -11.33
C GLU J 87 53.98 -0.45 -11.12
N PHE J 88 53.55 -0.38 -9.87
CA PHE J 88 52.14 -0.14 -9.55
C PHE J 88 52.02 0.96 -8.52
N CYS J 89 51.16 1.94 -8.81
CA CYS J 89 50.90 3.05 -7.91
C CYS J 89 49.43 3.42 -7.97
N GLY J 90 48.84 3.71 -6.82
CA GLY J 90 47.45 4.09 -6.78
C GLY J 90 47.05 4.45 -5.36
N TYR J 91 45.97 5.23 -5.29
CA TYR J 91 45.42 5.69 -4.02
C TYR J 91 44.02 5.14 -3.84
N SER J 92 43.63 4.94 -2.59
CA SER J 92 42.30 4.46 -2.27
C SER J 92 41.81 5.14 -1.00
N ILE J 93 40.50 5.27 -0.89
CA ILE J 93 39.84 5.88 0.25
C ILE J 93 38.99 4.81 0.92
N PRO J 94 39.19 4.54 2.21
CA PRO J 94 38.37 3.53 2.89
C PRO J 94 36.90 3.87 2.83
N HIS J 95 36.54 5.03 3.36
CA HIS J 95 35.16 5.46 3.33
C HIS J 95 35.12 6.98 3.31
N PRO J 96 34.23 7.57 2.52
CA PRO J 96 34.23 9.04 2.38
C PRO J 96 34.04 9.77 3.70
N SER J 97 33.26 9.21 4.62
CA SER J 97 33.06 9.87 5.91
C SER J 97 34.37 9.99 6.66
N GLU J 98 35.19 8.96 6.63
CA GLU J 98 36.50 9.02 7.26
C GLU J 98 37.46 9.78 6.35
N ASN J 99 38.29 10.61 6.97
CA ASN J 99 39.28 11.41 6.24
C ASN J 99 40.61 10.67 6.18
N LEU J 100 40.58 9.50 5.53
CA LEU J 100 41.74 8.63 5.42
C LEU J 100 42.03 8.36 3.96
N LEU J 101 43.33 8.36 3.61
CA LEU J 101 43.78 8.04 2.27
C LEU J 101 44.76 6.88 2.35
N ASN J 102 44.54 5.87 1.52
CA ASN J 102 45.43 4.72 1.44
C ASN J 102 46.11 4.70 0.08
N ILE J 103 47.44 4.65 0.11
CA ILE J 103 48.27 4.67 -1.09
C ILE J 103 49.10 3.41 -1.12
N ARG J 104 49.17 2.76 -2.28
CA ARG J 104 49.93 1.53 -2.46
C ARG J 104 50.93 1.72 -3.58
N ILE J 105 52.19 1.35 -3.32
CA ILE J 105 53.27 1.48 -4.27
C ILE J 105 53.92 0.13 -4.45
N GLN J 106 54.04 -0.31 -5.70
CA GLN J 106 54.73 -1.55 -6.04
C GLN J 106 55.78 -1.22 -7.09
N THR J 107 57.04 -1.24 -6.69
CA THR J 107 58.13 -0.90 -7.60
C THR J 107 58.47 -2.09 -8.49
N TYR J 108 59.35 -1.86 -9.44
CA TYR J 108 59.93 -2.92 -10.25
C TYR J 108 61.17 -3.52 -9.60
N GLY J 109 61.33 -3.36 -8.30
CA GLY J 109 62.50 -3.85 -7.60
C GLY J 109 63.63 -2.84 -7.56
N GLU J 110 64.60 -3.15 -6.70
CA GLU J 110 65.85 -2.39 -6.57
C GLU J 110 65.60 -1.04 -5.88
N THR J 111 64.34 -0.70 -5.64
CA THR J 111 64.01 0.55 -4.96
C THR J 111 62.94 0.27 -3.91
N THR J 112 63.21 0.69 -2.67
CA THR J 112 62.21 0.59 -1.63
C THR J 112 61.04 1.49 -1.96
N ALA J 113 59.82 0.97 -1.78
CA ALA J 113 58.63 1.77 -2.04
C ALA J 113 58.59 3.01 -1.15
N VAL J 114 59.21 2.93 0.03
CA VAL J 114 59.34 4.11 0.87
C VAL J 114 60.17 5.17 0.16
N ASP J 115 61.29 4.76 -0.46
CA ASP J 115 62.09 5.71 -1.22
C ASP J 115 61.31 6.28 -2.39
N ALA J 116 60.55 5.43 -3.08
CA ALA J 116 59.73 5.92 -4.17
C ALA J 116 58.71 6.94 -3.69
N LEU J 117 58.27 6.81 -2.44
CA LEU J 117 57.36 7.81 -1.88
C LEU J 117 58.06 9.15 -1.73
N GLN J 118 59.12 9.19 -0.92
CA GLN J 118 59.80 10.45 -0.68
C GLN J 118 60.39 11.03 -1.95
N LYS J 119 60.72 10.18 -2.91
CA LYS J 119 61.12 10.68 -4.23
C LYS J 119 59.96 11.44 -4.88
N GLY J 120 58.75 10.91 -4.78
CA GLY J 120 57.61 11.59 -5.38
C GLY J 120 57.29 12.92 -4.71
N LEU J 121 57.30 12.93 -3.38
CA LEU J 121 56.98 14.16 -2.66
C LEU J 121 57.96 15.27 -3.00
N LYS J 122 59.25 14.95 -3.05
CA LYS J 122 60.24 15.96 -3.42
C LYS J 122 59.97 16.49 -4.82
N ASP J 123 59.64 15.60 -5.76
CA ASP J 123 59.23 16.06 -7.08
C ASP J 123 57.96 16.88 -7.00
N LEU J 124 57.02 16.46 -6.16
CA LEU J 124 55.81 17.25 -5.97
C LEU J 124 56.14 18.63 -5.40
N MET J 125 57.04 18.68 -4.43
CA MET J 125 57.44 19.95 -3.85
C MET J 125 57.97 20.90 -4.91
N ASP J 126 58.87 20.41 -5.77
CA ASP J 126 59.36 21.24 -6.85
C ASP J 126 58.26 21.56 -7.85
N LEU J 127 57.36 20.61 -8.09
CA LEU J 127 56.30 20.83 -9.06
C LEU J 127 55.39 21.97 -8.63
N CYS J 128 55.05 22.03 -7.35
CA CYS J 128 54.27 23.15 -6.85
C CYS J 128 55.12 24.37 -6.55
N ASP J 129 56.43 24.28 -6.72
CA ASP J 129 57.31 25.42 -6.53
C ASP J 129 57.65 26.14 -7.82
N VAL J 130 57.71 25.42 -8.94
CA VAL J 130 58.00 26.07 -10.22
C VAL J 130 56.88 27.02 -10.61
N VAL J 131 55.63 26.68 -10.29
CA VAL J 131 54.50 27.52 -10.68
C VAL J 131 54.59 28.88 -9.99
N GLU J 132 54.97 28.89 -8.71
CA GLU J 132 55.07 30.15 -7.98
C GLU J 132 55.99 31.13 -8.70
N SER J 133 57.20 30.68 -9.02
CA SER J 133 58.12 31.54 -9.76
C SER J 133 57.56 31.88 -11.12
N LYS J 134 56.99 30.91 -11.81
CA LYS J 134 56.40 31.18 -13.13
C LYS J 134 55.22 32.11 -13.01
N PHE J 135 54.39 31.93 -11.98
CA PHE J 135 53.23 32.81 -11.81
C PHE J 135 53.67 34.20 -11.38
N THR J 136 54.69 34.30 -10.52
CA THR J 136 55.13 35.60 -10.04
C THR J 136 55.62 36.48 -11.19
N GLU J 137 56.35 35.89 -12.14
CA GLU J 137 56.86 36.66 -13.25
C GLU J 137 55.72 37.29 -14.06
N LYS J 138 54.66 36.53 -14.32
CA LYS J 138 53.55 37.07 -15.09
C LYS J 138 52.84 38.19 -14.36
N ILE J 139 52.88 38.17 -13.03
CA ILE J 139 52.36 39.31 -12.26
C ILE J 139 53.16 40.56 -12.57
N LYS J 140 54.49 40.43 -12.64
CA LYS J 140 55.34 41.58 -12.92
C LYS J 140 55.01 42.22 -14.26
N SER J 141 54.54 41.43 -15.22
CA SER J 141 54.16 41.97 -16.51
C SER J 141 52.73 42.50 -16.47
N LEU K 27 7.85 46.55 34.47
CA LEU K 27 9.20 46.01 34.43
C LEU K 27 9.27 44.83 33.46
N LYS K 28 8.13 44.19 33.24
CA LYS K 28 8.04 43.04 32.36
C LYS K 28 6.58 42.83 31.99
N TYR K 29 6.28 41.68 31.39
CA TYR K 29 4.90 41.25 31.16
C TYR K 29 4.12 42.28 30.33
N ILE K 30 4.53 42.40 29.07
CA ILE K 30 3.86 43.34 28.18
C ILE K 30 2.38 42.99 28.08
N CYS K 31 1.56 44.01 27.81
CA CYS K 31 0.11 43.85 27.87
C CYS K 31 -0.39 42.87 26.81
N ALA K 32 0.17 42.96 25.60
CA ALA K 32 -0.26 42.22 24.41
C ALA K 32 -1.62 42.67 23.91
N GLU K 33 -2.28 43.60 24.58
CA GLU K 33 -3.45 44.28 24.03
C GLU K 33 -3.21 45.76 23.84
N CYS K 34 -2.83 46.48 24.89
CA CYS K 34 -2.37 47.85 24.76
C CYS K 34 -0.86 47.94 24.66
N SER K 35 -0.15 46.84 24.88
CA SER K 35 1.31 46.77 24.74
C SER K 35 1.99 47.79 25.65
N SER K 36 1.82 47.61 26.96
CA SER K 36 2.47 48.45 27.95
C SER K 36 3.15 47.58 28.99
N LYS K 37 4.41 47.88 29.27
CA LYS K 37 5.15 47.16 30.29
C LYS K 37 4.55 47.43 31.66
N LEU K 38 4.65 46.44 32.54
CA LEU K 38 4.05 46.55 33.87
C LEU K 38 4.77 45.57 34.80
N SER K 39 4.14 45.28 35.94
CA SER K 39 4.67 44.32 36.89
C SER K 39 3.50 43.68 37.63
N LEU K 40 3.77 42.56 38.28
CA LEU K 40 2.77 41.86 39.06
C LEU K 40 3.03 42.05 40.55
N SER K 41 1.99 41.78 41.35
CA SER K 41 2.07 41.86 42.80
C SER K 41 1.40 40.63 43.41
N ARG K 42 1.66 39.46 42.84
CA ARG K 42 1.05 38.19 43.24
C ARG K 42 -0.46 38.20 43.10
N THR K 43 -1.04 39.25 42.54
CA THR K 43 -2.48 39.43 42.52
C THR K 43 -2.88 40.15 41.23
N ASP K 44 -4.04 39.77 40.70
CA ASP K 44 -4.65 40.44 39.56
C ASP K 44 -3.70 40.50 38.37
N ALA K 45 -3.04 39.38 38.10
CA ALA K 45 -2.19 39.29 36.92
C ALA K 45 -2.97 39.55 35.64
N VAL K 46 -4.28 39.30 35.66
CA VAL K 46 -5.13 39.62 34.53
C VAL K 46 -5.12 41.11 34.25
N ARG K 47 -5.25 41.91 35.29
CA ARG K 47 -5.66 43.31 35.14
C ARG K 47 -4.52 44.13 34.53
N CYS K 48 -4.64 44.40 33.23
CA CYS K 48 -3.83 45.46 32.62
C CYS K 48 -4.40 46.81 33.05
N LYS K 49 -3.59 47.60 33.77
CA LYS K 49 -4.10 48.83 34.35
C LYS K 49 -4.67 49.76 33.29
N ASP K 50 -4.17 49.67 32.05
CA ASP K 50 -4.70 50.47 30.95
C ASP K 50 -5.77 49.76 30.15
N CYS K 51 -5.72 48.43 30.08
CA CYS K 51 -6.68 47.64 29.32
C CYS K 51 -7.55 46.75 30.18
N GLY K 52 -6.98 46.08 31.17
CA GLY K 52 -7.70 45.03 31.87
C GLY K 52 -7.77 43.73 31.12
N HIS K 53 -7.14 43.64 29.96
CA HIS K 53 -7.19 42.41 29.17
C HIS K 53 -6.54 41.28 29.94
N ARG K 54 -7.21 40.14 29.97
CA ARG K 54 -6.81 39.02 30.79
C ARG K 54 -5.64 38.22 30.22
N ILE K 55 -4.97 38.74 29.20
CA ILE K 55 -3.82 38.08 28.60
C ILE K 55 -2.61 38.97 28.78
N LEU K 56 -1.53 38.39 29.31
CA LEU K 56 -0.26 39.09 29.44
C LEU K 56 0.82 38.31 28.72
N LEU K 57 1.85 39.01 28.26
CA LEU K 57 2.92 38.42 27.49
C LEU K 57 4.26 38.86 28.07
N LYS K 58 5.13 37.90 28.34
CA LYS K 58 6.42 38.22 28.93
C LYS K 58 7.33 38.88 27.91
N ALA K 59 8.36 39.55 28.42
CA ALA K 59 9.28 40.33 27.59
C ALA K 59 10.70 39.87 27.78
N ARG K 60 11.44 39.79 26.68
CA ARG K 60 12.85 39.41 26.73
C ARG K 60 13.66 40.46 27.48
N THR K 61 14.62 40.00 28.26
CA THR K 61 15.47 40.87 29.07
C THR K 61 16.89 40.86 28.52
N LYS K 62 17.79 41.51 29.26
CA LYS K 62 19.22 41.53 28.91
C LYS K 62 19.86 40.32 29.58
N ARG K 63 19.94 39.22 28.83
CA ARG K 63 20.55 37.99 29.32
C ARG K 63 21.51 37.44 28.28
N LEU K 64 22.68 36.99 28.74
CA LEU K 64 23.67 36.41 27.86
C LEU K 64 23.14 35.12 27.26
N VAL K 65 23.30 34.97 25.94
CA VAL K 65 22.89 33.77 25.22
C VAL K 65 24.02 33.42 24.27
N GLN K 66 24.81 32.40 24.63
CA GLN K 66 25.86 31.94 23.75
C GLN K 66 25.26 31.23 22.54
N PHE K 67 26.02 31.16 21.46
CA PHE K 67 25.48 30.62 20.21
C PHE K 67 26.61 30.09 19.35
N GLU K 68 26.23 29.49 18.23
CA GLU K 68 27.14 29.03 17.19
C GLU K 68 26.64 29.53 15.85
N ALA K 69 27.53 30.19 15.10
CA ALA K 69 27.10 30.83 13.86
C ALA K 69 26.82 29.82 12.75
N ARG K 70 27.17 28.55 12.94
CA ARG K 70 26.92 27.56 11.91
C ARG K 70 25.43 27.40 11.66
N SER L 14 -66.12 36.48 -32.29
CA SER L 14 -67.12 36.60 -31.23
C SER L 14 -66.66 35.89 -29.97
N VAL L 15 -66.38 36.66 -28.93
CA VAL L 15 -65.88 36.14 -27.66
C VAL L 15 -66.78 36.65 -26.54
N GLN L 16 -67.14 35.76 -25.62
CA GLN L 16 -68.02 36.09 -24.51
C GLN L 16 -67.35 35.71 -23.20
N ASP L 17 -67.65 36.47 -22.16
CA ASP L 17 -67.12 36.22 -20.82
C ASP L 17 -68.26 36.17 -19.82
N GLN L 18 -68.17 35.24 -18.88
CA GLN L 18 -69.18 35.12 -17.83
C GLN L 18 -68.71 35.79 -16.54
N GLY L 29 -63.77 8.55 -15.99
CA GLY L 29 -65.09 8.14 -16.43
C GLY L 29 -66.17 8.43 -15.42
N PHE L 30 -67.24 9.09 -15.86
CA PHE L 30 -68.33 9.48 -14.98
C PHE L 30 -69.49 9.99 -15.82
N ARG L 31 -70.70 9.74 -15.34
CA ARG L 31 -71.92 10.34 -15.88
C ARG L 31 -73.05 10.11 -14.88
N ALA L 32 -74.01 11.03 -14.89
CA ALA L 32 -75.15 10.97 -13.98
C ALA L 32 -76.19 11.97 -14.46
N PRO L 33 -77.45 11.82 -14.04
CA PRO L 33 -78.44 12.86 -14.33
C PRO L 33 -78.09 14.15 -13.61
N SER L 34 -78.56 15.27 -14.18
CA SER L 34 -78.19 16.60 -13.72
C SER L 34 -78.48 16.80 -12.22
N ASP L 35 -77.41 16.99 -11.44
CA ASP L 35 -77.54 17.23 -10.01
C ASP L 35 -76.64 18.33 -9.47
N THR L 36 -75.63 18.78 -10.23
CA THR L 36 -74.66 19.73 -9.74
C THR L 36 -75.18 21.16 -9.88
N THR L 37 -74.34 22.12 -9.49
CA THR L 37 -74.69 23.53 -9.57
C THR L 37 -73.39 24.34 -9.56
N PHE L 38 -73.54 25.67 -9.55
CA PHE L 38 -72.41 26.58 -9.57
C PHE L 38 -72.56 27.61 -8.45
N ASP L 39 -71.44 27.97 -7.83
CA ASP L 39 -71.46 28.87 -6.67
C ASP L 39 -70.69 30.15 -6.91
N LEU L 40 -69.44 30.08 -7.37
CA LEU L 40 -68.63 31.26 -7.69
C LEU L 40 -68.50 32.17 -6.46
N TYR L 41 -67.80 31.65 -5.46
CA TYR L 41 -67.53 32.45 -4.27
C TYR L 41 -66.70 33.68 -4.62
N LYS L 42 -65.71 33.51 -5.50
CA LYS L 42 -64.82 34.58 -5.94
C LYS L 42 -64.21 35.35 -4.76
N PHE L 51 -65.43 30.57 -12.40
CA PHE L 51 -64.33 30.58 -11.44
C PHE L 51 -64.52 29.49 -10.40
N VAL L 52 -63.93 29.67 -9.23
CA VAL L 52 -63.93 28.63 -8.21
C VAL L 52 -65.32 28.46 -7.61
N LEU L 53 -65.74 27.20 -7.46
CA LEU L 53 -67.02 26.86 -6.86
C LEU L 53 -66.77 25.79 -5.80
N HIS L 54 -67.87 25.27 -5.24
CA HIS L 54 -67.79 24.11 -4.38
C HIS L 54 -68.77 23.04 -4.84
N GLY L 55 -69.87 23.46 -5.46
CA GLY L 55 -70.83 22.53 -6.04
C GLY L 55 -71.65 21.78 -5.02
N GLU L 56 -72.85 21.34 -5.42
CA GLU L 56 -73.68 20.56 -4.51
C GLU L 56 -74.58 19.62 -5.30
N ASN L 57 -75.04 18.58 -4.61
CA ASN L 57 -75.93 17.56 -5.15
C ASN L 57 -76.39 16.70 -3.98
N GLU L 58 -77.26 15.73 -4.27
CA GLU L 58 -77.76 14.83 -3.25
C GLU L 58 -77.07 13.47 -3.27
N ARG L 59 -76.04 13.30 -4.12
CA ARG L 59 -75.31 12.04 -4.21
C ARG L 59 -73.87 12.17 -3.74
N LEU L 60 -73.10 13.08 -4.32
CA LEU L 60 -71.74 13.33 -3.89
C LEU L 60 -71.70 14.58 -3.02
N GLU L 61 -70.48 15.01 -2.66
CA GLU L 61 -70.29 16.27 -1.95
C GLU L 61 -68.94 16.82 -2.42
N TYR L 62 -68.99 17.69 -3.42
CA TYR L 62 -67.79 18.21 -4.06
C TYR L 62 -67.13 19.28 -3.21
N ASP L 67 -56.53 24.43 -7.42
CA ASP L 67 -56.89 25.44 -8.42
C ASP L 67 -56.01 26.67 -8.25
N SER L 68 -55.21 26.67 -7.19
CA SER L 68 -54.34 27.81 -6.87
C SER L 68 -53.01 27.73 -7.62
N SER L 69 -53.09 27.61 -8.94
CA SER L 69 -51.92 27.54 -9.79
C SER L 69 -52.34 27.82 -11.22
N SER L 70 -51.36 27.84 -12.13
CA SER L 70 -51.59 28.09 -13.56
C SER L 70 -52.29 29.43 -13.76
N GLN L 71 -51.57 30.49 -13.38
CA GLN L 71 -52.16 31.82 -13.36
C GLN L 71 -52.66 32.23 -14.74
N ALA L 72 -51.87 31.97 -15.78
CA ALA L 72 -52.28 32.27 -17.14
C ALA L 72 -52.84 31.07 -17.89
N SER L 73 -52.47 29.85 -17.49
CA SER L 73 -53.02 28.68 -18.15
C SER L 73 -54.50 28.48 -17.87
N ASN L 74 -55.07 29.24 -16.91
CA ASN L 74 -56.50 29.12 -16.63
C ASN L 74 -57.36 29.53 -17.82
N GLN L 75 -56.80 30.28 -18.77
CA GLN L 75 -57.62 30.81 -19.85
C GLN L 75 -58.00 29.73 -20.86
N TYR L 76 -58.85 28.81 -20.45
CA TYR L 76 -59.46 27.88 -21.40
C TYR L 76 -60.68 28.52 -22.04
N VAL L 77 -60.89 28.22 -23.33
CA VAL L 77 -62.07 28.70 -24.03
C VAL L 77 -62.71 27.51 -24.74
N VAL L 78 -63.98 27.66 -25.06
CA VAL L 78 -64.76 26.61 -25.69
C VAL L 78 -65.08 27.03 -27.12
N GLY L 79 -64.63 26.25 -28.09
CA GLY L 79 -64.83 26.56 -29.49
C GLY L 79 -66.07 25.86 -30.03
N LEU L 80 -66.89 26.62 -30.75
CA LEU L 80 -68.09 26.13 -31.40
C LEU L 80 -68.16 26.65 -32.83
N PHE L 81 -67.05 26.50 -33.55
CA PHE L 81 -66.93 27.12 -34.87
C PHE L 81 -67.99 26.56 -35.83
N ASN L 82 -68.62 27.47 -36.56
CA ASN L 82 -69.58 27.08 -37.60
C ASN L 82 -68.82 26.87 -38.90
N PRO L 83 -68.81 25.66 -39.44
CA PRO L 83 -67.92 25.37 -40.58
C PRO L 83 -68.47 25.83 -41.92
N GLU L 84 -69.49 26.69 -41.91
CA GLU L 84 -70.09 27.13 -43.17
C GLU L 84 -69.06 27.85 -44.03
N LYS L 85 -68.59 29.03 -43.60
CA LYS L 85 -67.46 29.66 -44.25
C LYS L 85 -66.29 29.86 -43.30
N LYS L 86 -66.45 30.69 -42.26
CA LYS L 86 -65.39 30.92 -41.30
C LYS L 86 -65.90 31.14 -39.88
N SER L 87 -67.20 31.02 -39.62
CA SER L 87 -67.75 31.48 -38.35
C SER L 87 -67.24 30.64 -37.19
N ILE L 88 -66.89 31.33 -36.09
CA ILE L 88 -66.37 30.69 -34.90
C ILE L 88 -67.14 31.24 -33.70
N GLN L 89 -67.10 30.49 -32.60
CA GLN L 89 -67.66 30.92 -31.33
C GLN L 89 -66.62 30.73 -30.25
N LEU L 90 -66.70 31.56 -29.21
CA LEU L 90 -65.74 31.50 -28.12
C LEU L 90 -66.44 31.82 -26.80
N TYR L 91 -66.00 31.15 -25.74
CA TYR L 91 -66.61 31.31 -24.42
C TYR L 91 -65.65 30.75 -23.39
N LYS L 92 -65.46 31.47 -22.29
CA LYS L 92 -64.55 31.03 -21.25
C LYS L 92 -65.22 30.99 -19.88
N SER L 102 -67.61 11.90 -2.44
CA SER L 102 -69.00 11.70 -2.04
C SER L 102 -69.17 11.67 -0.53
N LYS L 103 -70.38 11.98 -0.07
CA LYS L 103 -70.68 11.97 1.36
C LYS L 103 -72.05 11.38 1.63
N SER L 104 -72.67 10.72 0.64
CA SER L 104 -73.99 10.14 0.85
C SER L 104 -73.98 9.13 1.99
N SER L 105 -72.88 8.39 2.12
CA SER L 105 -72.72 7.46 3.24
C SER L 105 -71.29 7.51 3.76
N LYS L 106 -70.70 8.71 3.77
CA LYS L 106 -69.34 8.90 4.30
C LYS L 106 -69.42 9.93 5.43
N ASN L 107 -69.76 9.45 6.63
CA ASN L 107 -69.67 10.26 7.82
C ASN L 107 -69.18 9.48 9.03
N LEU L 108 -68.81 8.22 8.86
CA LEU L 108 -68.41 7.40 9.99
C LEU L 108 -67.14 7.94 10.64
N ARG L 109 -67.16 8.02 11.95
CA ARG L 109 -66.02 8.52 12.72
C ARG L 109 -65.88 7.68 13.97
N GLY L 110 -64.63 7.31 14.28
CA GLY L 110 -64.36 6.56 15.48
C GLY L 110 -64.26 7.46 16.68
N PRO L 111 -63.86 6.91 17.82
CA PRO L 111 -63.69 7.73 19.02
C PRO L 111 -62.57 8.73 18.86
N LYS L 112 -62.70 9.86 19.56
CA LYS L 112 -61.62 10.84 19.57
C LYS L 112 -60.34 10.23 20.14
N ILE L 113 -60.47 9.48 21.24
CA ILE L 113 -59.35 8.83 21.89
C ILE L 113 -59.73 7.39 22.18
N LYS L 114 -58.77 6.48 22.02
CA LYS L 114 -58.93 5.09 22.40
C LYS L 114 -58.08 4.82 23.63
N SER L 115 -58.72 4.36 24.70
CA SER L 115 -58.03 4.12 25.96
C SER L 115 -57.03 2.98 25.83
N SER M 24 -73.27 25.26 1.50
CA SER M 24 -71.94 25.21 2.11
C SER M 24 -71.05 26.32 1.56
N ILE M 25 -71.21 27.52 2.10
CA ILE M 25 -70.49 28.70 1.61
C ILE M 25 -69.05 28.67 2.11
N PRO M 26 -68.05 28.65 1.22
CA PRO M 26 -66.67 28.87 1.68
C PRO M 26 -66.47 30.29 2.18
N ASP M 27 -66.72 31.28 1.31
CA ASP M 27 -66.71 32.69 1.70
C ASP M 27 -67.78 33.48 0.95
N GLY M 28 -68.87 32.82 0.56
CA GLY M 28 -69.94 33.51 -0.14
C GLY M 28 -70.41 32.78 -1.38
N PHE M 29 -71.65 33.03 -1.80
CA PHE M 29 -72.24 32.39 -2.99
C PHE M 29 -72.74 33.47 -3.93
N LYS M 30 -71.86 33.95 -4.81
CA LYS M 30 -72.27 34.82 -5.91
C LYS M 30 -72.47 33.94 -7.14
N LYS M 31 -73.64 33.33 -7.22
CA LYS M 31 -73.90 32.27 -8.16
C LYS M 31 -74.06 32.84 -9.57
N CYS M 32 -74.51 32.00 -10.50
CA CYS M 32 -74.63 32.35 -11.91
C CYS M 32 -76.02 32.82 -12.26
N LYS M 33 -76.68 33.54 -11.33
CA LYS M 33 -78.04 34.01 -11.55
C LYS M 33 -78.17 34.79 -12.85
N HIS M 34 -77.14 35.55 -13.22
CA HIS M 34 -77.08 36.17 -14.54
C HIS M 34 -76.56 35.12 -15.52
N LEU M 35 -77.45 34.24 -15.93
CA LEU M 35 -77.08 33.13 -16.80
C LEU M 35 -76.61 33.64 -18.16
N LYS M 36 -75.65 32.92 -18.73
CA LYS M 36 -75.15 33.20 -20.07
C LYS M 36 -75.63 32.10 -21.01
N ASN M 37 -76.25 32.50 -22.11
CA ASN M 37 -76.84 31.57 -23.06
C ASN M 37 -75.88 31.36 -24.22
N PHE M 38 -75.45 30.11 -24.42
CA PHE M 38 -74.59 29.72 -25.52
C PHE M 38 -75.24 28.52 -26.21
N PRO M 39 -76.28 28.77 -27.01
CA PRO M 39 -77.06 27.66 -27.56
C PRO M 39 -76.25 26.82 -28.55
N LEU M 40 -76.63 25.54 -28.63
CA LEU M 40 -76.01 24.60 -29.55
C LEU M 40 -77.05 23.55 -29.92
N ASN M 41 -76.84 22.91 -31.07
CA ASN M 41 -77.77 21.91 -31.57
C ASN M 41 -77.36 20.51 -31.12
N GLN M 50 -68.11 19.24 -33.78
CA GLN M 50 -67.62 20.48 -34.36
C GLN M 50 -67.17 21.44 -33.28
N GLN M 51 -66.97 20.91 -32.07
CA GLN M 51 -66.61 21.72 -30.91
C GLN M 51 -65.35 21.16 -30.28
N GLN M 52 -64.38 22.03 -30.01
CA GLN M 52 -63.15 21.63 -29.35
C GLN M 52 -62.66 22.75 -28.44
N VAL M 53 -61.94 22.37 -27.40
CA VAL M 53 -61.30 23.33 -26.50
C VAL M 53 -60.10 23.95 -27.21
N TRP M 54 -59.86 25.23 -26.95
CA TRP M 54 -58.80 25.98 -27.62
C TRP M 54 -58.01 26.80 -26.61
N LEU M 55 -57.53 26.12 -25.57
CA LEU M 55 -56.75 26.74 -24.50
C LEU M 55 -55.68 27.70 -25.04
N ILE M 56 -55.60 28.88 -24.43
CA ILE M 56 -54.60 29.90 -24.75
C ILE M 56 -54.02 30.41 -23.44
N LYS M 57 -52.91 31.12 -23.53
CA LYS M 57 -52.22 31.56 -22.32
C LYS M 57 -52.66 32.96 -21.88
N PHE M 58 -52.42 33.98 -22.70
CA PHE M 58 -52.91 35.32 -22.33
C PHE M 58 -53.01 36.30 -23.51
N PRO M 59 -53.72 35.97 -24.58
CA PRO M 59 -53.94 36.96 -25.63
C PRO M 59 -55.21 37.77 -25.41
N SER M 60 -55.15 39.03 -25.84
CA SER M 60 -56.29 39.94 -25.71
C SER M 60 -57.31 39.57 -26.78
N ASN M 61 -58.05 38.49 -26.51
CA ASN M 61 -59.08 37.99 -27.41
C ASN M 61 -58.53 37.69 -28.80
N ASN M 103 -62.03 10.65 -20.78
CA ASN M 103 -62.12 12.07 -21.13
C ASN M 103 -62.08 12.94 -19.90
N LEU M 104 -60.89 13.40 -19.52
CA LEU M 104 -60.72 14.26 -18.35
C LEU M 104 -61.20 15.68 -18.71
N SER M 105 -62.51 15.79 -18.88
CA SER M 105 -63.16 17.03 -19.28
C SER M 105 -64.27 17.39 -18.30
N ASN M 106 -63.95 17.39 -17.01
CA ASN M 106 -64.91 17.82 -16.01
C ASN M 106 -64.90 19.33 -15.87
N MET M 107 -64.98 20.03 -17.01
CA MET M 107 -65.20 21.47 -17.03
C MET M 107 -66.11 21.86 -18.20
N THR M 108 -66.88 20.91 -18.74
CA THR M 108 -67.73 21.13 -19.89
C THR M 108 -69.09 21.67 -19.53
N LEU M 109 -69.24 22.30 -18.38
CA LEU M 109 -70.50 22.91 -17.96
C LEU M 109 -70.48 24.42 -18.10
N LEU M 110 -69.39 25.00 -18.61
CA LEU M 110 -69.32 26.45 -18.75
C LEU M 110 -70.25 26.94 -19.85
N VAL M 111 -70.23 26.30 -21.01
CA VAL M 111 -71.13 26.67 -22.09
C VAL M 111 -72.54 26.18 -21.79
N PRO M 112 -72.80 24.86 -21.61
CA PRO M 112 -74.13 24.44 -21.17
C PRO M 112 -74.23 24.52 -19.65
N SER M 113 -74.94 25.54 -19.16
CA SER M 113 -75.18 25.67 -17.73
C SER M 113 -76.52 25.06 -17.34
N GLU M 114 -77.60 25.60 -17.87
CA GLU M 114 -78.90 25.02 -17.59
C GLU M 114 -79.71 24.78 -18.86
N SER M 115 -79.59 25.66 -19.86
CA SER M 115 -80.40 25.62 -21.07
C SER M 115 -81.87 25.81 -20.76
N LYS M 116 -82.18 26.04 -19.48
CA LYS M 116 -83.54 26.27 -19.01
C LYS M 116 -83.67 27.63 -18.34
N GLU M 117 -82.66 28.48 -18.46
CA GLU M 117 -82.66 29.82 -17.85
C GLU M 117 -82.90 29.73 -16.35
N SER M 118 -82.28 28.74 -15.71
CA SER M 118 -82.43 28.52 -14.28
C SER M 118 -81.06 28.46 -13.62
N LEU M 119 -81.01 28.90 -12.37
CA LEU M 119 -79.76 28.94 -11.60
C LEU M 119 -79.37 27.53 -11.21
N LYS M 120 -78.70 26.85 -12.13
CA LYS M 120 -78.16 25.51 -11.89
C LYS M 120 -77.24 25.15 -13.04
N ILE M 121 -76.37 24.18 -12.80
CA ILE M 121 -75.47 23.64 -13.81
C ILE M 121 -75.91 22.22 -14.14
N ALA M 122 -76.04 21.93 -15.43
CA ALA M 122 -76.50 20.62 -15.89
C ALA M 122 -75.53 20.07 -16.92
N SER M 123 -75.37 18.76 -16.91
CA SER M 123 -74.45 18.11 -17.83
C SER M 123 -74.99 18.16 -19.26
N THR M 124 -74.10 17.98 -20.22
CA THR M 124 -74.47 18.06 -21.63
C THR M 124 -75.00 16.71 -22.12
N ALA M 125 -75.40 16.69 -23.39
CA ALA M 125 -75.94 15.48 -24.00
C ALA M 125 -74.91 14.81 -24.89
N SER M 138 -49.10 27.36 -31.91
CA SER M 138 -48.06 26.96 -30.97
C SER M 138 -48.15 27.76 -29.67
N VAL M 139 -48.77 27.15 -28.65
CA VAL M 139 -48.90 27.80 -27.36
C VAL M 139 -47.53 28.07 -26.74
N SER M 140 -46.62 27.11 -26.85
CA SER M 140 -45.26 27.31 -26.38
C SER M 140 -44.60 28.47 -27.13
N GLU M 141 -43.96 29.35 -26.39
CA GLU M 141 -43.28 30.50 -26.98
C GLU M 141 -41.92 30.05 -27.51
N THR M 142 -41.72 30.18 -28.82
CA THR M 142 -40.49 29.70 -29.45
C THR M 142 -39.27 30.43 -28.91
N ALA M 143 -39.17 31.72 -29.19
CA ALA M 143 -38.08 32.57 -28.71
C ALA M 143 -36.72 31.92 -28.99
N LYS M 144 -36.54 31.50 -30.23
CA LYS M 144 -35.31 30.81 -30.61
C LYS M 144 -34.11 31.74 -30.50
N ILE M 145 -32.97 31.16 -30.15
CA ILE M 145 -31.68 31.83 -30.23
C ILE M 145 -30.75 30.91 -31.02
N PRO M 146 -31.07 30.64 -32.28
CA PRO M 146 -30.37 29.57 -33.01
C PRO M 146 -29.14 30.05 -33.75
N ALA M 147 -28.54 29.13 -34.52
CA ALA M 147 -27.46 29.44 -35.45
C ALA M 147 -26.26 30.04 -34.72
N ILE M 148 -25.66 29.21 -33.87
CA ILE M 148 -24.42 29.59 -33.20
C ILE M 148 -23.37 29.94 -34.25
N ASP M 149 -22.68 31.06 -34.04
CA ASP M 149 -21.68 31.53 -35.00
C ASP M 149 -20.43 30.67 -34.82
N TYR M 150 -20.36 29.58 -35.60
CA TYR M 150 -19.18 28.75 -35.58
C TYR M 150 -17.95 29.53 -36.05
N SER M 151 -18.11 30.36 -37.08
CA SER M 151 -16.99 31.14 -37.59
C SER M 151 -16.46 32.11 -36.56
N LYS M 152 -17.26 32.49 -35.57
CA LYS M 152 -16.82 33.43 -34.54
C LYS M 152 -16.29 32.73 -33.30
N VAL M 153 -16.95 31.65 -32.86
CA VAL M 153 -16.58 31.01 -31.60
C VAL M 153 -15.61 29.85 -31.79
N ARG M 154 -15.41 29.37 -33.02
CA ARG M 154 -14.48 28.28 -33.29
C ARG M 154 -13.14 28.85 -33.74
N VAL M 155 -12.48 29.54 -32.81
CA VAL M 155 -11.21 30.20 -33.12
C VAL M 155 -10.12 29.14 -33.22
N PRO M 156 -9.32 29.14 -34.28
CA PRO M 156 -8.17 28.21 -34.35
C PRO M 156 -7.21 28.48 -33.20
N ARG M 157 -6.62 27.40 -32.69
CA ARG M 157 -5.73 27.51 -31.55
C ARG M 157 -4.52 28.37 -31.90
N LYS M 158 -4.16 29.27 -30.99
CA LYS M 158 -3.00 30.12 -31.13
C LYS M 158 -1.88 29.62 -30.24
N ASP M 159 -0.68 29.52 -30.81
CA ASP M 159 0.45 28.97 -30.06
C ASP M 159 0.85 29.91 -28.92
N VAL M 160 1.63 29.38 -27.99
CA VAL M 160 2.12 30.21 -26.89
C VAL M 160 2.99 31.33 -27.46
N PRO M 161 2.72 32.59 -27.14
CA PRO M 161 3.53 33.66 -27.72
C PRO M 161 4.97 33.59 -27.23
N LYS M 162 5.89 33.98 -28.11
CA LYS M 162 7.30 33.98 -27.78
C LYS M 162 7.65 35.19 -26.93
N VAL M 163 8.93 35.34 -26.63
CA VAL M 163 9.45 36.47 -25.87
C VAL M 163 10.45 37.20 -26.74
N GLU M 164 10.24 38.51 -26.90
CA GLU M 164 11.09 39.33 -27.76
C GLU M 164 12.49 39.53 -27.17
N HIS M 170 24.67 35.23 -21.79
CA HIS M 170 25.61 34.21 -21.32
C HIS M 170 26.99 34.38 -21.95
N PHE M 171 27.98 34.71 -21.12
CA PHE M 171 29.35 34.89 -21.57
C PHE M 171 30.25 33.84 -20.93
N ALA M 172 31.31 33.49 -21.65
CA ALA M 172 32.33 32.62 -21.08
C ALA M 172 33.10 33.36 -19.99
N THR M 173 33.80 32.59 -19.16
CA THR M 173 34.57 33.18 -18.06
C THR M 173 35.60 34.17 -18.59
N GLY M 174 35.64 35.36 -17.99
CA GLY M 174 36.54 36.39 -18.42
C GLY M 174 36.06 37.23 -19.59
N TYR M 175 34.88 36.95 -20.13
CA TYR M 175 34.38 37.68 -21.28
C TYR M 175 32.97 38.20 -21.04
#